data_3EC7
#
_entry.id   3EC7
#
_cell.length_a   81.001
_cell.length_b   98.981
_cell.length_c   105.790
_cell.angle_alpha   88.05
_cell.angle_beta   81.78
_cell.angle_gamma   89.92
#
_symmetry.space_group_name_H-M   'P 1'
#
loop_
_entity.id
_entity.type
_entity.pdbx_description
1 polymer 'Putative Dehydrogenase'
2 non-polymer NICOTINAMIDE-ADENINE-DINUCLEOTIDE
3 non-polymer '4-(2-HYDROXYETHYL)-1-PIPERAZINE ETHANESULFONIC ACID'
4 non-polymer 'ACETIC ACID'
5 non-polymer 1,2-ETHANEDIOL
6 non-polymer 'POTASSIUM ION'
7 water water
#
_entity_poly.entity_id   1
_entity_poly.type   'polypeptide(L)'
_entity_poly.pdbx_seq_one_letter_code
;(MSE)GSSHHHHHHSSGRENLYFQG(MSE)TLKAGIVGIG(MSE)IGSDHLRRLANTVSGVEVVAVCDIVAGRAQAALDK
YAIEAKDYNDYHDLINDKDVEVVIITASNEAHADVAVAALNANKYVFCEKPLAVTAADCQRVIEAEQKNGKR(MSE)VQI
GF(MSE)RRYDKGYVQLKNIIDSGEIGQPL(MSE)VHGRHYNASTVPEYKTPQAIYETLIHEIDV(MSE)HWLLNEDYKT
VKVYFPRQSSLVTTLRDPQLVV(MSE)ETTSGINIVVEVFVNCQYGYDIHCDVTGEKG(MSE)AELPTVASAAVRKAAKY
STDILVDWKQRFIDAYDIEFQDFFDRLNAGLPPAGPTSWDGYLAAVTADACVKSQETGNTEIVELPSKPDFYK
;
_entity_poly.pdbx_strand_id   A,B,C,D,E,F,G,H
#
loop_
_chem_comp.id
_chem_comp.type
_chem_comp.name
_chem_comp.formula
ACY non-polymer 'ACETIC ACID' 'C2 H4 O2'
EDO non-polymer 1,2-ETHANEDIOL 'C2 H6 O2'
EPE non-polymer '4-(2-HYDROXYETHYL)-1-PIPERAZINE ETHANESULFONIC ACID' 'C8 H18 N2 O4 S'
K non-polymer 'POTASSIUM ION' 'K 1'
NAD non-polymer NICOTINAMIDE-ADENINE-DINUCLEOTIDE 'C21 H27 N7 O14 P2'
#
# COMPACT_ATOMS: atom_id res chain seq x y z
N MSE A 22 -31.67 30.55 7.49
CA MSE A 22 -31.34 31.78 8.27
C MSE A 22 -30.85 32.87 7.32
O MSE A 22 -29.81 32.70 6.66
CB MSE A 22 -30.30 31.48 9.34
N THR A 23 -31.59 33.98 7.26
CA THR A 23 -31.25 35.10 6.35
C THR A 23 -31.08 36.45 7.05
N LEU A 24 -30.05 37.19 6.64
CA LEU A 24 -29.81 38.53 7.16
C LEU A 24 -30.16 39.65 6.17
N LYS A 25 -30.57 40.78 6.71
CA LYS A 25 -30.97 41.92 5.87
C LYS A 25 -29.90 43.02 5.78
N ALA A 26 -29.62 43.41 4.55
CA ALA A 26 -28.55 44.34 4.22
C ALA A 26 -29.03 45.65 3.61
N GLY A 27 -28.50 46.76 4.13
CA GLY A 27 -28.57 48.06 3.47
C GLY A 27 -27.22 48.33 2.83
N ILE A 28 -27.23 48.81 1.58
CA ILE A 28 -26.00 49.18 0.91
C ILE A 28 -25.93 50.69 0.77
N VAL A 29 -24.87 51.30 1.34
CA VAL A 29 -24.55 52.73 1.21
C VAL A 29 -23.52 52.97 0.13
N GLY A 30 -23.93 53.66 -0.94
CA GLY A 30 -23.03 53.94 -2.07
C GLY A 30 -23.29 53.06 -3.29
N ILE A 31 -24.23 53.49 -4.15
CA ILE A 31 -24.59 52.68 -5.31
C ILE A 31 -23.89 53.21 -6.58
N GLY A 32 -22.56 53.10 -6.60
CA GLY A 32 -21.74 53.55 -7.70
C GLY A 32 -21.29 52.32 -8.44
N MSE A 33 -20.09 52.37 -8.98
N MSE A 33 -20.08 52.37 -9.00
CA MSE A 33 -19.64 51.32 -9.87
CA MSE A 33 -19.61 51.29 -9.90
C MSE A 33 -19.62 49.93 -9.21
C MSE A 33 -19.59 49.91 -9.23
O MSE A 33 -20.16 48.96 -9.76
O MSE A 33 -20.09 48.93 -9.79
CB MSE A 33 -18.27 51.67 -10.39
CB MSE A 33 -18.24 51.61 -10.47
CG MSE A 33 -17.83 50.76 -11.47
CG MSE A 33 -17.81 50.61 -11.54
SE MSE A 33 -16.16 51.42 -12.14
SE MSE A 33 -17.34 48.82 -10.92
CE MSE A 33 -16.72 53.22 -12.68
CE MSE A 33 -18.18 47.77 -12.36
N ILE A 34 -19.01 49.84 -8.03
CA ILE A 34 -18.94 48.58 -7.32
C ILE A 34 -20.18 48.37 -6.45
N GLY A 35 -20.82 49.45 -6.00
CA GLY A 35 -22.05 49.27 -5.22
C GLY A 35 -23.14 48.60 -6.03
N SER A 36 -23.31 49.03 -7.28
N SER A 36 -23.29 49.05 -7.27
CA SER A 36 -24.27 48.38 -8.17
CA SER A 36 -24.22 48.43 -8.22
C SER A 36 -23.91 46.91 -8.37
C SER A 36 -23.90 46.95 -8.40
N ASP A 37 -22.63 46.65 -8.66
CA ASP A 37 -22.15 45.29 -8.75
C ASP A 37 -22.47 44.41 -7.51
N HIS A 38 -22.17 44.90 -6.31
CA HIS A 38 -22.38 44.13 -5.09
C HIS A 38 -23.88 44.07 -4.79
N LEU A 39 -24.61 45.12 -5.14
CA LEU A 39 -26.10 45.07 -5.05
C LEU A 39 -26.61 43.84 -5.83
N ARG A 40 -26.23 43.75 -7.09
CA ARG A 40 -26.51 42.57 -7.87
C ARG A 40 -26.04 41.25 -7.21
N ARG A 41 -24.77 41.13 -6.81
CA ARG A 41 -24.32 39.83 -6.24
C ARG A 41 -25.16 39.49 -5.03
N LEU A 42 -25.30 40.46 -4.15
CA LEU A 42 -25.95 40.20 -2.89
C LEU A 42 -27.39 39.75 -3.09
N ALA A 43 -28.10 40.36 -4.02
CA ALA A 43 -29.50 40.02 -4.28
C ALA A 43 -29.63 38.65 -4.96
N ASN A 44 -28.71 38.35 -5.87
CA ASN A 44 -28.83 37.24 -6.83
C ASN A 44 -27.88 36.08 -6.63
N THR A 45 -26.69 36.32 -6.07
CA THR A 45 -25.65 35.30 -6.00
C THR A 45 -25.35 34.75 -4.61
N VAL A 46 -25.56 35.56 -3.57
CA VAL A 46 -25.08 35.20 -2.24
C VAL A 46 -26.27 34.76 -1.42
N SER A 47 -26.20 33.56 -0.81
CA SER A 47 -27.32 33.10 0.00
C SER A 47 -27.14 33.49 1.44
N GLY A 48 -28.28 33.66 2.11
CA GLY A 48 -28.32 34.04 3.52
C GLY A 48 -28.41 35.55 3.67
N VAL A 49 -28.55 36.23 2.53
CA VAL A 49 -28.72 37.66 2.57
C VAL A 49 -29.83 38.15 1.66
N GLU A 50 -30.57 39.12 2.18
CA GLU A 50 -31.49 39.88 1.38
C GLU A 50 -31.14 41.38 1.46
N VAL A 51 -31.16 42.08 0.32
CA VAL A 51 -30.98 43.55 0.34
C VAL A 51 -32.34 44.26 0.53
N VAL A 52 -32.50 45.00 1.61
CA VAL A 52 -33.76 45.67 1.90
C VAL A 52 -33.69 47.18 1.85
N ALA A 53 -32.52 47.69 1.50
CA ALA A 53 -32.30 49.10 1.57
C ALA A 53 -31.06 49.54 0.84
N VAL A 54 -31.15 50.76 0.31
CA VAL A 54 -30.09 51.29 -0.52
C VAL A 54 -30.02 52.81 -0.35
N CYS A 55 -28.86 53.35 -0.65
CA CYS A 55 -28.57 54.74 -0.44
C CYS A 55 -27.46 55.21 -1.35
N ASP A 56 -27.72 56.32 -2.03
CA ASP A 56 -26.63 57.06 -2.68
C ASP A 56 -26.87 58.56 -2.57
N ILE A 57 -25.79 59.33 -2.58
CA ILE A 57 -25.91 60.77 -2.42
C ILE A 57 -26.43 61.47 -3.70
N VAL A 58 -26.16 60.89 -4.89
CA VAL A 58 -26.63 61.43 -6.18
C VAL A 58 -28.06 61.03 -6.45
N ALA A 59 -28.90 62.04 -6.66
CA ALA A 59 -30.33 61.86 -6.95
C ALA A 59 -30.63 60.82 -8.03
N GLY A 60 -31.42 59.80 -7.67
CA GLY A 60 -31.84 58.76 -8.64
C GLY A 60 -30.85 57.65 -8.97
N ARG A 61 -29.61 57.79 -8.52
CA ARG A 61 -28.59 56.80 -8.84
C ARG A 61 -28.92 55.42 -8.23
N ALA A 62 -29.27 55.43 -6.96
CA ALA A 62 -29.63 54.21 -6.26
C ALA A 62 -30.77 53.50 -6.99
N GLN A 63 -31.89 54.22 -7.20
CA GLN A 63 -33.11 53.66 -7.76
C GLN A 63 -32.89 53.15 -9.17
N ALA A 64 -32.07 53.89 -9.94
CA ALA A 64 -31.66 53.40 -11.26
C ALA A 64 -31.11 51.97 -11.20
N ALA A 65 -30.24 51.67 -10.24
CA ALA A 65 -29.68 50.34 -10.14
C ALA A 65 -30.73 49.32 -9.67
N LEU A 66 -31.57 49.72 -8.72
CA LEU A 66 -32.71 48.90 -8.34
C LEU A 66 -33.46 48.51 -9.60
N ASP A 67 -33.83 49.53 -10.39
CA ASP A 67 -34.59 49.29 -11.63
C ASP A 67 -33.79 48.40 -12.56
N LYS A 68 -32.55 48.79 -12.82
CA LYS A 68 -31.69 48.01 -13.68
C LYS A 68 -31.79 46.51 -13.38
N TYR A 69 -31.85 46.20 -12.10
CA TYR A 69 -31.75 44.82 -11.68
C TYR A 69 -33.07 44.25 -11.20
N ALA A 70 -34.11 45.07 -11.19
CA ALA A 70 -35.43 44.60 -10.80
C ALA A 70 -35.44 44.06 -9.37
N ILE A 71 -34.94 44.88 -8.44
CA ILE A 71 -34.88 44.50 -7.04
C ILE A 71 -35.63 45.52 -6.22
N GLU A 72 -36.45 45.04 -5.28
CA GLU A 72 -37.22 45.92 -4.45
C GLU A 72 -36.45 46.16 -3.17
N ALA A 73 -36.24 47.43 -2.86
CA ALA A 73 -35.56 47.84 -1.63
C ALA A 73 -36.01 49.25 -1.28
N LYS A 74 -35.99 49.56 0.01
CA LYS A 74 -36.17 50.93 0.46
C LYS A 74 -34.98 51.76 -0.02
N ASP A 75 -35.24 52.94 -0.57
CA ASP A 75 -34.17 53.82 -1.03
C ASP A 75 -34.09 55.08 -0.16
N TYR A 76 -32.94 55.30 0.47
CA TYR A 76 -32.78 56.45 1.39
C TYR A 76 -31.73 57.42 0.88
N ASN A 77 -31.94 58.70 1.16
CA ASN A 77 -30.94 59.70 0.77
C ASN A 77 -29.80 59.93 1.78
N ASP A 78 -30.10 59.82 3.07
CA ASP A 78 -29.13 59.94 4.13
C ASP A 78 -28.84 58.53 4.67
N TYR A 79 -27.56 58.16 4.72
CA TYR A 79 -27.21 56.82 5.20
C TYR A 79 -27.66 56.59 6.63
N HIS A 80 -27.69 57.67 7.42
CA HIS A 80 -28.19 57.64 8.80
C HIS A 80 -29.56 56.98 8.92
N ASP A 81 -30.44 57.31 7.97
CA ASP A 81 -31.80 56.74 7.92
C ASP A 81 -31.75 55.26 7.49
N LEU A 82 -30.80 54.91 6.62
CA LEU A 82 -30.59 53.51 6.22
C LEU A 82 -30.15 52.69 7.43
N ILE A 83 -29.24 53.26 8.21
CA ILE A 83 -28.69 52.60 9.37
C ILE A 83 -29.74 52.44 10.47
N ASN A 84 -30.52 53.50 10.68
CA ASN A 84 -31.56 53.51 11.68
C ASN A 84 -32.78 52.67 11.30
N ASP A 85 -32.89 52.36 10.00
CA ASP A 85 -33.95 51.48 9.52
C ASP A 85 -33.88 50.17 10.30
N LYS A 86 -35.03 49.80 10.84
CA LYS A 86 -35.16 48.63 11.70
C LYS A 86 -34.97 47.29 10.98
N ASP A 87 -35.19 47.25 9.67
CA ASP A 87 -34.98 46.02 8.91
C ASP A 87 -33.51 45.76 8.54
N VAL A 88 -32.67 46.75 8.73
CA VAL A 88 -31.26 46.62 8.30
C VAL A 88 -30.47 45.99 9.42
N GLU A 89 -29.93 44.80 9.19
CA GLU A 89 -29.04 44.20 10.18
C GLU A 89 -27.57 44.34 9.79
N VAL A 90 -27.32 44.46 8.51
CA VAL A 90 -25.95 44.51 8.00
C VAL A 90 -25.84 45.71 7.05
N VAL A 91 -24.79 46.50 7.22
CA VAL A 91 -24.54 47.69 6.41
C VAL A 91 -23.31 47.35 5.53
N ILE A 92 -23.51 47.41 4.22
CA ILE A 92 -22.46 47.21 3.25
C ILE A 92 -22.00 48.59 2.76
N ILE A 93 -20.72 48.89 2.92
CA ILE A 93 -20.23 50.22 2.59
C ILE A 93 -19.44 50.21 1.28
N THR A 94 -20.05 50.75 0.23
CA THR A 94 -19.43 50.86 -1.10
C THR A 94 -19.38 52.31 -1.56
N ALA A 95 -19.33 53.22 -0.58
CA ALA A 95 -19.30 54.64 -0.85
C ALA A 95 -17.89 55.08 -1.17
N SER A 96 -17.78 56.33 -1.60
CA SER A 96 -16.50 57.00 -1.78
C SER A 96 -15.68 56.84 -0.49
N ASN A 97 -14.38 56.64 -0.62
CA ASN A 97 -13.50 56.59 0.54
C ASN A 97 -13.83 57.63 1.65
N GLU A 98 -14.02 58.88 1.25
CA GLU A 98 -14.23 59.98 2.20
C GLU A 98 -15.38 59.71 3.16
N ALA A 99 -16.29 58.83 2.81
CA ALA A 99 -17.47 58.54 3.63
C ALA A 99 -17.35 57.33 4.56
N HIS A 100 -16.32 56.51 4.35
CA HIS A 100 -16.24 55.18 5.02
C HIS A 100 -16.36 55.26 6.52
N ALA A 101 -15.53 56.12 7.11
CA ALA A 101 -15.42 56.23 8.56
C ALA A 101 -16.74 56.68 9.18
N ASP A 102 -17.30 57.75 8.64
CA ASP A 102 -18.57 58.24 9.16
C ASP A 102 -19.62 57.13 9.11
N VAL A 103 -19.80 56.52 7.94
CA VAL A 103 -20.76 55.42 7.76
C VAL A 103 -20.47 54.27 8.69
N ALA A 104 -19.24 53.78 8.69
CA ALA A 104 -18.89 52.64 9.54
C ALA A 104 -19.16 52.93 10.99
N VAL A 105 -18.69 54.09 11.49
CA VAL A 105 -18.90 54.47 12.91
C VAL A 105 -20.36 54.51 13.24
N ALA A 106 -21.17 55.10 12.35
CA ALA A 106 -22.60 55.21 12.62
C ALA A 106 -23.25 53.83 12.66
N ALA A 107 -22.79 52.92 11.78
CA ALA A 107 -23.34 51.56 11.74
C ALA A 107 -22.98 50.78 13.02
N LEU A 108 -21.72 50.89 13.44
CA LEU A 108 -21.30 50.26 14.70
C LEU A 108 -22.05 50.90 15.88
N ASN A 109 -22.14 52.23 15.89
CA ASN A 109 -22.87 52.90 16.94
C ASN A 109 -24.29 52.38 17.03
N ALA A 110 -24.86 51.97 15.90
CA ALA A 110 -26.20 51.38 15.88
C ALA A 110 -26.22 49.84 16.00
N ASN A 111 -25.09 49.22 16.34
CA ASN A 111 -25.04 47.76 16.55
C ASN A 111 -25.45 46.93 15.34
N LYS A 112 -24.96 47.35 14.18
CA LYS A 112 -25.17 46.59 12.96
C LYS A 112 -23.82 46.15 12.49
N TYR A 113 -23.77 44.99 11.84
CA TYR A 113 -22.53 44.51 11.22
C TYR A 113 -22.20 45.37 10.02
N VAL A 114 -20.91 45.37 9.66
CA VAL A 114 -20.39 46.19 8.56
C VAL A 114 -19.47 45.36 7.66
N PHE A 115 -19.72 45.43 6.36
CA PHE A 115 -18.76 45.01 5.38
C PHE A 115 -18.33 46.30 4.75
N CYS A 116 -17.02 46.52 4.61
CA CYS A 116 -16.55 47.77 4.07
C CYS A 116 -15.58 47.49 2.97
N GLU A 117 -15.84 48.08 1.81
CA GLU A 117 -14.85 47.94 0.72
C GLU A 117 -13.51 48.47 1.12
N LYS A 118 -12.44 47.94 0.52
CA LYS A 118 -11.13 48.48 0.73
C LYS A 118 -10.96 49.85 0.01
N PRO A 119 -10.10 50.74 0.55
CA PRO A 119 -9.46 50.68 1.85
C PRO A 119 -10.51 51.00 2.92
N LEU A 120 -10.23 50.67 4.17
CA LEU A 120 -11.16 51.03 5.23
C LEU A 120 -11.34 52.55 5.29
N ALA A 121 -10.22 53.26 5.34
CA ALA A 121 -10.19 54.70 5.18
C ALA A 121 -8.77 55.07 4.74
N VAL A 122 -8.58 56.28 4.23
CA VAL A 122 -7.24 56.73 3.79
C VAL A 122 -6.27 57.01 4.97
N THR A 123 -6.79 57.72 5.98
CA THR A 123 -5.96 58.09 7.12
C THR A 123 -6.04 57.05 8.23
N ALA A 124 -4.90 56.82 8.87
CA ALA A 124 -4.83 56.05 10.09
C ALA A 124 -5.86 56.51 11.15
N ALA A 125 -5.98 57.83 11.31
CA ALA A 125 -6.86 58.40 12.33
C ALA A 125 -8.32 58.00 12.06
N ASP A 126 -8.67 57.88 10.78
CA ASP A 126 -10.03 57.49 10.41
C ASP A 126 -10.28 56.00 10.65
N CYS A 127 -9.28 55.19 10.33
CA CYS A 127 -9.28 53.76 10.72
C CYS A 127 -9.41 53.60 12.21
N GLN A 128 -8.75 54.48 12.97
CA GLN A 128 -8.82 54.47 14.43
C GLN A 128 -10.23 54.74 14.94
N ARG A 129 -10.93 55.68 14.30
CA ARG A 129 -12.28 56.01 14.71
C ARG A 129 -13.17 54.76 14.58
N VAL A 130 -13.06 54.05 13.46
CA VAL A 130 -13.82 52.81 13.26
C VAL A 130 -13.37 51.76 14.28
N ILE A 131 -12.06 51.62 14.49
CA ILE A 131 -11.59 50.69 15.50
C ILE A 131 -12.26 50.96 16.86
N GLU A 132 -12.25 52.22 17.29
N GLU A 132 -12.24 52.23 17.28
CA GLU A 132 -12.84 52.62 18.57
CA GLU A 132 -12.83 52.69 18.53
C GLU A 132 -14.31 52.25 18.67
C GLU A 132 -14.29 52.29 18.67
N ALA A 133 -15.05 52.57 17.60
CA ALA A 133 -16.48 52.30 17.57
C ALA A 133 -16.74 50.82 17.60
N GLU A 134 -15.82 50.04 17.00
CA GLU A 134 -16.01 48.60 16.93
C GLU A 134 -15.79 48.02 18.31
N GLN A 135 -14.75 48.51 18.98
CA GLN A 135 -14.42 48.02 20.31
C GLN A 135 -15.46 48.45 21.32
N LYS A 136 -16.02 49.64 21.13
CA LYS A 136 -17.14 50.04 21.99
C LYS A 136 -18.26 49.01 22.00
N ASN A 137 -18.60 48.42 20.85
CA ASN A 137 -19.47 47.24 20.83
C ASN A 137 -19.00 46.03 21.60
N GLY A 138 -17.70 45.85 21.70
CA GLY A 138 -17.16 44.73 22.46
C GLY A 138 -17.38 43.43 21.72
N LYS A 139 -17.46 43.52 20.40
CA LYS A 139 -17.49 42.31 19.57
C LYS A 139 -17.04 42.63 18.16
N ARG A 140 -16.61 41.60 17.48
CA ARG A 140 -15.98 41.79 16.19
C ARG A 140 -17.09 41.83 15.11
N MSE A 141 -17.10 42.91 14.35
CA MSE A 141 -18.26 43.22 13.54
C MSE A 141 -17.95 43.72 12.15
O MSE A 141 -18.89 43.90 11.36
CB MSE A 141 -19.12 44.27 14.29
CG MSE A 141 -19.66 43.70 15.57
SE MSE A 141 -20.89 44.91 16.39
CE MSE A 141 -22.19 44.81 15.00
N VAL A 142 -16.65 43.89 11.84
CA VAL A 142 -16.20 44.51 10.64
C VAL A 142 -15.31 43.57 9.78
N GLN A 143 -15.66 43.46 8.48
CA GLN A 143 -14.81 42.88 7.46
C GLN A 143 -14.53 43.95 6.39
N ILE A 144 -13.29 44.01 5.92
CA ILE A 144 -12.88 44.92 4.83
C ILE A 144 -12.72 44.08 3.52
N GLY A 145 -13.11 44.67 2.38
CA GLY A 145 -13.22 43.94 1.15
C GLY A 145 -11.86 43.79 0.46
N PHE A 146 -10.81 43.38 1.18
CA PHE A 146 -9.57 42.87 0.52
C PHE A 146 -9.74 41.48 -0.03
N MSE A 147 -10.37 41.40 -1.18
CA MSE A 147 -10.84 40.12 -1.76
C MSE A 147 -9.76 39.12 -2.21
O MSE A 147 -10.09 37.94 -2.44
CB MSE A 147 -11.89 40.36 -2.89
CG MSE A 147 -11.28 40.74 -4.30
SE MSE A 147 -10.23 42.44 -4.25
CE MSE A 147 -9.42 42.41 -6.02
N ARG A 148 -8.50 39.54 -2.35
CA ARG A 148 -7.49 38.59 -2.85
C ARG A 148 -7.34 37.38 -1.94
N ARG A 149 -7.56 37.55 -0.64
CA ARG A 149 -7.38 36.45 0.30
C ARG A 149 -8.38 35.30 0.04
N TYR A 150 -9.46 35.56 -0.71
CA TYR A 150 -10.46 34.53 -1.05
C TYR A 150 -10.23 33.93 -2.43
N ASP A 151 -9.34 34.53 -3.18
CA ASP A 151 -9.00 34.02 -4.51
C ASP A 151 -8.42 32.62 -4.31
N LYS A 152 -8.81 31.66 -5.14
CA LYS A 152 -8.43 30.27 -4.97
C LYS A 152 -6.92 30.00 -5.10
N GLY A 153 -6.28 30.67 -6.04
CA GLY A 153 -4.80 30.62 -6.16
C GLY A 153 -4.06 31.16 -4.95
N TYR A 154 -4.42 32.36 -4.47
CA TYR A 154 -3.97 32.84 -3.15
C TYR A 154 -4.21 31.90 -1.98
N VAL A 155 -5.42 31.32 -1.87
CA VAL A 155 -5.65 30.38 -0.77
C VAL A 155 -4.67 29.19 -0.92
N GLN A 156 -4.43 28.76 -2.14
CA GLN A 156 -3.58 27.62 -2.36
C GLN A 156 -2.12 27.98 -2.00
N LEU A 157 -1.70 29.15 -2.40
CA LEU A 157 -0.35 29.63 -2.10
C LEU A 157 -0.14 29.68 -0.59
N LYS A 158 -1.13 30.24 0.11
CA LYS A 158 -1.17 30.32 1.57
C LYS A 158 -0.99 28.96 2.25
N ASN A 159 -1.70 27.96 1.73
CA ASN A 159 -1.63 26.60 2.28
C ASN A 159 -0.24 25.97 2.09
N ILE A 160 0.40 26.23 0.95
CA ILE A 160 1.77 25.77 0.72
C ILE A 160 2.72 26.40 1.73
N ILE A 161 2.63 27.73 1.89
CA ILE A 161 3.47 28.43 2.84
C ILE A 161 3.27 27.83 4.24
N ASP A 162 2.02 27.83 4.72
CA ASP A 162 1.67 27.34 6.02
C ASP A 162 1.95 25.87 6.27
N SER A 163 2.02 25.03 5.25
CA SER A 163 2.36 23.65 5.45
C SER A 163 3.87 23.43 5.70
N GLY A 164 4.71 24.42 5.44
CA GLY A 164 6.15 24.26 5.65
C GLY A 164 6.91 23.65 4.49
N GLU A 165 6.21 23.38 3.40
CA GLU A 165 6.82 22.72 2.24
C GLU A 165 8.02 23.49 1.64
N ILE A 166 8.01 24.83 1.63
CA ILE A 166 9.16 25.56 1.06
C ILE A 166 10.02 26.17 2.17
N GLY A 167 9.65 25.86 3.41
CA GLY A 167 10.43 26.28 4.59
C GLY A 167 10.09 27.73 4.87
N GLN A 168 10.79 28.32 5.85
CA GLN A 168 10.68 29.73 6.19
C GLN A 168 10.77 30.67 4.98
N PRO A 169 9.74 31.47 4.76
CA PRO A 169 9.94 32.49 3.71
C PRO A 169 11.06 33.52 3.95
N LEU A 170 11.84 33.75 2.89
CA LEU A 170 12.92 34.74 2.93
C LEU A 170 12.73 35.95 1.97
N MSE A 171 12.24 35.71 0.77
CA MSE A 171 12.13 36.78 -0.25
C MSE A 171 10.87 36.57 -1.04
O MSE A 171 10.45 35.41 -1.25
CB MSE A 171 13.29 36.76 -1.28
CG MSE A 171 14.61 37.14 -0.75
SE MSE A 171 16.02 36.93 -2.11
CE MSE A 171 17.37 37.97 -1.19
N VAL A 172 10.35 37.67 -1.57
CA VAL A 172 9.09 37.61 -2.32
C VAL A 172 9.19 38.56 -3.50
N HIS A 173 8.81 38.06 -4.67
CA HIS A 173 8.67 38.89 -5.84
C HIS A 173 7.23 38.98 -6.37
N GLY A 174 6.72 40.21 -6.45
CA GLY A 174 5.34 40.48 -6.90
C GLY A 174 5.34 41.40 -8.10
N ARG A 175 4.28 41.31 -8.90
CA ARG A 175 4.05 42.24 -10.01
C ARG A 175 2.58 42.59 -9.95
N HIS A 176 2.27 43.89 -10.04
CA HIS A 176 0.87 44.31 -10.21
C HIS A 176 0.88 45.16 -11.51
N TYR A 177 0.56 44.50 -12.63
CA TYR A 177 0.51 45.18 -13.92
C TYR A 177 -0.91 45.42 -14.40
N ASN A 178 -1.10 46.56 -15.06
CA ASN A 178 -2.35 46.95 -15.64
C ASN A 178 -2.09 47.65 -16.93
N ALA A 179 -2.95 47.42 -17.91
CA ALA A 179 -2.72 47.91 -19.25
C ALA A 179 -2.61 49.41 -19.42
N SER A 180 -3.57 50.18 -18.87
CA SER A 180 -3.41 51.62 -18.84
C SER A 180 -4.32 52.35 -17.88
N THR A 181 -4.00 53.62 -17.63
CA THR A 181 -4.74 54.44 -16.66
C THR A 181 -5.24 55.70 -17.30
N VAL A 182 -6.36 56.22 -16.80
CA VAL A 182 -6.87 57.52 -17.19
C VAL A 182 -5.98 58.60 -16.55
N PRO A 183 -6.01 59.82 -17.13
CA PRO A 183 -5.22 60.97 -16.62
C PRO A 183 -5.50 61.30 -15.14
N GLU A 184 -6.71 61.06 -14.65
CA GLU A 184 -7.06 61.36 -13.28
C GLU A 184 -6.18 60.57 -12.33
N TYR A 185 -5.69 59.41 -12.76
CA TYR A 185 -4.89 58.52 -11.92
C TYR A 185 -3.45 59.04 -11.74
N LYS A 186 -3.15 59.53 -10.55
CA LYS A 186 -1.90 60.21 -10.29
C LYS A 186 -0.88 59.28 -9.61
N THR A 187 0.37 59.72 -9.59
CA THR A 187 1.48 58.96 -8.96
C THR A 187 1.17 58.28 -7.60
N PRO A 188 0.55 59.01 -6.62
CA PRO A 188 0.18 58.34 -5.37
C PRO A 188 -0.81 57.14 -5.50
N GLN A 189 -1.58 57.12 -6.57
CA GLN A 189 -2.60 56.07 -6.72
C GLN A 189 -2.01 54.68 -7.02
N ALA A 190 -0.80 54.64 -7.57
CA ALA A 190 -0.11 53.38 -7.72
C ALA A 190 -0.01 52.68 -6.37
N ILE A 191 0.06 53.45 -5.26
CA ILE A 191 0.06 52.89 -3.91
C ILE A 191 -1.41 52.77 -3.45
N TYR A 192 -2.14 53.86 -3.43
CA TYR A 192 -3.47 53.82 -2.78
C TYR A 192 -4.50 52.90 -3.44
N GLU A 193 -4.59 52.96 -4.75
CA GLU A 193 -5.53 52.14 -5.48
C GLU A 193 -4.97 50.74 -5.74
N THR A 194 -3.71 50.65 -6.13
CA THR A 194 -3.18 49.47 -6.76
C THR A 194 -2.33 48.61 -5.76
N LEU A 195 -1.15 49.07 -5.36
CA LEU A 195 -0.32 48.33 -4.33
C LEU A 195 -1.04 47.98 -3.02
N ILE A 196 -2.03 48.79 -2.62
CA ILE A 196 -2.81 48.47 -1.39
C ILE A 196 -3.21 46.98 -1.35
N HIS A 197 -3.56 46.41 -2.52
CA HIS A 197 -3.87 44.98 -2.56
C HIS A 197 -2.69 44.13 -2.13
N GLU A 198 -1.50 44.35 -2.71
CA GLU A 198 -0.28 43.68 -2.24
C GLU A 198 0.04 43.96 -0.76
N ILE A 199 -0.04 45.24 -0.36
CA ILE A 199 0.12 45.63 1.05
C ILE A 199 -0.63 44.68 1.98
N ASP A 200 -1.86 44.37 1.59
CA ASP A 200 -2.63 43.52 2.48
C ASP A 200 -2.35 42.03 2.26
N VAL A 201 -2.27 41.60 1.01
CA VAL A 201 -2.24 40.17 0.75
C VAL A 201 -0.89 39.57 1.21
N MSE A 202 0.23 40.30 1.05
CA MSE A 202 1.54 39.71 1.37
C MSE A 202 1.65 39.58 2.90
O MSE A 202 2.20 38.63 3.41
CB MSE A 202 2.74 40.55 0.86
CG MSE A 202 2.82 40.86 -0.64
SE MSE A 202 2.80 39.27 -1.70
CE MSE A 202 3.78 40.10 -3.17
N HIS A 203 1.10 40.55 3.59
CA HIS A 203 1.06 40.54 5.03
C HIS A 203 0.24 39.34 5.52
N TRP A 204 -0.79 38.99 4.77
CA TRP A 204 -1.64 37.87 5.12
C TRP A 204 -0.93 36.58 4.80
N LEU A 205 -0.31 36.56 3.64
CA LEU A 205 0.42 35.36 3.23
C LEU A 205 1.46 34.99 4.29
N LEU A 206 2.18 35.99 4.80
CA LEU A 206 3.40 35.81 5.58
C LEU A 206 3.14 35.91 7.05
N ASN A 207 1.93 36.34 7.41
CA ASN A 207 1.60 36.56 8.78
C ASN A 207 2.54 37.56 9.46
N GLU A 208 2.93 38.62 8.74
CA GLU A 208 3.83 39.64 9.26
C GLU A 208 3.37 41.07 8.92
N ASP A 209 3.90 42.03 9.66
CA ASP A 209 3.77 43.44 9.31
C ASP A 209 5.05 43.92 8.68
N TYR A 210 5.06 45.18 8.26
CA TYR A 210 6.18 45.77 7.54
C TYR A 210 6.90 46.68 8.51
N LYS A 211 8.23 46.68 8.40
CA LYS A 211 9.02 47.60 9.19
C LYS A 211 9.54 48.78 8.36
N THR A 212 9.72 48.57 7.05
CA THR A 212 10.19 49.63 6.16
C THR A 212 9.70 49.48 4.71
N VAL A 213 9.63 50.61 4.03
CA VAL A 213 9.21 50.62 2.65
C VAL A 213 10.03 51.64 1.86
N LYS A 214 10.21 51.38 0.58
CA LYS A 214 11.07 52.15 -0.25
C LYS A 214 10.51 52.09 -1.68
N VAL A 215 10.30 53.26 -2.28
CA VAL A 215 9.81 53.29 -3.67
C VAL A 215 10.94 53.79 -4.57
N TYR A 216 11.37 52.92 -5.48
CA TYR A 216 12.22 53.34 -6.56
C TYR A 216 11.35 53.75 -7.75
N PHE A 217 11.83 54.71 -8.53
CA PHE A 217 11.23 55.10 -9.82
C PHE A 217 12.19 54.67 -10.95
N PRO A 218 11.93 53.51 -11.60
CA PRO A 218 12.77 53.10 -12.73
C PRO A 218 12.53 54.12 -13.86
N ARG A 219 13.43 54.12 -14.85
CA ARG A 219 13.22 54.82 -16.12
C ARG A 219 11.72 54.95 -16.50
N GLN A 220 11.29 56.18 -16.72
CA GLN A 220 9.90 56.54 -16.98
C GLN A 220 9.48 55.93 -18.34
N SER A 221 8.28 55.37 -18.39
CA SER A 221 7.81 54.90 -19.67
C SER A 221 7.51 56.12 -20.60
N SER A 222 8.13 56.14 -21.78
CA SER A 222 7.92 57.26 -22.69
C SER A 222 6.49 57.26 -23.29
N LEU A 223 5.72 56.19 -23.04
CA LEU A 223 4.30 56.11 -23.43
C LEU A 223 3.40 56.78 -22.41
N VAL A 224 3.97 57.18 -21.29
CA VAL A 224 3.18 57.63 -20.18
C VAL A 224 3.58 59.05 -19.88
N THR A 225 2.60 59.93 -19.83
CA THR A 225 2.88 61.31 -19.50
C THR A 225 2.04 61.75 -18.32
N THR A 226 1.19 60.87 -17.78
CA THR A 226 0.26 61.35 -16.76
C THR A 226 0.68 61.04 -15.32
N LEU A 227 1.70 60.20 -15.12
CA LEU A 227 2.21 59.83 -13.79
C LEU A 227 3.60 59.23 -13.96
N ARG A 228 4.28 58.98 -12.85
CA ARG A 228 5.55 58.27 -12.85
C ARG A 228 5.24 56.78 -12.85
N ASP A 229 5.73 56.06 -13.85
CA ASP A 229 5.29 54.69 -14.13
C ASP A 229 6.40 54.12 -15.02
N PRO A 230 6.92 52.94 -14.69
CA PRO A 230 6.55 52.06 -13.58
C PRO A 230 7.13 52.55 -12.24
N GLN A 231 6.84 51.79 -11.19
CA GLN A 231 7.42 51.99 -9.88
C GLN A 231 7.85 50.65 -9.34
N LEU A 232 8.79 50.69 -8.41
CA LEU A 232 9.37 49.45 -7.90
C LEU A 232 9.53 49.65 -6.41
N VAL A 233 8.92 48.72 -5.69
CA VAL A 233 8.80 48.90 -4.30
C VAL A 233 9.47 47.80 -3.51
N VAL A 234 10.29 48.20 -2.54
CA VAL A 234 10.96 47.24 -1.64
C VAL A 234 10.43 47.39 -0.25
N MSE A 235 9.87 46.30 0.25
CA MSE A 235 9.33 46.33 1.59
C MSE A 235 10.02 45.29 2.43
O MSE A 235 10.31 44.23 1.94
CB MSE A 235 7.81 46.11 1.59
CG MSE A 235 7.07 46.95 0.55
SE MSE A 235 5.10 46.95 0.81
CE MSE A 235 5.01 48.26 2.20
N GLU A 236 10.30 45.63 3.70
CA GLU A 236 10.89 44.69 4.65
C GLU A 236 9.93 44.30 5.73
N THR A 237 9.73 43.01 5.98
CA THR A 237 8.81 42.67 7.10
C THR A 237 9.63 42.75 8.36
N THR A 238 8.90 42.74 9.46
CA THR A 238 9.50 42.82 10.78
C THR A 238 10.60 41.78 11.04
N SER A 239 10.42 40.53 10.60
CA SER A 239 11.49 39.50 10.74
C SER A 239 12.56 39.56 9.65
N GLY A 240 12.47 40.57 8.78
CA GLY A 240 13.43 40.73 7.70
C GLY A 240 13.10 40.04 6.37
N ILE A 241 11.84 39.66 6.15
CA ILE A 241 11.53 39.06 4.85
C ILE A 241 11.50 40.22 3.85
N ASN A 242 12.24 40.04 2.77
CA ASN A 242 12.37 41.07 1.74
C ASN A 242 11.33 40.89 0.61
N ILE A 243 10.58 41.94 0.31
CA ILE A 243 9.50 41.83 -0.66
C ILE A 243 9.70 42.90 -1.72
N VAL A 244 9.79 42.47 -2.98
CA VAL A 244 9.91 43.36 -4.13
C VAL A 244 8.65 43.31 -4.98
N VAL A 245 8.08 44.47 -5.30
CA VAL A 245 6.88 44.51 -6.12
C VAL A 245 7.01 45.50 -7.22
N GLU A 246 6.90 44.99 -8.45
CA GLU A 246 6.94 45.83 -9.63
C GLU A 246 5.49 46.31 -9.87
N VAL A 247 5.30 47.61 -9.99
CA VAL A 247 3.99 48.22 -10.30
C VAL A 247 4.08 48.95 -11.62
N PHE A 248 3.36 48.48 -12.62
CA PHE A 248 3.44 49.08 -13.97
C PHE A 248 2.00 49.15 -14.44
N VAL A 249 1.39 50.33 -14.28
CA VAL A 249 -0.06 50.44 -14.50
C VAL A 249 -0.42 50.90 -15.91
N ASN A 250 0.60 51.08 -16.75
CA ASN A 250 0.43 51.36 -18.15
C ASN A 250 1.36 50.42 -18.91
N CYS A 251 1.39 49.15 -18.50
CA CYS A 251 2.24 48.15 -19.17
C CYS A 251 1.77 47.80 -20.59
N GLN A 252 0.58 48.27 -21.01
CA GLN A 252 0.08 48.03 -22.39
C GLN A 252 -0.47 46.62 -22.65
N TYR A 253 0.19 45.56 -22.15
CA TYR A 253 -0.19 44.21 -22.63
C TYR A 253 -1.39 43.56 -21.93
N GLY A 254 -1.73 44.04 -20.76
CA GLY A 254 -2.93 43.55 -20.08
C GLY A 254 -2.81 43.68 -18.57
N TYR A 255 -3.62 42.89 -17.88
CA TYR A 255 -3.70 42.94 -16.45
C TYR A 255 -3.03 41.64 -16.02
N ASP A 256 -2.04 41.73 -15.15
CA ASP A 256 -1.12 40.59 -14.88
C ASP A 256 -0.58 40.69 -13.44
N ILE A 257 -0.87 39.67 -12.64
CA ILE A 257 -0.52 39.62 -11.26
C ILE A 257 0.42 38.47 -11.08
N HIS A 258 1.58 38.73 -10.49
CA HIS A 258 2.55 37.69 -10.19
C HIS A 258 2.79 37.73 -8.70
N CYS A 259 3.08 36.57 -8.12
CA CYS A 259 3.51 36.52 -6.74
C CYS A 259 4.33 35.23 -6.53
N ASP A 260 5.62 35.40 -6.30
CA ASP A 260 6.54 34.30 -6.00
C ASP A 260 7.11 34.44 -4.59
N VAL A 261 7.12 33.34 -3.83
CA VAL A 261 7.65 33.30 -2.46
C VAL A 261 8.87 32.32 -2.50
N THR A 262 10.08 32.85 -2.29
CA THR A 262 11.21 31.98 -2.00
C THR A 262 11.39 31.68 -0.50
N GLY A 263 11.39 30.39 -0.13
CA GLY A 263 11.68 29.95 1.21
C GLY A 263 13.06 29.30 1.29
N GLU A 264 13.41 28.82 2.49
CA GLU A 264 14.69 28.20 2.71
C GLU A 264 14.95 26.97 1.86
N LYS A 265 13.89 26.27 1.48
CA LYS A 265 14.18 25.09 0.70
C LYS A 265 13.33 24.87 -0.56
N GLY A 266 12.56 25.90 -0.96
CA GLY A 266 11.92 25.88 -2.27
C GLY A 266 11.25 27.18 -2.58
N MSE A 267 10.56 27.23 -3.70
CA MSE A 267 9.77 28.41 -4.11
C MSE A 267 8.39 27.99 -4.53
O MSE A 267 8.25 26.96 -5.19
CB MSE A 267 10.42 29.09 -5.29
CG MSE A 267 9.97 30.50 -5.62
SE MSE A 267 10.32 30.91 -7.53
CE MSE A 267 12.30 30.92 -7.52
N ALA A 268 7.40 28.85 -4.22
CA ALA A 268 6.00 28.66 -4.58
C ALA A 268 5.58 29.84 -5.43
N GLU A 269 4.83 29.59 -6.48
CA GLU A 269 4.48 30.64 -7.46
C GLU A 269 2.98 30.70 -7.51
N LEU A 270 2.43 31.92 -7.47
CA LEU A 270 0.99 32.09 -7.61
C LEU A 270 0.62 31.69 -9.07
N PRO A 271 -0.49 30.92 -9.28
CA PRO A 271 -0.94 30.64 -10.68
C PRO A 271 -1.58 31.89 -11.30
N THR A 272 -1.79 31.83 -12.59
CA THR A 272 -2.57 32.85 -13.33
C THR A 272 -3.84 32.23 -13.91
N VAL A 273 -4.54 32.97 -14.78
CA VAL A 273 -5.82 32.54 -15.29
C VAL A 273 -5.57 31.57 -16.46
N ALA A 274 -6.16 30.38 -16.36
CA ALA A 274 -6.02 29.38 -17.43
C ALA A 274 -6.54 29.92 -18.75
N SER A 275 -5.84 29.59 -19.81
CA SER A 275 -6.31 29.96 -21.14
C SER A 275 -6.15 28.83 -22.12
N ALA A 276 -7.10 28.68 -23.07
CA ALA A 276 -6.87 27.82 -24.19
C ALA A 276 -5.57 28.30 -24.87
N ALA A 277 -4.79 27.38 -25.41
CA ALA A 277 -3.57 27.69 -26.18
C ALA A 277 -3.74 27.45 -27.69
N VAL A 278 -3.14 28.33 -28.52
CA VAL A 278 -3.11 28.17 -29.98
C VAL A 278 -1.67 27.97 -30.58
N ARG A 279 -1.52 27.01 -31.49
CA ARG A 279 -0.28 26.93 -32.28
C ARG A 279 -0.72 27.45 -33.63
N LYS A 280 -0.04 28.53 -34.08
CA LYS A 280 -0.34 29.25 -35.33
C LYS A 280 0.85 30.09 -35.83
N ALA A 281 1.15 30.05 -37.11
CA ALA A 281 2.14 30.98 -37.66
C ALA A 281 3.39 31.05 -36.76
N ALA A 282 4.00 29.91 -36.46
CA ALA A 282 5.24 29.87 -35.66
C ALA A 282 5.15 30.39 -34.21
N LYS A 283 3.95 30.43 -33.64
CA LYS A 283 3.81 30.82 -32.23
C LYS A 283 2.80 29.98 -31.43
N TYR A 284 3.15 29.76 -30.18
CA TYR A 284 2.37 29.02 -29.26
C TYR A 284 1.99 30.05 -28.21
N SER A 285 0.70 30.22 -28.00
CA SER A 285 0.26 31.31 -27.15
C SER A 285 -1.06 31.09 -26.41
N THR A 286 -1.19 31.85 -25.32
CA THR A 286 -2.43 31.86 -24.55
C THR A 286 -2.80 33.32 -24.31
N ASP A 287 -4.01 33.54 -23.80
CA ASP A 287 -4.45 34.90 -23.57
C ASP A 287 -4.00 35.47 -22.23
N ILE A 288 -3.78 36.76 -22.18
CA ILE A 288 -3.57 37.48 -20.92
C ILE A 288 -4.83 38.33 -20.74
N LEU A 289 -5.39 38.36 -19.55
CA LEU A 289 -6.56 39.21 -19.29
C LEU A 289 -6.20 40.69 -19.53
N VAL A 290 -7.19 41.50 -19.90
CA VAL A 290 -7.01 42.92 -20.13
C VAL A 290 -7.89 43.70 -19.15
N ASP A 291 -9.11 43.22 -18.91
CA ASP A 291 -10.02 43.90 -17.99
C ASP A 291 -9.68 43.46 -16.55
N TRP A 292 -9.16 44.40 -15.75
CA TRP A 292 -8.80 44.14 -14.36
C TRP A 292 -9.91 43.51 -13.50
N LYS A 293 -11.16 43.89 -13.78
CA LYS A 293 -12.29 43.38 -13.02
C LYS A 293 -12.52 41.89 -13.17
N GLN A 294 -12.05 41.33 -14.28
CA GLN A 294 -12.16 39.89 -14.47
C GLN A 294 -11.28 39.05 -13.55
N ARG A 295 -10.16 39.59 -13.07
CA ARG A 295 -9.09 38.75 -12.48
C ARG A 295 -9.51 38.07 -11.19
N PHE A 296 -10.17 38.85 -10.34
CA PHE A 296 -10.59 38.41 -9.01
C PHE A 296 -12.13 38.46 -8.85
N ILE A 297 -12.83 38.56 -9.98
CA ILE A 297 -14.28 38.53 -10.04
C ILE A 297 -14.91 37.48 -9.10
N ASP A 298 -14.42 36.24 -9.12
CA ASP A 298 -15.01 35.22 -8.26
C ASP A 298 -14.83 35.50 -6.76
N ALA A 299 -13.66 36.02 -6.40
CA ALA A 299 -13.38 36.30 -4.99
C ALA A 299 -14.41 37.25 -4.34
N TYR A 300 -15.02 38.16 -5.09
CA TYR A 300 -16.12 38.98 -4.51
C TYR A 300 -17.26 38.17 -3.92
N ASP A 301 -17.76 37.23 -4.73
CA ASP A 301 -18.80 36.33 -4.29
C ASP A 301 -18.35 35.48 -3.09
N ILE A 302 -17.14 34.93 -3.18
CA ILE A 302 -16.64 34.05 -2.13
C ILE A 302 -16.47 34.81 -0.81
N GLU A 303 -15.97 36.05 -0.90
CA GLU A 303 -15.76 36.84 0.31
C GLU A 303 -17.09 37.10 1.06
N PHE A 304 -18.13 37.56 0.36
CA PHE A 304 -19.44 37.84 0.99
C PHE A 304 -20.10 36.57 1.47
N GLN A 305 -19.93 35.49 0.70
CA GLN A 305 -20.52 34.20 1.08
C GLN A 305 -19.96 33.70 2.40
N ASP A 306 -18.66 33.80 2.57
CA ASP A 306 -18.03 33.50 3.86
C ASP A 306 -18.58 34.43 4.95
N PHE A 307 -18.66 35.73 4.64
CA PHE A 307 -19.10 36.77 5.60
C PHE A 307 -20.50 36.44 6.08
N PHE A 308 -21.41 36.24 5.14
CA PHE A 308 -22.81 35.93 5.53
C PHE A 308 -23.03 34.57 6.19
N ASP A 309 -22.23 33.56 5.82
CA ASP A 309 -22.32 32.23 6.43
C ASP A 309 -21.98 32.31 7.90
N ARG A 310 -20.81 32.88 8.18
CA ARG A 310 -20.37 33.09 9.55
C ARG A 310 -21.41 33.89 10.35
N LEU A 311 -21.88 35.00 9.78
CA LEU A 311 -22.86 35.83 10.46
C LEU A 311 -24.12 35.02 10.76
N ASN A 312 -24.61 34.24 9.80
CA ASN A 312 -25.79 33.40 9.98
C ASN A 312 -25.55 32.23 10.94
N ALA A 313 -24.30 31.78 11.06
CA ALA A 313 -23.98 30.75 12.05
C ALA A 313 -23.94 31.36 13.45
N GLY A 314 -24.04 32.69 13.52
CA GLY A 314 -23.96 33.39 14.78
C GLY A 314 -22.51 33.48 15.18
N LEU A 315 -21.63 33.64 14.20
CA LEU A 315 -20.18 33.74 14.40
C LEU A 315 -19.71 35.09 13.88
N PRO A 316 -18.60 35.60 14.42
CA PRO A 316 -18.05 36.88 13.95
C PRO A 316 -17.45 36.75 12.53
N PRO A 317 -17.32 37.86 11.79
CA PRO A 317 -16.68 37.73 10.49
C PRO A 317 -15.26 37.18 10.67
N ALA A 318 -14.71 36.53 9.64
CA ALA A 318 -13.36 35.98 9.72
C ALA A 318 -12.45 36.51 8.64
N GLY A 319 -12.86 37.58 7.99
CA GLY A 319 -12.07 38.14 6.92
C GLY A 319 -11.17 39.26 7.43
N PRO A 320 -10.56 40.04 6.51
CA PRO A 320 -9.79 41.25 6.93
C PRO A 320 -10.52 42.11 7.95
N THR A 321 -9.83 42.47 9.03
CA THR A 321 -10.50 43.22 10.08
C THR A 321 -10.22 44.71 9.95
N SER A 322 -10.89 45.49 10.79
CA SER A 322 -10.53 46.93 10.97
C SER A 322 -9.02 47.18 11.21
N TRP A 323 -8.40 46.28 11.97
CA TRP A 323 -6.95 46.35 12.18
C TRP A 323 -6.17 46.11 10.88
N ASP A 324 -6.61 45.15 10.07
CA ASP A 324 -5.99 44.97 8.75
C ASP A 324 -6.15 46.21 7.87
N GLY A 325 -7.27 46.90 8.01
CA GLY A 325 -7.45 48.13 7.26
C GLY A 325 -6.55 49.26 7.75
N TYR A 326 -6.34 49.31 9.08
CA TYR A 326 -5.42 50.27 9.67
C TYR A 326 -4.00 49.95 9.19
N LEU A 327 -3.58 48.71 9.31
CA LEU A 327 -2.25 48.28 8.80
C LEU A 327 -1.96 48.75 7.38
N ALA A 328 -2.96 48.54 6.50
CA ALA A 328 -2.78 48.84 5.08
C ALA A 328 -2.66 50.33 4.87
N ALA A 329 -3.54 51.08 5.52
CA ALA A 329 -3.46 52.56 5.51
C ALA A 329 -2.10 53.13 5.89
N VAL A 330 -1.56 52.70 7.04
CA VAL A 330 -0.29 53.24 7.56
C VAL A 330 0.88 52.94 6.59
N THR A 331 0.88 51.71 6.11
CA THR A 331 1.88 51.21 5.17
C THR A 331 1.76 51.91 3.81
N ALA A 332 0.53 52.12 3.32
CA ALA A 332 0.40 52.90 2.09
C ALA A 332 0.95 54.32 2.29
N ASP A 333 0.67 54.90 3.46
CA ASP A 333 1.08 56.26 3.74
C ASP A 333 2.61 56.36 3.71
N ALA A 334 3.28 55.35 4.23
CA ALA A 334 4.72 55.38 4.24
C ALA A 334 5.26 55.23 2.83
N CYS A 335 4.59 54.43 2.00
CA CYS A 335 5.00 54.29 0.63
C CYS A 335 4.86 55.61 -0.14
N VAL A 336 3.73 56.30 0.07
CA VAL A 336 3.54 57.59 -0.56
C VAL A 336 4.58 58.58 -0.05
N LYS A 337 4.90 58.52 1.26
CA LYS A 337 5.90 59.40 1.82
C LYS A 337 7.27 59.11 1.16
N SER A 338 7.53 57.84 0.85
CA SER A 338 8.81 57.44 0.24
C SER A 338 8.92 57.98 -1.22
N GLN A 339 7.80 57.99 -1.93
CA GLN A 339 7.65 58.64 -3.25
C GLN A 339 8.17 60.11 -3.20
N GLU A 340 7.63 60.87 -2.26
CA GLU A 340 7.99 62.28 -2.05
C GLU A 340 9.43 62.53 -1.57
N THR A 341 9.93 61.73 -0.63
CA THR A 341 11.23 62.06 -0.03
C THR A 341 12.41 61.46 -0.79
N GLY A 342 12.19 60.36 -1.51
CA GLY A 342 13.30 59.62 -2.12
C GLY A 342 14.03 58.72 -1.13
N ASN A 343 13.46 58.60 0.07
CA ASN A 343 14.09 57.78 1.08
C ASN A 343 13.24 56.56 1.43
N THR A 344 13.89 55.54 1.98
CA THR A 344 13.23 54.49 2.78
C THR A 344 12.49 55.17 3.93
N GLU A 345 11.26 54.74 4.20
CA GLU A 345 10.47 55.31 5.28
C GLU A 345 10.13 54.17 6.24
N ILE A 346 9.96 54.52 7.51
CA ILE A 346 9.71 53.55 8.57
C ILE A 346 8.20 53.41 8.75
N VAL A 347 7.71 52.18 8.88
CA VAL A 347 6.33 51.94 9.21
C VAL A 347 6.13 51.94 10.74
N GLU A 348 5.33 52.86 11.22
N GLU A 348 5.32 52.87 11.20
CA GLU A 348 5.13 53.02 12.63
CA GLU A 348 5.09 53.06 12.60
C GLU A 348 3.75 52.51 13.01
C GLU A 348 3.74 52.48 12.96
N LEU A 349 3.72 51.45 13.81
CA LEU A 349 2.45 50.84 14.28
C LEU A 349 2.39 50.67 15.77
N PRO A 350 1.22 50.99 16.38
CA PRO A 350 0.94 50.48 17.72
C PRO A 350 0.80 48.94 17.75
N SER A 351 0.76 48.44 18.97
CA SER A 351 0.46 47.06 19.30
C SER A 351 -0.93 46.70 18.85
N LYS A 352 -1.05 45.52 18.27
CA LYS A 352 -2.31 44.98 17.83
C LYS A 352 -3.20 44.78 19.04
N PRO A 353 -4.37 45.44 19.10
CA PRO A 353 -5.22 45.13 20.26
C PRO A 353 -5.54 43.63 20.31
N ASP A 354 -5.72 43.13 21.53
CA ASP A 354 -6.05 41.72 21.76
C ASP A 354 -7.38 41.41 21.10
N PHE A 355 -8.22 42.43 21.00
CA PHE A 355 -9.55 42.37 20.41
C PHE A 355 -9.46 41.87 18.98
N TYR A 356 -8.36 42.16 18.29
CA TYR A 356 -8.24 41.79 16.89
C TYR A 356 -7.51 40.48 16.65
N LYS A 357 -7.18 39.81 17.75
CA LYS A 357 -6.58 38.49 17.63
C LYS A 357 -7.66 37.41 17.73
N THR B 23 44.09 26.66 -38.77
CA THR B 23 44.54 26.27 -37.39
C THR B 23 45.45 27.31 -36.69
N LEU B 24 44.98 27.81 -35.56
CA LEU B 24 45.75 28.69 -34.66
C LEU B 24 46.33 27.83 -33.55
N LYS B 25 47.41 28.31 -32.94
CA LYS B 25 48.14 27.52 -31.94
C LYS B 25 48.01 28.11 -30.53
N ALA B 26 47.62 27.28 -29.58
CA ALA B 26 47.32 27.82 -28.26
C ALA B 26 48.15 27.18 -27.17
N GLY B 27 48.57 28.01 -26.22
CA GLY B 27 49.06 27.49 -24.96
C GLY B 27 48.12 27.91 -23.85
N ILE B 28 47.92 27.03 -22.87
CA ILE B 28 47.02 27.30 -21.75
C ILE B 28 47.75 27.50 -20.42
N VAL B 29 47.52 28.64 -19.77
CA VAL B 29 48.08 28.93 -18.44
C VAL B 29 47.11 28.58 -17.31
N GLY B 30 47.37 27.46 -16.65
CA GLY B 30 46.63 27.06 -15.44
C GLY B 30 45.66 25.90 -15.65
N ILE B 31 46.16 24.67 -15.47
CA ILE B 31 45.37 23.48 -15.73
C ILE B 31 44.64 22.97 -14.46
N GLY B 32 43.72 23.79 -13.95
CA GLY B 32 42.93 23.42 -12.78
C GLY B 32 41.64 22.75 -13.24
N MSE B 33 40.56 22.97 -12.48
N MSE B 33 40.55 23.02 -12.52
CA MSE B 33 39.24 22.43 -12.86
CA MSE B 33 39.25 22.41 -12.81
C MSE B 33 38.93 22.83 -14.29
C MSE B 33 38.63 22.85 -14.15
O MSE B 33 38.91 22.00 -15.19
O MSE B 33 38.05 22.05 -14.85
CB MSE B 33 38.13 22.97 -11.93
CB MSE B 33 38.26 22.63 -11.66
CG MSE B 33 36.76 22.28 -12.11
CG MSE B 33 37.64 21.35 -11.10
SE MSE B 33 35.59 22.97 -13.53
SE MSE B 33 37.51 19.88 -12.42
CE MSE B 33 34.79 21.27 -14.05
CE MSE B 33 35.97 18.92 -11.67
N ILE B 34 38.77 24.14 -14.49
CA ILE B 34 38.30 24.65 -15.79
C ILE B 34 39.42 24.53 -16.83
N GLY B 35 40.66 24.75 -16.39
CA GLY B 35 41.80 24.63 -17.27
C GLY B 35 41.75 23.32 -18.02
N SER B 36 41.57 22.22 -17.31
CA SER B 36 41.67 20.91 -17.97
C SER B 36 40.48 20.62 -18.86
N ASP B 37 39.30 21.07 -18.44
CA ASP B 37 38.09 21.03 -19.26
C ASP B 37 38.30 21.78 -20.58
N HIS B 38 38.77 23.03 -20.51
CA HIS B 38 39.09 23.83 -21.72
C HIS B 38 40.20 23.17 -22.55
N LEU B 39 41.17 22.58 -21.86
CA LEU B 39 42.21 21.78 -22.54
C LEU B 39 41.53 20.71 -23.41
N ARG B 40 40.53 20.03 -22.84
CA ARG B 40 39.80 19.00 -23.59
C ARG B 40 39.03 19.62 -24.74
N ARG B 41 38.22 20.64 -24.44
CA ARG B 41 37.46 21.42 -25.45
C ARG B 41 38.30 21.85 -26.65
N LEU B 42 39.41 22.52 -26.40
CA LEU B 42 40.25 23.07 -27.47
C LEU B 42 40.92 22.03 -28.37
N ALA B 43 41.31 20.89 -27.80
CA ALA B 43 41.87 19.81 -28.62
C ALA B 43 40.79 18.95 -29.27
N ASN B 44 39.66 18.77 -28.58
CA ASN B 44 38.63 17.83 -29.04
C ASN B 44 37.57 18.42 -29.98
N THR B 45 36.84 19.42 -29.52
CA THR B 45 35.62 19.88 -30.20
C THR B 45 35.66 21.28 -30.82
N VAL B 46 36.68 22.07 -30.53
CA VAL B 46 36.82 23.36 -31.20
C VAL B 46 37.70 23.12 -32.40
N SER B 47 37.23 23.57 -33.57
CA SER B 47 38.00 23.47 -34.81
C SER B 47 38.84 24.73 -35.00
N GLY B 48 39.98 24.56 -35.68
CA GLY B 48 40.87 25.68 -35.97
C GLY B 48 41.81 26.05 -34.83
N VAL B 49 41.88 25.19 -33.82
CA VAL B 49 42.86 25.38 -32.74
C VAL B 49 43.59 24.09 -32.38
N GLU B 50 44.89 24.22 -32.15
CA GLU B 50 45.72 23.15 -31.70
C GLU B 50 46.26 23.59 -30.34
N VAL B 51 46.24 22.71 -29.34
CA VAL B 51 46.90 22.99 -28.06
C VAL B 51 48.38 22.55 -28.14
N VAL B 52 49.33 23.50 -28.17
CA VAL B 52 50.76 23.18 -28.23
C VAL B 52 51.57 23.33 -26.92
N ALA B 53 50.97 23.89 -25.87
CA ALA B 53 51.71 24.14 -24.64
C ALA B 53 50.75 24.23 -23.47
N VAL B 54 51.21 23.79 -22.31
CA VAL B 54 50.45 23.98 -21.05
C VAL B 54 51.38 24.49 -19.95
N CYS B 55 50.75 24.94 -18.86
CA CYS B 55 51.47 25.52 -17.75
C CYS B 55 50.65 25.54 -16.46
N ASP B 56 51.21 24.94 -15.42
CA ASP B 56 50.64 25.06 -14.08
C ASP B 56 51.80 25.14 -13.12
N ILE B 57 51.62 25.86 -12.03
CA ILE B 57 52.67 26.03 -11.02
C ILE B 57 52.83 24.82 -10.08
N VAL B 58 51.74 24.10 -9.79
CA VAL B 58 51.78 22.87 -8.99
C VAL B 58 52.42 21.78 -9.85
N ALA B 59 53.54 21.22 -9.40
CA ALA B 59 54.30 20.27 -10.24
C ALA B 59 53.50 19.02 -10.55
N GLY B 60 53.56 18.56 -11.81
CA GLY B 60 52.82 17.35 -12.25
C GLY B 60 51.42 17.65 -12.75
N ARG B 61 50.79 18.67 -12.14
CA ARG B 61 49.44 19.10 -12.49
C ARG B 61 49.10 19.10 -13.97
N ALA B 62 49.75 20.02 -14.69
CA ALA B 62 49.61 20.13 -16.14
C ALA B 62 49.77 18.80 -16.86
N GLN B 63 50.82 18.05 -16.50
CA GLN B 63 51.12 16.82 -17.24
C GLN B 63 50.08 15.74 -16.99
N ALA B 64 49.69 15.56 -15.73
CA ALA B 64 48.58 14.66 -15.39
C ALA B 64 47.34 14.90 -16.27
N ALA B 65 47.04 16.17 -16.56
CA ALA B 65 45.89 16.50 -17.43
C ALA B 65 46.14 16.11 -18.89
N LEU B 66 47.38 16.32 -19.37
CA LEU B 66 47.77 15.87 -20.70
C LEU B 66 47.76 14.35 -20.75
N ASP B 67 48.08 13.73 -19.61
CA ASP B 67 48.05 12.30 -19.44
C ASP B 67 46.62 11.77 -19.57
N LYS B 68 45.70 12.38 -18.85
CA LYS B 68 44.28 12.02 -18.89
C LYS B 68 43.72 11.96 -20.31
N TYR B 69 43.95 13.02 -21.09
CA TYR B 69 43.29 13.16 -22.40
C TYR B 69 44.18 12.84 -23.59
N ALA B 70 45.31 12.17 -23.33
CA ALA B 70 46.31 11.85 -24.34
C ALA B 70 46.61 13.04 -25.28
N ILE B 71 47.05 14.14 -24.71
CA ILE B 71 47.40 15.31 -25.52
C ILE B 71 48.91 15.56 -25.51
N GLU B 72 49.49 15.68 -26.71
CA GLU B 72 50.87 16.12 -26.87
C GLU B 72 50.93 17.62 -26.67
N ALA B 73 51.74 18.06 -25.71
CA ALA B 73 51.95 19.50 -25.44
C ALA B 73 53.20 19.73 -24.61
N LYS B 74 53.83 20.88 -24.79
CA LYS B 74 55.00 21.30 -24.01
C LYS B 74 54.58 21.84 -22.65
N ASP B 75 55.11 21.25 -21.58
CA ASP B 75 54.70 21.58 -20.20
C ASP B 75 55.74 22.55 -19.58
N TYR B 76 55.31 23.76 -19.27
CA TYR B 76 56.19 24.79 -18.67
C TYR B 76 55.77 25.09 -17.24
N ASN B 77 56.76 25.24 -16.36
CA ASN B 77 56.50 25.70 -15.00
C ASN B 77 56.29 27.22 -14.97
N ASP B 78 56.88 27.91 -15.93
CA ASP B 78 56.78 29.35 -16.02
C ASP B 78 56.04 29.78 -17.28
N TYR B 79 54.96 30.52 -17.07
CA TYR B 79 54.13 31.02 -18.18
C TYR B 79 54.88 31.96 -19.13
N HIS B 80 55.86 32.69 -18.58
CA HIS B 80 56.76 33.51 -19.39
C HIS B 80 57.36 32.67 -20.51
N ASP B 81 57.67 31.43 -20.18
CA ASP B 81 58.23 30.51 -21.17
C ASP B 81 57.17 30.09 -22.18
N LEU B 82 56.01 29.72 -21.68
CA LEU B 82 54.88 29.42 -22.55
C LEU B 82 54.59 30.57 -23.52
N ILE B 83 54.56 31.79 -23.01
CA ILE B 83 54.37 33.00 -23.82
C ILE B 83 55.47 33.20 -24.90
N ASN B 84 56.71 32.84 -24.60
CA ASN B 84 57.79 33.06 -25.56
C ASN B 84 57.93 32.04 -26.70
N ASP B 85 57.14 30.96 -26.68
CA ASP B 85 57.13 29.97 -27.76
C ASP B 85 56.89 30.60 -29.13
N LYS B 86 57.70 30.22 -30.10
CA LYS B 86 57.44 30.50 -31.49
C LYS B 86 56.15 29.79 -31.94
N ASP B 87 55.74 28.77 -31.16
CA ASP B 87 54.60 27.95 -31.52
C ASP B 87 53.28 28.54 -31.04
N VAL B 88 53.30 29.10 -29.84
CA VAL B 88 52.12 29.68 -29.22
C VAL B 88 51.78 31.05 -29.82
N GLU B 89 50.61 31.15 -30.48
CA GLU B 89 50.07 32.46 -30.88
C GLU B 89 49.02 32.97 -29.92
N VAL B 90 48.25 32.05 -29.34
CA VAL B 90 47.12 32.44 -28.48
C VAL B 90 47.36 31.93 -27.06
N VAL B 91 47.15 32.82 -26.09
CA VAL B 91 47.28 32.45 -24.69
C VAL B 91 45.88 32.37 -24.04
N ILE B 92 45.54 31.17 -23.57
CA ILE B 92 44.28 30.92 -22.89
C ILE B 92 44.57 30.88 -21.38
N ILE B 93 43.96 31.79 -20.64
CA ILE B 93 44.28 31.99 -19.24
C ILE B 93 43.21 31.42 -18.34
N THR B 94 43.51 30.28 -17.74
CA THR B 94 42.56 29.57 -16.89
C THR B 94 43.16 29.40 -15.50
N ALA B 95 44.02 30.34 -15.12
CA ALA B 95 44.72 30.29 -13.85
C ALA B 95 43.88 31.00 -12.80
N SER B 96 44.32 30.95 -11.55
CA SER B 96 43.64 31.66 -10.48
C SER B 96 43.61 33.17 -10.79
N ASN B 97 42.54 33.83 -10.32
CA ASN B 97 42.32 35.25 -10.62
C ASN B 97 43.56 36.09 -10.37
N GLU B 98 44.17 35.87 -9.20
CA GLU B 98 45.41 36.55 -8.78
C GLU B 98 46.47 36.61 -9.87
N ALA B 99 46.46 35.63 -10.78
CA ALA B 99 47.51 35.53 -11.82
C ALA B 99 47.16 36.23 -13.14
N HIS B 100 45.87 36.52 -13.32
CA HIS B 100 45.34 36.93 -14.62
C HIS B 100 46.05 38.14 -15.22
N ALA B 101 46.05 39.24 -14.50
CA ALA B 101 46.64 40.47 -15.04
C ALA B 101 48.10 40.28 -15.51
N ASP B 102 48.92 39.60 -14.71
CA ASP B 102 50.34 39.41 -15.09
C ASP B 102 50.48 38.63 -16.37
N VAL B 103 49.78 37.51 -16.46
CA VAL B 103 49.84 36.62 -17.63
C VAL B 103 49.39 37.37 -18.88
N ALA B 104 48.26 38.08 -18.75
CA ALA B 104 47.67 38.84 -19.84
C ALA B 104 48.55 40.00 -20.27
N VAL B 105 49.03 40.79 -19.30
CA VAL B 105 49.99 41.89 -19.62
C VAL B 105 51.18 41.33 -20.41
N ALA B 106 51.70 40.19 -19.97
CA ALA B 106 52.91 39.58 -20.59
C ALA B 106 52.60 39.12 -22.02
N ALA B 107 51.47 38.46 -22.20
CA ALA B 107 51.06 37.91 -23.49
C ALA B 107 50.82 39.01 -24.51
N LEU B 108 50.07 40.04 -24.10
CA LEU B 108 49.89 41.21 -24.95
C LEU B 108 51.26 41.88 -25.20
N ASN B 109 52.14 41.89 -24.19
CA ASN B 109 53.52 42.40 -24.37
C ASN B 109 54.31 41.62 -25.42
N ALA B 110 54.14 40.30 -25.46
CA ALA B 110 54.77 39.49 -26.49
C ALA B 110 53.93 39.38 -27.77
N ASN B 111 52.92 40.24 -27.88
CA ASN B 111 52.04 40.31 -29.06
C ASN B 111 51.20 39.04 -29.33
N LYS B 112 50.69 38.43 -28.27
CA LYS B 112 49.90 37.20 -28.41
C LYS B 112 48.45 37.49 -28.04
N TYR B 113 47.52 36.86 -28.76
CA TYR B 113 46.09 36.95 -28.43
C TYR B 113 45.80 36.33 -27.08
N VAL B 114 44.78 36.83 -26.42
CA VAL B 114 44.45 36.38 -25.08
C VAL B 114 42.97 36.00 -25.00
N PHE B 115 42.69 34.75 -24.68
CA PHE B 115 41.37 34.41 -24.13
C PHE B 115 41.55 34.25 -22.62
N CYS B 116 40.89 35.11 -21.85
CA CYS B 116 40.98 35.02 -20.41
C CYS B 116 39.62 34.67 -19.78
N GLU B 117 39.60 33.65 -18.92
CA GLU B 117 38.37 33.32 -18.18
C GLU B 117 37.95 34.50 -17.30
N LYS B 118 36.65 34.58 -17.00
CA LYS B 118 36.17 35.59 -16.06
C LYS B 118 36.59 35.21 -14.65
N PRO B 119 36.78 36.19 -13.77
CA PRO B 119 36.73 37.62 -14.06
C PRO B 119 38.04 37.97 -14.71
N LEU B 120 38.14 39.14 -15.35
CA LEU B 120 39.46 39.56 -15.89
C LEU B 120 40.53 39.60 -14.80
N ALA B 121 40.26 40.34 -13.74
CA ALA B 121 41.11 40.41 -12.54
C ALA B 121 40.10 40.88 -11.51
N VAL B 122 40.44 40.90 -10.23
CA VAL B 122 39.39 41.37 -9.28
C VAL B 122 39.42 42.88 -9.10
N THR B 123 40.63 43.44 -9.05
CA THR B 123 40.73 44.89 -8.88
C THR B 123 40.67 45.58 -10.22
N ALA B 124 40.04 46.75 -10.21
CA ALA B 124 40.00 47.61 -11.37
C ALA B 124 41.40 47.99 -11.85
N ALA B 125 42.32 48.21 -10.90
CA ALA B 125 43.68 48.63 -11.26
C ALA B 125 44.35 47.59 -12.15
N ASP B 126 44.08 46.33 -11.88
CA ASP B 126 44.64 45.22 -12.65
C ASP B 126 44.01 45.10 -14.04
N CYS B 127 42.71 45.37 -14.09
CA CYS B 127 42.01 45.49 -15.35
C CYS B 127 42.62 46.60 -16.17
N GLN B 128 42.87 47.74 -15.52
CA GLN B 128 43.51 48.89 -16.19
C GLN B 128 44.85 48.53 -16.77
N ARG B 129 45.62 47.69 -16.07
CA ARG B 129 46.95 47.30 -16.58
C ARG B 129 46.79 46.50 -17.87
N VAL B 130 45.73 45.69 -17.95
CA VAL B 130 45.49 44.86 -19.13
C VAL B 130 45.05 45.75 -20.30
N ILE B 131 44.12 46.66 -20.02
CA ILE B 131 43.70 47.69 -20.99
C ILE B 131 44.91 48.47 -21.58
N GLU B 132 45.86 48.87 -20.73
CA GLU B 132 47.04 49.61 -21.17
C GLU B 132 47.94 48.73 -22.05
N ALA B 133 48.14 47.49 -21.60
CA ALA B 133 48.89 46.50 -22.37
C ALA B 133 48.28 46.31 -23.76
N GLU B 134 46.96 46.15 -23.82
CA GLU B 134 46.23 45.93 -25.07
C GLU B 134 46.25 47.14 -26.01
N GLN B 135 46.02 48.33 -25.46
CA GLN B 135 46.05 49.56 -26.28
C GLN B 135 47.45 49.80 -26.88
N LYS B 136 48.50 49.52 -26.11
CA LYS B 136 49.87 49.53 -26.62
C LYS B 136 50.09 48.67 -27.87
N ASN B 137 49.16 47.76 -28.14
CA ASN B 137 49.17 47.00 -29.39
C ASN B 137 48.34 47.64 -30.49
N GLY B 138 47.49 48.61 -30.12
CA GLY B 138 46.58 49.30 -31.06
C GLY B 138 45.65 48.38 -31.84
N LYS B 139 45.39 47.20 -31.29
CA LYS B 139 44.70 46.14 -31.98
C LYS B 139 43.94 45.38 -30.90
N ARG B 140 42.65 45.08 -31.13
CA ARG B 140 41.83 44.36 -30.15
C ARG B 140 42.26 42.89 -30.06
N MSE B 141 42.59 42.43 -28.86
CA MSE B 141 43.22 41.11 -28.70
C MSE B 141 42.78 40.26 -27.53
O MSE B 141 43.21 39.11 -27.39
CB MSE B 141 44.74 41.27 -28.68
CG MSE B 141 45.27 41.97 -29.92
SE MSE B 141 47.19 41.95 -30.03
CE MSE B 141 47.46 40.03 -29.99
N VAL B 142 41.95 40.82 -26.66
CA VAL B 142 41.56 40.11 -25.48
C VAL B 142 40.09 39.74 -25.56
N GLN B 143 39.78 38.45 -25.40
CA GLN B 143 38.38 38.11 -25.08
C GLN B 143 38.25 37.58 -23.64
N ILE B 144 37.10 37.83 -23.00
CA ILE B 144 36.79 37.41 -21.64
C ILE B 144 35.65 36.38 -21.62
N GLY B 145 35.79 35.36 -20.77
CA GLY B 145 34.95 34.16 -20.82
C GLY B 145 33.64 34.29 -20.09
N PHE B 146 33.01 35.46 -20.20
CA PHE B 146 31.60 35.63 -19.76
C PHE B 146 30.64 34.88 -20.69
N MSE B 147 30.54 33.56 -20.50
CA MSE B 147 30.02 32.71 -21.54
C MSE B 147 28.53 32.81 -21.76
O MSE B 147 28.08 32.33 -22.81
CB MSE B 147 30.40 31.21 -21.34
CG MSE B 147 29.59 30.46 -20.28
SE MSE B 147 29.88 31.24 -18.52
CE MSE B 147 29.03 29.88 -17.49
N ARG B 148 27.78 33.37 -20.81
CA ARG B 148 26.33 33.49 -20.98
C ARG B 148 25.95 34.23 -22.29
N ARG B 149 26.87 35.04 -22.82
CA ARG B 149 26.53 35.86 -23.97
C ARG B 149 26.31 34.97 -25.16
N TYR B 150 26.83 33.76 -25.04
CA TYR B 150 26.75 32.80 -26.12
C TYR B 150 25.72 31.75 -25.86
N ASP B 151 25.07 31.81 -24.71
CA ASP B 151 23.95 30.91 -24.51
C ASP B 151 22.82 31.21 -25.52
N LYS B 152 22.21 30.14 -26.04
CA LYS B 152 21.22 30.26 -27.07
C LYS B 152 19.95 30.96 -26.59
N GLY B 153 19.60 30.76 -25.34
CA GLY B 153 18.46 31.46 -24.72
C GLY B 153 18.71 32.94 -24.51
N TYR B 154 19.93 33.30 -24.07
CA TYR B 154 20.33 34.73 -23.95
C TYR B 154 20.43 35.43 -25.28
N VAL B 155 20.91 34.71 -26.29
CA VAL B 155 20.97 35.29 -27.64
C VAL B 155 19.53 35.55 -28.12
N GLN B 156 18.62 34.61 -27.92
CA GLN B 156 17.24 34.84 -28.33
C GLN B 156 16.62 36.01 -27.55
N LEU B 157 16.85 36.03 -26.24
CA LEU B 157 16.39 37.12 -25.38
C LEU B 157 16.88 38.46 -25.88
N LYS B 158 18.17 38.51 -26.22
CA LYS B 158 18.77 39.71 -26.71
C LYS B 158 18.13 40.19 -28.03
N ASN B 159 17.92 39.24 -28.95
CA ASN B 159 17.28 39.54 -30.20
C ASN B 159 15.85 40.07 -29.97
N ILE B 160 15.12 39.56 -28.99
CA ILE B 160 13.76 39.99 -28.78
C ILE B 160 13.82 41.44 -28.31
N ILE B 161 14.70 41.72 -27.36
CA ILE B 161 14.84 43.07 -26.81
C ILE B 161 15.17 44.09 -27.91
N ASP B 162 16.24 43.79 -28.64
CA ASP B 162 16.73 44.60 -29.77
C ASP B 162 15.74 44.82 -30.95
N SER B 163 14.81 43.92 -31.17
CA SER B 163 13.79 44.10 -32.22
C SER B 163 12.75 45.18 -31.89
N GLY B 164 12.58 45.48 -30.61
CA GLY B 164 11.58 46.47 -30.16
C GLY B 164 10.22 45.88 -29.81
N GLU B 165 10.13 44.55 -29.78
CA GLU B 165 8.90 43.83 -29.50
C GLU B 165 8.30 44.24 -28.19
N ILE B 166 9.16 44.54 -27.19
CA ILE B 166 8.66 44.85 -25.89
C ILE B 166 8.90 46.33 -25.61
N GLY B 167 9.41 47.04 -26.61
CA GLY B 167 9.75 48.48 -26.48
C GLY B 167 10.96 48.68 -25.55
N GLN B 168 11.20 49.90 -25.08
CA GLN B 168 12.39 50.20 -24.28
C GLN B 168 12.34 49.47 -22.93
N PRO B 169 13.38 48.68 -22.62
CA PRO B 169 13.48 48.09 -21.27
C PRO B 169 13.47 49.12 -20.11
N LEU B 170 12.76 48.79 -19.06
CA LEU B 170 12.61 49.72 -17.93
C LEU B 170 12.93 49.05 -16.59
N MSE B 171 12.53 47.77 -16.43
CA MSE B 171 12.79 46.97 -15.21
C MSE B 171 13.24 45.55 -15.60
O MSE B 171 12.79 44.99 -16.63
CB MSE B 171 11.54 46.87 -14.31
CG MSE B 171 11.02 48.18 -13.89
SE MSE B 171 9.52 47.92 -12.69
CE MSE B 171 8.16 47.19 -13.99
N VAL B 172 14.16 44.98 -14.82
CA VAL B 172 14.67 43.65 -15.05
C VAL B 172 14.57 42.92 -13.71
N HIS B 173 14.19 41.67 -13.76
CA HIS B 173 14.23 40.86 -12.59
C HIS B 173 14.98 39.61 -12.87
N GLY B 174 16.01 39.32 -12.09
CA GLY B 174 16.87 38.19 -12.35
C GLY B 174 17.00 37.35 -11.11
N ARG B 175 17.29 36.04 -11.28
CA ARG B 175 17.59 35.16 -10.18
C ARG B 175 18.81 34.36 -10.52
N HIS B 176 19.67 34.21 -9.54
CA HIS B 176 20.82 33.31 -9.69
C HIS B 176 20.79 32.41 -8.44
N TYR B 177 20.18 31.23 -8.54
CA TYR B 177 20.07 30.27 -7.43
C TYR B 177 20.93 29.08 -7.67
N ASN B 178 21.53 28.56 -6.58
CA ASN B 178 22.40 27.42 -6.57
C ASN B 178 22.01 26.57 -5.37
N ALA B 179 22.18 25.24 -5.43
CA ALA B 179 21.57 24.36 -4.43
C ALA B 179 22.27 24.51 -3.07
N SER B 180 23.61 24.55 -3.09
CA SER B 180 24.38 24.70 -1.88
C SER B 180 25.87 24.98 -2.14
N THR B 181 26.54 25.54 -1.13
CA THR B 181 27.93 25.92 -1.25
C THR B 181 28.76 25.18 -0.17
N VAL B 182 30.04 24.94 -0.46
CA VAL B 182 30.96 24.44 0.53
C VAL B 182 31.30 25.56 1.52
N PRO B 183 31.84 25.18 2.70
CA PRO B 183 32.13 26.14 3.78
C PRO B 183 33.03 27.28 3.34
N GLU B 184 33.94 27.03 2.39
CA GLU B 184 34.95 28.03 2.00
C GLU B 184 34.41 29.21 1.16
N TYR B 185 33.17 29.06 0.70
CA TYR B 185 32.55 30.10 -0.08
C TYR B 185 31.98 31.19 0.82
N LYS B 186 32.55 32.39 0.71
CA LYS B 186 32.25 33.51 1.62
C LYS B 186 31.35 34.58 0.99
N THR B 187 30.76 35.42 1.85
CA THR B 187 29.88 36.51 1.46
C THR B 187 30.30 37.33 0.21
N PRO B 188 31.60 37.74 0.12
CA PRO B 188 31.96 38.52 -1.07
C PRO B 188 31.85 37.70 -2.39
N GLN B 189 31.96 36.38 -2.30
N GLN B 189 31.99 36.38 -2.29
CA GLN B 189 31.90 35.52 -3.48
CA GLN B 189 31.90 35.49 -3.46
C GLN B 189 30.52 35.50 -4.11
C GLN B 189 30.52 35.48 -4.11
N ALA B 190 29.47 35.83 -3.34
CA ALA B 190 28.12 35.96 -3.91
C ALA B 190 28.14 36.98 -5.04
N ILE B 191 29.04 37.97 -4.93
CA ILE B 191 29.26 38.96 -5.99
C ILE B 191 30.32 38.55 -6.99
N TYR B 192 31.55 38.31 -6.51
CA TYR B 192 32.71 38.06 -7.36
C TYR B 192 32.64 36.79 -8.18
N GLU B 193 32.04 35.73 -7.64
CA GLU B 193 31.96 34.46 -8.34
C GLU B 193 30.60 34.29 -9.06
N THR B 194 29.52 34.73 -8.42
CA THR B 194 28.16 34.39 -8.84
C THR B 194 27.45 35.55 -9.62
N LEU B 195 27.19 36.68 -8.94
CA LEU B 195 26.55 37.84 -9.56
C LEU B 195 27.36 38.46 -10.70
N ILE B 196 28.69 38.28 -10.68
CA ILE B 196 29.51 38.80 -11.75
C ILE B 196 28.89 38.45 -13.10
N HIS B 197 28.33 37.25 -13.24
CA HIS B 197 27.63 36.84 -14.46
C HIS B 197 26.45 37.71 -14.86
N GLU B 198 25.58 38.06 -13.90
CA GLU B 198 24.47 38.98 -14.17
C GLU B 198 25.03 40.39 -14.45
N ILE B 199 26.06 40.79 -13.70
CA ILE B 199 26.62 42.12 -13.88
C ILE B 199 27.06 42.28 -15.35
N ASP B 200 27.68 41.24 -15.90
CA ASP B 200 28.09 41.39 -17.29
C ASP B 200 26.96 41.26 -18.30
N VAL B 201 26.09 40.28 -18.09
CA VAL B 201 25.09 39.95 -19.08
C VAL B 201 23.89 40.97 -19.13
N MSE B 202 23.50 41.52 -17.96
CA MSE B 202 22.49 42.59 -17.98
C MSE B 202 23.02 43.79 -18.74
O MSE B 202 22.34 44.32 -19.61
CB MSE B 202 22.01 43.01 -16.58
CG MSE B 202 21.57 41.85 -15.66
SE MSE B 202 20.15 40.76 -16.48
CE MSE B 202 19.36 40.11 -14.73
N HIS B 203 24.27 44.17 -18.45
CA HIS B 203 24.93 45.24 -19.22
C HIS B 203 24.94 45.04 -20.78
N TRP B 204 25.28 43.84 -21.22
CA TRP B 204 25.24 43.48 -22.63
C TRP B 204 23.81 43.44 -23.20
N LEU B 205 22.88 42.81 -22.49
CA LEU B 205 21.47 42.84 -22.90
C LEU B 205 20.90 44.23 -23.09
N LEU B 206 21.20 45.13 -22.14
CA LEU B 206 20.69 46.50 -22.14
C LEU B 206 21.51 47.53 -22.90
N ASN B 207 22.70 47.11 -23.35
CA ASN B 207 23.67 48.02 -23.95
C ASN B 207 23.95 49.25 -23.08
N GLU B 208 24.30 49.06 -21.81
CA GLU B 208 24.34 50.13 -20.82
C GLU B 208 25.19 49.77 -19.62
N ASP B 209 25.66 50.80 -18.92
CA ASP B 209 26.49 50.65 -17.73
C ASP B 209 25.69 50.97 -16.47
N TYR B 210 26.23 50.67 -15.30
CA TYR B 210 25.53 50.96 -14.06
C TYR B 210 25.99 52.27 -13.52
N LYS B 211 25.09 52.92 -12.79
CA LYS B 211 25.42 54.09 -12.02
C LYS B 211 25.30 53.86 -10.47
N THR B 212 24.44 52.96 -10.01
CA THR B 212 24.34 52.67 -8.56
C THR B 212 24.04 51.19 -8.31
N VAL B 213 24.43 50.71 -7.13
CA VAL B 213 24.19 49.32 -6.70
C VAL B 213 23.89 49.37 -5.21
N LYS B 214 23.06 48.44 -4.76
CA LYS B 214 22.62 48.36 -3.38
C LYS B 214 22.32 46.90 -3.05
N VAL B 215 22.96 46.40 -2.00
CA VAL B 215 22.73 45.03 -1.58
C VAL B 215 21.87 45.01 -0.38
N TYR B 216 20.72 44.38 -0.52
CA TYR B 216 19.88 44.14 0.62
C TYR B 216 20.14 42.73 1.15
N PHE B 217 20.00 42.57 2.45
CA PHE B 217 20.12 41.26 3.07
C PHE B 217 18.78 40.84 3.67
N PRO B 218 18.06 39.91 3.00
CA PRO B 218 16.83 39.40 3.57
C PRO B 218 17.22 38.56 4.75
N ARG B 219 16.21 38.27 5.58
CA ARG B 219 16.33 37.27 6.63
C ARG B 219 17.31 36.14 6.17
N GLN B 220 18.28 35.82 7.02
CA GLN B 220 19.34 34.83 6.71
C GLN B 220 18.71 33.41 6.63
N SER B 221 19.00 32.61 5.61
CA SER B 221 18.61 31.19 5.66
C SER B 221 19.23 30.47 6.88
N SER B 222 18.39 29.78 7.66
CA SER B 222 18.84 29.01 8.77
C SER B 222 19.67 27.79 8.37
N LEU B 223 19.61 27.39 7.10
CA LEU B 223 20.42 26.28 6.62
C LEU B 223 21.81 26.71 6.19
N VAL B 224 22.16 27.98 6.40
CA VAL B 224 23.44 28.52 5.93
C VAL B 224 24.10 29.20 7.06
N THR B 225 25.30 28.72 7.40
CA THR B 225 26.06 29.29 8.50
C THR B 225 27.37 29.92 8.02
N THR B 226 27.74 29.76 6.74
CA THR B 226 29.11 30.17 6.29
C THR B 226 29.20 31.44 5.43
N LEU B 227 28.03 32.01 5.11
CA LEU B 227 27.92 33.29 4.41
C LEU B 227 26.54 33.91 4.61
N ARG B 228 26.43 35.19 4.29
CA ARG B 228 25.14 35.88 4.23
C ARG B 228 24.45 35.45 2.94
N ASP B 229 23.27 34.87 3.08
CA ASP B 229 22.58 34.16 2.00
C ASP B 229 21.10 34.07 2.43
N PRO B 230 20.19 34.48 1.57
CA PRO B 230 20.31 35.04 0.23
C PRO B 230 20.74 36.51 0.20
N GLN B 231 20.91 37.06 -1.01
CA GLN B 231 21.15 38.48 -1.18
C GLN B 231 20.30 39.01 -2.32
N LEU B 232 20.01 40.30 -2.26
CA LEU B 232 19.04 40.91 -3.16
C LEU B 232 19.70 42.19 -3.58
N VAL B 233 19.98 42.31 -4.86
CA VAL B 233 20.79 43.40 -5.38
C VAL B 233 19.92 44.25 -6.27
N VAL B 234 19.83 45.53 -5.90
CA VAL B 234 19.19 46.52 -6.71
C VAL B 234 20.23 47.36 -7.45
N MSE B 235 20.22 47.29 -8.77
CA MSE B 235 21.19 48.07 -9.55
C MSE B 235 20.43 49.04 -10.46
O MSE B 235 19.36 48.69 -10.95
CB MSE B 235 22.11 47.14 -10.37
CG MSE B 235 22.69 45.99 -9.57
SE MSE B 235 24.13 45.00 -10.56
CE MSE B 235 25.20 46.52 -11.00
N GLU B 236 20.98 50.23 -10.69
CA GLU B 236 20.41 51.21 -11.64
C GLU B 236 21.35 51.51 -12.74
N THR B 237 20.89 51.36 -13.98
CA THR B 237 21.72 51.69 -15.12
C THR B 237 21.78 53.21 -15.30
N THR B 238 22.72 53.67 -16.12
CA THR B 238 22.90 55.12 -16.42
C THR B 238 21.61 55.82 -16.89
N SER B 239 20.79 55.13 -17.69
CA SER B 239 19.48 55.73 -18.04
C SER B 239 18.35 55.47 -17.02
N GLY B 240 18.65 54.80 -15.92
CA GLY B 240 17.65 54.57 -14.84
C GLY B 240 16.88 53.25 -14.95
N ILE B 241 17.32 52.32 -15.80
CA ILE B 241 16.65 51.02 -15.82
C ILE B 241 16.96 50.35 -14.45
N ASN B 242 15.93 49.84 -13.76
CA ASN B 242 16.08 49.27 -12.44
C ASN B 242 16.25 47.76 -12.55
N ILE B 243 17.30 47.21 -11.96
CA ILE B 243 17.55 45.79 -12.04
C ILE B 243 17.61 45.18 -10.65
N VAL B 244 16.68 44.26 -10.38
CA VAL B 244 16.67 43.46 -9.18
C VAL B 244 17.16 42.02 -9.45
N VAL B 245 18.22 41.59 -8.76
CA VAL B 245 18.67 40.19 -8.84
C VAL B 245 18.67 39.53 -7.48
N GLU B 246 17.92 38.42 -7.38
CA GLU B 246 17.91 37.62 -6.18
C GLU B 246 19.04 36.62 -6.30
N VAL B 247 19.95 36.62 -5.33
CA VAL B 247 20.99 35.62 -5.31
C VAL B 247 20.82 34.67 -4.12
N PHE B 248 20.69 33.39 -4.44
CA PHE B 248 20.49 32.41 -3.42
C PHE B 248 21.30 31.18 -3.76
N VAL B 249 22.48 31.06 -3.12
CA VAL B 249 23.45 30.04 -3.48
C VAL B 249 23.36 28.77 -2.58
N ASN B 250 22.33 28.73 -1.70
CA ASN B 250 21.96 27.55 -0.93
C ASN B 250 20.43 27.44 -0.88
N CYS B 251 19.79 27.66 -2.03
CA CYS B 251 18.38 27.53 -2.19
C CYS B 251 17.87 26.09 -2.04
N GLN B 252 18.79 25.10 -1.99
CA GLN B 252 18.44 23.68 -1.74
C GLN B 252 17.87 22.93 -2.93
N TYR B 253 17.10 23.59 -3.79
CA TYR B 253 16.31 22.85 -4.76
C TYR B 253 16.99 22.61 -6.07
N GLY B 254 17.94 23.49 -6.44
CA GLY B 254 18.75 23.20 -7.61
C GLY B 254 19.40 24.45 -8.15
N TYR B 255 19.72 24.42 -9.43
CA TYR B 255 20.46 25.53 -10.03
C TYR B 255 19.53 26.11 -11.01
N ASP B 256 19.26 27.39 -10.84
CA ASP B 256 18.10 27.98 -11.49
C ASP B 256 18.35 29.45 -11.83
N ILE B 257 18.34 29.78 -13.14
CA ILE B 257 18.63 31.13 -13.62
C ILE B 257 17.34 31.73 -14.20
N HIS B 258 16.92 32.89 -13.72
CA HIS B 258 15.72 33.55 -14.22
C HIS B 258 16.15 34.94 -14.66
N CYS B 259 15.51 35.44 -15.72
CA CYS B 259 15.84 36.77 -16.25
C CYS B 259 14.65 37.30 -17.04
N ASP B 260 13.88 38.19 -16.41
CA ASP B 260 12.71 38.73 -17.05
C ASP B 260 12.98 40.20 -17.29
N VAL B 261 12.66 40.66 -18.50
CA VAL B 261 12.92 42.05 -18.86
C VAL B 261 11.58 42.69 -19.19
N THR B 262 11.18 43.65 -18.37
CA THR B 262 9.97 44.43 -18.64
C THR B 262 10.21 45.68 -19.46
N GLY B 263 9.60 45.76 -20.64
CA GLY B 263 9.73 46.95 -21.47
C GLY B 263 8.50 47.85 -21.36
N GLU B 264 8.55 48.97 -22.04
CA GLU B 264 7.37 49.83 -22.22
C GLU B 264 6.09 49.15 -22.68
N LYS B 265 6.20 48.06 -23.45
CA LYS B 265 4.93 47.47 -23.91
C LYS B 265 4.86 45.95 -23.87
N GLY B 266 5.84 45.32 -23.23
CA GLY B 266 5.74 43.89 -23.06
C GLY B 266 6.77 43.37 -22.12
N MSE B 267 6.79 42.07 -21.91
CA MSE B 267 7.84 41.48 -21.09
C MSE B 267 8.45 40.32 -21.86
O MSE B 267 7.74 39.59 -22.48
CB MSE B 267 7.27 41.00 -19.76
CG MSE B 267 8.31 40.54 -18.78
SE MSE B 267 7.53 39.36 -17.44
CE MSE B 267 6.29 40.60 -16.57
N ALA B 268 9.78 40.18 -21.80
CA ALA B 268 10.49 39.00 -22.31
C ALA B 268 11.17 38.17 -21.17
N GLU B 269 11.12 36.84 -21.29
CA GLU B 269 11.51 35.89 -20.22
C GLU B 269 12.55 34.95 -20.83
N LEU B 270 13.71 34.82 -20.17
CA LEU B 270 14.74 33.83 -20.52
C LEU B 270 14.13 32.42 -20.38
N PRO B 271 14.34 31.54 -21.37
CA PRO B 271 13.82 30.19 -21.09
C PRO B 271 14.74 29.44 -20.08
N THR B 272 14.39 28.22 -19.70
CA THR B 272 15.32 27.42 -18.94
C THR B 272 15.58 26.12 -19.73
N VAL B 273 16.23 25.13 -19.12
CA VAL B 273 16.58 23.89 -19.80
C VAL B 273 15.32 23.03 -19.91
N ALA B 274 15.04 22.64 -21.14
CA ALA B 274 13.86 21.85 -21.45
C ALA B 274 14.02 20.49 -20.75
N SER B 275 12.92 20.01 -20.24
CA SER B 275 12.88 18.71 -19.63
C SER B 275 11.59 17.95 -20.00
N ALA B 276 11.68 16.62 -20.08
CA ALA B 276 10.49 15.78 -20.25
C ALA B 276 9.55 16.04 -19.05
N ALA B 277 8.23 15.99 -19.23
CA ALA B 277 7.28 16.26 -18.14
C ALA B 277 6.62 14.99 -17.73
N VAL B 278 6.40 14.82 -16.41
CA VAL B 278 5.72 13.61 -15.90
C VAL B 278 4.41 13.93 -15.18
N ARG B 279 3.38 13.16 -15.48
CA ARG B 279 2.15 13.17 -14.66
C ARG B 279 2.17 11.91 -13.80
N LYS B 280 2.11 12.08 -12.50
CA LYS B 280 2.16 10.94 -11.59
C LYS B 280 1.69 11.34 -10.20
N ALA B 281 0.99 10.43 -9.51
CA ALA B 281 0.60 10.70 -8.11
C ALA B 281 0.11 12.14 -7.89
N ALA B 282 -0.78 12.60 -8.76
CA ALA B 282 -1.43 13.94 -8.57
C ALA B 282 -0.53 15.14 -8.76
N LYS B 283 0.62 14.95 -9.42
CA LYS B 283 1.56 16.03 -9.69
C LYS B 283 1.97 16.02 -11.17
N TYR B 284 2.10 17.20 -11.74
CA TYR B 284 2.68 17.43 -13.08
C TYR B 284 4.00 18.06 -12.83
N SER B 285 5.06 17.48 -13.31
CA SER B 285 6.33 18.03 -12.89
C SER B 285 7.36 17.95 -14.00
N THR B 286 8.31 18.88 -14.00
CA THR B 286 9.55 18.74 -14.75
C THR B 286 10.83 18.80 -13.85
N ASP B 287 11.99 18.47 -14.46
CA ASP B 287 13.28 18.55 -13.73
C ASP B 287 13.86 19.96 -13.65
N ILE B 288 14.50 20.24 -12.52
CA ILE B 288 15.38 21.40 -12.37
C ILE B 288 16.83 20.85 -12.26
N LEU B 289 17.72 21.42 -13.06
CA LEU B 289 19.13 21.10 -12.98
C LEU B 289 19.65 21.23 -11.54
N VAL B 290 20.56 20.36 -11.18
CA VAL B 290 21.15 20.44 -9.86
C VAL B 290 22.62 20.88 -10.02
N ASP B 291 23.30 20.33 -11.03
CA ASP B 291 24.74 20.57 -11.26
C ASP B 291 24.96 21.89 -11.99
N TRP B 292 25.50 22.88 -11.31
CA TRP B 292 25.68 24.19 -11.93
C TRP B 292 26.42 24.14 -13.28
N LYS B 293 27.41 23.25 -13.40
CA LYS B 293 28.19 23.12 -14.66
C LYS B 293 27.39 22.76 -15.89
N GLN B 294 26.20 22.19 -15.70
CA GLN B 294 25.42 21.78 -16.86
C GLN B 294 24.61 22.91 -17.51
N ARG B 295 24.53 24.06 -16.85
CA ARG B 295 23.56 25.05 -17.32
C ARG B 295 24.03 25.75 -18.61
N PHE B 296 25.30 26.09 -18.67
CA PHE B 296 25.85 26.86 -19.79
C PHE B 296 26.97 26.09 -20.44
N ILE B 297 26.96 24.79 -20.19
CA ILE B 297 27.99 23.93 -20.73
C ILE B 297 28.16 24.14 -22.24
N ASP B 298 27.08 24.40 -22.98
CA ASP B 298 27.27 24.53 -24.43
C ASP B 298 27.92 25.85 -24.84
N ALA B 299 27.65 26.91 -24.06
CA ALA B 299 28.23 28.23 -24.30
C ALA B 299 29.76 28.18 -24.31
N TYR B 300 30.39 27.23 -23.61
CA TYR B 300 31.87 27.20 -23.65
C TYR B 300 32.37 26.90 -25.03
N ASP B 301 31.80 25.88 -25.66
CA ASP B 301 32.25 25.47 -27.00
C ASP B 301 32.01 26.58 -28.00
N ILE B 302 30.83 27.19 -27.87
CA ILE B 302 30.40 28.26 -28.74
C ILE B 302 31.24 29.54 -28.60
N GLU B 303 31.55 29.95 -27.37
CA GLU B 303 32.36 31.17 -27.20
C GLU B 303 33.74 30.98 -27.84
N PHE B 304 34.32 29.78 -27.68
CA PHE B 304 35.64 29.47 -28.23
C PHE B 304 35.60 29.28 -29.75
N GLN B 305 34.50 28.71 -30.24
CA GLN B 305 34.36 28.50 -31.67
C GLN B 305 34.22 29.85 -32.36
N ASP B 306 33.53 30.78 -31.70
CA ASP B 306 33.40 32.14 -32.23
C ASP B 306 34.73 32.85 -32.29
N PHE B 307 35.44 32.76 -31.18
CA PHE B 307 36.72 33.42 -30.98
C PHE B 307 37.68 32.98 -32.09
N PHE B 308 37.93 31.66 -32.17
CA PHE B 308 38.88 31.08 -33.12
C PHE B 308 38.48 31.23 -34.57
N ASP B 309 37.18 31.13 -34.84
CA ASP B 309 36.65 31.51 -36.15
C ASP B 309 37.05 32.92 -36.54
N ARG B 310 36.67 33.93 -35.74
CA ARG B 310 37.05 35.33 -35.97
C ARG B 310 38.55 35.45 -36.24
N LEU B 311 39.35 35.00 -35.28
CA LEU B 311 40.80 35.06 -35.42
C LEU B 311 41.26 34.39 -36.69
N ASN B 312 40.80 33.16 -36.94
CA ASN B 312 41.23 32.41 -38.11
C ASN B 312 40.90 33.16 -39.40
N ALA B 313 39.84 33.95 -39.38
CA ALA B 313 39.51 34.83 -40.51
C ALA B 313 40.23 36.20 -40.50
N GLY B 314 41.25 36.34 -39.65
CA GLY B 314 41.99 37.61 -39.50
C GLY B 314 41.10 38.74 -38.99
N LEU B 315 40.17 38.42 -38.09
CA LEU B 315 39.28 39.41 -37.49
C LEU B 315 39.55 39.55 -35.99
N PRO B 316 39.26 40.74 -35.43
CA PRO B 316 39.43 40.87 -34.00
C PRO B 316 38.37 40.03 -33.27
N PRO B 317 38.66 39.62 -32.03
CA PRO B 317 37.63 38.95 -31.24
C PRO B 317 36.39 39.82 -31.15
N ALA B 318 35.21 39.20 -31.09
CA ALA B 318 33.97 39.96 -30.91
C ALA B 318 33.25 39.66 -29.60
N GLY B 319 33.84 38.81 -28.76
CA GLY B 319 33.27 38.57 -27.41
C GLY B 319 33.49 39.74 -26.45
N PRO B 320 33.20 39.51 -25.15
CA PRO B 320 33.48 40.51 -24.10
C PRO B 320 34.94 40.96 -24.17
N THR B 321 35.17 42.26 -23.98
CA THR B 321 36.50 42.86 -24.20
C THR B 321 37.15 43.13 -22.85
N SER B 322 38.42 43.53 -22.88
CA SER B 322 39.08 44.03 -21.65
C SER B 322 38.26 45.12 -20.94
N TRP B 323 37.56 45.94 -21.71
CA TRP B 323 36.78 47.01 -21.15
C TRP B 323 35.55 46.44 -20.40
N ASP B 324 34.93 45.39 -20.93
CA ASP B 324 33.83 44.69 -20.26
C ASP B 324 34.26 44.07 -18.95
N GLY B 325 35.49 43.54 -18.91
CA GLY B 325 36.08 43.00 -17.67
C GLY B 325 36.34 44.10 -16.65
N TYR B 326 36.87 45.24 -17.12
CA TYR B 326 37.00 46.43 -16.29
C TYR B 326 35.64 46.89 -15.72
N LEU B 327 34.61 46.97 -16.57
CA LEU B 327 33.29 47.40 -16.04
C LEU B 327 32.76 46.44 -14.99
N ALA B 328 32.90 45.14 -15.27
CA ALA B 328 32.45 44.09 -14.31
C ALA B 328 33.12 44.28 -12.94
N ALA B 329 34.45 44.44 -12.98
CA ALA B 329 35.26 44.67 -11.79
C ALA B 329 34.82 45.90 -10.96
N VAL B 330 34.64 47.06 -11.60
CA VAL B 330 34.23 48.25 -10.89
C VAL B 330 32.85 48.11 -10.23
N THR B 331 31.92 47.50 -10.96
CA THR B 331 30.53 47.32 -10.48
C THR B 331 30.52 46.35 -9.33
N ALA B 332 31.24 45.23 -9.47
CA ALA B 332 31.36 44.20 -8.40
C ALA B 332 31.97 44.75 -7.10
N ASP B 333 33.09 45.44 -7.24
CA ASP B 333 33.63 46.26 -6.18
C ASP B 333 32.61 47.10 -5.45
N ALA B 334 31.79 47.83 -6.19
CA ALA B 334 30.77 48.64 -5.55
C ALA B 334 29.71 47.75 -4.84
N CYS B 335 29.38 46.59 -5.41
CA CYS B 335 28.47 45.66 -4.73
C CYS B 335 29.00 45.19 -3.37
N VAL B 336 30.28 44.80 -3.36
CA VAL B 336 30.96 44.29 -2.17
C VAL B 336 31.06 45.43 -1.15
N LYS B 337 31.27 46.65 -1.63
CA LYS B 337 31.34 47.81 -0.76
C LYS B 337 29.97 48.07 -0.16
N SER B 338 28.92 47.92 -0.96
CA SER B 338 27.53 47.97 -0.42
C SER B 338 27.22 46.89 0.67
N GLN B 339 27.68 45.66 0.47
CA GLN B 339 27.55 44.62 1.51
C GLN B 339 28.14 45.10 2.81
N GLU B 340 29.33 45.71 2.72
CA GLU B 340 30.07 46.14 3.90
C GLU B 340 29.44 47.34 4.58
N THR B 341 29.04 48.34 3.81
CA THR B 341 28.63 49.62 4.38
C THR B 341 27.12 49.66 4.66
N GLY B 342 26.35 48.83 3.94
CA GLY B 342 24.88 48.81 4.03
C GLY B 342 24.20 49.99 3.34
N ASN B 343 24.95 50.73 2.53
CA ASN B 343 24.33 51.84 1.76
C ASN B 343 24.33 51.53 0.28
N THR B 344 23.54 52.32 -0.45
CA THR B 344 23.69 52.41 -1.90
C THR B 344 25.09 52.95 -2.25
N GLU B 345 25.77 52.31 -3.21
CA GLU B 345 27.06 52.78 -3.66
C GLU B 345 27.03 53.21 -5.11
N ILE B 346 27.88 54.19 -5.46
CA ILE B 346 27.89 54.78 -6.80
C ILE B 346 28.91 54.01 -7.63
N VAL B 347 28.64 53.80 -8.92
CA VAL B 347 29.60 53.13 -9.81
C VAL B 347 30.27 54.27 -10.58
N GLU B 348 31.57 54.44 -10.38
CA GLU B 348 32.24 55.57 -10.99
C GLU B 348 33.06 55.08 -12.14
N LEU B 349 32.70 55.55 -13.33
CA LEU B 349 33.29 55.06 -14.57
C LEU B 349 34.02 56.17 -15.31
N PRO B 350 35.20 55.87 -15.87
CA PRO B 350 35.80 56.88 -16.75
C PRO B 350 35.15 56.77 -18.13
N SER B 351 35.61 57.58 -19.09
CA SER B 351 35.06 57.52 -20.44
C SER B 351 35.54 56.25 -21.09
N LYS B 352 34.64 55.58 -21.80
CA LYS B 352 35.03 54.40 -22.55
C LYS B 352 36.04 54.81 -23.64
N PRO B 353 37.25 54.21 -23.67
CA PRO B 353 38.14 54.61 -24.76
C PRO B 353 37.57 54.20 -26.12
N ASP B 354 37.95 54.91 -27.16
CA ASP B 354 37.48 54.59 -28.52
C ASP B 354 37.98 53.23 -28.99
N PHE B 355 39.11 52.81 -28.45
CA PHE B 355 39.65 51.46 -28.70
C PHE B 355 38.56 50.38 -28.55
N TYR B 356 37.62 50.57 -27.64
CA TYR B 356 36.68 49.52 -27.33
C TYR B 356 35.28 49.66 -27.93
N LYS B 357 35.10 50.55 -28.91
CA LYS B 357 33.73 50.80 -29.43
C LYS B 357 33.26 49.89 -30.59
N THR C 23 41.91 7.45 -33.33
CA THR C 23 41.47 8.32 -34.45
C THR C 23 41.26 7.55 -35.76
N LEU C 24 40.00 7.34 -36.14
CA LEU C 24 39.70 6.55 -37.32
C LEU C 24 39.59 7.37 -38.60
N LYS C 25 40.02 6.77 -39.71
CA LYS C 25 40.01 7.39 -41.03
C LYS C 25 38.74 6.99 -41.79
N ALA C 26 37.97 7.99 -42.20
CA ALA C 26 36.66 7.79 -42.83
C ALA C 26 36.60 8.21 -44.28
N GLY C 27 35.81 7.48 -45.06
CA GLY C 27 35.42 7.91 -46.39
C GLY C 27 33.91 8.07 -46.54
N ILE C 28 33.46 9.29 -46.88
CA ILE C 28 32.07 9.59 -47.12
C ILE C 28 31.64 9.32 -48.56
N VAL C 29 30.62 8.47 -48.73
CA VAL C 29 30.02 8.20 -50.05
C VAL C 29 28.72 9.01 -50.22
N GLY C 30 28.77 10.00 -51.11
CA GLY C 30 27.64 10.85 -51.46
C GLY C 30 27.62 12.23 -50.84
N ILE C 31 28.14 13.20 -51.57
CA ILE C 31 28.20 14.58 -51.08
C ILE C 31 27.02 15.46 -51.58
N GLY C 32 25.80 15.14 -51.11
CA GLY C 32 24.59 15.93 -51.40
C GLY C 32 24.21 16.84 -50.24
N MSE C 33 22.91 17.10 -50.04
CA MSE C 33 22.53 18.07 -48.99
C MSE C 33 23.07 17.63 -47.63
O MSE C 33 23.75 18.41 -46.96
CB MSE C 33 21.01 18.36 -48.92
CG MSE C 33 20.23 17.55 -47.86
SE MSE C 33 19.94 18.17 -45.96
CE MSE C 33 21.19 19.68 -45.80
N ILE C 34 22.80 16.38 -47.25
CA ILE C 34 23.24 15.85 -45.95
C ILE C 34 24.74 15.47 -45.99
N GLY C 35 25.20 15.00 -47.16
CA GLY C 35 26.60 14.64 -47.32
C GLY C 35 27.56 15.75 -46.94
N SER C 36 27.31 16.97 -47.40
CA SER C 36 28.23 18.08 -47.15
C SER C 36 28.21 18.45 -45.68
N ASP C 37 27.01 18.46 -45.09
CA ASP C 37 26.89 18.72 -43.65
C ASP C 37 27.59 17.69 -42.80
N HIS C 38 27.49 16.42 -43.21
CA HIS C 38 28.23 15.37 -42.51
C HIS C 38 29.72 15.48 -42.72
N LEU C 39 30.11 15.91 -43.93
CA LEU C 39 31.51 16.20 -44.25
C LEU C 39 32.07 17.30 -43.33
N ARG C 40 31.35 18.42 -43.19
CA ARG C 40 31.76 19.53 -42.32
C ARG C 40 31.79 19.07 -40.87
N ARG C 41 30.79 18.28 -40.51
CA ARG C 41 30.60 17.78 -39.16
C ARG C 41 31.75 16.81 -38.76
N LEU C 42 32.00 15.77 -39.55
CA LEU C 42 33.06 14.81 -39.24
C LEU C 42 34.47 15.42 -39.24
N ALA C 43 34.69 16.41 -40.09
CA ALA C 43 36.02 17.05 -40.12
C ALA C 43 36.20 18.02 -38.94
N ASN C 44 35.12 18.69 -38.53
CA ASN C 44 35.26 19.82 -37.60
C ASN C 44 34.74 19.61 -36.18
N THR C 45 33.60 18.93 -36.05
CA THR C 45 32.93 18.81 -34.77
C THR C 45 33.19 17.47 -34.06
N VAL C 46 33.57 16.43 -34.81
CA VAL C 46 33.70 15.09 -34.21
C VAL C 46 35.15 14.68 -33.99
N SER C 47 35.48 14.35 -32.73
CA SER C 47 36.83 13.88 -32.40
C SER C 47 36.94 12.36 -32.55
N GLY C 48 38.15 11.90 -32.90
CA GLY C 48 38.42 10.48 -33.15
C GLY C 48 38.15 10.08 -34.58
N VAL C 49 38.02 11.06 -35.46
CA VAL C 49 37.83 10.84 -36.89
C VAL C 49 38.38 11.98 -37.74
N GLU C 50 38.90 11.62 -38.92
CA GLU C 50 39.35 12.56 -39.95
C GLU C 50 38.90 11.98 -41.31
N VAL C 51 38.44 12.85 -42.21
CA VAL C 51 37.93 12.42 -43.51
C VAL C 51 39.06 12.25 -44.54
N VAL C 52 39.29 11.02 -44.99
CA VAL C 52 40.43 10.76 -45.86
C VAL C 52 40.09 10.66 -47.36
N ALA C 53 38.80 10.45 -47.64
CA ALA C 53 38.31 10.39 -49.02
C ALA C 53 36.83 10.81 -49.08
N VAL C 54 36.44 11.30 -50.26
CA VAL C 54 35.05 11.65 -50.57
C VAL C 54 34.66 11.09 -51.94
N CYS C 55 33.36 11.10 -52.23
CA CYS C 55 32.84 10.45 -53.42
C CYS C 55 31.42 10.89 -53.78
N ASP C 56 31.24 11.29 -55.04
CA ASP C 56 29.93 11.48 -55.65
C ASP C 56 29.95 11.22 -57.16
N ILE C 57 28.83 10.75 -57.70
CA ILE C 57 28.70 10.45 -59.13
C ILE C 57 28.44 11.68 -60.02
N VAL C 58 28.02 12.78 -59.40
CA VAL C 58 27.95 14.07 -60.11
C VAL C 58 29.31 14.74 -60.00
N ALA C 59 30.09 14.67 -61.09
CA ALA C 59 31.44 15.27 -61.13
C ALA C 59 31.44 16.71 -60.64
N GLY C 60 32.47 17.06 -59.88
CA GLY C 60 32.58 18.39 -59.27
C GLY C 60 32.04 18.41 -57.86
N ARG C 61 30.82 17.89 -57.71
CA ARG C 61 30.11 17.92 -56.43
C ARG C 61 31.02 17.68 -55.21
N ALA C 62 31.64 16.51 -55.16
CA ALA C 62 32.50 16.15 -54.03
C ALA C 62 33.64 17.16 -53.78
N GLN C 63 34.26 17.62 -54.86
CA GLN C 63 35.36 18.58 -54.78
C GLN C 63 34.87 19.97 -54.35
N ALA C 64 33.71 20.36 -54.87
CA ALA C 64 33.12 21.64 -54.56
C ALA C 64 32.98 21.75 -53.05
N ALA C 65 32.36 20.74 -52.44
CA ALA C 65 32.19 20.69 -50.97
C ALA C 65 33.52 20.67 -50.23
N LEU C 66 34.50 19.90 -50.75
CA LEU C 66 35.86 19.91 -50.21
C LEU C 66 36.36 21.36 -50.18
N ASP C 67 36.37 21.98 -51.36
CA ASP C 67 36.83 23.35 -51.54
C ASP C 67 36.08 24.33 -50.64
N LYS C 68 34.75 24.22 -50.59
CA LYS C 68 33.92 25.08 -49.75
C LYS C 68 34.34 25.09 -48.28
N TYR C 69 34.69 23.91 -47.76
CA TYR C 69 35.06 23.80 -46.35
C TYR C 69 36.58 23.71 -46.13
N ALA C 70 37.35 23.95 -47.20
CA ALA C 70 38.80 23.85 -47.16
C ALA C 70 39.24 22.51 -46.54
N ILE C 71 38.71 21.42 -47.11
CA ILE C 71 38.99 20.07 -46.65
C ILE C 71 39.81 19.29 -47.68
N GLU C 72 40.92 18.73 -47.22
CA GLU C 72 41.76 17.92 -48.07
C GLU C 72 41.40 16.44 -47.90
N ALA C 73 40.79 15.89 -48.93
CA ALA C 73 40.48 14.46 -48.99
C ALA C 73 40.72 13.96 -50.42
N LYS C 74 40.95 12.66 -50.54
CA LYS C 74 41.06 12.04 -51.86
C LYS C 74 39.67 11.91 -52.48
N ASP C 75 39.52 12.47 -53.68
CA ASP C 75 38.27 12.43 -54.42
C ASP C 75 38.16 11.10 -55.15
N TYR C 76 36.95 10.57 -55.24
CA TYR C 76 36.66 9.38 -56.03
C TYR C 76 35.33 9.56 -56.73
N ASN C 77 35.29 9.22 -58.02
CA ASN C 77 34.03 9.24 -58.73
C ASN C 77 33.23 7.96 -58.51
N ASP C 78 33.93 6.84 -58.52
CA ASP C 78 33.34 5.54 -58.22
C ASP C 78 33.63 5.17 -56.78
N TYR C 79 32.61 4.66 -56.08
CA TYR C 79 32.72 4.42 -54.63
C TYR C 79 33.55 3.18 -54.29
N HIS C 80 33.64 2.24 -55.24
CA HIS C 80 34.44 1.03 -55.08
C HIS C 80 35.91 1.37 -54.78
N ASP C 81 36.42 2.44 -55.41
CA ASP C 81 37.79 2.92 -55.17
C ASP C 81 37.90 3.51 -53.75
N LEU C 82 36.90 4.31 -53.37
CA LEU C 82 36.85 4.84 -52.01
C LEU C 82 36.93 3.72 -50.96
N ILE C 83 36.20 2.63 -51.19
CA ILE C 83 36.19 1.49 -50.28
C ILE C 83 37.54 0.73 -50.28
N ASN C 84 38.10 0.51 -51.47
CA ASN C 84 39.37 -0.21 -51.59
C ASN C 84 40.56 0.55 -51.03
N ASP C 85 40.44 1.87 -51.00
CA ASP C 85 41.46 2.78 -50.46
C ASP C 85 41.88 2.33 -49.06
N LYS C 86 43.12 1.82 -48.98
CA LYS C 86 43.69 1.28 -47.75
C LYS C 86 43.72 2.27 -46.59
N ASP C 87 43.61 3.57 -46.89
CA ASP C 87 43.52 4.61 -45.87
C ASP C 87 42.13 4.64 -45.22
N VAL C 88 41.09 4.36 -46.00
CA VAL C 88 39.69 4.41 -45.51
C VAL C 88 39.37 3.20 -44.63
N GLU C 89 39.00 3.47 -43.37
CA GLU C 89 38.73 2.42 -42.39
C GLU C 89 37.24 2.34 -42.09
N VAL C 90 36.58 3.50 -42.12
CA VAL C 90 35.13 3.61 -41.88
C VAL C 90 34.48 4.20 -43.12
N VAL C 91 33.30 3.67 -43.47
CA VAL C 91 32.56 4.15 -44.63
C VAL C 91 31.25 4.83 -44.17
N ILE C 92 31.08 6.10 -44.52
CA ILE C 92 29.85 6.85 -44.21
C ILE C 92 29.01 6.98 -45.49
N ILE C 93 27.75 6.54 -45.42
CA ILE C 93 26.86 6.49 -46.59
C ILE C 93 25.79 7.58 -46.51
N THR C 94 25.92 8.55 -47.42
CA THR C 94 25.00 9.67 -47.45
C THR C 94 24.47 9.83 -48.87
N ALA C 95 24.55 8.74 -49.62
CA ALA C 95 24.05 8.68 -50.98
C ALA C 95 22.55 8.50 -50.99
N SER C 96 21.98 8.63 -52.19
CA SER C 96 20.55 8.43 -52.42
C SER C 96 20.13 7.01 -52.04
N ASN C 97 18.90 6.84 -51.57
CA ASN C 97 18.45 5.53 -51.08
C ASN C 97 18.82 4.33 -51.97
N GLU C 98 18.88 4.54 -53.29
CA GLU C 98 19.16 3.47 -54.27
C GLU C 98 20.57 2.92 -54.19
N ALA C 99 21.54 3.76 -53.86
CA ALA C 99 22.90 3.29 -53.72
C ALA C 99 23.19 2.64 -52.36
N HIS C 100 22.38 2.93 -51.33
CA HIS C 100 22.64 2.50 -49.93
C HIS C 100 23.11 1.06 -49.82
N ALA C 101 22.21 0.14 -50.11
CA ALA C 101 22.47 -1.30 -50.04
C ALA C 101 23.70 -1.73 -50.84
N ASP C 102 23.86 -1.19 -52.05
CA ASP C 102 25.02 -1.53 -52.89
C ASP C 102 26.33 -1.08 -52.22
N VAL C 103 26.32 0.12 -51.65
CA VAL C 103 27.51 0.71 -51.02
C VAL C 103 27.84 -0.02 -49.72
N ALA C 104 26.82 -0.19 -48.87
CA ALA C 104 26.91 -0.92 -47.61
C ALA C 104 27.53 -2.31 -47.78
N VAL C 105 26.96 -3.09 -48.71
CA VAL C 105 27.44 -4.45 -48.98
C VAL C 105 28.95 -4.46 -49.30
N ALA C 106 29.38 -3.59 -50.22
CA ALA C 106 30.79 -3.57 -50.63
C ALA C 106 31.72 -3.23 -49.46
N ALA C 107 31.38 -2.20 -48.68
CA ALA C 107 32.15 -1.82 -47.51
C ALA C 107 32.28 -2.99 -46.52
N LEU C 108 31.18 -3.69 -46.27
CA LEU C 108 31.19 -4.82 -45.34
C LEU C 108 32.01 -5.99 -45.87
N ASN C 109 31.89 -6.23 -47.17
CA ASN C 109 32.72 -7.24 -47.83
C ASN C 109 34.21 -6.88 -47.75
N ALA C 110 34.51 -5.57 -47.67
CA ALA C 110 35.88 -5.08 -47.52
C ALA C 110 36.32 -5.02 -46.06
N ASN C 111 35.44 -5.49 -45.16
CA ASN C 111 35.70 -5.52 -43.72
C ASN C 111 35.86 -4.11 -43.11
N LYS C 112 35.04 -3.18 -43.58
CA LYS C 112 35.06 -1.80 -43.09
C LYS C 112 33.75 -1.51 -42.41
N TYR C 113 33.82 -0.72 -41.35
CA TYR C 113 32.62 -0.27 -40.63
C TYR C 113 31.75 0.66 -41.48
N VAL C 114 30.44 0.68 -41.19
CA VAL C 114 29.49 1.45 -41.97
C VAL C 114 28.58 2.31 -41.11
N PHE C 115 28.61 3.61 -41.37
CA PHE C 115 27.57 4.47 -40.88
C PHE C 115 26.71 4.87 -42.07
N CYS C 116 25.45 4.44 -42.05
CA CYS C 116 24.51 4.68 -43.15
C CYS C 116 23.32 5.55 -42.72
N GLU C 117 23.04 6.57 -43.51
CA GLU C 117 21.89 7.40 -43.27
C GLU C 117 20.60 6.61 -43.45
N LYS C 118 19.59 6.98 -42.68
CA LYS C 118 18.27 6.37 -42.78
C LYS C 118 17.62 6.83 -44.10
N PRO C 119 16.78 5.96 -44.71
CA PRO C 119 16.55 4.59 -44.28
C PRO C 119 17.69 3.73 -44.77
N LEU C 120 17.87 2.56 -44.16
CA LEU C 120 18.88 1.61 -44.58
C LEU C 120 18.82 1.40 -46.09
N ALA C 121 17.66 1.01 -46.61
CA ALA C 121 17.51 0.81 -48.06
C ALA C 121 16.06 1.03 -48.50
N VAL C 122 15.87 1.16 -49.81
CA VAL C 122 14.55 1.35 -50.42
C VAL C 122 13.58 0.20 -50.04
N THR C 123 14.03 -1.06 -50.17
CA THR C 123 13.21 -2.27 -49.89
C THR C 123 13.68 -3.15 -48.72
N ALA C 124 12.75 -3.93 -48.18
CA ALA C 124 13.03 -4.91 -47.14
C ALA C 124 14.10 -5.91 -47.60
N ALA C 125 14.01 -6.34 -48.84
CA ALA C 125 15.00 -7.28 -49.38
C ALA C 125 16.42 -6.70 -49.45
N ASP C 126 16.55 -5.38 -49.56
CA ASP C 126 17.88 -4.77 -49.65
C ASP C 126 18.52 -4.78 -48.27
N CYS C 127 17.66 -4.61 -47.26
CA CYS C 127 18.03 -4.70 -45.86
C CYS C 127 18.53 -6.09 -45.50
N GLN C 128 17.86 -7.10 -46.03
CA GLN C 128 18.29 -8.48 -45.92
C GLN C 128 19.71 -8.67 -46.51
N ARG C 129 19.99 -8.00 -47.64
CA ARG C 129 21.30 -8.09 -48.31
C ARG C 129 22.46 -7.54 -47.45
N VAL C 130 22.21 -6.39 -46.81
CA VAL C 130 23.15 -5.78 -45.87
C VAL C 130 23.36 -6.70 -44.66
N ILE C 131 22.26 -7.16 -44.07
CA ILE C 131 22.29 -8.07 -42.91
C ILE C 131 23.19 -9.30 -43.16
N GLU C 132 23.06 -9.93 -44.32
CA GLU C 132 23.85 -11.11 -44.65
C GLU C 132 25.33 -10.79 -44.85
N ALA C 133 25.59 -9.64 -45.47
CA ALA C 133 26.94 -9.13 -45.61
C ALA C 133 27.52 -8.82 -44.23
N GLU C 134 26.72 -8.27 -43.33
CA GLU C 134 27.21 -7.94 -41.99
C GLU C 134 27.49 -9.22 -41.20
N GLN C 135 26.58 -10.17 -41.30
CA GLN C 135 26.71 -11.43 -40.59
C GLN C 135 27.94 -12.22 -41.08
N LYS C 136 28.25 -12.09 -42.37
CA LYS C 136 29.44 -12.71 -42.96
C LYS C 136 30.74 -12.17 -42.35
N ASN C 137 30.68 -10.96 -41.81
CA ASN C 137 31.79 -10.41 -41.04
C ASN C 137 31.79 -10.90 -39.60
N GLY C 138 30.72 -11.57 -39.19
CA GLY C 138 30.62 -12.10 -37.83
C GLY C 138 30.94 -11.07 -36.76
N LYS C 139 30.76 -9.80 -37.10
CA LYS C 139 31.05 -8.70 -36.20
C LYS C 139 30.01 -7.58 -36.46
N ARG C 140 29.31 -7.13 -35.42
CA ARG C 140 28.40 -6.00 -35.58
C ARG C 140 29.16 -4.77 -36.02
N MSE C 141 28.82 -4.28 -37.20
CA MSE C 141 29.65 -3.28 -37.87
C MSE C 141 28.94 -2.08 -38.49
O MSE C 141 29.61 -1.16 -39.00
CB MSE C 141 30.48 -3.97 -38.94
CG MSE C 141 31.58 -4.84 -38.39
SE MSE C 141 32.59 -5.45 -39.89
CE MSE C 141 33.73 -3.89 -40.12
N VAL C 142 27.60 -2.08 -38.46
CA VAL C 142 26.77 -1.09 -39.14
C VAL C 142 25.96 -0.28 -38.14
N GLN C 143 25.97 1.04 -38.29
CA GLN C 143 24.98 1.87 -37.59
C GLN C 143 24.13 2.66 -38.60
N ILE C 144 22.83 2.80 -38.29
CA ILE C 144 21.91 3.62 -39.09
C ILE C 144 21.59 5.00 -38.47
N GLY C 145 21.53 6.05 -39.32
CA GLY C 145 21.39 7.43 -38.88
C GLY C 145 20.01 7.83 -38.40
N PHE C 146 19.31 6.96 -37.68
CA PHE C 146 18.10 7.38 -36.91
C PHE C 146 18.45 8.28 -35.71
N MSE C 147 18.70 9.57 -35.96
CA MSE C 147 19.31 10.47 -34.95
C MSE C 147 18.48 10.72 -33.70
O MSE C 147 19.06 11.06 -32.67
CB MSE C 147 19.77 11.82 -35.52
CG MSE C 147 18.66 12.84 -35.83
SE MSE C 147 17.50 12.15 -37.24
CE MSE C 147 16.54 13.79 -37.72
N ARG C 148 17.15 10.59 -33.81
CA ARG C 148 16.27 10.90 -32.66
C ARG C 148 16.68 10.15 -31.42
N ARG C 149 17.21 8.94 -31.58
CA ARG C 149 17.60 8.20 -30.39
C ARG C 149 18.69 8.93 -29.60
N TYR C 150 19.44 9.82 -30.26
CA TYR C 150 20.48 10.61 -29.61
C TYR C 150 20.07 12.03 -29.15
N ASP C 151 18.81 12.40 -29.38
CA ASP C 151 18.32 13.70 -28.94
C ASP C 151 18.07 13.65 -27.42
N LYS C 152 18.50 14.71 -26.74
CA LYS C 152 18.61 14.71 -25.31
C LYS C 152 17.24 14.53 -24.71
N GLY C 153 16.23 15.03 -25.37
CA GLY C 153 14.86 14.97 -24.83
C GLY C 153 14.39 13.54 -24.99
N TYR C 154 14.76 12.86 -26.08
CA TYR C 154 14.36 11.44 -26.22
C TYR C 154 15.12 10.50 -25.26
N VAL C 155 16.38 10.78 -25.01
CA VAL C 155 17.14 10.01 -24.04
C VAL C 155 16.53 10.17 -22.63
N GLN C 156 16.17 11.39 -22.27
CA GLN C 156 15.43 11.61 -21.03
C GLN C 156 14.09 10.84 -20.92
N LEU C 157 13.23 10.99 -21.92
CA LEU C 157 11.98 10.22 -22.02
C LEU C 157 12.24 8.69 -21.92
N LYS C 158 13.25 8.20 -22.61
CA LYS C 158 13.56 6.80 -22.49
C LYS C 158 13.91 6.36 -21.08
N ASN C 159 14.83 7.12 -20.45
CA ASN C 159 15.26 6.86 -19.09
C ASN C 159 14.02 6.88 -18.16
N ILE C 160 13.08 7.80 -18.38
CA ILE C 160 11.91 7.88 -17.49
C ILE C 160 11.08 6.59 -17.66
N ILE C 161 10.94 6.15 -18.92
CA ILE C 161 10.16 4.97 -19.20
C ILE C 161 10.77 3.74 -18.59
N ASP C 162 12.05 3.52 -18.91
CA ASP C 162 12.83 2.43 -18.35
C ASP C 162 12.95 2.40 -16.79
N SER C 163 12.89 3.55 -16.12
CA SER C 163 13.02 3.56 -14.67
C SER C 163 11.79 2.96 -13.95
N GLY C 164 10.67 2.92 -14.67
CA GLY C 164 9.36 2.41 -14.14
C GLY C 164 8.49 3.45 -13.46
N GLU C 165 8.91 4.71 -13.56
CA GLU C 165 8.16 5.84 -13.00
C GLU C 165 6.71 5.89 -13.38
N ILE C 166 6.43 5.56 -14.65
CA ILE C 166 5.05 5.63 -15.10
C ILE C 166 4.43 4.23 -15.23
N GLY C 167 5.17 3.21 -14.79
CA GLY C 167 4.76 1.81 -14.97
C GLY C 167 4.93 1.35 -16.43
N GLN C 168 4.32 0.22 -16.77
CA GLN C 168 4.37 -0.34 -18.14
C GLN C 168 3.61 0.55 -19.15
N PRO C 169 4.28 0.93 -20.24
CA PRO C 169 3.57 1.76 -21.22
C PRO C 169 2.36 1.02 -21.85
N LEU C 170 1.25 1.69 -22.00
CA LEU C 170 0.10 1.05 -22.63
C LEU C 170 -0.44 1.81 -23.84
N MSE C 171 -0.34 3.16 -23.82
CA MSE C 171 -0.76 3.99 -24.94
C MSE C 171 0.27 5.03 -25.28
O MSE C 171 0.94 5.57 -24.42
CB MSE C 171 -2.10 4.69 -24.67
CG MSE C 171 -3.27 3.78 -24.90
SE MSE C 171 -4.93 4.65 -24.28
CE MSE C 171 -6.14 3.25 -24.68
N VAL C 172 0.39 5.31 -26.55
CA VAL C 172 1.27 6.39 -26.99
C VAL C 172 0.50 7.29 -27.94
N HIS C 173 0.65 8.59 -27.74
CA HIS C 173 0.22 9.54 -28.73
C HIS C 173 1.34 10.38 -29.35
N GLY C 174 1.52 10.34 -30.66
CA GLY C 174 2.61 11.10 -31.29
C GLY C 174 2.07 12.07 -32.31
N ARG C 175 2.87 13.12 -32.64
CA ARG C 175 2.62 14.02 -33.77
C ARG C 175 3.93 14.29 -34.50
N HIS C 176 3.91 14.15 -35.82
CA HIS C 176 5.00 14.62 -36.66
C HIS C 176 4.35 15.69 -37.62
N TYR C 177 4.46 16.97 -37.25
CA TYR C 177 3.94 18.09 -38.08
C TYR C 177 5.07 18.86 -38.78
N ASN C 178 4.78 19.38 -39.99
CA ASN C 178 5.72 20.16 -40.81
C ASN C 178 4.89 21.26 -41.51
N ALA C 179 5.49 22.44 -41.78
CA ALA C 179 4.71 23.60 -42.27
C ALA C 179 4.09 23.39 -43.64
N SER C 180 4.93 23.05 -44.61
CA SER C 180 4.50 22.72 -45.98
C SER C 180 5.48 21.83 -46.72
N THR C 181 4.98 21.19 -47.78
CA THR C 181 5.84 20.34 -48.60
C THR C 181 5.83 20.86 -50.02
N VAL C 182 6.88 20.57 -50.77
CA VAL C 182 6.90 20.91 -52.16
C VAL C 182 6.00 19.95 -52.98
N PRO C 183 5.61 20.38 -54.19
CA PRO C 183 4.78 19.55 -55.07
C PRO C 183 5.27 18.11 -55.24
N GLU C 184 6.58 17.89 -55.24
CA GLU C 184 7.14 16.55 -55.46
C GLU C 184 6.94 15.54 -54.33
N TYR C 185 6.55 16.02 -53.15
CA TYR C 185 6.37 15.17 -51.99
C TYR C 185 5.00 14.46 -52.09
N LYS C 186 5.02 13.13 -52.15
CA LYS C 186 3.86 12.33 -52.47
C LYS C 186 3.41 11.59 -51.21
N THR C 187 2.15 11.16 -51.24
CA THR C 187 1.55 10.33 -50.19
C THR C 187 2.49 9.23 -49.59
N PRO C 188 3.17 8.40 -50.45
CA PRO C 188 4.00 7.40 -49.76
C PRO C 188 5.12 8.01 -48.87
N GLN C 189 5.65 9.17 -49.26
CA GLN C 189 6.65 9.90 -48.45
C GLN C 189 6.23 10.30 -47.01
N ALA C 190 4.94 10.40 -46.77
CA ALA C 190 4.46 10.62 -45.41
C ALA C 190 4.98 9.48 -44.51
N ILE C 191 5.03 8.27 -45.04
CA ILE C 191 5.55 7.14 -44.30
C ILE C 191 7.06 7.06 -44.49
N TYR C 192 7.51 6.99 -45.74
CA TYR C 192 8.92 6.68 -46.04
C TYR C 192 9.94 7.68 -45.56
N GLU C 193 9.58 8.96 -45.62
CA GLU C 193 10.50 10.04 -45.33
C GLU C 193 10.24 10.55 -43.92
N THR C 194 8.97 10.56 -43.50
CA THR C 194 8.56 11.31 -42.32
C THR C 194 8.25 10.37 -41.14
N LEU C 195 7.23 9.54 -41.28
CA LEU C 195 6.86 8.63 -40.18
C LEU C 195 7.99 7.63 -39.90
N ILE C 196 8.87 7.38 -40.89
CA ILE C 196 9.95 6.44 -40.66
C ILE C 196 10.64 6.73 -39.29
N HIS C 197 10.84 8.00 -38.95
CA HIS C 197 11.45 8.36 -37.69
C HIS C 197 10.70 7.85 -36.46
N GLU C 198 9.40 8.08 -36.39
CA GLU C 198 8.56 7.47 -35.36
C GLU C 198 8.56 5.94 -35.36
N ILE C 199 8.53 5.33 -36.55
CA ILE C 199 8.58 3.88 -36.64
C ILE C 199 9.79 3.34 -35.88
N ASP C 200 10.92 4.05 -36.00
CA ASP C 200 12.13 3.61 -35.33
C ASP C 200 12.15 4.02 -33.87
N VAL C 201 11.76 5.26 -33.56
CA VAL C 201 11.92 5.76 -32.19
C VAL C 201 10.92 5.13 -31.19
N MSE C 202 9.68 4.90 -31.65
CA MSE C 202 8.69 4.26 -30.80
C MSE C 202 9.14 2.84 -30.42
O MSE C 202 9.06 2.42 -29.26
CB MSE C 202 7.31 4.24 -31.45
CG MSE C 202 6.67 5.63 -31.78
SE MSE C 202 6.78 7.00 -30.33
CE MSE C 202 5.30 8.17 -30.99
N HIS C 203 9.63 2.11 -31.41
CA HIS C 203 10.10 0.74 -31.24
C HIS C 203 11.25 0.70 -30.22
N TRP C 204 12.19 1.63 -30.35
CA TRP C 204 13.29 1.80 -29.39
C TRP C 204 12.78 2.20 -27.98
N LEU C 205 11.94 3.23 -27.91
CA LEU C 205 11.32 3.64 -26.61
C LEU C 205 10.71 2.47 -25.81
N LEU C 206 9.95 1.65 -26.52
CA LEU C 206 9.13 0.61 -25.94
C LEU C 206 9.83 -0.74 -25.94
N ASN C 207 10.95 -0.81 -26.63
CA ASN C 207 11.65 -2.09 -26.82
C ASN C 207 10.70 -3.17 -27.36
N GLU C 208 9.81 -2.83 -28.30
CA GLU C 208 9.01 -3.85 -28.96
C GLU C 208 8.95 -3.60 -30.46
N ASP C 209 8.37 -4.57 -31.15
CA ASP C 209 8.08 -4.50 -32.58
C ASP C 209 6.60 -4.32 -32.80
N TYR C 210 6.22 -3.99 -34.04
CA TYR C 210 4.82 -3.86 -34.40
C TYR C 210 4.20 -5.17 -34.89
N LYS C 211 2.93 -5.38 -34.61
CA LYS C 211 2.15 -6.49 -35.19
C LYS C 211 1.15 -5.99 -36.26
N THR C 212 0.55 -4.81 -36.02
CA THR C 212 -0.39 -4.21 -36.96
C THR C 212 -0.14 -2.72 -37.17
N VAL C 213 -0.52 -2.25 -38.36
CA VAL C 213 -0.59 -0.83 -38.68
C VAL C 213 -1.88 -0.55 -39.44
N LYS C 214 -2.43 0.67 -39.24
CA LYS C 214 -3.62 1.15 -39.94
C LYS C 214 -3.50 2.66 -40.21
N VAL C 215 -3.69 3.07 -41.46
CA VAL C 215 -3.65 4.50 -41.77
C VAL C 215 -5.05 5.03 -41.98
N TYR C 216 -5.45 6.01 -41.21
CA TYR C 216 -6.73 6.62 -41.39
C TYR C 216 -6.47 7.95 -42.06
N PHE C 217 -7.29 8.32 -43.03
CA PHE C 217 -7.25 9.64 -43.64
C PHE C 217 -8.44 10.47 -43.16
N PRO C 218 -8.21 11.42 -42.24
CA PRO C 218 -9.16 12.47 -41.89
C PRO C 218 -9.47 13.25 -43.14
N ARG C 219 -10.53 14.05 -43.10
CA ARG C 219 -10.78 14.95 -44.22
C ARG C 219 -9.53 15.74 -44.66
N GLN C 220 -9.34 15.71 -45.96
CA GLN C 220 -8.23 16.29 -46.65
C GLN C 220 -8.15 17.81 -46.40
N SER C 221 -6.94 18.30 -46.11
CA SER C 221 -6.73 19.74 -45.96
C SER C 221 -6.96 20.45 -47.30
N SER C 222 -7.77 21.50 -47.31
CA SER C 222 -7.99 22.28 -48.50
C SER C 222 -6.75 23.02 -49.00
N LEU C 223 -5.68 23.03 -48.22
CA LEU C 223 -4.50 23.78 -48.58
C LEU C 223 -3.50 22.89 -49.28
N VAL C 224 -3.84 21.61 -49.40
CA VAL C 224 -2.91 20.65 -49.97
C VAL C 224 -3.58 19.95 -51.09
N THR C 225 -2.92 19.95 -52.24
CA THR C 225 -3.42 19.25 -53.41
C THR C 225 -2.43 18.25 -53.96
N THR C 226 -1.23 18.14 -53.38
CA THR C 226 -0.18 17.29 -54.00
C THR C 226 -0.02 15.94 -53.31
N LEU C 227 -0.74 15.74 -52.20
CA LEU C 227 -0.77 14.47 -51.46
C LEU C 227 -1.95 14.39 -50.50
N ARG C 228 -2.21 13.19 -50.01
CA ARG C 228 -3.15 12.96 -48.92
C ARG C 228 -2.50 13.39 -47.58
N ASP C 229 -3.17 14.32 -46.89
CA ASP C 229 -2.60 15.08 -45.76
C ASP C 229 -3.78 15.80 -45.12
N PRO C 230 -3.95 15.64 -43.82
CA PRO C 230 -3.13 14.84 -42.90
C PRO C 230 -3.40 13.27 -42.96
N GLN C 231 -2.69 12.52 -42.11
CA GLN C 231 -2.90 11.09 -42.00
C GLN C 231 -2.71 10.72 -40.55
N LEU C 232 -3.46 9.71 -40.13
CA LEU C 232 -3.52 9.31 -38.74
C LEU C 232 -3.21 7.82 -38.69
N VAL C 233 -2.14 7.43 -38.01
CA VAL C 233 -1.68 6.05 -38.06
C VAL C 233 -1.85 5.41 -36.69
N VAL C 234 -2.43 4.21 -36.70
CA VAL C 234 -2.69 3.48 -35.49
C VAL C 234 -1.88 2.23 -35.60
N MSE C 235 -0.91 2.08 -34.71
CA MSE C 235 0.01 0.97 -34.74
C MSE C 235 -0.07 0.18 -33.44
O MSE C 235 -0.08 0.78 -32.35
CB MSE C 235 1.42 1.49 -34.95
CG MSE C 235 1.54 2.52 -36.03
SE MSE C 235 3.45 2.63 -36.52
CE MSE C 235 3.70 0.77 -37.00
N GLU C 236 -0.14 -1.14 -33.53
CA GLU C 236 -0.12 -1.99 -32.34
C GLU C 236 1.18 -2.76 -32.24
N THR C 237 1.77 -2.76 -31.04
CA THR C 237 3.01 -3.51 -30.79
C THR C 237 2.65 -4.95 -30.52
N THR C 238 3.67 -5.80 -30.42
CA THR C 238 3.44 -7.26 -30.20
C THR C 238 2.73 -7.51 -28.88
N SER C 239 2.98 -6.67 -27.85
CA SER C 239 2.30 -6.86 -26.55
C SER C 239 0.97 -6.12 -26.45
N GLY C 240 0.57 -5.45 -27.53
CA GLY C 240 -0.71 -4.75 -27.56
C GLY C 240 -0.64 -3.30 -27.13
N ILE C 241 0.57 -2.72 -27.02
CA ILE C 241 0.67 -1.27 -26.78
C ILE C 241 0.10 -0.54 -28.02
N ASN C 242 -0.81 0.40 -27.81
CA ASN C 242 -1.45 1.18 -28.87
C ASN C 242 -0.76 2.52 -29.12
N ILE C 243 -0.32 2.74 -30.36
CA ILE C 243 0.35 3.95 -30.75
C ILE C 243 -0.46 4.65 -31.83
N VAL C 244 -0.80 5.91 -31.54
CA VAL C 244 -1.47 6.82 -32.51
C VAL C 244 -0.53 7.94 -32.87
N VAL C 245 -0.28 8.13 -34.16
CA VAL C 245 0.56 9.24 -34.56
C VAL C 245 -0.13 10.09 -35.58
N GLU C 246 -0.21 11.40 -35.35
CA GLU C 246 -0.79 12.29 -36.34
C GLU C 246 0.34 12.79 -37.21
N VAL C 247 0.22 12.64 -38.52
CA VAL C 247 1.18 13.17 -39.47
C VAL C 247 0.46 14.27 -40.27
N PHE C 248 0.97 15.48 -40.12
CA PHE C 248 0.45 16.60 -40.82
C PHE C 248 1.61 17.40 -41.38
N VAL C 249 1.99 17.13 -42.64
CA VAL C 249 3.18 17.74 -43.26
C VAL C 249 2.92 19.08 -43.97
N ASN C 250 1.67 19.55 -43.93
CA ASN C 250 1.35 20.91 -44.33
C ASN C 250 0.51 21.57 -43.22
N CYS C 251 0.93 21.50 -41.95
CA CYS C 251 0.13 22.04 -40.85
C CYS C 251 0.13 23.58 -40.81
N GLN C 252 0.97 24.17 -41.64
CA GLN C 252 1.10 25.63 -41.77
C GLN C 252 1.92 26.30 -40.67
N TYR C 253 1.75 25.90 -39.40
CA TYR C 253 2.27 26.72 -38.30
C TYR C 253 3.77 26.53 -37.96
N GLY C 254 4.34 25.39 -38.35
CA GLY C 254 5.72 25.09 -38.04
C GLY C 254 6.04 23.62 -38.03
N TYR C 255 7.15 23.30 -37.39
CA TYR C 255 7.65 21.94 -37.33
C TYR C 255 7.55 21.64 -35.87
N ASP C 256 6.76 20.62 -35.57
CA ASP C 256 6.38 20.37 -34.21
C ASP C 256 6.35 18.85 -34.00
N ILE C 257 7.07 18.38 -32.99
CA ILE C 257 7.09 16.95 -32.68
C ILE C 257 6.53 16.71 -31.27
N HIS C 258 5.57 15.81 -31.17
CA HIS C 258 4.99 15.45 -29.90
C HIS C 258 5.16 13.99 -29.70
N CYS C 259 5.43 13.62 -28.45
CA CYS C 259 5.48 12.21 -28.05
C CYS C 259 5.08 12.06 -26.57
N ASP C 260 3.85 11.62 -26.34
CA ASP C 260 3.35 11.34 -25.01
C ASP C 260 3.18 9.82 -24.84
N VAL C 261 3.67 9.31 -23.70
CA VAL C 261 3.58 7.88 -23.35
C VAL C 261 2.78 7.75 -22.06
N THR C 262 1.62 7.10 -22.18
CA THR C 262 0.82 6.80 -21.03
C THR C 262 1.12 5.38 -20.52
N GLY C 263 1.57 5.30 -19.29
CA GLY C 263 1.87 4.02 -18.67
C GLY C 263 0.74 3.69 -17.67
N GLU C 264 0.87 2.56 -16.97
CA GLU C 264 -0.12 2.17 -15.96
C GLU C 264 -0.31 3.17 -14.82
N LYS C 265 0.67 4.01 -14.52
CA LYS C 265 0.40 4.91 -13.36
C LYS C 265 0.84 6.33 -13.54
N GLY C 266 1.30 6.63 -14.76
CA GLY C 266 1.78 7.95 -15.08
C GLY C 266 1.78 8.22 -16.55
N MSE C 267 2.08 9.46 -16.90
CA MSE C 267 2.25 9.80 -18.32
C MSE C 267 3.61 10.48 -18.48
O MSE C 267 3.98 11.31 -17.66
CB MSE C 267 1.15 10.73 -18.79
CG MSE C 267 1.24 11.04 -20.28
SE MSE C 267 0.16 12.53 -20.90
CE MSE C 267 -1.63 11.88 -20.36
N ALA C 268 4.36 10.16 -19.52
CA ALA C 268 5.62 10.90 -19.76
C ALA C 268 5.53 11.65 -21.10
N GLU C 269 5.94 12.93 -21.13
CA GLU C 269 5.78 13.84 -22.32
C GLU C 269 7.13 14.28 -22.82
N LEU C 270 7.43 14.04 -24.09
CA LEU C 270 8.66 14.53 -24.71
C LEU C 270 8.69 16.09 -24.64
N PRO C 271 9.84 16.69 -24.26
CA PRO C 271 9.75 18.17 -24.25
C PRO C 271 9.89 18.74 -25.68
N THR C 272 9.76 20.06 -25.83
CA THR C 272 10.08 20.66 -27.12
C THR C 272 11.29 21.60 -26.99
N VAL C 273 11.61 22.37 -28.03
CA VAL C 273 12.81 23.25 -28.06
C VAL C 273 12.43 24.48 -27.23
N ALA C 274 13.27 24.79 -26.25
CA ALA C 274 13.06 25.92 -25.37
C ALA C 274 13.11 27.20 -26.19
N SER C 275 12.24 28.12 -25.82
CA SER C 275 12.16 29.40 -26.43
C SER C 275 11.96 30.40 -25.32
N ALA C 276 12.53 31.58 -25.48
CA ALA C 276 12.15 32.71 -24.66
C ALA C 276 10.64 33.05 -24.87
N ALA C 277 9.99 33.55 -23.82
CA ALA C 277 8.56 33.78 -23.82
C ALA C 277 8.28 35.30 -23.83
N VAL C 278 7.20 35.73 -24.52
CA VAL C 278 6.90 37.15 -24.55
C VAL C 278 5.48 37.45 -24.03
N ARG C 279 5.35 38.50 -23.23
CA ARG C 279 4.03 39.02 -22.93
C ARG C 279 3.86 40.27 -23.80
N LYS C 280 2.88 40.29 -24.68
N LYS C 280 2.87 40.27 -24.69
CA LYS C 280 2.58 41.54 -25.36
CA LYS C 280 2.67 41.39 -25.64
C LYS C 280 1.23 41.51 -26.02
C LYS C 280 1.21 41.48 -26.08
N ALA C 281 0.58 42.66 -26.03
CA ALA C 281 -0.76 42.85 -26.61
C ALA C 281 -1.70 41.68 -26.23
N ALA C 282 -1.82 41.38 -24.93
CA ALA C 282 -2.82 40.43 -24.48
C ALA C 282 -2.49 39.00 -24.87
N LYS C 283 -1.23 38.73 -25.28
CA LYS C 283 -0.80 37.35 -25.52
C LYS C 283 0.52 36.99 -24.85
N TYR C 284 0.63 35.73 -24.41
CA TYR C 284 1.83 35.16 -23.83
C TYR C 284 2.26 34.12 -24.79
N SER C 285 3.48 34.20 -25.29
CA SER C 285 3.77 33.31 -26.39
C SER C 285 5.19 32.89 -26.40
N THR C 286 5.45 31.73 -27.03
CA THR C 286 6.80 31.28 -27.29
C THR C 286 6.89 30.91 -28.78
N ASP C 287 8.10 30.65 -29.28
CA ASP C 287 8.29 30.35 -30.69
C ASP C 287 8.13 28.88 -30.98
N ILE C 288 7.56 28.60 -32.13
CA ILE C 288 7.57 27.23 -32.66
C ILE C 288 8.54 27.25 -33.84
N LEU C 289 9.35 26.20 -33.92
CA LEU C 289 10.33 26.03 -35.00
C LEU C 289 9.64 25.94 -36.37
N VAL C 290 10.27 26.46 -37.43
CA VAL C 290 9.69 26.38 -38.78
C VAL C 290 10.56 25.49 -39.64
N ASP C 291 11.88 25.62 -39.49
CA ASP C 291 12.87 24.89 -40.29
C ASP C 291 13.04 23.47 -39.73
N TRP C 292 12.66 22.45 -40.49
CA TRP C 292 12.71 21.10 -39.95
C TRP C 292 14.12 20.66 -39.56
N LYS C 293 15.12 21.20 -40.27
CA LYS C 293 16.51 20.84 -40.05
C LYS C 293 17.05 21.27 -38.68
N GLN C 294 16.45 22.29 -38.07
CA GLN C 294 16.93 22.74 -36.77
C GLN C 294 16.53 21.83 -35.58
N ARG C 295 15.51 20.99 -35.75
CA ARG C 295 14.91 20.29 -34.60
C ARG C 295 15.86 19.27 -33.94
N PHE C 296 16.53 18.42 -34.75
CA PHE C 296 17.40 17.37 -34.27
C PHE C 296 18.86 17.59 -34.72
N ILE C 297 19.17 18.86 -35.05
CA ILE C 297 20.50 19.26 -35.54
C ILE C 297 21.59 18.75 -34.55
N ASP C 298 21.37 18.97 -33.25
CA ASP C 298 22.37 18.53 -32.25
C ASP C 298 22.69 17.02 -32.27
N ALA C 299 21.69 16.22 -32.60
CA ALA C 299 21.76 14.78 -32.49
C ALA C 299 22.63 14.14 -33.56
N TYR C 300 22.85 14.86 -34.66
CA TYR C 300 23.80 14.38 -35.66
C TYR C 300 25.19 14.28 -35.07
N ASP C 301 25.63 15.37 -34.44
CA ASP C 301 26.96 15.41 -33.80
C ASP C 301 27.04 14.31 -32.73
N ILE C 302 25.97 14.14 -31.96
CA ILE C 302 25.93 13.17 -30.87
C ILE C 302 25.99 11.74 -31.39
N GLU C 303 25.20 11.38 -32.40
CA GLU C 303 25.23 10.01 -32.92
C GLU C 303 26.61 9.62 -33.46
N PHE C 304 27.24 10.56 -34.16
CA PHE C 304 28.58 10.37 -34.71
C PHE C 304 29.66 10.26 -33.62
N GLN C 305 29.53 11.10 -32.57
CA GLN C 305 30.52 11.08 -31.49
C GLN C 305 30.47 9.72 -30.80
N ASP C 306 29.26 9.21 -30.61
CA ASP C 306 29.05 7.92 -29.99
C ASP C 306 29.65 6.79 -30.82
N PHE C 307 29.33 6.79 -32.10
CA PHE C 307 29.74 5.79 -33.04
C PHE C 307 31.28 5.66 -33.04
N PHE C 308 32.00 6.79 -33.16
CA PHE C 308 33.47 6.79 -33.17
C PHE C 308 34.16 6.57 -31.82
N ASP C 309 33.49 6.97 -30.73
CA ASP C 309 34.00 6.73 -29.38
C ASP C 309 34.00 5.25 -29.07
N ARG C 310 32.99 4.55 -29.60
CA ARG C 310 32.91 3.13 -29.41
C ARG C 310 33.96 2.44 -30.28
N LEU C 311 34.03 2.85 -31.54
CA LEU C 311 34.93 2.21 -32.47
C LEU C 311 36.41 2.45 -32.11
N ASN C 312 36.74 3.65 -31.65
CA ASN C 312 38.08 3.96 -31.17
C ASN C 312 38.41 3.24 -29.88
N ALA C 313 37.36 2.92 -29.11
CA ALA C 313 37.55 2.21 -27.86
C ALA C 313 37.56 0.69 -28.03
N GLY C 314 37.58 0.23 -29.28
CA GLY C 314 37.59 -1.20 -29.61
C GLY C 314 36.22 -1.87 -29.49
N LEU C 315 35.17 -1.08 -29.41
CA LEU C 315 33.83 -1.60 -29.22
C LEU C 315 32.95 -1.52 -30.46
N PRO C 316 31.94 -2.39 -30.54
CA PRO C 316 31.01 -2.36 -31.66
C PRO C 316 30.13 -1.13 -31.56
N PRO C 317 29.58 -0.68 -32.69
CA PRO C 317 28.62 0.43 -32.65
C PRO C 317 27.46 0.04 -31.75
N ALA C 318 26.84 1.00 -31.10
CA ALA C 318 25.70 0.68 -30.27
C ALA C 318 24.48 1.51 -30.62
N GLY C 319 24.45 2.06 -31.82
CA GLY C 319 23.25 2.76 -32.29
C GLY C 319 22.38 1.80 -33.08
N PRO C 320 21.36 2.34 -33.79
CA PRO C 320 20.47 1.54 -34.62
C PRO C 320 21.24 0.58 -35.52
N THR C 321 20.76 -0.67 -35.60
CA THR C 321 21.49 -1.76 -36.27
C THR C 321 20.88 -2.04 -37.63
N SER C 322 21.57 -2.85 -38.43
CA SER C 322 20.98 -3.31 -39.70
C SER C 322 19.63 -3.91 -39.47
N TRP C 323 19.47 -4.59 -38.33
CA TRP C 323 18.18 -5.15 -37.93
C TRP C 323 17.11 -4.10 -37.68
N ASP C 324 17.48 -2.98 -37.07
CA ASP C 324 16.51 -1.89 -36.84
C ASP C 324 15.97 -1.30 -38.15
N GLY C 325 16.87 -1.24 -39.16
CA GLY C 325 16.56 -0.65 -40.45
C GLY C 325 15.66 -1.55 -41.28
N TYR C 326 15.96 -2.86 -41.27
CA TYR C 326 15.04 -3.90 -41.76
C TYR C 326 13.67 -3.82 -41.08
N LEU C 327 13.64 -3.68 -39.77
CA LEU C 327 12.35 -3.59 -39.07
C LEU C 327 11.53 -2.38 -39.54
N ALA C 328 12.21 -1.23 -39.65
CA ALA C 328 11.57 0.00 -40.12
C ALA C 328 11.03 -0.12 -41.56
N ALA C 329 11.83 -0.74 -42.42
CA ALA C 329 11.42 -1.08 -43.81
C ALA C 329 10.13 -1.90 -43.91
N VAL C 330 10.08 -3.02 -43.20
CA VAL C 330 8.91 -3.89 -43.22
C VAL C 330 7.70 -3.10 -42.72
N THR C 331 7.90 -2.36 -41.62
CA THR C 331 6.81 -1.56 -40.99
C THR C 331 6.32 -0.47 -41.92
N ALA C 332 7.24 0.27 -42.54
CA ALA C 332 6.84 1.33 -43.47
C ALA C 332 6.04 0.75 -44.65
N ASP C 333 6.57 -0.31 -45.24
CA ASP C 333 5.80 -1.05 -46.22
C ASP C 333 4.35 -1.40 -45.86
N ALA C 334 4.12 -1.95 -44.69
CA ALA C 334 2.76 -2.27 -44.27
C ALA C 334 1.95 -1.00 -44.16
N CYS C 335 2.62 0.08 -43.76
CA CYS C 335 1.99 1.35 -43.67
C CYS C 335 1.52 1.83 -45.05
N VAL C 336 2.42 1.79 -46.04
CA VAL C 336 2.08 2.25 -47.39
C VAL C 336 0.99 1.39 -48.00
N LYS C 337 1.09 0.08 -47.75
CA LYS C 337 0.09 -0.89 -48.16
C LYS C 337 -1.26 -0.56 -47.51
N SER C 338 -1.24 -0.15 -46.24
CA SER C 338 -2.48 0.31 -45.58
C SER C 338 -3.12 1.59 -46.21
N GLN C 339 -2.26 2.55 -46.58
CA GLN C 339 -2.69 3.73 -47.36
C GLN C 339 -3.50 3.36 -48.59
N GLU C 340 -3.05 2.32 -49.28
CA GLU C 340 -3.64 1.85 -50.53
C GLU C 340 -4.91 1.02 -50.34
N THR C 341 -4.92 0.12 -49.36
CA THR C 341 -5.99 -0.86 -49.26
C THR C 341 -7.16 -0.36 -48.37
N GLY C 342 -6.93 0.62 -47.50
CA GLY C 342 -7.97 1.07 -46.53
C GLY C 342 -8.24 0.13 -45.38
N ASN C 343 -7.33 -0.84 -45.22
CA ASN C 343 -7.47 -1.84 -44.16
C ASN C 343 -6.30 -1.81 -43.17
N THR C 344 -6.54 -2.35 -41.98
CA THR C 344 -5.46 -2.75 -41.09
C THR C 344 -4.58 -3.79 -41.74
N GLU C 345 -3.27 -3.55 -41.78
CA GLU C 345 -2.31 -4.46 -42.36
C GLU C 345 -1.42 -5.09 -41.26
N ILE C 346 -1.03 -6.35 -41.48
CA ILE C 346 -0.23 -7.10 -40.54
C ILE C 346 1.24 -6.85 -40.81
N VAL C 347 2.03 -6.70 -39.75
CA VAL C 347 3.49 -6.59 -39.86
C VAL C 347 4.10 -7.98 -39.63
N GLU C 348 4.81 -8.48 -40.65
CA GLU C 348 5.29 -9.85 -40.61
C GLU C 348 6.79 -9.92 -40.55
N LEU C 349 7.31 -10.50 -39.49
CA LEU C 349 8.76 -10.48 -39.24
C LEU C 349 9.33 -11.86 -38.97
N PRO C 350 10.55 -12.09 -39.46
CA PRO C 350 11.20 -13.32 -39.05
C PRO C 350 11.79 -13.18 -37.63
N SER C 351 12.28 -14.28 -37.07
CA SER C 351 12.86 -14.24 -35.73
C SER C 351 14.08 -13.35 -35.77
N LYS C 352 14.28 -12.60 -34.70
CA LYS C 352 15.45 -11.73 -34.63
C LYS C 352 16.72 -12.62 -34.48
N PRO C 353 17.70 -12.47 -35.39
CA PRO C 353 18.92 -13.27 -35.29
C PRO C 353 19.75 -12.86 -34.09
N ASP C 354 20.26 -13.84 -33.36
CA ASP C 354 21.08 -13.60 -32.17
C ASP C 354 22.17 -12.58 -32.42
N PHE C 355 22.74 -12.60 -33.61
CA PHE C 355 23.69 -11.58 -34.05
C PHE C 355 23.26 -10.15 -33.72
N TYR C 356 21.96 -9.88 -33.68
CA TYR C 356 21.48 -8.51 -33.44
C TYR C 356 21.07 -8.26 -32.02
N LYS C 357 21.14 -9.33 -31.22
CA LYS C 357 20.79 -9.26 -29.82
C LYS C 357 21.99 -8.74 -29.04
N MSE D 22 -38.36 38.33 -11.41
CA MSE D 22 -38.83 37.15 -12.19
C MSE D 22 -38.29 35.84 -11.62
O MSE D 22 -37.09 35.55 -11.75
CB MSE D 22 -38.43 37.31 -13.67
N THR D 23 -39.18 35.04 -11.02
CA THR D 23 -38.84 33.77 -10.34
C THR D 23 -39.76 32.57 -10.67
N LEU D 24 -39.16 31.39 -10.81
CA LEU D 24 -39.84 30.16 -11.25
C LEU D 24 -39.84 29.04 -10.19
N LYS D 25 -40.91 28.25 -10.16
CA LYS D 25 -41.09 27.18 -9.17
C LYS D 25 -40.65 25.82 -9.69
N ALA D 26 -39.71 25.19 -8.97
CA ALA D 26 -39.08 23.93 -9.38
C ALA D 26 -39.35 22.70 -8.51
N GLY D 27 -39.73 21.60 -9.14
CA GLY D 27 -39.83 20.32 -8.45
C GLY D 27 -38.66 19.43 -8.85
N ILE D 28 -38.04 18.80 -7.86
CA ILE D 28 -36.94 17.88 -8.11
C ILE D 28 -37.32 16.42 -7.85
N VAL D 29 -37.13 15.58 -8.88
CA VAL D 29 -37.36 14.14 -8.76
C VAL D 29 -36.03 13.39 -8.72
N GLY D 30 -35.73 12.79 -7.57
CA GLY D 30 -34.52 12.01 -7.39
C GLY D 30 -33.50 12.76 -6.54
N ILE D 31 -33.52 12.51 -5.23
CA ILE D 31 -32.59 13.20 -4.34
C ILE D 31 -31.48 12.23 -3.94
N GLY D 32 -30.74 11.74 -4.94
CA GLY D 32 -29.54 10.95 -4.71
C GLY D 32 -28.35 11.86 -4.57
N MSE D 33 -27.18 11.36 -4.98
N MSE D 33 -27.18 11.38 -4.97
CA MSE D 33 -25.92 12.08 -4.84
CA MSE D 33 -25.95 12.12 -4.79
C MSE D 33 -25.96 13.49 -5.43
C MSE D 33 -25.97 13.52 -5.43
O MSE D 33 -25.65 14.47 -4.76
O MSE D 33 -25.63 14.51 -4.78
CB MSE D 33 -24.80 11.26 -5.50
CB MSE D 33 -24.77 11.29 -5.31
CG MSE D 33 -23.39 11.80 -5.25
CG MSE D 33 -24.33 10.22 -4.34
SE MSE D 33 -22.88 13.16 -6.52
SE MSE D 33 -22.65 9.44 -4.96
CE MSE D 33 -22.72 12.00 -8.08
CE MSE D 33 -22.15 10.85 -6.24
N ILE D 34 -26.36 13.59 -6.69
CA ILE D 34 -26.43 14.88 -7.37
C ILE D 34 -27.78 15.59 -7.13
N GLY D 35 -28.81 14.82 -6.84
CA GLY D 35 -30.11 15.37 -6.42
C GLY D 35 -29.98 16.36 -5.28
N SER D 36 -29.36 15.94 -4.19
CA SER D 36 -29.01 16.84 -3.07
C SER D 36 -28.21 18.04 -3.52
N ASP D 37 -27.07 17.80 -4.18
CA ASP D 37 -26.22 18.85 -4.68
C ASP D 37 -27.05 19.93 -5.38
N HIS D 38 -27.84 19.50 -6.38
CA HIS D 38 -28.64 20.39 -7.19
C HIS D 38 -29.75 21.04 -6.36
N LEU D 39 -30.34 20.30 -5.42
CA LEU D 39 -31.27 20.85 -4.41
C LEU D 39 -30.65 22.06 -3.71
N ARG D 40 -29.40 21.88 -3.25
CA ARG D 40 -28.68 22.94 -2.56
C ARG D 40 -28.50 24.11 -3.51
N ARG D 41 -28.06 23.79 -4.74
CA ARG D 41 -27.77 24.77 -5.76
C ARG D 41 -28.92 25.70 -6.08
N LEU D 42 -30.08 25.10 -6.27
CA LEU D 42 -31.25 25.77 -6.81
C LEU D 42 -31.88 26.67 -5.76
N ALA D 43 -31.75 26.28 -4.50
CA ALA D 43 -32.29 27.11 -3.45
C ALA D 43 -31.30 28.19 -3.01
N ASN D 44 -30.00 27.91 -3.14
CA ASN D 44 -28.96 28.79 -2.53
C ASN D 44 -28.02 29.55 -3.45
N THR D 45 -27.95 29.17 -4.72
CA THR D 45 -26.95 29.74 -5.59
C THR D 45 -27.52 30.30 -6.88
N VAL D 46 -28.48 29.58 -7.47
CA VAL D 46 -29.13 29.97 -8.71
C VAL D 46 -30.30 30.89 -8.40
N SER D 47 -30.31 32.05 -9.06
CA SER D 47 -31.42 33.00 -8.89
C SER D 47 -32.44 32.90 -10.01
N GLY D 48 -33.66 33.24 -9.64
CA GLY D 48 -34.81 33.15 -10.53
C GLY D 48 -35.49 31.80 -10.37
N VAL D 49 -35.15 31.09 -9.30
CA VAL D 49 -35.73 29.78 -9.03
C VAL D 49 -35.92 29.48 -7.55
N GLU D 50 -37.15 29.05 -7.22
CA GLU D 50 -37.46 28.48 -5.92
C GLU D 50 -37.77 26.98 -6.02
N VAL D 51 -37.20 26.19 -5.12
CA VAL D 51 -37.54 24.78 -5.01
C VAL D 51 -38.79 24.63 -4.14
N VAL D 52 -39.85 24.09 -4.71
CA VAL D 52 -41.11 23.99 -3.94
C VAL D 52 -41.51 22.55 -3.69
N ALA D 53 -40.87 21.63 -4.40
CA ALA D 53 -41.27 20.24 -4.28
C ALA D 53 -40.11 19.30 -4.48
N VAL D 54 -40.14 18.22 -3.72
CA VAL D 54 -39.04 17.32 -3.72
C VAL D 54 -39.62 15.89 -3.71
N CYS D 55 -38.82 14.94 -4.21
CA CYS D 55 -39.35 13.60 -4.44
C CYS D 55 -38.26 12.54 -4.58
N ASP D 56 -38.32 11.52 -3.74
CA ASP D 56 -37.50 10.33 -3.91
C ASP D 56 -38.28 9.07 -3.57
N ILE D 57 -37.93 7.97 -4.23
CA ILE D 57 -38.64 6.70 -4.04
C ILE D 57 -38.21 6.00 -2.73
N VAL D 58 -37.03 6.34 -2.20
CA VAL D 58 -36.55 5.79 -0.93
C VAL D 58 -37.09 6.62 0.25
N ALA D 59 -37.66 5.93 1.22
CA ALA D 59 -38.48 6.55 2.29
C ALA D 59 -37.97 7.85 2.95
N GLY D 60 -36.83 7.82 3.61
CA GLY D 60 -36.33 9.03 4.29
C GLY D 60 -35.68 10.08 3.40
N ARG D 61 -35.24 9.66 2.23
CA ARG D 61 -34.33 10.42 1.33
C ARG D 61 -34.52 11.93 1.17
N ALA D 62 -35.64 12.30 0.58
CA ALA D 62 -35.85 13.67 0.14
C ALA D 62 -35.87 14.59 1.34
N GLN D 63 -36.76 14.29 2.29
CA GLN D 63 -36.89 15.05 3.50
C GLN D 63 -35.55 15.22 4.19
N ALA D 64 -34.79 14.14 4.30
CA ALA D 64 -33.45 14.16 4.88
C ALA D 64 -32.54 15.22 4.28
N ALA D 65 -32.71 15.51 2.99
CA ALA D 65 -31.87 16.49 2.33
C ALA D 65 -32.43 17.89 2.55
N LEU D 66 -33.76 17.99 2.50
CA LEU D 66 -34.45 19.22 2.89
C LEU D 66 -33.99 19.64 4.27
N ASP D 67 -33.84 18.66 5.16
CA ASP D 67 -33.38 18.93 6.51
C ASP D 67 -31.96 19.42 6.49
N LYS D 68 -31.08 18.70 5.78
CA LYS D 68 -29.69 19.06 5.70
C LYS D 68 -29.54 20.56 5.40
N TYR D 69 -30.35 21.06 4.48
CA TYR D 69 -30.11 22.39 3.97
C TYR D 69 -31.04 23.48 4.48
N ALA D 70 -31.91 23.14 5.44
CA ALA D 70 -32.93 24.06 5.94
C ALA D 70 -33.81 24.58 4.80
N ILE D 71 -34.12 23.68 3.86
CA ILE D 71 -34.99 23.99 2.74
C ILE D 71 -36.44 23.56 3.03
N GLU D 72 -37.40 24.46 2.81
CA GLU D 72 -38.82 24.12 2.88
C GLU D 72 -39.44 23.80 1.51
N ALA D 73 -39.71 22.52 1.28
CA ALA D 73 -40.43 22.07 0.10
C ALA D 73 -41.46 21.02 0.53
N LYS D 74 -42.52 20.87 -0.25
CA LYS D 74 -43.41 19.73 -0.08
C LYS D 74 -42.75 18.48 -0.68
N ASP D 75 -42.98 17.35 -0.03
CA ASP D 75 -42.30 16.12 -0.37
C ASP D 75 -43.29 15.08 -0.87
N TYR D 76 -43.04 14.52 -2.06
CA TYR D 76 -43.90 13.50 -2.69
C TYR D 76 -43.16 12.20 -2.96
N ASN D 77 -43.82 11.08 -2.70
CA ASN D 77 -43.26 9.75 -2.96
C ASN D 77 -43.42 9.25 -4.39
N ASP D 78 -44.51 9.66 -5.04
CA ASP D 78 -44.77 9.34 -6.42
C ASP D 78 -44.53 10.60 -7.20
N TYR D 79 -43.68 10.54 -8.21
CA TYR D 79 -43.35 11.74 -8.99
C TYR D 79 -44.56 12.36 -9.68
N HIS D 80 -45.55 11.52 -10.01
CA HIS D 80 -46.77 11.99 -10.67
C HIS D 80 -47.47 13.14 -9.92
N ASP D 81 -47.58 13.03 -8.60
CA ASP D 81 -48.22 14.08 -7.78
C ASP D 81 -47.39 15.36 -7.74
N LEU D 82 -46.06 15.21 -7.76
CA LEU D 82 -45.17 16.35 -7.91
C LEU D 82 -45.43 17.09 -9.24
N ILE D 83 -45.45 16.33 -10.32
CA ILE D 83 -45.71 16.91 -11.63
C ILE D 83 -47.13 17.52 -11.67
N ASN D 84 -48.10 16.85 -11.07
CA ASN D 84 -49.47 17.39 -11.01
C ASN D 84 -49.60 18.61 -10.11
N ASP D 85 -48.69 18.72 -9.15
CA ASP D 85 -48.70 19.87 -8.24
C ASP D 85 -48.56 21.17 -9.05
N LYS D 86 -49.60 22.00 -8.93
CA LYS D 86 -49.72 23.26 -9.68
C LYS D 86 -48.64 24.30 -9.33
N ASP D 87 -48.10 24.21 -8.13
CA ASP D 87 -46.91 24.97 -7.73
C ASP D 87 -45.80 24.71 -8.74
N VAL D 88 -45.64 23.42 -9.08
CA VAL D 88 -44.48 22.95 -9.84
C VAL D 88 -44.62 23.41 -11.28
N GLU D 89 -43.72 24.31 -11.68
CA GLU D 89 -43.68 24.85 -13.03
C GLU D 89 -42.57 24.19 -13.84
N VAL D 90 -41.43 23.94 -13.19
CA VAL D 90 -40.27 23.33 -13.82
C VAL D 90 -39.87 22.03 -13.08
N VAL D 91 -39.69 20.94 -13.85
CA VAL D 91 -39.29 19.64 -13.30
C VAL D 91 -37.82 19.33 -13.58
N ILE D 92 -37.11 18.99 -12.50
CA ILE D 92 -35.70 18.74 -12.56
C ILE D 92 -35.54 17.26 -12.24
N ILE D 93 -34.89 16.55 -13.17
CA ILE D 93 -34.73 15.10 -13.10
C ILE D 93 -33.29 14.68 -12.80
N THR D 94 -33.11 14.16 -11.59
CA THR D 94 -31.79 13.76 -11.07
C THR D 94 -31.93 12.33 -10.53
N ALA D 95 -33.03 11.68 -10.91
CA ALA D 95 -33.28 10.31 -10.50
C ALA D 95 -32.45 9.36 -11.35
N SER D 96 -32.49 8.08 -10.99
CA SER D 96 -31.81 7.03 -11.75
C SER D 96 -32.22 7.04 -13.22
N ASN D 97 -31.26 6.73 -14.09
CA ASN D 97 -31.48 6.64 -15.53
C ASN D 97 -32.75 5.90 -15.98
N GLU D 98 -33.00 4.76 -15.33
N GLU D 98 -33.02 4.74 -15.38
CA GLU D 98 -34.14 3.91 -15.61
CA GLU D 98 -34.18 3.97 -15.80
C GLU D 98 -35.46 4.69 -15.55
C GLU D 98 -35.48 4.78 -15.65
N ALA D 99 -35.47 5.73 -14.72
CA ALA D 99 -36.64 6.55 -14.45
C ALA D 99 -36.80 7.74 -15.38
N HIS D 100 -35.72 8.14 -16.08
CA HIS D 100 -35.68 9.43 -16.78
C HIS D 100 -36.85 9.64 -17.73
N ALA D 101 -37.07 8.69 -18.64
CA ALA D 101 -38.06 8.82 -19.72
C ALA D 101 -39.48 8.98 -19.15
N ASP D 102 -39.85 8.09 -18.25
CA ASP D 102 -41.15 8.16 -17.61
C ASP D 102 -41.39 9.52 -16.95
N VAL D 103 -40.40 10.02 -16.20
CA VAL D 103 -40.59 11.29 -15.48
C VAL D 103 -40.71 12.44 -16.48
N ALA D 104 -39.80 12.46 -17.45
CA ALA D 104 -39.80 13.49 -18.51
C ALA D 104 -41.09 13.56 -19.33
N VAL D 105 -41.49 12.42 -19.89
CA VAL D 105 -42.79 12.31 -20.60
C VAL D 105 -43.95 12.86 -19.76
N ALA D 106 -44.04 12.44 -18.49
CA ALA D 106 -45.12 12.90 -17.60
C ALA D 106 -45.10 14.41 -17.40
N ALA D 107 -43.91 15.01 -17.46
CA ALA D 107 -43.75 16.43 -17.16
C ALA D 107 -44.17 17.24 -18.38
N LEU D 108 -43.60 16.83 -19.51
CA LEU D 108 -43.94 17.34 -20.81
C LEU D 108 -45.46 17.20 -21.08
N ASN D 109 -46.05 16.03 -20.79
CA ASN D 109 -47.51 15.89 -20.97
C ASN D 109 -48.30 16.82 -20.08
N ALA D 110 -47.71 17.17 -18.93
CA ALA D 110 -48.31 18.11 -18.00
C ALA D 110 -47.86 19.54 -18.30
N ASN D 111 -47.26 19.74 -19.48
CA ASN D 111 -46.88 21.09 -19.94
C ASN D 111 -45.80 21.78 -19.10
N LYS D 112 -45.00 21.01 -18.35
CA LYS D 112 -43.96 21.62 -17.53
C LYS D 112 -42.58 21.49 -18.20
N TYR D 113 -41.73 22.50 -17.94
CA TYR D 113 -40.32 22.48 -18.41
C TYR D 113 -39.53 21.41 -17.69
N VAL D 114 -38.45 20.98 -18.32
CA VAL D 114 -37.66 19.86 -17.83
C VAL D 114 -36.15 20.14 -17.95
N PHE D 115 -35.46 20.08 -16.82
CA PHE D 115 -34.02 19.92 -16.84
C PHE D 115 -33.79 18.47 -16.41
N CYS D 116 -33.07 17.75 -17.26
CA CYS D 116 -32.82 16.33 -17.04
C CYS D 116 -31.33 16.10 -17.06
N GLU D 117 -30.83 15.39 -16.05
CA GLU D 117 -29.41 15.05 -16.03
C GLU D 117 -29.06 14.13 -17.15
N LYS D 118 -27.83 14.24 -17.63
CA LYS D 118 -27.29 13.28 -18.55
C LYS D 118 -27.22 11.88 -17.92
N PRO D 119 -27.40 10.82 -18.75
CA PRO D 119 -27.79 10.86 -20.16
C PRO D 119 -29.32 11.02 -20.18
N LEU D 120 -29.88 11.42 -21.31
CA LEU D 120 -31.33 11.60 -21.40
C LEU D 120 -31.98 10.29 -21.02
N ALA D 121 -31.53 9.21 -21.62
CA ALA D 121 -32.00 7.88 -21.29
C ALA D 121 -31.05 6.95 -22.01
N VAL D 122 -30.96 5.70 -21.55
CA VAL D 122 -30.01 4.78 -22.16
C VAL D 122 -30.39 4.40 -23.61
N THR D 123 -31.67 4.06 -23.85
CA THR D 123 -32.07 3.62 -25.20
C THR D 123 -32.46 4.79 -26.09
N ALA D 124 -32.10 4.67 -27.36
CA ALA D 124 -32.60 5.54 -28.38
C ALA D 124 -34.12 5.68 -28.33
N ALA D 125 -34.81 4.54 -28.18
CA ALA D 125 -36.29 4.58 -28.08
C ALA D 125 -36.85 5.37 -26.91
N ASP D 126 -36.16 5.32 -25.77
CA ASP D 126 -36.61 6.07 -24.59
C ASP D 126 -36.42 7.57 -24.80
N CYS D 127 -35.33 7.92 -25.51
CA CYS D 127 -35.09 9.28 -25.98
C CYS D 127 -36.13 9.76 -26.98
N GLN D 128 -36.56 8.86 -27.88
CA GLN D 128 -37.62 9.13 -28.84
C GLN D 128 -38.96 9.47 -28.16
N ARG D 129 -39.32 8.76 -27.08
CA ARG D 129 -40.60 9.05 -26.38
C ARG D 129 -40.57 10.46 -25.79
N VAL D 130 -39.39 10.92 -25.38
CA VAL D 130 -39.30 12.23 -24.75
C VAL D 130 -39.39 13.27 -25.85
N ILE D 131 -38.69 13.02 -26.96
CA ILE D 131 -38.79 13.91 -28.10
C ILE D 131 -40.26 14.05 -28.54
N GLU D 132 -40.95 12.92 -28.63
CA GLU D 132 -42.35 12.94 -29.00
C GLU D 132 -43.20 13.71 -27.99
N ALA D 133 -42.96 13.49 -26.71
CA ALA D 133 -43.68 14.24 -25.70
C ALA D 133 -43.40 15.75 -25.84
N GLU D 134 -42.16 16.09 -26.19
CA GLU D 134 -41.73 17.50 -26.24
C GLU D 134 -42.39 18.23 -27.41
N GLN D 135 -42.51 17.53 -28.55
CA GLN D 135 -43.02 18.15 -29.77
C GLN D 135 -44.53 18.40 -29.71
N LYS D 136 -45.25 17.50 -29.06
CA LYS D 136 -46.67 17.70 -28.75
C LYS D 136 -46.95 19.00 -28.02
N ASN D 137 -45.95 19.54 -27.34
CA ASN D 137 -46.06 20.85 -26.71
C ASN D 137 -45.81 21.98 -27.68
N GLY D 138 -45.19 21.67 -28.81
CA GLY D 138 -44.92 22.67 -29.87
C GLY D 138 -43.90 23.71 -29.48
N LYS D 139 -43.12 23.38 -28.46
CA LYS D 139 -42.27 24.34 -27.81
C LYS D 139 -41.10 23.57 -27.20
N ARG D 140 -39.88 24.03 -27.49
CA ARG D 140 -38.69 23.46 -26.89
C ARG D 140 -38.71 23.68 -25.38
N MSE D 141 -38.59 22.58 -24.64
CA MSE D 141 -38.89 22.62 -23.22
C MSE D 141 -37.94 21.79 -22.34
O MSE D 141 -38.08 21.75 -21.12
CB MSE D 141 -40.34 22.17 -23.01
CG MSE D 141 -41.33 23.24 -23.47
SE MSE D 141 -43.05 22.72 -22.99
CE MSE D 141 -42.97 23.26 -21.13
N VAL D 142 -36.97 21.15 -23.01
CA VAL D 142 -36.06 20.24 -22.36
C VAL D 142 -34.61 20.71 -22.51
N GLN D 143 -33.84 20.66 -21.41
CA GLN D 143 -32.39 20.77 -21.48
C GLN D 143 -31.76 19.60 -20.80
N ILE D 144 -30.63 19.12 -21.33
CA ILE D 144 -29.91 17.98 -20.73
C ILE D 144 -28.58 18.41 -20.09
N GLY D 145 -28.25 17.77 -18.96
CA GLY D 145 -27.19 18.17 -18.08
C GLY D 145 -25.79 17.87 -18.55
N PHE D 146 -25.53 18.05 -19.84
CA PHE D 146 -24.13 17.93 -20.34
C PHE D 146 -23.34 19.20 -20.05
N MSE D 147 -22.88 19.34 -18.81
CA MSE D 147 -22.40 20.62 -18.27
C MSE D 147 -21.11 21.12 -18.91
O MSE D 147 -20.81 22.31 -18.81
CB MSE D 147 -22.24 20.55 -16.74
CG MSE D 147 -20.99 19.81 -16.26
SE MSE D 147 -21.03 17.84 -16.67
CE MSE D 147 -19.12 17.44 -16.70
N ARG D 148 -20.36 20.25 -19.56
CA ARG D 148 -19.04 20.69 -20.15
C ARG D 148 -19.21 21.84 -21.10
N ARG D 149 -20.38 22.01 -21.70
CA ARG D 149 -20.56 23.10 -22.65
C ARG D 149 -20.56 24.49 -21.97
N TYR D 150 -20.73 24.52 -20.65
CA TYR D 150 -20.71 25.78 -19.85
C TYR D 150 -19.36 25.94 -19.13
N ASP D 151 -18.47 24.98 -19.28
CA ASP D 151 -17.17 25.11 -18.71
C ASP D 151 -16.46 26.21 -19.49
N LYS D 152 -15.86 27.16 -18.79
CA LYS D 152 -15.26 28.32 -19.42
C LYS D 152 -14.16 28.04 -20.42
N GLY D 153 -13.34 27.03 -20.16
CA GLY D 153 -12.29 26.61 -21.10
C GLY D 153 -12.86 26.03 -22.39
N TYR D 154 -13.93 25.22 -22.29
CA TYR D 154 -14.64 24.70 -23.48
C TYR D 154 -15.30 25.81 -24.31
N VAL D 155 -15.76 26.83 -23.60
CA VAL D 155 -16.34 28.00 -24.25
C VAL D 155 -15.28 28.80 -24.97
N GLN D 156 -14.16 29.03 -24.31
CA GLN D 156 -13.03 29.58 -25.03
C GLN D 156 -12.65 28.73 -26.27
N LEU D 157 -12.49 27.43 -26.12
CA LEU D 157 -12.11 26.55 -27.27
C LEU D 157 -13.12 26.67 -28.41
N LYS D 158 -14.41 26.62 -28.06
CA LYS D 158 -15.51 26.74 -29.01
C LYS D 158 -15.35 28.02 -29.84
N ASN D 159 -15.17 29.14 -29.16
CA ASN D 159 -15.01 30.42 -29.82
C ASN D 159 -13.79 30.52 -30.73
N ILE D 160 -12.67 29.91 -30.32
CA ILE D 160 -11.51 29.83 -31.18
C ILE D 160 -11.91 29.06 -32.46
N ILE D 161 -12.60 27.92 -32.31
CA ILE D 161 -12.99 27.15 -33.51
C ILE D 161 -13.91 27.98 -34.43
N ASP D 162 -15.05 28.41 -33.88
CA ASP D 162 -15.98 29.26 -34.59
C ASP D 162 -15.38 30.55 -35.17
N SER D 163 -14.33 31.11 -34.58
CA SER D 163 -13.71 32.31 -35.17
C SER D 163 -12.97 32.03 -36.50
N GLY D 164 -12.67 30.76 -36.77
CA GLY D 164 -11.90 30.40 -37.97
C GLY D 164 -10.39 30.52 -37.85
N GLU D 165 -9.91 30.91 -36.66
CA GLU D 165 -8.48 31.12 -36.40
C GLU D 165 -7.55 29.95 -36.76
N ILE D 166 -7.98 28.71 -36.51
CA ILE D 166 -7.15 27.54 -36.81
C ILE D 166 -7.65 26.85 -38.09
N GLY D 167 -8.69 27.47 -38.69
CA GLY D 167 -9.29 27.03 -39.97
C GLY D 167 -10.08 25.78 -39.77
N GLN D 168 -10.60 25.21 -40.84
CA GLN D 168 -11.36 23.94 -40.79
C GLN D 168 -10.75 22.82 -39.89
N PRO D 169 -11.54 22.35 -38.91
CA PRO D 169 -10.98 21.24 -38.14
C PRO D 169 -10.76 19.97 -38.98
N LEU D 170 -9.70 19.23 -38.65
CA LEU D 170 -9.32 18.03 -39.36
C LEU D 170 -9.16 16.81 -38.49
N MSE D 171 -8.64 17.02 -37.28
CA MSE D 171 -8.26 15.94 -36.33
C MSE D 171 -8.43 16.42 -34.92
O MSE D 171 -8.16 17.59 -34.63
CB MSE D 171 -6.78 15.51 -36.50
CG MSE D 171 -6.55 14.64 -37.63
SE MSE D 171 -4.65 14.17 -37.95
CE MSE D 171 -3.80 15.94 -37.84
N VAL D 172 -8.87 15.54 -34.03
CA VAL D 172 -9.07 15.96 -32.64
C VAL D 172 -8.48 14.86 -31.81
N HIS D 173 -7.71 15.24 -30.78
CA HIS D 173 -7.20 14.30 -29.76
C HIS D 173 -7.68 14.66 -28.38
N GLY D 174 -8.33 13.68 -27.73
CA GLY D 174 -8.93 13.85 -26.42
C GLY D 174 -8.40 12.82 -25.47
N ARG D 175 -8.37 13.17 -24.18
CA ARG D 175 -8.13 12.20 -23.11
C ARG D 175 -9.20 12.40 -22.03
N HIS D 176 -9.78 11.32 -21.57
CA HIS D 176 -10.62 11.38 -20.38
C HIS D 176 -10.05 10.37 -19.32
N TYR D 177 -9.36 10.92 -18.33
CA TYR D 177 -8.63 10.05 -17.39
C TYR D 177 -9.15 10.27 -16.02
N ASN D 178 -9.18 9.19 -15.26
CA ASN D 178 -9.72 9.22 -13.90
C ASN D 178 -8.86 8.29 -13.06
N ALA D 179 -8.60 8.62 -11.81
CA ALA D 179 -7.64 7.86 -11.08
C ALA D 179 -7.96 6.36 -10.82
N SER D 180 -9.17 6.06 -10.33
CA SER D 180 -9.61 4.69 -10.23
C SER D 180 -11.11 4.52 -10.17
N THR D 181 -11.56 3.29 -10.43
CA THR D 181 -12.98 2.93 -10.40
C THR D 181 -13.26 1.88 -9.35
N VAL D 182 -14.47 1.84 -8.83
CA VAL D 182 -14.94 0.79 -7.99
C VAL D 182 -15.23 -0.45 -8.86
N PRO D 183 -15.28 -1.64 -8.24
CA PRO D 183 -15.46 -2.93 -8.97
C PRO D 183 -16.71 -3.04 -9.84
N GLU D 184 -17.78 -2.35 -9.45
CA GLU D 184 -19.02 -2.47 -10.18
C GLU D 184 -19.06 -1.68 -11.49
N TYR D 185 -18.10 -0.80 -11.71
CA TYR D 185 -17.94 -0.11 -13.00
C TYR D 185 -17.30 -1.09 -14.01
N LYS D 186 -18.10 -1.54 -14.98
N LYS D 186 -18.10 -1.56 -14.97
CA LYS D 186 -17.65 -2.52 -15.97
CA LYS D 186 -17.64 -2.52 -15.98
C LYS D 186 -17.29 -1.84 -17.28
C LYS D 186 -17.24 -1.83 -17.26
N THR D 187 -16.73 -2.64 -18.19
CA THR D 187 -16.30 -2.21 -19.51
C THR D 187 -17.27 -1.28 -20.30
N PRO D 188 -18.58 -1.57 -20.31
CA PRO D 188 -19.49 -0.65 -20.99
C PRO D 188 -19.60 0.77 -20.37
N GLN D 189 -19.42 0.90 -19.06
CA GLN D 189 -19.42 2.21 -18.41
C GLN D 189 -18.32 3.13 -18.90
N ALA D 190 -17.17 2.61 -19.37
CA ALA D 190 -16.22 3.50 -20.02
C ALA D 190 -16.88 4.37 -21.08
N ILE D 191 -17.86 3.80 -21.81
CA ILE D 191 -18.69 4.58 -22.74
C ILE D 191 -19.88 5.32 -22.08
N TYR D 192 -20.78 4.54 -21.45
CA TYR D 192 -22.00 5.11 -20.93
C TYR D 192 -21.83 6.20 -19.89
N GLU D 193 -20.83 6.10 -19.03
CA GLU D 193 -20.70 7.04 -17.93
C GLU D 193 -19.63 8.07 -18.23
N THR D 194 -18.55 7.65 -18.88
CA THR D 194 -17.38 8.49 -19.04
C THR D 194 -17.34 9.15 -20.44
N LEU D 195 -17.08 8.36 -21.49
CA LEU D 195 -16.99 8.86 -22.89
C LEU D 195 -18.20 9.67 -23.34
N ILE D 196 -19.31 9.44 -22.67
CA ILE D 196 -20.54 10.08 -23.10
C ILE D 196 -20.34 11.59 -23.15
N HIS D 197 -19.62 12.13 -22.16
CA HIS D 197 -19.22 13.54 -22.17
C HIS D 197 -18.49 13.98 -23.43
N GLU D 198 -17.47 13.23 -23.86
CA GLU D 198 -16.77 13.60 -25.11
C GLU D 198 -17.73 13.47 -26.30
N ILE D 199 -18.54 12.41 -26.29
N ILE D 199 -18.55 12.43 -26.31
CA ILE D 199 -19.56 12.17 -27.33
CA ILE D 199 -19.47 12.25 -27.45
C ILE D 199 -20.37 13.45 -27.55
C ILE D 199 -20.43 13.44 -27.58
N ASP D 200 -20.87 14.01 -26.45
CA ASP D 200 -21.63 15.26 -26.53
C ASP D 200 -20.76 16.46 -26.82
N VAL D 201 -19.63 16.64 -26.14
CA VAL D 201 -18.88 17.90 -26.25
C VAL D 201 -18.15 18.05 -27.59
N MSE D 202 -17.63 16.95 -28.14
CA MSE D 202 -16.96 17.04 -29.44
C MSE D 202 -17.98 17.40 -30.56
O MSE D 202 -17.73 18.26 -31.40
CB MSE D 202 -16.23 15.74 -29.84
CG MSE D 202 -15.09 15.19 -28.93
SE MSE D 202 -13.91 16.60 -28.26
CE MSE D 202 -12.66 16.84 -29.73
N HIS D 203 -19.14 16.75 -30.53
CA HIS D 203 -20.28 17.08 -31.39
C HIS D 203 -20.60 18.57 -31.34
N TRP D 204 -20.61 19.13 -30.15
CA TRP D 204 -20.99 20.55 -30.01
C TRP D 204 -19.81 21.43 -30.48
N LEU D 205 -18.58 21.03 -30.15
CA LEU D 205 -17.42 21.84 -30.53
C LEU D 205 -17.34 21.99 -32.03
N LEU D 206 -17.61 20.89 -32.72
CA LEU D 206 -17.37 20.80 -34.15
C LEU D 206 -18.63 21.04 -34.97
N ASN D 207 -19.79 21.03 -34.33
CA ASN D 207 -21.05 21.21 -35.01
C ASN D 207 -21.22 20.10 -36.09
N GLU D 208 -20.89 18.85 -35.73
CA GLU D 208 -20.98 17.70 -36.64
C GLU D 208 -21.52 16.49 -35.91
N ASP D 209 -22.17 15.56 -36.61
CA ASP D 209 -22.46 14.26 -36.00
C ASP D 209 -21.42 13.20 -36.34
N TYR D 210 -21.56 12.01 -35.76
CA TYR D 210 -20.63 10.94 -35.99
C TYR D 210 -21.16 10.02 -37.09
N LYS D 211 -20.29 9.62 -38.00
CA LYS D 211 -20.67 8.54 -38.95
C LYS D 211 -20.18 7.16 -38.50
N THR D 212 -19.04 7.11 -37.84
CA THR D 212 -18.51 5.85 -37.37
C THR D 212 -17.80 5.94 -36.01
N VAL D 213 -17.76 4.81 -35.32
CA VAL D 213 -16.99 4.66 -34.12
C VAL D 213 -16.24 3.30 -34.12
N LYS D 214 -15.13 3.26 -33.39
CA LYS D 214 -14.25 2.11 -33.31
C LYS D 214 -13.54 2.13 -31.95
N VAL D 215 -13.76 1.08 -31.14
CA VAL D 215 -13.10 1.02 -29.86
C VAL D 215 -11.94 0.03 -29.95
N TYR D 216 -10.73 0.53 -29.81
CA TYR D 216 -9.54 -0.28 -29.68
C TYR D 216 -9.26 -0.63 -28.22
N PHE D 217 -8.68 -1.80 -27.98
CA PHE D 217 -8.26 -2.16 -26.61
C PHE D 217 -6.77 -2.30 -26.52
N PRO D 218 -6.11 -1.24 -26.02
CA PRO D 218 -4.67 -1.27 -25.83
C PRO D 218 -4.38 -2.32 -24.74
N ARG D 219 -3.12 -2.73 -24.67
CA ARG D 219 -2.59 -3.53 -23.55
C ARG D 219 -3.29 -3.22 -22.18
N GLN D 220 -3.84 -4.28 -21.59
CA GLN D 220 -4.60 -4.18 -20.35
C GLN D 220 -3.70 -3.65 -19.22
N SER D 221 -4.21 -2.69 -18.43
CA SER D 221 -3.45 -2.33 -17.25
C SER D 221 -3.37 -3.52 -16.22
N SER D 222 -2.16 -3.87 -15.83
CA SER D 222 -2.05 -4.97 -14.91
C SER D 222 -2.43 -4.56 -13.47
N LEU D 223 -2.64 -3.27 -13.21
CA LEU D 223 -3.27 -2.80 -11.98
C LEU D 223 -4.80 -3.04 -11.97
N VAL D 224 -5.40 -3.40 -13.10
CA VAL D 224 -6.86 -3.37 -13.22
C VAL D 224 -7.37 -4.75 -13.55
N THR D 225 -8.28 -5.24 -12.73
CA THR D 225 -8.83 -6.56 -12.91
C THR D 225 -10.33 -6.53 -13.14
N THR D 226 -10.96 -5.37 -12.94
CA THR D 226 -12.43 -5.32 -12.89
C THR D 226 -13.13 -4.84 -14.18
N LEU D 227 -12.34 -4.45 -15.20
CA LEU D 227 -12.87 -4.02 -16.50
C LEU D 227 -11.70 -3.97 -17.46
N ARG D 228 -11.99 -3.75 -18.73
CA ARG D 228 -10.95 -3.58 -19.76
C ARG D 228 -10.59 -2.12 -19.75
N ASP D 229 -9.31 -1.84 -19.55
CA ASP D 229 -8.88 -0.47 -19.25
C ASP D 229 -7.38 -0.43 -19.50
N PRO D 230 -6.92 0.56 -20.26
CA PRO D 230 -7.65 1.69 -20.85
C PRO D 230 -8.37 1.27 -22.14
N GLN D 231 -8.94 2.24 -22.83
CA GLN D 231 -9.62 2.02 -24.12
C GLN D 231 -9.28 3.21 -24.98
N LEU D 232 -9.39 3.03 -26.30
CA LEU D 232 -8.98 4.03 -27.26
C LEU D 232 -10.04 4.07 -28.37
N VAL D 233 -10.65 5.21 -28.53
CA VAL D 233 -11.79 5.28 -29.38
C VAL D 233 -11.46 6.17 -30.55
N VAL D 234 -11.69 5.63 -31.74
CA VAL D 234 -11.61 6.41 -32.97
C VAL D 234 -13.03 6.65 -33.51
N MSE D 235 -13.36 7.93 -33.58
CA MSE D 235 -14.64 8.40 -34.14
C MSE D 235 -14.44 9.28 -35.38
O MSE D 235 -13.60 10.18 -35.37
CB MSE D 235 -15.45 9.13 -33.10
CG MSE D 235 -15.55 8.37 -31.77
SE MSE D 235 -16.89 9.07 -30.51
CE MSE D 235 -15.87 10.67 -29.99
N GLU D 236 -15.20 9.02 -36.46
CA GLU D 236 -15.25 9.90 -37.64
C GLU D 236 -16.55 10.73 -37.69
N THR D 237 -16.43 12.07 -37.82
CA THR D 237 -17.67 12.89 -38.03
C THR D 237 -18.10 12.70 -39.48
N THR D 238 -19.25 13.20 -39.79
CA THR D 238 -19.85 12.96 -41.08
C THR D 238 -19.00 13.57 -42.22
N SER D 239 -18.43 14.75 -41.98
CA SER D 239 -17.50 15.31 -42.98
C SER D 239 -16.09 14.74 -42.96
N GLY D 240 -15.80 13.82 -42.05
CA GLY D 240 -14.52 13.13 -42.00
C GLY D 240 -13.54 13.67 -40.97
N ILE D 241 -14.03 14.47 -40.02
CA ILE D 241 -13.12 14.88 -38.95
C ILE D 241 -12.80 13.63 -38.14
N ASN D 242 -11.51 13.32 -38.02
CA ASN D 242 -11.04 12.20 -37.20
C ASN D 242 -10.86 12.52 -35.71
N ILE D 243 -11.65 11.88 -34.85
CA ILE D 243 -11.52 12.03 -33.39
C ILE D 243 -10.94 10.78 -32.74
N VAL D 244 -9.80 10.97 -32.06
CA VAL D 244 -9.21 9.99 -31.16
C VAL D 244 -9.36 10.40 -29.68
N VAL D 245 -9.99 9.52 -28.89
CA VAL D 245 -10.10 9.73 -27.45
C VAL D 245 -9.57 8.52 -26.68
N GLU D 246 -8.50 8.77 -25.91
CA GLU D 246 -7.91 7.82 -24.98
C GLU D 246 -8.73 7.88 -23.70
N VAL D 247 -9.27 6.75 -23.26
CA VAL D 247 -10.03 6.69 -22.02
C VAL D 247 -9.31 5.74 -21.03
N PHE D 248 -8.97 6.24 -19.85
CA PHE D 248 -8.19 5.47 -18.87
C PHE D 248 -8.76 5.83 -17.51
N VAL D 249 -9.67 4.99 -17.00
CA VAL D 249 -10.41 5.34 -15.81
C VAL D 249 -9.74 4.83 -14.52
N ASN D 250 -8.59 4.15 -14.64
CA ASN D 250 -7.74 3.82 -13.50
C ASN D 250 -6.28 4.22 -13.82
N CYS D 251 -6.08 5.44 -14.33
CA CYS D 251 -4.75 5.89 -14.71
C CYS D 251 -3.89 6.15 -13.46
N GLN D 252 -4.49 6.03 -12.26
CA GLN D 252 -3.77 6.22 -10.99
C GLN D 252 -3.43 7.67 -10.58
N TYR D 253 -2.93 8.52 -11.49
CA TYR D 253 -2.38 9.80 -11.07
C TYR D 253 -3.38 10.93 -10.82
N GLY D 254 -4.58 10.82 -11.36
CA GLY D 254 -5.62 11.83 -11.10
C GLY D 254 -6.69 11.87 -12.18
N TYR D 255 -7.42 12.99 -12.19
CA TYR D 255 -8.53 13.22 -13.04
C TYR D 255 -8.02 14.27 -13.99
N ASP D 256 -8.09 13.95 -15.27
CA ASP D 256 -7.35 14.75 -16.25
C ASP D 256 -8.06 14.74 -17.58
N ILE D 257 -8.45 15.93 -18.06
CA ILE D 257 -9.15 16.04 -19.35
C ILE D 257 -8.33 16.77 -20.36
N HIS D 258 -8.14 16.16 -21.53
CA HIS D 258 -7.41 16.82 -22.56
C HIS D 258 -8.31 16.91 -23.79
N CYS D 259 -8.11 17.96 -24.58
CA CYS D 259 -8.81 18.15 -25.84
C CYS D 259 -8.04 19.12 -26.72
N ASP D 260 -7.49 18.57 -27.79
CA ASP D 260 -6.73 19.31 -28.76
C ASP D 260 -7.44 19.22 -30.15
N VAL D 261 -7.55 20.34 -30.86
CA VAL D 261 -8.21 20.36 -32.18
C VAL D 261 -7.20 20.86 -33.21
N THR D 262 -6.87 20.01 -34.18
CA THR D 262 -5.96 20.45 -35.24
C THR D 262 -6.81 20.88 -36.44
N GLY D 263 -6.68 22.14 -36.85
CA GLY D 263 -7.43 22.65 -38.00
C GLY D 263 -6.45 22.79 -39.16
N GLU D 264 -6.87 23.39 -40.28
CA GLU D 264 -5.99 23.44 -41.47
C GLU D 264 -4.76 24.37 -41.29
N LYS D 265 -4.89 25.35 -40.40
CA LYS D 265 -3.77 26.24 -40.20
C LYS D 265 -3.35 26.51 -38.77
N GLY D 266 -3.78 25.66 -37.86
CA GLY D 266 -3.31 25.76 -36.51
C GLY D 266 -3.92 24.70 -35.65
N MSE D 267 -3.55 24.73 -34.36
CA MSE D 267 -4.09 23.79 -33.36
C MSE D 267 -4.55 24.56 -32.16
O MSE D 267 -3.91 25.50 -31.80
CB MSE D 267 -3.00 22.83 -32.91
CG MSE D 267 -3.57 21.69 -32.05
SE MSE D 267 -2.18 20.85 -31.00
CE MSE D 267 -1.01 20.27 -32.45
N ALA D 268 -5.67 24.16 -31.56
CA ALA D 268 -6.16 24.80 -30.34
C ALA D 268 -6.22 23.72 -29.24
N GLU D 269 -5.86 24.08 -27.99
CA GLU D 269 -5.70 23.12 -26.88
C GLU D 269 -6.57 23.63 -25.72
N LEU D 270 -7.39 22.75 -25.19
CA LEU D 270 -8.19 23.05 -24.02
C LEU D 270 -7.23 23.28 -22.83
N PRO D 271 -7.43 24.34 -22.04
CA PRO D 271 -6.58 24.46 -20.83
C PRO D 271 -6.98 23.45 -19.73
N THR D 272 -6.23 23.41 -18.66
CA THR D 272 -6.63 22.60 -17.51
C THR D 272 -6.74 23.53 -16.30
N VAL D 273 -6.91 22.97 -15.10
CA VAL D 273 -7.16 23.74 -13.92
C VAL D 273 -5.86 24.34 -13.42
N ALA D 274 -5.89 25.65 -13.16
CA ALA D 274 -4.66 26.32 -12.70
C ALA D 274 -4.22 25.85 -11.32
N SER D 275 -2.92 25.74 -11.15
CA SER D 275 -2.41 25.40 -9.83
C SER D 275 -1.22 26.24 -9.47
N ALA D 276 -1.08 26.61 -8.19
CA ALA D 276 0.21 27.13 -7.74
C ALA D 276 1.31 26.16 -8.17
N ALA D 277 2.51 26.67 -8.43
CA ALA D 277 3.65 25.82 -8.80
C ALA D 277 4.72 25.87 -7.68
N VAL D 278 5.40 24.75 -7.41
CA VAL D 278 6.50 24.75 -6.42
C VAL D 278 7.83 24.28 -7.05
N ARG D 279 8.92 24.94 -6.72
CA ARG D 279 10.25 24.42 -7.09
C ARG D 279 10.80 23.83 -5.82
N LYS D 280 11.13 22.55 -5.85
CA LYS D 280 11.60 21.86 -4.63
C LYS D 280 12.37 20.57 -4.98
N ALA D 281 13.51 20.35 -4.34
CA ALA D 281 14.22 19.08 -4.53
C ALA D 281 14.28 18.70 -6.03
N ALA D 282 14.91 19.57 -6.82
CA ALA D 282 15.17 19.25 -8.25
C ALA D 282 13.90 19.04 -9.10
N LYS D 283 12.74 19.51 -8.62
CA LYS D 283 11.48 19.34 -9.39
C LYS D 283 10.64 20.61 -9.40
N TYR D 284 10.05 20.88 -10.57
CA TYR D 284 9.16 21.98 -10.77
C TYR D 284 7.83 21.32 -11.05
N SER D 285 6.87 21.58 -10.21
CA SER D 285 5.66 20.81 -10.23
C SER D 285 4.37 21.62 -9.99
N THR D 286 3.28 21.17 -10.60
CA THR D 286 1.93 21.65 -10.18
C THR D 286 1.04 20.45 -9.79
N ASP D 287 -0.12 20.74 -9.19
CA ASP D 287 -1.10 19.70 -8.82
C ASP D 287 -1.97 19.29 -10.00
N ILE D 288 -2.36 18.04 -10.01
CA ILE D 288 -3.36 17.58 -10.92
C ILE D 288 -4.51 17.21 -9.98
N LEU D 289 -5.73 17.52 -10.36
CA LEU D 289 -6.93 17.21 -9.59
C LEU D 289 -7.09 15.68 -9.46
N VAL D 290 -7.65 15.24 -8.35
CA VAL D 290 -7.89 13.82 -8.14
C VAL D 290 -9.41 13.51 -8.08
N ASP D 291 -10.15 14.42 -7.43
CA ASP D 291 -11.61 14.28 -7.25
C ASP D 291 -12.28 14.76 -8.52
N TRP D 292 -12.89 13.83 -9.25
CA TRP D 292 -13.53 14.12 -10.52
C TRP D 292 -14.61 15.18 -10.44
N LYS D 293 -15.28 15.27 -9.30
CA LYS D 293 -16.39 16.22 -9.13
C LYS D 293 -15.92 17.66 -9.13
N GLN D 294 -14.65 17.87 -8.81
CA GLN D 294 -14.11 19.22 -8.77
C GLN D 294 -13.90 19.86 -10.14
N ARG D 295 -13.74 19.04 -11.16
CA ARG D 295 -13.28 19.52 -12.45
C ARG D 295 -14.25 20.52 -13.16
N PHE D 296 -15.53 20.17 -13.20
CA PHE D 296 -16.53 21.02 -13.83
C PHE D 296 -17.56 21.47 -12.81
N ILE D 297 -17.14 21.57 -11.56
CA ILE D 297 -18.07 21.95 -10.53
C ILE D 297 -18.76 23.31 -10.82
N ASP D 298 -18.02 24.29 -11.30
CA ASP D 298 -18.63 25.60 -11.63
C ASP D 298 -19.72 25.54 -12.71
N ALA D 299 -19.50 24.68 -13.71
CA ALA D 299 -20.44 24.56 -14.83
C ALA D 299 -21.86 24.13 -14.42
N TYR D 300 -21.99 23.39 -13.31
CA TYR D 300 -23.36 23.05 -12.81
C TYR D 300 -24.18 24.28 -12.57
N ASP D 301 -23.57 25.27 -11.90
CA ASP D 301 -24.31 26.47 -11.50
C ASP D 301 -24.58 27.32 -12.74
N ILE D 302 -23.58 27.39 -13.62
CA ILE D 302 -23.67 28.14 -14.84
C ILE D 302 -24.76 27.57 -15.74
N GLU D 303 -24.81 26.24 -15.93
CA GLU D 303 -25.82 25.65 -16.83
C GLU D 303 -27.26 25.91 -16.32
N PHE D 304 -27.50 25.77 -15.01
CA PHE D 304 -28.83 26.10 -14.46
C PHE D 304 -29.10 27.60 -14.57
N GLN D 305 -28.07 28.43 -14.33
CA GLN D 305 -28.32 29.86 -14.37
C GLN D 305 -28.76 30.25 -15.77
N ASP D 306 -28.13 29.66 -16.78
CA ASP D 306 -28.51 29.96 -18.18
C ASP D 306 -29.96 29.52 -18.43
N PHE D 307 -30.26 28.26 -18.12
CA PHE D 307 -31.59 27.69 -18.21
C PHE D 307 -32.66 28.57 -17.54
N PHE D 308 -32.47 28.88 -16.26
CA PHE D 308 -33.44 29.73 -15.58
C PHE D 308 -33.51 31.17 -16.06
N ASP D 309 -32.40 31.70 -16.58
CA ASP D 309 -32.41 33.08 -17.11
C ASP D 309 -33.33 33.14 -18.33
N ARG D 310 -33.09 32.24 -19.29
CA ARG D 310 -33.94 32.11 -20.48
C ARG D 310 -35.43 31.85 -20.22
N LEU D 311 -35.76 30.86 -19.40
CA LEU D 311 -37.17 30.58 -19.08
C LEU D 311 -37.85 31.80 -18.44
N ASN D 312 -37.13 32.48 -17.55
CA ASN D 312 -37.62 33.69 -16.92
C ASN D 312 -37.74 34.86 -17.89
N ALA D 313 -36.85 34.92 -18.87
CA ALA D 313 -36.94 35.92 -19.94
C ALA D 313 -38.05 35.57 -20.93
N GLY D 314 -38.66 34.41 -20.77
CA GLY D 314 -39.70 33.96 -21.69
C GLY D 314 -39.13 33.30 -22.94
N LEU D 315 -37.85 32.90 -22.93
CA LEU D 315 -37.21 32.28 -24.10
C LEU D 315 -37.02 30.79 -23.91
N PRO D 316 -36.90 30.04 -25.03
CA PRO D 316 -36.66 28.61 -24.88
C PRO D 316 -35.26 28.36 -24.25
N PRO D 317 -35.07 27.18 -23.63
CA PRO D 317 -33.72 26.79 -23.23
C PRO D 317 -32.76 26.86 -24.44
N ALA D 318 -31.47 27.00 -24.16
CA ALA D 318 -30.47 27.09 -25.21
C ALA D 318 -29.30 26.17 -24.98
N GLY D 319 -29.45 25.23 -24.05
CA GLY D 319 -28.39 24.26 -23.79
C GLY D 319 -28.72 22.97 -24.52
N PRO D 320 -28.00 21.86 -24.19
CA PRO D 320 -28.19 20.54 -24.84
C PRO D 320 -29.66 20.13 -24.82
N THR D 321 -30.18 19.72 -25.97
CA THR D 321 -31.59 19.48 -26.16
C THR D 321 -31.90 17.98 -26.06
N SER D 322 -33.18 17.60 -26.08
CA SER D 322 -33.57 16.16 -26.23
C SER D 322 -32.89 15.48 -27.42
N TRP D 323 -32.78 16.22 -28.51
CA TRP D 323 -32.07 15.70 -29.66
C TRP D 323 -30.61 15.43 -29.35
N ASP D 324 -29.97 16.33 -28.59
CA ASP D 324 -28.57 16.09 -28.21
C ASP D 324 -28.47 14.84 -27.36
N GLY D 325 -29.49 14.61 -26.53
CA GLY D 325 -29.51 13.44 -25.68
C GLY D 325 -29.69 12.20 -26.51
N TYR D 326 -30.51 12.31 -27.56
CA TYR D 326 -30.77 11.17 -28.40
C TYR D 326 -29.49 10.80 -29.18
N LEU D 327 -28.82 11.80 -29.73
CA LEU D 327 -27.53 11.64 -30.42
C LEU D 327 -26.49 10.88 -29.60
N ALA D 328 -26.30 11.33 -28.36
CA ALA D 328 -25.32 10.73 -27.47
C ALA D 328 -25.66 9.28 -27.25
N ALA D 329 -26.92 9.00 -26.90
CA ALA D 329 -27.38 7.62 -26.71
C ALA D 329 -27.03 6.69 -27.87
N VAL D 330 -27.27 7.15 -29.10
CA VAL D 330 -27.08 6.34 -30.28
C VAL D 330 -25.59 6.13 -30.52
N THR D 331 -24.81 7.16 -30.28
CA THR D 331 -23.38 7.06 -30.48
C THR D 331 -22.76 6.15 -29.40
N ALA D 332 -23.20 6.30 -28.16
CA ALA D 332 -22.66 5.48 -27.07
C ALA D 332 -22.98 4.01 -27.37
N ASP D 333 -24.18 3.78 -27.84
CA ASP D 333 -24.68 2.45 -28.23
C ASP D 333 -23.78 1.77 -29.24
N ALA D 334 -23.48 2.49 -30.30
CA ALA D 334 -22.56 2.01 -31.32
C ALA D 334 -21.13 1.78 -30.79
N CYS D 335 -20.65 2.60 -29.83
CA CYS D 335 -19.34 2.31 -29.21
C CYS D 335 -19.33 1.02 -28.41
N VAL D 336 -20.39 0.79 -27.64
CA VAL D 336 -20.52 -0.43 -26.88
C VAL D 336 -20.56 -1.66 -27.82
N LYS D 337 -21.29 -1.51 -28.93
CA LYS D 337 -21.38 -2.56 -29.95
C LYS D 337 -19.99 -2.82 -30.48
N SER D 338 -19.20 -1.77 -30.65
CA SER D 338 -17.80 -1.91 -31.11
C SER D 338 -16.90 -2.68 -30.11
N GLN D 339 -17.11 -2.45 -28.82
CA GLN D 339 -16.44 -3.20 -27.75
C GLN D 339 -16.69 -4.69 -27.96
N GLU D 340 -17.96 -5.07 -28.12
CA GLU D 340 -18.37 -6.46 -28.31
C GLU D 340 -17.94 -7.09 -29.62
N THR D 341 -18.11 -6.40 -30.74
CA THR D 341 -17.89 -7.07 -32.00
C THR D 341 -16.41 -7.00 -32.38
N GLY D 342 -15.69 -6.01 -31.87
CA GLY D 342 -14.32 -5.81 -32.35
C GLY D 342 -14.25 -5.14 -33.71
N ASN D 343 -15.37 -4.61 -34.19
CA ASN D 343 -15.43 -3.94 -35.47
C ASN D 343 -15.69 -2.44 -35.29
N THR D 344 -15.37 -1.64 -36.31
CA THR D 344 -15.94 -0.30 -36.49
C THR D 344 -17.45 -0.42 -36.65
N GLU D 345 -18.18 0.42 -35.95
CA GLU D 345 -19.62 0.35 -36.06
C GLU D 345 -20.15 1.65 -36.67
N ILE D 346 -21.26 1.57 -37.40
CA ILE D 346 -21.86 2.77 -38.06
C ILE D 346 -22.87 3.43 -37.12
N VAL D 347 -22.89 4.75 -37.09
CA VAL D 347 -23.87 5.47 -36.31
C VAL D 347 -25.07 5.78 -37.20
N GLU D 348 -26.24 5.35 -36.78
CA GLU D 348 -27.43 5.53 -37.55
C GLU D 348 -28.33 6.53 -36.87
N LEU D 349 -28.65 7.64 -37.55
CA LEU D 349 -29.46 8.74 -36.98
C LEU D 349 -30.48 9.27 -37.96
N PRO D 350 -31.70 9.55 -37.49
CA PRO D 350 -32.66 10.25 -38.34
C PRO D 350 -32.22 11.68 -38.61
N SER D 351 -32.90 12.33 -39.58
CA SER D 351 -32.74 13.76 -39.79
C SER D 351 -33.07 14.51 -38.53
N LYS D 352 -32.24 15.50 -38.22
CA LYS D 352 -32.52 16.41 -37.13
C LYS D 352 -33.84 17.13 -37.38
N PRO D 353 -34.83 16.91 -36.51
CA PRO D 353 -36.11 17.60 -36.67
C PRO D 353 -35.91 19.13 -36.66
N ASP D 354 -36.63 19.83 -37.54
CA ASP D 354 -36.63 21.30 -37.57
C ASP D 354 -36.87 21.88 -36.20
N PHE D 355 -37.79 21.25 -35.45
CA PHE D 355 -38.08 21.58 -34.06
C PHE D 355 -36.82 21.91 -33.23
N TYR D 356 -35.73 21.18 -33.50
CA TYR D 356 -34.49 21.32 -32.76
C TYR D 356 -33.51 22.27 -33.43
N LYS D 357 -33.91 22.90 -34.52
CA LYS D 357 -32.98 23.80 -35.22
C LYS D 357 -33.28 25.25 -34.88
N MSE E 22 31.02 -35.93 -9.01
CA MSE E 22 30.56 -34.57 -9.40
C MSE E 22 30.57 -33.59 -8.21
O MSE E 22 29.55 -33.41 -7.52
CB MSE E 22 29.17 -34.63 -10.06
N THR E 23 31.72 -32.96 -7.98
CA THR E 23 31.85 -31.95 -6.92
C THR E 23 32.30 -30.57 -7.46
N LEU E 24 31.86 -29.50 -6.77
CA LEU E 24 32.21 -28.12 -7.15
C LEU E 24 33.00 -27.40 -6.07
N LYS E 25 34.00 -26.64 -6.51
CA LYS E 25 34.88 -25.96 -5.58
C LYS E 25 34.48 -24.51 -5.24
N ALA E 26 34.37 -24.25 -3.95
CA ALA E 26 33.86 -22.98 -3.46
C ALA E 26 34.89 -22.17 -2.69
N GLY E 27 34.88 -20.86 -2.93
CA GLY E 27 35.61 -19.89 -2.13
C GLY E 27 34.65 -18.94 -1.43
N ILE E 28 34.93 -18.63 -0.17
CA ILE E 28 34.03 -17.81 0.64
C ILE E 28 34.67 -16.49 1.04
N VAL E 29 34.03 -15.39 0.65
CA VAL E 29 34.45 -14.04 1.01
C VAL E 29 33.65 -13.52 2.18
N GLY E 30 34.34 -13.34 3.31
CA GLY E 30 33.74 -12.78 4.51
C GLY E 30 33.49 -13.87 5.53
N ILE E 31 34.46 -14.07 6.42
CA ILE E 31 34.31 -15.08 7.46
C ILE E 31 34.05 -14.40 8.80
N GLY E 32 32.87 -13.77 8.89
CA GLY E 32 32.38 -13.18 10.11
C GLY E 32 31.31 -14.13 10.60
N MSE E 33 30.35 -13.58 11.30
CA MSE E 33 29.38 -14.40 12.00
C MSE E 33 28.78 -15.52 11.14
O MSE E 33 28.89 -16.71 11.47
CB MSE E 33 28.29 -13.49 12.55
CG MSE E 33 27.86 -13.86 13.91
SE MSE E 33 25.95 -13.80 13.95
CE MSE E 33 25.59 -15.26 12.66
N ILE E 34 28.17 -15.19 10.01
CA ILE E 34 27.48 -16.21 9.24
C ILE E 34 28.46 -16.84 8.27
N GLY E 35 29.53 -16.12 7.96
CA GLY E 35 30.59 -16.67 7.14
C GLY E 35 31.12 -17.94 7.78
N SER E 36 31.45 -17.87 9.06
CA SER E 36 31.94 -19.06 9.77
C SER E 36 30.91 -20.18 9.72
N ASP E 37 29.67 -19.87 10.08
CA ASP E 37 28.57 -20.84 10.01
C ASP E 37 28.44 -21.47 8.64
N HIS E 38 28.44 -20.65 7.55
CA HIS E 38 28.31 -21.23 6.21
C HIS E 38 29.58 -22.01 5.79
N LEU E 39 30.74 -21.55 6.25
CA LEU E 39 32.00 -22.31 6.07
C LEU E 39 31.85 -23.72 6.66
N ARG E 40 31.34 -23.81 7.88
CA ARG E 40 31.13 -25.12 8.50
C ARG E 40 30.10 -25.95 7.72
N ARG E 41 28.97 -25.33 7.40
CA ARG E 41 27.92 -25.96 6.60
C ARG E 41 28.45 -26.53 5.30
N LEU E 42 29.12 -25.70 4.51
CA LEU E 42 29.57 -26.12 3.21
C LEU E 42 30.60 -27.25 3.32
N ALA E 43 31.44 -27.19 4.35
CA ALA E 43 32.43 -28.26 4.58
C ALA E 43 31.83 -29.59 5.07
N ASN E 44 30.91 -29.55 6.03
CA ASN E 44 30.40 -30.78 6.69
C ASN E 44 29.01 -31.26 6.30
N THR E 45 28.09 -30.33 6.06
CA THR E 45 26.70 -30.69 5.90
C THR E 45 26.28 -30.81 4.44
N VAL E 46 26.66 -29.83 3.61
CA VAL E 46 26.22 -29.78 2.23
C VAL E 46 27.11 -30.65 1.37
N SER E 47 26.50 -31.51 0.57
CA SER E 47 27.25 -32.38 -0.35
C SER E 47 27.27 -31.83 -1.77
N GLY E 48 28.32 -32.22 -2.48
CA GLY E 48 28.53 -31.79 -3.86
C GLY E 48 29.33 -30.50 -3.92
N VAL E 49 29.85 -30.07 -2.77
CA VAL E 49 30.70 -28.88 -2.70
C VAL E 49 31.89 -29.13 -1.80
N GLU E 50 33.09 -28.75 -2.26
CA GLU E 50 34.24 -28.66 -1.39
C GLU E 50 34.59 -27.18 -1.20
N VAL E 51 35.05 -26.81 -0.01
CA VAL E 51 35.58 -25.47 0.27
C VAL E 51 37.11 -25.44 0.07
N VAL E 52 37.60 -24.63 -0.86
CA VAL E 52 39.03 -24.55 -1.15
C VAL E 52 39.71 -23.22 -0.85
N ALA E 53 38.95 -22.22 -0.43
CA ALA E 53 39.47 -20.88 -0.23
C ALA E 53 38.57 -19.98 0.61
N VAL E 54 39.20 -19.19 1.46
CA VAL E 54 38.46 -18.23 2.28
C VAL E 54 39.17 -16.90 2.21
N CYS E 55 38.51 -15.92 2.81
CA CYS E 55 38.94 -14.55 2.70
C CYS E 55 38.24 -13.70 3.73
N ASP E 56 39.01 -13.02 4.55
CA ASP E 56 38.48 -11.90 5.34
C ASP E 56 39.46 -10.75 5.37
N ILE E 57 38.92 -9.54 5.46
CA ILE E 57 39.76 -8.35 5.40
C ILE E 57 40.52 -8.15 6.71
N VAL E 58 40.00 -8.74 7.81
CA VAL E 58 40.62 -8.66 9.13
C VAL E 58 41.66 -9.77 9.35
N ALA E 59 42.89 -9.35 9.66
CA ALA E 59 44.05 -10.27 9.75
C ALA E 59 43.81 -11.52 10.62
N GLY E 60 43.96 -12.69 10.00
CA GLY E 60 43.85 -13.99 10.70
C GLY E 60 42.46 -14.55 10.96
N ARG E 61 41.43 -13.71 10.76
CA ARG E 61 40.04 -14.05 11.10
C ARG E 61 39.56 -15.31 10.38
N ALA E 62 39.97 -15.43 9.12
CA ALA E 62 39.56 -16.57 8.30
C ALA E 62 40.24 -17.84 8.79
N GLN E 63 41.59 -17.80 8.88
CA GLN E 63 42.37 -18.91 9.41
C GLN E 63 41.86 -19.35 10.78
N ALA E 64 41.52 -18.39 11.65
CA ALA E 64 40.89 -18.73 12.94
C ALA E 64 39.65 -19.66 12.83
N ALA E 65 38.83 -19.45 11.80
CA ALA E 65 37.65 -20.30 11.61
C ALA E 65 38.03 -21.59 10.91
N LEU E 66 39.00 -21.52 10.00
CA LEU E 66 39.63 -22.71 9.43
C LEU E 66 40.14 -23.57 10.55
N ASP E 67 40.87 -22.92 11.46
CA ASP E 67 41.40 -23.60 12.65
C ASP E 67 40.24 -24.11 13.49
N LYS E 68 39.28 -23.25 13.82
CA LYS E 68 38.24 -23.66 14.78
C LYS E 68 37.55 -24.94 14.32
N TYR E 69 37.40 -25.11 13.02
CA TYR E 69 36.61 -26.20 12.48
C TYR E 69 37.43 -27.29 11.84
N ALA E 70 38.75 -27.17 11.95
CA ALA E 70 39.68 -28.12 11.33
C ALA E 70 39.27 -28.27 9.87
N ILE E 71 39.41 -27.18 9.14
CA ILE E 71 39.11 -27.14 7.71
C ILE E 71 40.36 -26.67 6.99
N GLU E 72 40.86 -27.48 6.04
CA GLU E 72 42.00 -27.11 5.20
C GLU E 72 41.54 -26.33 3.96
N ALA E 73 41.94 -25.07 3.87
CA ALA E 73 41.66 -24.28 2.68
C ALA E 73 42.70 -23.21 2.49
N LYS E 74 42.89 -22.81 1.23
CA LYS E 74 43.73 -21.66 0.91
C LYS E 74 43.10 -20.44 1.53
N ASP E 75 43.95 -19.53 1.98
CA ASP E 75 43.47 -18.35 2.67
C ASP E 75 44.00 -17.09 1.99
N TYR E 76 43.09 -16.24 1.51
CA TYR E 76 43.46 -15.03 0.76
C TYR E 76 43.00 -13.76 1.46
N ASN E 77 43.84 -12.73 1.45
CA ASN E 77 43.45 -11.42 2.00
C ASN E 77 42.73 -10.45 1.05
N ASP E 78 42.86 -10.67 -0.25
CA ASP E 78 42.19 -9.85 -1.27
C ASP E 78 41.27 -10.76 -2.06
N TYR E 79 39.98 -10.44 -2.07
CA TYR E 79 38.99 -11.31 -2.66
C TYR E 79 39.23 -11.46 -4.15
N HIS E 80 39.90 -10.48 -4.75
CA HIS E 80 40.27 -10.55 -6.16
C HIS E 80 41.13 -11.79 -6.43
N ASP E 81 42.02 -12.09 -5.49
CA ASP E 81 42.96 -13.21 -5.60
C ASP E 81 42.21 -14.55 -5.49
N LEU E 82 41.17 -14.56 -4.66
CA LEU E 82 40.33 -15.73 -4.49
C LEU E 82 39.50 -15.95 -5.74
N ILE E 83 38.84 -14.89 -6.22
CA ILE E 83 38.04 -14.93 -7.43
C ILE E 83 38.92 -15.50 -8.56
N ASN E 84 40.14 -14.97 -8.65
CA ASN E 84 41.07 -15.31 -9.71
C ASN E 84 41.66 -16.70 -9.64
N ASP E 85 41.54 -17.33 -8.48
CA ASP E 85 41.96 -18.70 -8.29
C ASP E 85 41.18 -19.67 -9.21
N LYS E 86 41.93 -20.42 -10.01
CA LYS E 86 41.34 -21.39 -10.95
C LYS E 86 40.62 -22.53 -10.22
N ASP E 87 41.06 -22.84 -9.01
CA ASP E 87 40.37 -23.84 -8.22
C ASP E 87 38.96 -23.37 -7.82
N VAL E 88 38.79 -22.06 -7.61
CA VAL E 88 37.50 -21.55 -7.16
C VAL E 88 36.55 -21.57 -8.34
N GLU E 89 35.49 -22.37 -8.23
CA GLU E 89 34.45 -22.42 -9.26
C GLU E 89 33.18 -21.67 -8.86
N VAL E 90 32.97 -21.53 -7.55
CA VAL E 90 31.78 -20.86 -7.03
C VAL E 90 32.19 -19.89 -5.94
N VAL E 91 31.65 -18.68 -5.97
CA VAL E 91 32.05 -17.70 -4.96
C VAL E 91 30.89 -17.45 -4.02
N ILE E 92 31.11 -17.67 -2.73
CA ILE E 92 30.08 -17.44 -1.73
C ILE E 92 30.38 -16.12 -1.04
N ILE E 93 29.41 -15.22 -1.07
CA ILE E 93 29.57 -13.89 -0.51
C ILE E 93 28.84 -13.78 0.83
N THR E 94 29.64 -13.71 1.90
CA THR E 94 29.12 -13.52 3.25
C THR E 94 29.78 -12.35 3.96
N ALA E 95 30.17 -11.35 3.19
CA ALA E 95 30.80 -10.16 3.73
C ALA E 95 29.76 -9.09 4.05
N SER E 96 30.24 -8.05 4.72
CA SER E 96 29.44 -6.85 4.99
C SER E 96 28.76 -6.37 3.74
N ASN E 97 27.53 -5.89 3.89
CA ASN E 97 26.77 -5.35 2.75
C ASN E 97 27.56 -4.52 1.74
N GLU E 98 28.29 -3.52 2.23
CA GLU E 98 29.11 -2.61 1.43
C GLU E 98 30.06 -3.29 0.41
N ALA E 99 30.36 -4.57 0.62
CA ALA E 99 31.33 -5.26 -0.21
C ALA E 99 30.67 -6.09 -1.30
N HIS E 100 29.38 -6.35 -1.12
CA HIS E 100 28.64 -7.34 -1.93
C HIS E 100 28.78 -7.15 -3.44
N ALA E 101 28.34 -5.98 -3.90
CA ALA E 101 28.37 -5.62 -5.31
C ALA E 101 29.75 -5.74 -5.97
N ASP E 102 30.78 -5.17 -5.34
CA ASP E 102 32.16 -5.24 -5.87
C ASP E 102 32.54 -6.71 -6.02
N VAL E 103 32.29 -7.49 -4.96
CA VAL E 103 32.75 -8.87 -4.93
C VAL E 103 32.00 -9.68 -5.97
N ALA E 104 30.70 -9.39 -6.11
CA ALA E 104 29.85 -10.18 -7.00
C ALA E 104 30.08 -9.84 -8.45
N VAL E 105 30.24 -8.56 -8.75
CA VAL E 105 30.71 -8.11 -10.10
C VAL E 105 32.04 -8.79 -10.48
N ALA E 106 33.01 -8.83 -9.57
CA ALA E 106 34.33 -9.41 -9.91
C ALA E 106 34.20 -10.90 -10.16
N ALA E 107 33.41 -11.54 -9.30
CA ALA E 107 33.08 -12.95 -9.44
C ALA E 107 32.46 -13.21 -10.81
N LEU E 108 31.43 -12.44 -11.17
CA LEU E 108 30.81 -12.64 -12.46
C LEU E 108 31.73 -12.30 -13.64
N ASN E 109 32.52 -11.23 -13.53
CA ASN E 109 33.49 -10.88 -14.58
C ASN E 109 34.51 -11.99 -14.79
N ALA E 110 34.76 -12.78 -13.75
CA ALA E 110 35.64 -13.95 -13.82
C ALA E 110 34.90 -15.26 -14.09
N ASN E 111 33.63 -15.15 -14.48
CA ASN E 111 32.85 -16.34 -14.89
C ASN E 111 32.69 -17.39 -13.78
N LYS E 112 32.64 -16.95 -12.53
CA LYS E 112 32.33 -17.83 -11.40
C LYS E 112 30.89 -17.61 -10.98
N TYR E 113 30.23 -18.71 -10.61
CA TYR E 113 28.91 -18.62 -9.95
C TYR E 113 29.03 -17.92 -8.61
N VAL E 114 27.91 -17.41 -8.13
CA VAL E 114 27.89 -16.58 -6.95
C VAL E 114 26.68 -16.94 -6.09
N PHE E 115 26.92 -17.22 -4.83
CA PHE E 115 25.84 -17.20 -3.86
C PHE E 115 26.11 -16.01 -2.95
N CYS E 116 25.10 -15.19 -2.73
CA CYS E 116 25.27 -13.97 -1.96
C CYS E 116 24.22 -13.91 -0.88
N GLU E 117 24.68 -13.68 0.34
CA GLU E 117 23.77 -13.51 1.44
C GLU E 117 22.88 -12.32 1.19
N LYS E 118 21.66 -12.40 1.70
CA LYS E 118 20.78 -11.27 1.66
C LYS E 118 21.35 -10.14 2.55
N PRO E 119 21.06 -8.86 2.20
CA PRO E 119 20.46 -8.38 0.96
C PRO E 119 21.50 -8.47 -0.14
N LEU E 120 21.09 -8.44 -1.39
CA LEU E 120 22.04 -8.35 -2.50
C LEU E 120 22.97 -7.15 -2.35
N ALA E 121 22.41 -5.95 -2.23
CA ALA E 121 23.18 -4.77 -1.86
C ALA E 121 22.14 -3.84 -1.26
N VAL E 122 22.56 -2.77 -0.57
CA VAL E 122 21.56 -1.79 -0.05
C VAL E 122 20.90 -0.88 -1.13
N THR E 123 21.69 -0.34 -2.04
CA THR E 123 21.11 0.53 -3.07
C THR E 123 20.69 -0.26 -4.30
N ALA E 124 19.64 0.22 -4.95
CA ALA E 124 19.23 -0.29 -6.24
C ALA E 124 20.39 -0.20 -7.26
N ALA E 125 21.11 0.92 -7.21
CA ALA E 125 22.24 1.15 -8.12
C ALA E 125 23.24 -0.01 -8.04
N ASP E 126 23.53 -0.45 -6.82
CA ASP E 126 24.45 -1.57 -6.65
C ASP E 126 23.89 -2.90 -7.10
N CYS E 127 22.63 -3.15 -6.77
CA CYS E 127 21.90 -4.29 -7.33
C CYS E 127 21.98 -4.29 -8.85
N GLN E 128 21.78 -3.14 -9.46
CA GLN E 128 21.81 -3.05 -10.92
C GLN E 128 23.19 -3.33 -11.52
N ARG E 129 24.27 -2.92 -10.85
CA ARG E 129 25.62 -3.25 -11.37
C ARG E 129 25.82 -4.78 -11.39
N VAL E 130 25.26 -5.48 -10.40
CA VAL E 130 25.40 -6.94 -10.32
C VAL E 130 24.63 -7.55 -11.47
N ILE E 131 23.40 -7.08 -11.65
CA ILE E 131 22.53 -7.53 -12.72
C ILE E 131 23.22 -7.40 -14.10
N GLU E 132 23.81 -6.24 -14.33
CA GLU E 132 24.56 -6.00 -15.54
C GLU E 132 25.70 -6.99 -15.72
N ALA E 133 26.43 -7.24 -14.64
CA ALA E 133 27.54 -8.18 -14.71
C ALA E 133 27.03 -9.55 -15.12
N GLU E 134 25.89 -9.95 -14.55
CA GLU E 134 25.39 -11.29 -14.76
C GLU E 134 24.88 -11.48 -16.19
N GLN E 135 24.11 -10.50 -16.66
CA GLN E 135 23.66 -10.49 -18.05
C GLN E 135 24.85 -10.43 -19.03
N LYS E 136 25.84 -9.59 -18.73
CA LYS E 136 27.03 -9.53 -19.56
C LYS E 136 27.57 -10.94 -19.77
N ASN E 137 27.56 -11.74 -18.71
CA ASN E 137 28.03 -13.12 -18.78
C ASN E 137 27.19 -13.98 -19.75
N GLY E 138 25.89 -14.09 -19.51
CA GLY E 138 24.98 -14.75 -20.46
C GLY E 138 24.02 -15.74 -19.85
N LYS E 139 24.33 -16.20 -18.64
CA LYS E 139 23.56 -17.29 -18.05
C LYS E 139 23.27 -16.91 -16.62
N ARG E 140 22.21 -17.47 -16.05
CA ARG E 140 21.92 -17.16 -14.66
C ARG E 140 22.95 -17.82 -13.77
N MSE E 141 23.49 -17.03 -12.85
CA MSE E 141 24.67 -17.43 -12.12
C MSE E 141 24.62 -17.02 -10.66
O MSE E 141 25.52 -17.37 -9.90
CB MSE E 141 25.94 -16.84 -12.79
CG MSE E 141 26.16 -17.32 -14.17
SE MSE E 141 27.88 -16.84 -14.84
CE MSE E 141 29.02 -17.91 -13.70
N VAL E 142 23.54 -16.32 -10.27
CA VAL E 142 23.43 -15.76 -8.94
C VAL E 142 22.21 -16.28 -8.16
N GLN E 143 22.42 -16.63 -6.88
CA GLN E 143 21.32 -16.85 -5.95
C GLN E 143 21.52 -15.97 -4.73
N ILE E 144 20.42 -15.42 -4.23
CA ILE E 144 20.47 -14.55 -3.04
C ILE E 144 19.99 -15.39 -1.86
N GLY E 145 20.60 -15.18 -0.71
CA GLY E 145 20.38 -16.02 0.41
C GLY E 145 19.10 -15.69 1.16
N PHE E 146 18.00 -15.43 0.47
CA PHE E 146 16.68 -15.32 1.16
C PHE E 146 16.11 -16.70 1.55
N MSE E 147 16.57 -17.23 2.68
CA MSE E 147 16.38 -18.64 3.00
C MSE E 147 14.94 -19.06 3.37
O MSE E 147 14.67 -20.27 3.37
CB MSE E 147 17.36 -19.10 4.09
CG MSE E 147 16.99 -18.69 5.56
SE MSE E 147 16.87 -16.71 5.82
CE MSE E 147 16.39 -16.54 7.72
N ARG E 148 14.04 -18.12 3.71
CA ARG E 148 12.66 -18.51 4.09
C ARG E 148 11.99 -19.33 2.98
N ARG E 149 12.42 -19.16 1.73
CA ARG E 149 11.78 -19.85 0.63
C ARG E 149 12.02 -21.35 0.69
N TYR E 150 13.06 -21.79 1.43
CA TYR E 150 13.39 -23.20 1.59
C TYR E 150 12.84 -23.80 2.89
N ASP E 151 12.32 -22.94 3.75
CA ASP E 151 11.73 -23.40 5.02
C ASP E 151 10.54 -24.31 4.65
N LYS E 152 10.43 -25.48 5.28
CA LYS E 152 9.36 -26.44 4.93
C LYS E 152 7.91 -25.93 5.15
N GLY E 153 7.71 -25.12 6.17
CA GLY E 153 6.40 -24.51 6.41
C GLY E 153 6.02 -23.54 5.31
N TYR E 154 6.97 -22.67 4.91
CA TYR E 154 6.84 -21.78 3.71
C TYR E 154 6.59 -22.53 2.39
N VAL E 155 7.30 -23.61 2.18
CA VAL E 155 7.06 -24.41 0.97
C VAL E 155 5.65 -24.99 1.02
N GLN E 156 5.20 -25.42 2.20
CA GLN E 156 3.86 -26.00 2.31
C GLN E 156 2.77 -24.92 2.07
N LEU E 157 2.95 -23.75 2.66
CA LEU E 157 2.07 -22.65 2.42
C LEU E 157 2.08 -22.28 0.92
N LYS E 158 3.24 -22.26 0.28
CA LYS E 158 3.32 -21.93 -1.13
C LYS E 158 2.49 -22.93 -1.99
N ASN E 159 2.65 -24.22 -1.73
CA ASN E 159 1.90 -25.28 -2.46
C ASN E 159 0.38 -25.17 -2.28
N ILE E 160 -0.05 -24.79 -1.07
CA ILE E 160 -1.48 -24.64 -0.81
C ILE E 160 -2.02 -23.49 -1.67
N ILE E 161 -1.36 -22.34 -1.62
CA ILE E 161 -1.69 -21.20 -2.45
C ILE E 161 -1.78 -21.60 -3.93
N ASP E 162 -0.72 -22.21 -4.44
CA ASP E 162 -0.61 -22.54 -5.84
C ASP E 162 -1.57 -23.62 -6.30
N SER E 163 -2.07 -24.46 -5.39
CA SER E 163 -3.01 -25.50 -5.78
C SER E 163 -4.40 -24.90 -6.02
N GLY E 164 -4.63 -23.67 -5.53
CA GLY E 164 -5.93 -23.06 -5.61
C GLY E 164 -6.93 -23.41 -4.52
N GLU E 165 -6.48 -24.17 -3.50
CA GLU E 165 -7.39 -24.61 -2.40
C GLU E 165 -8.17 -23.47 -1.72
N ILE E 166 -7.55 -22.29 -1.54
CA ILE E 166 -8.22 -21.18 -0.85
C ILE E 166 -8.62 -20.06 -1.86
N GLY E 167 -8.47 -20.38 -3.15
CA GLY E 167 -8.79 -19.45 -4.23
C GLY E 167 -7.79 -18.30 -4.31
N GLN E 168 -8.14 -17.29 -5.09
CA GLN E 168 -7.30 -16.10 -5.30
C GLN E 168 -6.94 -15.38 -3.96
N PRO E 169 -5.64 -15.19 -3.69
CA PRO E 169 -5.32 -14.41 -2.47
C PRO E 169 -5.83 -12.98 -2.51
N LEU E 170 -6.31 -12.48 -1.37
CA LEU E 170 -6.85 -11.14 -1.27
C LEU E 170 -6.16 -10.28 -0.20
N MSE E 171 -5.81 -10.89 0.94
CA MSE E 171 -5.23 -10.16 2.10
C MSE E 171 -4.24 -11.09 2.78
O MSE E 171 -4.44 -12.32 2.82
CB MSE E 171 -6.29 -9.80 3.15
CG MSE E 171 -7.27 -8.80 2.69
SE MSE E 171 -8.64 -8.41 4.06
CE MSE E 171 -9.57 -10.20 4.05
N VAL E 172 -3.20 -10.50 3.38
CA VAL E 172 -2.18 -11.27 4.07
C VAL E 172 -1.92 -10.57 5.37
N HIS E 173 -1.80 -11.35 6.45
CA HIS E 173 -1.32 -10.78 7.70
C HIS E 173 -0.06 -11.46 8.14
N GLY E 174 1.00 -10.67 8.38
CA GLY E 174 2.31 -11.18 8.86
C GLY E 174 2.74 -10.53 10.19
N ARG E 175 3.54 -11.28 10.95
CA ARG E 175 4.22 -10.76 12.08
C ARG E 175 5.68 -11.16 11.98
N HIS E 176 6.55 -10.21 12.26
CA HIS E 176 7.96 -10.55 12.45
C HIS E 176 8.32 -9.95 13.83
N TYR E 177 8.34 -10.82 14.82
CA TYR E 177 8.66 -10.42 16.19
C TYR E 177 9.98 -11.00 16.66
N ASN E 178 10.69 -10.20 17.42
CA ASN E 178 11.94 -10.55 17.98
C ASN E 178 12.00 -9.99 19.38
N ALA E 179 12.65 -10.72 20.29
CA ALA E 179 12.65 -10.40 21.69
C ALA E 179 13.24 -9.02 22.07
N SER E 180 14.47 -8.73 21.64
CA SER E 180 15.06 -7.42 21.85
C SER E 180 16.23 -7.08 20.93
N THR E 181 16.56 -5.80 20.84
CA THR E 181 17.64 -5.31 19.96
C THR E 181 18.66 -4.52 20.75
N VAL E 182 19.91 -4.50 20.27
CA VAL E 182 20.99 -3.74 20.88
C VAL E 182 20.79 -2.30 20.48
N PRO E 183 21.40 -1.33 21.23
CA PRO E 183 21.26 0.09 20.90
C PRO E 183 21.62 0.49 19.46
N GLU E 184 22.58 -0.20 18.89
CA GLU E 184 23.11 0.16 17.59
C GLU E 184 22.02 -0.11 16.53
N TYR E 185 20.97 -0.84 16.88
CA TYR E 185 19.98 -1.23 15.88
C TYR E 185 18.97 -0.08 15.76
N LYS E 186 18.96 0.59 14.61
CA LYS E 186 18.20 1.83 14.48
C LYS E 186 16.91 1.64 13.71
N THR E 187 16.01 2.59 13.89
CA THR E 187 14.70 2.61 13.20
C THR E 187 14.61 2.06 11.75
N PRO E 188 15.54 2.48 10.84
CA PRO E 188 15.55 1.88 9.49
C PRO E 188 15.89 0.34 9.40
N GLN E 189 16.59 -0.20 10.38
N GLN E 189 16.60 -0.19 10.38
CA GLN E 189 16.90 -1.62 10.35
CA GLN E 189 16.90 -1.63 10.40
C GLN E 189 15.65 -2.50 10.54
C GLN E 189 15.62 -2.48 10.49
N ALA E 190 14.56 -1.96 11.12
CA ALA E 190 13.30 -2.72 11.16
C ALA E 190 12.89 -3.16 9.75
N ILE E 191 13.30 -2.34 8.74
CA ILE E 191 13.08 -2.64 7.33
C ILE E 191 14.30 -3.35 6.76
N TYR E 192 15.44 -2.67 6.80
CA TYR E 192 16.62 -3.22 6.15
C TYR E 192 17.02 -4.62 6.61
N GLU E 193 17.05 -4.86 7.92
CA GLU E 193 17.47 -6.17 8.31
C GLU E 193 16.32 -7.14 8.58
N THR E 194 15.18 -6.63 9.05
CA THR E 194 14.13 -7.50 9.53
C THR E 194 13.01 -7.71 8.46
N LEU E 195 12.25 -6.66 8.17
CA LEU E 195 11.14 -6.76 7.14
C LEU E 195 11.61 -7.26 5.77
N ILE E 196 12.89 -7.05 5.43
CA ILE E 196 13.45 -7.48 4.14
C ILE E 196 13.06 -8.95 3.85
N HIS E 197 13.07 -9.80 4.88
CA HIS E 197 12.62 -11.17 4.69
C HIS E 197 11.18 -11.31 4.21
N GLU E 198 10.24 -10.61 4.84
CA GLU E 198 8.85 -10.63 4.35
C GLU E 198 8.70 -10.00 2.96
N ILE E 199 9.45 -8.92 2.71
CA ILE E 199 9.46 -8.22 1.39
C ILE E 199 9.70 -9.25 0.32
N ASP E 200 10.68 -10.12 0.57
CA ASP E 200 10.96 -11.18 -0.39
C ASP E 200 9.99 -12.34 -0.35
N VAL E 201 9.61 -12.84 0.82
CA VAL E 201 8.85 -14.09 0.88
C VAL E 201 7.41 -13.87 0.44
N MSE E 202 6.82 -12.71 0.76
CA MSE E 202 5.43 -12.46 0.37
C MSE E 202 5.33 -12.32 -1.15
O MSE E 202 4.42 -12.86 -1.78
CB MSE E 202 4.82 -11.22 1.04
CG MSE E 202 4.90 -11.19 2.57
SE MSE E 202 4.02 -12.68 3.45
CE MSE E 202 3.73 -11.69 5.17
N HIS E 203 6.31 -11.65 -1.73
CA HIS E 203 6.42 -11.50 -3.15
C HIS E 203 6.51 -12.88 -3.81
N TRP E 204 7.18 -13.81 -3.13
CA TRP E 204 7.42 -15.15 -3.73
C TRP E 204 6.16 -16.02 -3.56
N LEU E 205 5.54 -15.89 -2.39
CA LEU E 205 4.28 -16.59 -2.09
C LEU E 205 3.20 -16.26 -3.08
N LEU E 206 3.09 -15.00 -3.43
CA LEU E 206 1.96 -14.48 -4.18
C LEU E 206 2.28 -14.31 -5.67
N ASN E 207 3.56 -14.45 -5.98
CA ASN E 207 4.04 -14.20 -7.33
C ASN E 207 3.68 -12.82 -7.86
N GLU E 208 3.81 -11.77 -7.02
CA GLU E 208 3.56 -10.38 -7.42
C GLU E 208 4.58 -9.42 -6.83
N ASP E 209 4.71 -8.24 -7.43
CA ASP E 209 5.47 -7.13 -6.87
C ASP E 209 4.59 -6.13 -6.12
N TYR E 210 5.23 -5.16 -5.45
CA TYR E 210 4.50 -4.17 -4.62
C TYR E 210 4.36 -2.91 -5.46
N LYS E 211 3.18 -2.31 -5.38
CA LYS E 211 2.95 -1.03 -6.04
C LYS E 211 3.09 0.11 -5.02
N THR E 212 2.65 -0.11 -3.77
CA THR E 212 2.83 0.90 -2.69
C THR E 212 3.24 0.26 -1.35
N VAL E 213 3.80 1.10 -0.49
CA VAL E 213 4.11 0.75 0.88
C VAL E 213 3.80 1.91 1.84
N LYS E 214 3.41 1.57 3.07
N LYS E 214 3.34 1.60 3.05
CA LYS E 214 3.03 2.54 4.09
CA LYS E 214 3.13 2.64 4.06
C LYS E 214 3.50 2.03 5.44
C LYS E 214 3.48 2.07 5.42
N VAL E 215 4.29 2.84 6.16
CA VAL E 215 4.68 2.45 7.52
C VAL E 215 3.90 3.29 8.53
N TYR E 216 3.07 2.64 9.33
CA TYR E 216 2.54 3.22 10.53
C TYR E 216 3.47 3.00 11.73
N PHE E 217 3.54 3.99 12.61
CA PHE E 217 4.25 3.87 13.90
C PHE E 217 3.20 3.80 15.02
N PRO E 218 2.84 2.59 15.48
CA PRO E 218 1.86 2.53 16.58
C PRO E 218 2.49 3.17 17.83
N ARG E 219 1.66 3.44 18.85
CA ARG E 219 2.18 3.75 20.21
C ARG E 219 3.55 3.08 20.52
N GLN E 220 4.51 3.94 20.84
CA GLN E 220 5.88 3.55 21.16
C GLN E 220 5.82 2.66 22.43
N SER E 221 6.58 1.56 22.40
CA SER E 221 6.74 0.75 23.58
C SER E 221 7.56 1.54 24.62
N SER E 222 7.03 1.66 25.84
CA SER E 222 7.75 2.40 26.87
C SER E 222 8.98 1.63 27.41
N LEU E 223 9.12 0.36 27.01
CA LEU E 223 10.35 -0.41 27.29
C LEU E 223 11.50 -0.12 26.32
N VAL E 224 11.20 0.61 25.24
CA VAL E 224 12.16 0.78 24.17
C VAL E 224 12.52 2.24 24.08
N THR E 225 13.81 2.53 24.02
CA THR E 225 14.28 3.88 23.89
C THR E 225 15.28 4.03 22.76
N THR E 226 15.67 2.94 22.11
CA THR E 226 16.73 3.10 21.08
C THR E 226 16.25 3.22 19.60
N LEU E 227 14.96 3.04 19.36
CA LEU E 227 14.36 3.09 18.02
C LEU E 227 12.84 3.19 18.20
N ARG E 228 12.14 3.51 17.11
CA ARG E 228 10.68 3.51 17.06
C ARG E 228 10.23 2.07 16.83
N ASP E 229 9.43 1.56 17.77
CA ASP E 229 9.15 0.14 17.88
C ASP E 229 7.87 0.07 18.71
N PRO E 230 6.85 -0.67 18.24
CA PRO E 230 6.78 -1.45 17.03
C PRO E 230 6.50 -0.58 15.77
N GLN E 231 6.33 -1.27 14.65
CA GLN E 231 5.99 -0.67 13.38
C GLN E 231 5.00 -1.56 12.64
N LEU E 232 4.18 -0.93 11.81
CA LEU E 232 3.12 -1.65 11.15
C LEU E 232 3.13 -1.22 9.71
N VAL E 233 3.29 -2.19 8.84
CA VAL E 233 3.45 -1.87 7.46
C VAL E 233 2.33 -2.41 6.60
N VAL E 234 1.75 -1.50 5.82
CA VAL E 234 0.78 -1.88 4.81
C VAL E 234 1.42 -1.85 3.45
N MSE E 235 1.34 -2.97 2.76
CA MSE E 235 1.87 -3.05 1.41
C MSE E 235 0.78 -3.51 0.45
O MSE E 235 0.04 -4.42 0.76
CB MSE E 235 3.07 -4.01 1.33
CG MSE E 235 4.15 -3.82 2.46
SE MSE E 235 5.87 -4.69 2.06
CE MSE E 235 5.40 -6.54 2.42
N GLU E 236 0.71 -2.87 -0.72
CA GLU E 236 -0.16 -3.29 -1.80
C GLU E 236 0.56 -3.91 -2.95
N THR E 237 0.08 -5.07 -3.41
CA THR E 237 0.74 -5.71 -4.60
C THR E 237 0.12 -5.11 -5.84
N THR E 238 0.81 -5.30 -6.96
CA THR E 238 0.35 -4.76 -8.23
C THR E 238 -1.14 -5.10 -8.53
N SER E 239 -1.60 -6.33 -8.28
CA SER E 239 -3.04 -6.62 -8.45
C SER E 239 -3.91 -6.22 -7.26
N GLY E 240 -3.33 -5.60 -6.24
CA GLY E 240 -4.12 -5.05 -5.13
C GLY E 240 -4.35 -5.99 -3.96
N ILE E 241 -3.52 -7.03 -3.83
CA ILE E 241 -3.50 -7.83 -2.60
C ILE E 241 -3.00 -6.92 -1.47
N ASN E 242 -3.76 -6.84 -0.39
CA ASN E 242 -3.36 -6.01 0.71
C ASN E 242 -2.56 -6.82 1.77
N ILE E 243 -1.32 -6.39 2.08
CA ILE E 243 -0.46 -7.09 3.03
C ILE E 243 -0.18 -6.20 4.24
N VAL E 244 -0.50 -6.72 5.43
CA VAL E 244 -0.21 -6.05 6.67
C VAL E 244 0.84 -6.87 7.42
N VAL E 245 1.93 -6.24 7.84
CA VAL E 245 2.97 -6.92 8.58
C VAL E 245 3.32 -6.14 9.83
N GLU E 246 3.03 -6.74 10.98
CA GLU E 246 3.44 -6.16 12.26
C GLU E 246 4.92 -6.46 12.55
N VAL E 247 5.71 -5.44 12.88
CA VAL E 247 7.13 -5.59 13.18
C VAL E 247 7.39 -5.10 14.63
N PHE E 248 7.82 -6.00 15.50
CA PHE E 248 8.03 -5.65 16.88
C PHE E 248 9.33 -6.32 17.21
N VAL E 249 10.41 -5.55 17.27
CA VAL E 249 11.74 -6.16 17.43
C VAL E 249 12.21 -6.16 18.88
N ASN E 250 11.39 -5.63 19.79
CA ASN E 250 11.63 -5.73 21.18
C ASN E 250 10.31 -6.17 21.80
N CYS E 251 9.70 -7.24 21.26
CA CYS E 251 8.41 -7.73 21.80
C CYS E 251 8.57 -8.41 23.17
N GLN E 252 9.83 -8.66 23.59
CA GLN E 252 10.16 -9.27 24.90
C GLN E 252 10.01 -10.80 24.93
N TYR E 253 8.95 -11.35 24.34
CA TYR E 253 8.58 -12.72 24.66
C TYR E 253 9.33 -13.77 23.92
N GLY E 254 9.85 -13.42 22.76
CA GLY E 254 10.60 -14.38 21.95
C GLY E 254 10.67 -13.96 20.49
N TYR E 255 10.95 -14.93 19.63
CA TYR E 255 11.09 -14.69 18.24
C TYR E 255 9.91 -15.44 17.63
N ASP E 256 9.13 -14.75 16.80
CA ASP E 256 7.79 -15.28 16.48
C ASP E 256 7.35 -14.76 15.12
N ILE E 257 7.10 -15.68 14.19
CA ILE E 257 6.77 -15.35 12.82
C ILE E 257 5.39 -15.91 12.48
N HIS E 258 4.47 -15.01 12.12
CA HIS E 258 3.14 -15.36 11.71
C HIS E 258 2.99 -15.00 10.23
N CYS E 259 2.11 -15.74 9.53
CA CYS E 259 1.82 -15.43 8.16
C CYS E 259 0.56 -16.13 7.73
N ASP E 260 -0.52 -15.36 7.59
CA ASP E 260 -1.80 -15.85 7.18
C ASP E 260 -2.13 -15.31 5.80
N VAL E 261 -2.69 -16.16 4.94
CA VAL E 261 -3.10 -15.66 3.62
C VAL E 261 -4.60 -15.90 3.48
N THR E 262 -5.38 -14.84 3.41
CA THR E 262 -6.81 -15.03 3.11
C THR E 262 -7.07 -15.00 1.61
N GLY E 263 -7.68 -16.07 1.08
CA GLY E 263 -8.14 -16.08 -0.31
C GLY E 263 -9.67 -15.97 -0.39
N GLU E 264 -10.19 -16.08 -1.63
CA GLU E 264 -11.59 -15.96 -1.91
C GLU E 264 -12.43 -17.02 -1.23
N LYS E 265 -11.84 -18.18 -0.97
CA LYS E 265 -12.65 -19.19 -0.34
C LYS E 265 -11.99 -19.93 0.82
N GLY E 266 -10.86 -19.42 1.29
CA GLY E 266 -10.34 -20.02 2.51
C GLY E 266 -9.19 -19.23 3.06
N MSE E 267 -8.64 -19.71 4.16
CA MSE E 267 -7.40 -19.11 4.74
C MSE E 267 -6.36 -20.19 4.94
O MSE E 267 -6.69 -21.27 5.37
CB MSE E 267 -7.67 -18.47 6.08
CG MSE E 267 -6.64 -17.46 6.50
SE MSE E 267 -6.80 -17.07 8.41
CE MSE E 267 -8.48 -16.08 8.47
N ALA E 268 -5.12 -19.86 4.62
CA ALA E 268 -3.96 -20.71 4.92
C ALA E 268 -3.06 -20.00 5.95
N GLU E 269 -2.53 -20.74 6.93
CA GLU E 269 -1.77 -20.15 8.10
C GLU E 269 -0.42 -20.84 8.13
N LEU E 270 0.67 -20.07 8.18
CA LEU E 270 2.02 -20.62 8.31
C LEU E 270 2.10 -21.38 9.65
N PRO E 271 2.69 -22.60 9.68
CA PRO E 271 2.87 -23.19 11.05
C PRO E 271 4.02 -22.55 11.86
N THR E 272 4.13 -22.94 13.12
CA THR E 272 5.26 -22.49 13.91
C THR E 272 6.09 -23.69 14.32
N VAL E 273 7.07 -23.44 15.19
CA VAL E 273 7.94 -24.51 15.64
C VAL E 273 7.24 -25.36 16.70
N ALA E 274 7.20 -26.67 16.44
CA ALA E 274 6.65 -27.67 17.36
C ALA E 274 7.33 -27.63 18.73
N SER E 275 6.54 -27.77 19.76
CA SER E 275 7.09 -27.86 21.09
C SER E 275 6.34 -28.89 21.92
N ALA E 276 7.03 -29.62 22.79
CA ALA E 276 6.37 -30.39 23.79
C ALA E 276 5.46 -29.44 24.57
N ALA E 277 4.30 -29.94 24.99
CA ALA E 277 3.39 -29.23 25.92
C ALA E 277 3.40 -29.77 27.39
N VAL E 278 3.18 -28.86 28.34
CA VAL E 278 3.10 -29.14 29.78
C VAL E 278 1.74 -28.62 30.39
N ARG E 279 1.02 -29.49 31.09
CA ARG E 279 -0.09 -29.03 31.95
C ARG E 279 0.50 -28.93 33.35
N LYS E 280 0.53 -27.70 33.90
CA LYS E 280 1.08 -27.45 35.25
C LYS E 280 0.44 -26.22 35.94
N ALA E 281 0.14 -26.30 37.23
CA ALA E 281 -0.35 -25.09 37.90
C ALA E 281 -1.39 -24.28 37.06
N ALA E 282 -2.43 -24.97 36.58
CA ALA E 282 -3.58 -24.30 35.94
C ALA E 282 -3.24 -23.67 34.61
N LYS E 283 -2.09 -24.08 34.01
CA LYS E 283 -1.68 -23.62 32.68
C LYS E 283 -1.27 -24.77 31.76
N TYR E 284 -1.66 -24.65 30.50
CA TYR E 284 -1.31 -25.55 29.43
C TYR E 284 -0.49 -24.71 28.48
N SER E 285 0.71 -25.15 28.20
CA SER E 285 1.70 -24.32 27.57
C SER E 285 2.74 -25.07 26.70
N THR E 286 3.25 -24.36 25.69
CA THR E 286 4.38 -24.83 24.87
C THR E 286 5.47 -23.79 24.82
N ASP E 287 6.63 -24.10 24.27
CA ASP E 287 7.67 -23.06 24.23
C ASP E 287 7.56 -22.16 23.03
N ILE E 288 8.00 -20.91 23.21
CA ILE E 288 8.27 -20.03 22.09
C ILE E 288 9.79 -19.82 22.00
N LEU E 289 10.32 -19.83 20.79
CA LEU E 289 11.75 -19.70 20.59
C LEU E 289 12.17 -18.29 21.02
N VAL E 290 13.43 -18.14 21.44
CA VAL E 290 13.96 -16.83 21.78
C VAL E 290 15.11 -16.49 20.82
N ASP E 291 15.87 -17.49 20.43
CA ASP E 291 17.06 -17.26 19.60
C ASP E 291 16.60 -17.24 18.15
N TRP E 292 16.58 -16.07 17.55
CA TRP E 292 16.19 -15.91 16.18
C TRP E 292 16.88 -16.85 15.22
N LYS E 293 18.13 -17.19 15.52
CA LYS E 293 18.93 -17.99 14.58
C LYS E 293 18.42 -19.42 14.49
N GLN E 294 17.68 -19.85 15.51
CA GLN E 294 17.12 -21.18 15.44
C GLN E 294 15.97 -21.36 14.47
N ARG E 295 15.23 -20.28 14.21
CA ARG E 295 13.94 -20.36 13.53
C ARG E 295 14.05 -20.98 12.14
N PHE E 296 15.02 -20.52 11.37
CA PHE E 296 15.12 -20.97 9.99
C PHE E 296 16.48 -21.60 9.78
N ILE E 297 17.08 -22.01 10.89
CA ILE E 297 18.36 -22.73 10.88
C ILE E 297 18.41 -23.82 9.76
N ASP E 298 17.42 -24.68 9.65
CA ASP E 298 17.49 -25.79 8.68
C ASP E 298 17.54 -25.31 7.23
N ALA E 299 16.91 -24.17 6.97
CA ALA E 299 16.70 -23.67 5.62
C ALA E 299 18.01 -23.24 4.98
N TYR E 300 18.97 -22.77 5.79
CA TYR E 300 20.36 -22.54 5.31
C TYR E 300 20.95 -23.70 4.58
N ASP E 301 20.88 -24.89 5.19
CA ASP E 301 21.43 -26.08 4.54
C ASP E 301 20.66 -26.48 3.27
N ILE E 302 19.35 -26.35 3.34
CA ILE E 302 18.45 -26.74 2.25
C ILE E 302 18.65 -25.85 1.04
N GLU E 303 18.81 -24.54 1.25
CA GLU E 303 19.09 -23.61 0.13
C GLU E 303 20.42 -23.93 -0.56
N PHE E 304 21.48 -24.23 0.20
CA PHE E 304 22.78 -24.46 -0.40
C PHE E 304 22.67 -25.79 -1.12
N GLN E 305 21.94 -26.73 -0.52
CA GLN E 305 21.84 -28.08 -1.07
C GLN E 305 21.17 -28.07 -2.46
N ASP E 306 20.13 -27.25 -2.59
CA ASP E 306 19.45 -27.02 -3.85
C ASP E 306 20.37 -26.35 -4.85
N PHE E 307 21.03 -25.29 -4.37
CA PHE E 307 21.89 -24.47 -5.20
C PHE E 307 22.99 -25.37 -5.80
N PHE E 308 23.71 -26.12 -4.97
CA PHE E 308 24.77 -27.02 -5.50
C PHE E 308 24.29 -28.22 -6.32
N ASP E 309 23.12 -28.75 -5.98
CA ASP E 309 22.51 -29.86 -6.74
C ASP E 309 22.26 -29.42 -8.19
N ARG E 310 21.65 -28.26 -8.34
CA ARG E 310 21.37 -27.69 -9.65
C ARG E 310 22.68 -27.44 -10.39
N LEU E 311 23.62 -26.71 -9.78
CA LEU E 311 24.92 -26.48 -10.45
C LEU E 311 25.60 -27.76 -10.89
N ASN E 312 25.65 -28.75 -10.00
CA ASN E 312 26.28 -30.04 -10.32
C ASN E 312 25.53 -30.83 -11.40
N ALA E 313 24.23 -30.56 -11.53
CA ALA E 313 23.41 -31.15 -12.59
C ALA E 313 23.57 -30.40 -13.92
N GLY E 314 24.34 -29.31 -13.90
CA GLY E 314 24.56 -28.50 -15.09
C GLY E 314 23.42 -27.55 -15.34
N LEU E 315 22.56 -27.39 -14.33
CA LEU E 315 21.45 -26.47 -14.40
C LEU E 315 21.86 -25.13 -13.80
N PRO E 316 21.10 -24.07 -14.10
CA PRO E 316 21.32 -22.81 -13.41
C PRO E 316 20.64 -22.81 -12.04
N PRO E 317 21.07 -21.92 -11.12
CA PRO E 317 20.39 -21.82 -9.83
C PRO E 317 18.89 -21.56 -10.01
N ALA E 318 18.07 -21.99 -9.07
CA ALA E 318 16.63 -21.78 -9.13
C ALA E 318 16.08 -21.10 -7.89
N GLY E 319 16.94 -20.53 -7.07
CA GLY E 319 16.49 -19.77 -5.93
C GLY E 319 16.39 -18.31 -6.28
N PRO E 320 16.20 -17.43 -5.24
CA PRO E 320 16.10 -15.98 -5.44
C PRO E 320 17.21 -15.42 -6.35
N THR E 321 16.85 -14.59 -7.32
CA THR E 321 17.81 -14.16 -8.35
C THR E 321 18.34 -12.76 -8.01
N SER E 322 19.31 -12.27 -8.80
CA SER E 322 19.76 -10.87 -8.68
C SER E 322 18.56 -9.90 -8.83
N TRP E 323 17.61 -10.25 -9.69
CA TRP E 323 16.38 -9.48 -9.83
C TRP E 323 15.56 -9.44 -8.53
N ASP E 324 15.49 -10.57 -7.83
CA ASP E 324 14.82 -10.59 -6.53
C ASP E 324 15.56 -9.74 -5.52
N GLY E 325 16.87 -9.66 -5.67
CA GLY E 325 17.66 -8.83 -4.78
C GLY E 325 17.33 -7.36 -4.99
N TYR E 326 17.19 -6.99 -6.28
CA TYR E 326 16.83 -5.66 -6.68
C TYR E 326 15.41 -5.31 -6.22
N LEU E 327 14.44 -6.16 -6.49
CA LEU E 327 13.07 -5.93 -6.01
C LEU E 327 13.04 -5.58 -4.54
N ALA E 328 13.74 -6.38 -3.74
CA ALA E 328 13.75 -6.22 -2.29
C ALA E 328 14.37 -4.89 -1.89
N ALA E 329 15.54 -4.58 -2.50
CA ALA E 329 16.25 -3.31 -2.28
C ALA E 329 15.34 -2.14 -2.50
N VAL E 330 14.64 -2.13 -3.65
CA VAL E 330 13.79 -1.00 -3.96
C VAL E 330 12.58 -0.89 -3.00
N THR E 331 12.02 -2.01 -2.62
CA THR E 331 10.83 -2.00 -1.71
C THR E 331 11.23 -1.54 -0.29
N ALA E 332 12.41 -1.98 0.16
CA ALA E 332 12.87 -1.60 1.50
C ALA E 332 13.05 -0.09 1.56
N ASP E 333 13.66 0.41 0.50
CA ASP E 333 13.96 1.80 0.37
C ASP E 333 12.70 2.66 0.43
N ALA E 334 11.68 2.21 -0.27
CA ALA E 334 10.42 2.91 -0.24
C ALA E 334 9.80 2.86 1.17
N CYS E 335 10.00 1.74 1.88
CA CYS E 335 9.56 1.62 3.26
C CYS E 335 10.32 2.59 4.16
N VAL E 336 11.64 2.66 4.00
CA VAL E 336 12.39 3.61 4.79
C VAL E 336 11.97 5.03 4.39
N LYS E 337 11.76 5.29 3.10
CA LYS E 337 11.28 6.61 2.70
C LYS E 337 9.94 6.90 3.40
N SER E 338 9.09 5.89 3.50
CA SER E 338 7.81 6.04 4.22
C SER E 338 7.95 6.39 5.70
N GLN E 339 8.92 5.78 6.40
CA GLN E 339 9.22 6.14 7.78
C GLN E 339 9.52 7.65 7.88
N GLU E 340 10.34 8.16 6.94
CA GLU E 340 10.77 9.55 6.94
C GLU E 340 9.63 10.53 6.60
N THR E 341 8.87 10.28 5.54
CA THR E 341 7.89 11.29 5.09
C THR E 341 6.57 11.24 5.85
N GLY E 342 6.25 10.10 6.46
CA GLY E 342 4.89 9.93 6.99
C GLY E 342 3.86 9.63 5.90
N ASN E 343 4.29 9.32 4.68
CA ASN E 343 3.29 9.09 3.64
C ASN E 343 3.40 7.70 3.06
N THR E 344 2.36 7.27 2.34
CA THR E 344 2.48 6.10 1.45
C THR E 344 3.48 6.45 0.37
N GLU E 345 4.38 5.52 0.04
CA GLU E 345 5.33 5.77 -1.00
C GLU E 345 5.09 4.75 -2.12
N ILE E 346 5.47 5.14 -3.33
CA ILE E 346 5.25 4.34 -4.51
C ILE E 346 6.51 3.53 -4.79
N VAL E 347 6.32 2.30 -5.23
CA VAL E 347 7.45 1.46 -5.57
C VAL E 347 7.71 1.52 -7.08
N GLU E 348 8.88 2.01 -7.46
N GLU E 348 8.89 2.03 -7.44
CA GLU E 348 9.17 2.22 -8.86
CA GLU E 348 9.29 2.27 -8.82
C GLU E 348 10.17 1.18 -9.34
C GLU E 348 10.19 1.12 -9.28
N LEU E 349 9.71 0.33 -10.26
CA LEU E 349 10.48 -0.78 -10.79
C LEU E 349 10.57 -0.76 -12.29
N PRO E 350 11.78 -0.96 -12.86
CA PRO E 350 11.82 -1.31 -14.28
C PRO E 350 11.14 -2.66 -14.56
N SER E 351 10.83 -2.90 -15.82
CA SER E 351 10.24 -4.17 -16.26
C SER E 351 11.20 -5.31 -16.00
N LYS E 352 10.68 -6.46 -15.58
CA LYS E 352 11.54 -7.60 -15.32
C LYS E 352 12.27 -7.98 -16.62
N PRO E 353 13.60 -8.09 -16.57
CA PRO E 353 14.20 -8.49 -17.82
C PRO E 353 13.81 -9.95 -18.11
N ASP E 354 13.64 -10.27 -19.39
CA ASP E 354 13.36 -11.64 -19.83
C ASP E 354 14.41 -12.61 -19.30
N PHE E 355 15.62 -12.11 -19.07
CA PHE E 355 16.78 -12.89 -18.63
C PHE E 355 16.52 -13.54 -17.28
N TYR E 356 15.72 -12.87 -16.43
CA TYR E 356 15.38 -13.35 -15.11
C TYR E 356 14.08 -14.14 -15.08
N LYS E 357 13.54 -14.40 -16.28
CA LYS E 357 12.35 -15.23 -16.40
C LYS E 357 12.73 -16.62 -16.92
N THR F 23 -38.03 -8.24 41.25
CA THR F 23 -38.24 -8.34 39.77
C THR F 23 -38.82 -7.05 39.16
N LEU F 24 -38.49 -6.81 37.88
CA LEU F 24 -38.96 -5.62 37.16
C LEU F 24 -39.97 -5.96 36.06
N LYS F 25 -40.76 -4.96 35.67
CA LYS F 25 -41.69 -5.13 34.54
C LYS F 25 -41.25 -4.34 33.29
N ALA F 26 -41.39 -5.00 32.14
CA ALA F 26 -40.86 -4.45 30.91
C ALA F 26 -41.79 -4.56 29.71
N GLY F 27 -41.63 -3.60 28.81
CA GLY F 27 -42.27 -3.64 27.50
C GLY F 27 -41.22 -3.62 26.41
N ILE F 28 -41.42 -4.47 25.41
CA ILE F 28 -40.55 -4.55 24.25
C ILE F 28 -41.16 -3.86 23.04
N VAL F 29 -40.49 -2.81 22.57
CA VAL F 29 -40.89 -2.10 21.34
C VAL F 29 -40.18 -2.68 20.12
N GLY F 30 -40.92 -3.39 19.28
CA GLY F 30 -40.39 -3.95 18.04
C GLY F 30 -40.18 -5.45 18.09
N ILE F 31 -41.15 -6.21 17.56
CA ILE F 31 -41.11 -7.67 17.62
C ILE F 31 -40.73 -8.36 16.27
N GLY F 32 -39.52 -8.07 15.77
CA GLY F 32 -39.03 -8.64 14.51
C GLY F 32 -38.15 -9.86 14.75
N MSE F 33 -37.08 -9.99 13.95
N MSE F 33 -37.09 -9.98 13.95
N MSE F 33 -37.08 -10.01 13.95
CA MSE F 33 -36.18 -11.14 14.06
CA MSE F 33 -36.18 -11.13 14.06
CA MSE F 33 -36.18 -11.15 14.09
C MSE F 33 -35.55 -11.31 15.45
C MSE F 33 -35.60 -11.29 15.47
C MSE F 33 -35.64 -11.28 15.51
O MSE F 33 -35.56 -12.40 16.00
O MSE F 33 -35.72 -12.36 16.07
O MSE F 33 -35.79 -12.33 16.14
CB MSE F 33 -35.10 -11.11 12.98
CB MSE F 33 -35.06 -11.04 13.03
CB MSE F 33 -35.02 -11.11 13.11
CG MSE F 33 -35.41 -11.95 11.75
CG MSE F 33 -34.07 -12.21 13.10
CG MSE F 33 -34.04 -12.30 13.27
SE MSE F 33 -35.72 -13.84 12.15
SE MSE F 33 -33.18 -12.52 11.40
SE MSE F 33 -32.89 -12.26 14.87
CE MSE F 33 -35.80 -14.53 10.33
CE MSE F 33 -34.77 -12.91 10.32
CE MSE F 33 -32.76 -14.15 15.21
N ILE F 34 -35.02 -10.21 16.01
CA ILE F 34 -34.40 -10.24 17.34
C ILE F 34 -35.40 -9.91 18.42
N GLY F 35 -36.43 -9.13 18.06
CA GLY F 35 -37.49 -8.77 18.99
C GLY F 35 -38.16 -9.99 19.61
N SER F 36 -38.49 -10.99 18.78
CA SER F 36 -39.18 -12.22 19.27
C SER F 36 -38.24 -13.07 20.09
N ASP F 37 -36.96 -13.09 19.70
CA ASP F 37 -35.93 -13.79 20.45
C ASP F 37 -35.74 -13.24 21.86
N HIS F 38 -35.61 -11.91 21.98
CA HIS F 38 -35.51 -11.30 23.31
C HIS F 38 -36.81 -11.44 24.09
N LEU F 39 -37.94 -11.51 23.39
CA LEU F 39 -39.24 -11.76 24.05
C LEU F 39 -39.18 -13.14 24.75
N ARG F 40 -38.72 -14.15 24.02
CA ARG F 40 -38.58 -15.51 24.53
C ARG F 40 -37.59 -15.50 25.70
N ARG F 41 -36.41 -14.92 25.45
CA ARG F 41 -35.38 -14.69 26.48
C ARG F 41 -35.88 -14.11 27.79
N LEU F 42 -36.54 -12.95 27.71
CA LEU F 42 -36.89 -12.19 28.90
C LEU F 42 -37.95 -12.91 29.72
N ALA F 43 -38.95 -13.47 29.04
CA ALA F 43 -40.01 -14.24 29.72
C ALA F 43 -39.45 -15.55 30.32
N ASN F 44 -38.53 -16.18 29.60
CA ASN F 44 -38.05 -17.50 30.01
C ASN F 44 -36.72 -17.48 30.75
N THR F 45 -35.62 -17.30 30.03
CA THR F 45 -34.27 -17.37 30.61
C THR F 45 -33.89 -16.35 31.67
N VAL F 46 -34.38 -15.12 31.55
CA VAL F 46 -33.85 -14.06 32.41
C VAL F 46 -34.68 -13.95 33.68
N SER F 47 -34.03 -14.12 34.83
CA SER F 47 -34.68 -13.93 36.14
C SER F 47 -34.72 -12.46 36.55
N GLY F 48 -35.76 -12.09 37.30
CA GLY F 48 -35.91 -10.73 37.81
C GLY F 48 -36.64 -9.76 36.88
N VAL F 49 -37.18 -10.29 35.78
CA VAL F 49 -37.91 -9.47 34.81
C VAL F 49 -39.14 -10.21 34.23
N GLU F 50 -40.23 -9.46 34.06
CA GLU F 50 -41.48 -9.96 33.48
C GLU F 50 -41.90 -9.09 32.28
N VAL F 51 -42.35 -9.73 31.20
CA VAL F 51 -42.82 -9.01 29.98
C VAL F 51 -44.29 -8.62 30.13
N VAL F 52 -44.53 -7.34 30.43
CA VAL F 52 -45.91 -6.86 30.64
C VAL F 52 -46.55 -6.23 29.40
N ALA F 53 -45.72 -5.78 28.47
CA ALA F 53 -46.23 -5.18 27.23
C ALA F 53 -45.38 -5.47 25.98
N VAL F 54 -46.05 -5.47 24.83
CA VAL F 54 -45.40 -5.63 23.53
C VAL F 54 -45.97 -4.62 22.52
N CYS F 55 -45.16 -4.27 21.52
CA CYS F 55 -45.53 -3.24 20.55
C CYS F 55 -44.82 -3.42 19.22
N ASP F 56 -45.60 -3.43 18.13
CA ASP F 56 -45.06 -3.46 16.78
C ASP F 56 -46.05 -2.73 15.85
N ILE F 57 -45.53 -1.99 14.89
CA ILE F 57 -46.40 -1.25 13.97
C ILE F 57 -47.07 -2.16 12.92
N VAL F 58 -46.51 -3.34 12.69
CA VAL F 58 -47.11 -4.33 11.79
C VAL F 58 -48.23 -5.09 12.50
N ALA F 59 -49.46 -4.87 12.06
CA ALA F 59 -50.64 -5.55 12.61
C ALA F 59 -50.40 -7.05 12.81
N GLY F 60 -50.78 -7.55 13.99
CA GLY F 60 -50.70 -8.98 14.30
C GLY F 60 -49.32 -9.52 14.67
N ARG F 61 -48.26 -8.87 14.18
CA ARG F 61 -46.88 -9.30 14.44
C ARG F 61 -46.59 -9.50 15.94
N ALA F 62 -46.79 -8.44 16.73
CA ALA F 62 -46.56 -8.49 18.17
C ALA F 62 -47.36 -9.62 18.82
N GLN F 63 -48.65 -9.68 18.49
CA GLN F 63 -49.57 -10.71 18.99
C GLN F 63 -49.21 -12.14 18.53
N ALA F 64 -48.76 -12.28 17.28
CA ALA F 64 -48.38 -13.57 16.72
C ALA F 64 -47.19 -14.17 17.46
N ALA F 65 -46.19 -13.33 17.76
CA ALA F 65 -45.06 -13.77 18.58
C ALA F 65 -45.48 -14.08 20.01
N LEU F 66 -46.53 -13.40 20.50
CA LEU F 66 -47.09 -13.71 21.82
C LEU F 66 -47.74 -15.09 21.84
N ASP F 67 -48.46 -15.39 20.76
CA ASP F 67 -49.10 -16.69 20.53
C ASP F 67 -48.07 -17.82 20.41
N LYS F 68 -47.09 -17.69 19.52
CA LYS F 68 -46.05 -18.73 19.36
C LYS F 68 -45.37 -19.13 20.66
N TYR F 69 -45.09 -18.16 21.53
CA TYR F 69 -44.39 -18.40 22.79
C TYR F 69 -45.31 -18.39 24.01
N ALA F 70 -46.62 -18.46 23.77
CA ALA F 70 -47.62 -18.50 24.84
C ALA F 70 -47.34 -17.52 26.00
N ILE F 71 -47.00 -16.29 25.64
CA ILE F 71 -46.73 -15.25 26.63
C ILE F 71 -47.93 -14.33 26.71
N GLU F 72 -48.32 -13.99 27.94
CA GLU F 72 -49.36 -13.00 28.13
C GLU F 72 -48.77 -11.62 28.46
N ALA F 73 -49.15 -10.64 27.64
CA ALA F 73 -48.76 -9.23 27.80
C ALA F 73 -49.73 -8.32 27.04
N LYS F 74 -49.89 -7.09 27.49
CA LYS F 74 -50.66 -6.06 26.78
C LYS F 74 -49.97 -5.70 25.46
N ASP F 75 -50.77 -5.64 24.38
CA ASP F 75 -50.24 -5.41 23.05
C ASP F 75 -50.62 -4.00 22.60
N TYR F 76 -49.64 -3.12 22.47
CA TYR F 76 -49.85 -1.74 22.00
C TYR F 76 -49.36 -1.58 20.57
N ASN F 77 -50.05 -0.74 19.83
CA ASN F 77 -49.66 -0.43 18.46
C ASN F 77 -48.79 0.82 18.36
N ASP F 78 -48.99 1.73 19.32
CA ASP F 78 -48.18 2.93 19.45
C ASP F 78 -47.29 2.78 20.66
N TYR F 79 -45.97 2.84 20.44
CA TYR F 79 -45.02 2.75 21.53
C TYR F 79 -45.23 3.82 22.60
N HIS F 80 -45.70 5.00 22.19
CA HIS F 80 -46.00 6.08 23.14
C HIS F 80 -46.90 5.56 24.27
N ASP F 81 -47.82 4.65 23.92
CA ASP F 81 -48.72 4.02 24.90
C ASP F 81 -48.06 2.98 25.80
N LEU F 82 -47.25 2.12 25.20
CA LEU F 82 -46.46 1.18 25.96
C LEU F 82 -45.64 1.94 27.01
N ILE F 83 -45.01 3.03 26.56
CA ILE F 83 -44.14 3.87 27.39
C ILE F 83 -44.86 4.54 28.58
N ASN F 84 -46.06 5.08 28.34
CA ASN F 84 -46.86 5.73 29.37
C ASN F 84 -47.56 4.76 30.32
N ASP F 85 -47.75 3.53 29.85
CA ASP F 85 -48.30 2.45 30.67
C ASP F 85 -47.50 2.35 31.99
N LYS F 86 -48.16 2.73 33.08
CA LYS F 86 -47.61 2.69 34.45
C LYS F 86 -47.31 1.28 34.99
N ASP F 87 -47.54 0.26 34.17
CA ASP F 87 -47.10 -1.10 34.48
C ASP F 87 -45.73 -1.40 33.90
N VAL F 88 -45.26 -0.52 33.01
CA VAL F 88 -43.96 -0.69 32.37
C VAL F 88 -42.93 0.16 33.10
N GLU F 89 -41.83 -0.48 33.50
CA GLU F 89 -40.76 0.21 34.24
C GLU F 89 -39.48 0.29 33.43
N VAL F 90 -39.35 -0.60 32.45
CA VAL F 90 -38.17 -0.63 31.59
C VAL F 90 -38.61 -0.97 30.18
N VAL F 91 -38.00 -0.28 29.22
CA VAL F 91 -38.39 -0.38 27.83
C VAL F 91 -37.24 -1.06 27.05
N ILE F 92 -37.55 -2.15 26.36
CA ILE F 92 -36.56 -2.82 25.50
C ILE F 92 -36.82 -2.45 24.04
N ILE F 93 -35.81 -1.80 23.43
CA ILE F 93 -35.93 -1.28 22.07
C ILE F 93 -35.29 -2.24 21.05
N THR F 94 -36.16 -2.97 20.37
CA THR F 94 -35.74 -3.93 19.34
C THR F 94 -36.36 -3.59 17.99
N ALA F 95 -36.81 -2.34 17.86
CA ALA F 95 -37.44 -1.87 16.62
C ALA F 95 -36.36 -1.52 15.61
N SER F 96 -36.76 -1.18 14.38
CA SER F 96 -35.80 -0.75 13.37
C SER F 96 -35.01 0.49 13.81
N ASN F 97 -33.78 0.63 13.32
CA ASN F 97 -32.91 1.73 13.72
C ASN F 97 -33.53 3.12 13.73
N GLU F 98 -34.35 3.42 12.73
CA GLU F 98 -34.96 4.74 12.53
C GLU F 98 -35.86 5.13 13.70
N ALA F 99 -36.42 4.13 14.37
CA ALA F 99 -37.32 4.34 15.50
C ALA F 99 -36.57 4.58 16.82
N HIS F 100 -35.33 4.04 16.88
CA HIS F 100 -34.54 3.98 18.11
C HIS F 100 -34.58 5.27 18.94
N ALA F 101 -34.12 6.38 18.34
CA ALA F 101 -33.96 7.64 19.07
C ALA F 101 -35.29 8.16 19.62
N ASP F 102 -36.35 8.13 18.78
CA ASP F 102 -37.71 8.50 19.19
C ASP F 102 -38.26 7.73 20.39
N VAL F 103 -38.16 6.40 20.34
CA VAL F 103 -38.69 5.57 21.41
C VAL F 103 -37.90 5.83 22.69
N ALA F 104 -36.57 5.90 22.54
CA ALA F 104 -35.61 6.13 23.64
C ALA F 104 -35.85 7.49 24.28
N VAL F 105 -35.80 8.55 23.49
CA VAL F 105 -36.09 9.90 23.96
C VAL F 105 -37.42 9.94 24.74
N ALA F 106 -38.43 9.26 24.22
CA ALA F 106 -39.75 9.21 24.90
C ALA F 106 -39.67 8.50 26.25
N ALA F 107 -39.14 7.27 26.26
CA ALA F 107 -39.06 6.48 27.50
C ALA F 107 -38.32 7.22 28.62
N LEU F 108 -37.13 7.74 28.30
CA LEU F 108 -36.39 8.61 29.22
C LEU F 108 -37.23 9.81 29.69
N ASN F 109 -37.89 10.51 28.76
CA ASN F 109 -38.76 11.62 29.14
C ASN F 109 -39.84 11.12 30.12
N ALA F 110 -40.20 9.84 30.02
CA ALA F 110 -41.21 9.24 30.89
C ALA F 110 -40.61 8.57 32.14
N ASN F 111 -39.30 8.76 32.32
CA ASN F 111 -38.56 8.21 33.48
C ASN F 111 -38.50 6.68 33.53
N LYS F 112 -38.53 6.05 32.36
CA LYS F 112 -38.41 4.60 32.26
C LYS F 112 -37.00 4.26 31.78
N TYR F 113 -36.45 3.15 32.30
CA TYR F 113 -35.12 2.65 31.87
C TYR F 113 -35.19 2.09 30.46
N VAL F 114 -34.04 2.04 29.78
CA VAL F 114 -34.00 1.71 28.37
C VAL F 114 -32.85 0.75 28.09
N PHE F 115 -33.21 -0.42 27.60
CA PHE F 115 -32.20 -1.26 26.97
C PHE F 115 -32.51 -1.13 25.51
N CYS F 116 -31.54 -0.63 24.78
CA CYS F 116 -31.73 -0.48 23.36
C CYS F 116 -30.67 -1.31 22.60
N GLU F 117 -31.15 -2.13 21.67
CA GLU F 117 -30.27 -2.83 20.74
C GLU F 117 -29.35 -1.91 19.97
N LYS F 118 -28.17 -2.42 19.61
CA LYS F 118 -27.25 -1.69 18.79
C LYS F 118 -27.77 -1.70 17.34
N PRO F 119 -27.44 -0.66 16.57
CA PRO F 119 -26.73 0.56 16.96
C PRO F 119 -27.68 1.46 17.66
N LEU F 120 -27.18 2.35 18.53
CA LEU F 120 -28.06 3.26 19.26
C LEU F 120 -29.03 3.99 18.33
N ALA F 121 -28.51 4.59 17.26
CA ALA F 121 -29.24 5.35 16.23
C ALA F 121 -28.18 5.51 15.13
N VAL F 122 -28.54 5.82 13.88
CA VAL F 122 -27.43 5.89 12.88
C VAL F 122 -26.68 7.21 12.90
N THR F 123 -27.40 8.29 13.15
CA THR F 123 -26.73 9.57 13.21
C THR F 123 -26.22 9.86 14.60
N ALA F 124 -25.02 10.40 14.62
CA ALA F 124 -24.48 11.12 15.75
C ALA F 124 -25.53 12.02 16.32
N ALA F 125 -26.22 12.74 15.44
CA ALA F 125 -27.30 13.65 15.85
C ALA F 125 -28.36 12.96 16.70
N ASP F 126 -28.82 11.78 16.28
CA ASP F 126 -29.88 11.09 17.01
C ASP F 126 -29.39 10.53 18.33
N CYS F 127 -28.12 10.11 18.34
CA CYS F 127 -27.45 9.74 19.57
C CYS F 127 -27.41 10.91 20.53
N GLN F 128 -27.12 12.08 19.97
CA GLN F 128 -27.05 13.30 20.73
C GLN F 128 -28.41 13.61 21.41
N ARG F 129 -29.52 13.31 20.74
CA ARG F 129 -30.87 13.58 21.29
C ARG F 129 -31.19 12.61 22.43
N VAL F 130 -30.63 11.41 22.35
CA VAL F 130 -30.79 10.42 23.41
C VAL F 130 -29.93 10.82 24.62
N ILE F 131 -28.69 11.23 24.36
CA ILE F 131 -27.86 11.76 25.44
C ILE F 131 -28.58 12.88 26.23
N GLU F 132 -29.15 13.86 25.51
CA GLU F 132 -29.82 15.00 26.16
C GLU F 132 -31.07 14.63 26.97
N ALA F 133 -31.86 13.69 26.44
CA ALA F 133 -33.03 13.20 27.19
C ALA F 133 -32.59 12.45 28.43
N GLU F 134 -31.57 11.59 28.30
CA GLU F 134 -31.03 10.89 29.48
C GLU F 134 -30.48 11.86 30.52
N GLN F 135 -29.64 12.81 30.09
CA GLN F 135 -29.02 13.75 31.00
C GLN F 135 -30.04 14.66 31.68
N LYS F 136 -31.10 15.02 30.95
CA LYS F 136 -32.18 15.83 31.51
C LYS F 136 -33.02 15.05 32.53
N ASN F 137 -32.88 13.73 32.52
CA ASN F 137 -33.38 12.91 33.60
C ASN F 137 -32.48 13.01 34.82
N GLY F 138 -31.21 13.31 34.59
CA GLY F 138 -30.21 13.38 35.66
C GLY F 138 -29.79 12.03 36.24
N LYS F 139 -30.18 10.95 35.56
CA LYS F 139 -29.92 9.60 36.03
C LYS F 139 -29.45 8.75 34.85
N ARG F 140 -28.45 7.90 35.07
CA ARG F 140 -28.02 6.99 34.02
C ARG F 140 -28.98 5.82 33.86
N MSE F 141 -29.53 5.67 32.66
CA MSE F 141 -30.69 4.80 32.49
C MSE F 141 -30.72 3.95 31.25
O MSE F 141 -31.66 3.17 31.06
CB MSE F 141 -31.97 5.64 32.55
CG MSE F 141 -32.20 6.27 33.90
SE MSE F 141 -33.79 7.37 33.86
CE MSE F 141 -35.17 5.99 33.85
N VAL F 142 -29.68 4.08 30.42
CA VAL F 142 -29.66 3.41 29.12
C VAL F 142 -28.49 2.46 29.01
N GLN F 143 -28.79 1.24 28.58
CA GLN F 143 -27.77 0.30 28.16
C GLN F 143 -27.98 -0.08 26.69
N ILE F 144 -26.89 -0.28 25.96
CA ILE F 144 -26.92 -0.60 24.53
C ILE F 144 -26.49 -2.05 24.30
N GLY F 145 -27.21 -2.76 23.43
CA GLY F 145 -27.02 -4.21 23.18
C GLY F 145 -25.77 -4.63 22.44
N PHE F 146 -24.64 -3.98 22.72
CA PHE F 146 -23.36 -4.48 22.19
C PHE F 146 -22.90 -5.75 22.93
N MSE F 147 -23.40 -6.92 22.53
CA MSE F 147 -23.33 -8.10 23.40
C MSE F 147 -21.95 -8.71 23.57
O MSE F 147 -21.71 -9.38 24.58
CB MSE F 147 -24.35 -9.18 23.00
CG MSE F 147 -23.95 -10.03 21.79
SE MSE F 147 -23.85 -8.90 20.20
CE MSE F 147 -23.31 -10.20 18.84
N ARG F 148 -21.03 -8.46 22.63
CA ARG F 148 -19.69 -9.02 22.72
C ARG F 148 -19.05 -8.75 24.06
N ARG F 149 -19.46 -7.68 24.74
CA ARG F 149 -18.80 -7.26 25.98
C ARG F 149 -19.09 -8.29 27.05
N TYR F 150 -20.20 -9.01 26.90
CA TYR F 150 -20.57 -10.06 27.83
C TYR F 150 -20.16 -11.47 27.41
N ASP F 151 -19.58 -11.62 26.23
CA ASP F 151 -19.05 -12.91 25.83
C ASP F 151 -17.91 -13.32 26.78
N LYS F 152 -17.90 -14.60 27.19
CA LYS F 152 -16.93 -15.09 28.18
C LYS F 152 -15.48 -15.01 27.66
N GLY F 153 -15.29 -15.27 26.37
CA GLY F 153 -13.97 -15.14 25.72
C GLY F 153 -13.47 -13.69 25.77
N TYR F 154 -14.38 -12.72 25.54
CA TYR F 154 -14.01 -11.29 25.58
C TYR F 154 -13.76 -10.81 26.99
N VAL F 155 -14.58 -11.27 27.95
CA VAL F 155 -14.35 -11.02 29.37
C VAL F 155 -12.96 -11.52 29.81
N GLN F 156 -12.60 -12.74 29.41
N GLN F 156 -12.63 -12.77 29.43
CA GLN F 156 -11.30 -13.27 29.76
CA GLN F 156 -11.32 -13.36 29.64
C GLN F 156 -10.15 -12.47 29.09
C GLN F 156 -10.26 -12.39 29.12
N LEU F 157 -10.31 -12.17 27.81
CA LEU F 157 -9.43 -11.23 27.11
C LEU F 157 -9.31 -9.90 27.85
N LYS F 158 -10.45 -9.34 28.24
CA LYS F 158 -10.46 -8.08 28.92
C LYS F 158 -9.67 -8.14 30.24
N ASN F 159 -9.97 -9.17 31.04
CA ASN F 159 -9.26 -9.42 32.28
C ASN F 159 -7.73 -9.58 32.10
N ILE F 160 -7.32 -10.26 31.04
CA ILE F 160 -5.91 -10.51 30.82
C ILE F 160 -5.23 -9.14 30.57
N ILE F 161 -5.80 -8.36 29.65
CA ILE F 161 -5.22 -7.07 29.29
C ILE F 161 -5.12 -6.20 30.52
N ASP F 162 -6.22 -6.08 31.27
CA ASP F 162 -6.28 -5.23 32.44
C ASP F 162 -5.31 -5.62 33.58
N SER F 163 -4.89 -6.87 33.61
CA SER F 163 -4.01 -7.39 34.67
C SER F 163 -2.57 -6.93 34.47
N GLY F 164 -2.26 -6.49 33.25
CA GLY F 164 -0.92 -6.04 32.91
C GLY F 164 -0.03 -7.18 32.47
N GLU F 165 -0.60 -8.39 32.37
CA GLU F 165 0.09 -9.55 31.79
C GLU F 165 0.87 -9.33 30.49
N ILE F 166 0.30 -8.59 29.54
CA ILE F 166 1.00 -8.36 28.29
C ILE F 166 1.53 -6.93 28.23
N GLY F 167 1.42 -6.19 29.35
CA GLY F 167 1.86 -4.79 29.42
C GLY F 167 0.91 -3.89 28.61
N GLN F 168 1.29 -2.66 28.33
CA GLN F 168 0.43 -1.73 27.60
C GLN F 168 0.18 -2.20 26.14
N PRO F 169 -1.09 -2.34 25.76
CA PRO F 169 -1.42 -2.67 24.34
C PRO F 169 -0.89 -1.63 23.32
N LEU F 170 -0.33 -2.09 22.23
CA LEU F 170 0.27 -1.22 21.22
C LEU F 170 -0.32 -1.45 19.79
N MSE F 171 -0.62 -2.73 19.46
CA MSE F 171 -1.26 -3.11 18.19
C MSE F 171 -2.34 -4.13 18.47
O MSE F 171 -2.20 -4.92 19.40
CB MSE F 171 -0.25 -3.73 17.20
CG MSE F 171 0.78 -2.76 16.87
SE MSE F 171 2.09 -3.49 15.69
CE MSE F 171 2.86 -4.86 16.85
N VAL F 172 -3.42 -4.08 17.67
CA VAL F 172 -4.53 -4.99 17.72
C VAL F 172 -4.77 -5.49 16.32
N HIS F 173 -4.93 -6.79 16.14
CA HIS F 173 -5.35 -7.33 14.87
C HIS F 173 -6.64 -8.12 15.02
N GLY F 174 -7.68 -7.74 14.28
CA GLY F 174 -9.02 -8.37 14.39
C GLY F 174 -9.45 -8.87 13.01
N ARG F 175 -10.38 -9.85 13.01
CA ARG F 175 -11.04 -10.33 11.81
C ARG F 175 -12.52 -10.42 12.09
N HIS F 176 -13.34 -9.98 11.15
CA HIS F 176 -14.81 -10.21 11.22
C HIS F 176 -15.19 -10.88 9.87
N TYR F 177 -15.17 -12.21 9.85
CA TYR F 177 -15.52 -12.98 8.64
C TYR F 177 -16.90 -13.60 8.80
N ASN F 178 -17.67 -13.61 7.70
CA ASN F 178 -18.98 -14.20 7.59
C ASN F 178 -19.02 -14.94 6.24
N ALA F 179 -19.76 -16.05 6.17
CA ALA F 179 -19.69 -16.91 4.98
C ALA F 179 -20.22 -16.26 3.67
N SER F 180 -21.39 -15.62 3.72
CA SER F 180 -21.89 -14.85 2.59
C SER F 180 -23.07 -13.92 2.94
N THR F 181 -23.36 -12.96 2.05
CA THR F 181 -24.45 -12.01 2.27
C THR F 181 -25.41 -12.10 1.11
N VAL F 182 -26.66 -11.78 1.40
CA VAL F 182 -27.69 -11.58 0.40
C VAL F 182 -27.40 -10.33 -0.44
N PRO F 183 -27.97 -10.28 -1.66
CA PRO F 183 -27.72 -9.15 -2.54
C PRO F 183 -28.06 -7.79 -1.90
N GLU F 184 -29.04 -7.72 -1.02
CA GLU F 184 -29.42 -6.45 -0.38
C GLU F 184 -28.37 -5.80 0.52
N TYR F 185 -27.44 -6.60 1.04
CA TYR F 185 -26.40 -6.08 1.91
C TYR F 185 -25.32 -5.29 1.11
N LYS F 186 -25.22 -3.99 1.44
CA LYS F 186 -24.46 -3.00 0.68
C LYS F 186 -23.16 -2.58 1.36
N THR F 187 -22.29 -1.96 0.58
CA THR F 187 -20.97 -1.56 1.05
C THR F 187 -20.91 -0.83 2.43
N PRO F 188 -21.81 0.14 2.69
CA PRO F 188 -21.75 0.80 3.98
C PRO F 188 -22.11 -0.13 5.16
N GLN F 189 -22.81 -1.22 4.86
CA GLN F 189 -23.23 -2.21 5.89
C GLN F 189 -22.09 -2.95 6.54
N ALA F 190 -20.99 -3.11 5.77
CA ALA F 190 -19.75 -3.64 6.30
C ALA F 190 -19.30 -2.89 7.53
N ILE F 191 -19.62 -1.59 7.59
CA ILE F 191 -19.30 -0.75 8.76
C ILE F 191 -20.47 -0.73 9.73
N TYR F 192 -21.63 -0.27 9.25
CA TYR F 192 -22.79 -0.06 10.12
C TYR F 192 -23.29 -1.29 10.81
N GLU F 193 -23.24 -2.42 10.13
CA GLU F 193 -23.84 -3.64 10.61
C GLU F 193 -22.77 -4.54 11.22
N THR F 194 -21.61 -4.58 10.58
CA THR F 194 -20.65 -5.58 10.89
C THR F 194 -19.51 -5.00 11.78
N LEU F 195 -18.68 -4.10 11.26
CA LEU F 195 -17.59 -3.52 12.05
C LEU F 195 -18.06 -2.72 13.28
N ILE F 196 -19.34 -2.34 13.31
CA ILE F 196 -19.84 -1.64 14.50
C ILE F 196 -19.47 -2.44 15.76
N HIS F 197 -19.52 -3.77 15.70
CA HIS F 197 -19.15 -4.61 16.85
C HIS F 197 -17.73 -4.42 17.35
N GLU F 198 -16.76 -4.46 16.45
CA GLU F 198 -15.38 -4.16 16.79
C GLU F 198 -15.22 -2.70 17.20
N ILE F 199 -15.91 -1.79 16.49
CA ILE F 199 -15.76 -0.38 16.85
C ILE F 199 -16.06 -0.24 18.36
N ASP F 200 -17.12 -0.90 18.82
CA ASP F 200 -17.46 -0.77 20.24
C ASP F 200 -16.52 -1.54 21.13
N VAL F 201 -16.27 -2.79 20.77
CA VAL F 201 -15.51 -3.72 21.65
C VAL F 201 -14.01 -3.41 21.81
N MSE F 202 -13.31 -3.02 20.73
CA MSE F 202 -11.89 -2.64 20.85
C MSE F 202 -11.82 -1.42 21.74
O MSE F 202 -10.98 -1.30 22.60
CB MSE F 202 -11.25 -2.25 19.52
CG MSE F 202 -11.33 -3.27 18.39
SE MSE F 202 -10.75 -5.06 18.88
CE MSE F 202 -10.44 -5.66 17.00
N HIS F 203 -12.74 -0.48 21.54
CA HIS F 203 -12.79 0.69 22.40
C HIS F 203 -12.99 0.28 23.89
N TRP F 204 -13.85 -0.71 24.14
CA TRP F 204 -14.06 -1.18 25.52
C TRP F 204 -12.80 -1.86 26.06
N LEU F 205 -12.22 -2.74 25.24
CA LEU F 205 -11.03 -3.48 25.60
C LEU F 205 -9.89 -2.55 25.98
N LEU F 206 -9.70 -1.47 25.18
CA LEU F 206 -8.51 -0.61 25.28
C LEU F 206 -8.74 0.58 26.17
N ASN F 207 -9.99 0.74 26.61
CA ASN F 207 -10.42 1.91 27.35
C ASN F 207 -9.92 3.21 26.72
N GLU F 208 -10.22 3.42 25.44
CA GLU F 208 -9.78 4.57 24.65
C GLU F 208 -10.73 4.78 23.47
N ASP F 209 -10.72 6.01 22.94
CA ASP F 209 -11.49 6.43 21.76
C ASP F 209 -10.60 6.45 20.52
N TYR F 210 -11.20 6.61 19.33
CA TYR F 210 -10.40 6.68 18.10
C TYR F 210 -10.14 8.12 17.72
N LYS F 211 -9.00 8.38 17.08
CA LYS F 211 -8.75 9.70 16.47
C LYS F 211 -8.79 9.64 14.91
N THR F 212 -8.49 8.49 14.30
CA THR F 212 -8.43 8.36 12.84
C THR F 212 -8.81 6.94 12.38
N VAL F 213 -9.35 6.85 11.16
CA VAL F 213 -9.76 5.56 10.58
C VAL F 213 -9.46 5.67 9.14
N LYS F 214 -9.18 4.53 8.51
CA LYS F 214 -8.80 4.49 7.12
C LYS F 214 -9.28 3.16 6.53
N VAL F 215 -10.00 3.20 5.40
CA VAL F 215 -10.50 1.93 4.85
C VAL F 215 -9.70 1.57 3.65
N TYR F 216 -9.02 0.44 3.71
CA TYR F 216 -8.38 -0.07 2.53
C TYR F 216 -9.29 -1.07 1.85
N PHE F 217 -9.33 -1.04 0.52
CA PHE F 217 -10.08 -2.00 -0.22
C PHE F 217 -9.08 -2.89 -0.94
N PRO F 218 -8.84 -4.09 -0.39
CA PRO F 218 -8.04 -5.09 -1.05
C PRO F 218 -8.70 -5.49 -2.35
N ARG F 219 -7.91 -6.14 -3.23
CA ARG F 219 -8.47 -6.78 -4.43
C ARG F 219 -9.88 -7.35 -4.15
N GLN F 220 -10.86 -6.96 -4.98
CA GLN F 220 -12.24 -7.39 -4.79
C GLN F 220 -12.39 -8.92 -4.96
N SER F 221 -13.18 -9.57 -4.07
CA SER F 221 -13.46 -11.00 -4.33
C SER F 221 -14.31 -11.19 -5.60
N SER F 222 -13.90 -12.07 -6.50
CA SER F 222 -14.69 -12.40 -7.67
C SER F 222 -15.97 -13.19 -7.37
N LEU F 223 -16.16 -13.63 -6.14
CA LEU F 223 -17.38 -14.30 -5.78
C LEU F 223 -18.41 -13.29 -5.29
N VAL F 224 -18.05 -12.01 -5.25
CA VAL F 224 -18.96 -11.01 -4.65
C VAL F 224 -19.18 -9.92 -5.65
N THR F 225 -20.46 -9.70 -5.98
CA THR F 225 -20.79 -8.66 -6.90
C THR F 225 -21.72 -7.61 -6.33
N THR F 226 -22.08 -7.68 -5.05
CA THR F 226 -23.12 -6.79 -4.53
C THR F 226 -22.63 -5.76 -3.53
N LEU F 227 -21.33 -5.84 -3.18
CA LEU F 227 -20.69 -4.83 -2.36
C LEU F 227 -19.16 -4.95 -2.53
N ARG F 228 -18.45 -3.97 -2.02
CA ARG F 228 -16.99 -4.02 -2.00
C ARG F 228 -16.64 -4.87 -0.77
N ASP F 229 -15.79 -5.88 -0.99
CA ASP F 229 -15.60 -7.00 -0.07
C ASP F 229 -14.38 -7.78 -0.56
N PRO F 230 -13.40 -8.00 0.28
CA PRO F 230 -13.23 -7.64 1.69
C PRO F 230 -12.91 -6.14 1.91
N GLN F 231 -12.77 -5.74 3.17
CA GLN F 231 -12.30 -4.41 3.49
C GLN F 231 -11.35 -4.52 4.67
N LEU F 232 -10.46 -3.54 4.77
CA LEU F 232 -9.38 -3.59 5.72
C LEU F 232 -9.33 -2.23 6.40
N VAL F 233 -9.62 -2.20 7.70
CA VAL F 233 -9.79 -0.95 8.43
C VAL F 233 -8.63 -0.71 9.35
N VAL F 234 -7.99 0.44 9.22
CA VAL F 234 -6.89 0.81 10.08
C VAL F 234 -7.40 1.95 10.92
N MSE F 235 -7.40 1.75 12.22
CA MSE F 235 -7.88 2.77 13.11
C MSE F 235 -6.78 3.08 14.09
O MSE F 235 -6.01 2.17 14.46
CB MSE F 235 -9.15 2.28 13.84
CG MSE F 235 -10.13 1.59 12.94
SE MSE F 235 -11.87 1.34 13.89
CE MSE F 235 -12.18 3.14 14.46
N GLU F 236 -6.67 4.34 14.52
CA GLU F 236 -5.72 4.75 15.54
C GLU F 236 -6.42 5.35 16.70
N THR F 237 -6.07 4.89 17.90
CA THR F 237 -6.71 5.44 19.10
C THR F 237 -6.04 6.74 19.43
N THR F 238 -6.64 7.45 20.37
CA THR F 238 -6.07 8.74 20.83
C THR F 238 -4.60 8.62 21.28
N SER F 239 -4.24 7.55 22.03
CA SER F 239 -2.87 7.38 22.47
C SER F 239 -1.95 6.73 21.43
N GLY F 240 -2.47 6.47 20.23
CA GLY F 240 -1.65 5.93 19.17
C GLY F 240 -1.71 4.41 19.03
N ILE F 241 -2.62 3.74 19.73
CA ILE F 241 -2.69 2.28 19.54
C ILE F 241 -3.22 2.01 18.12
N ASN F 242 -2.62 1.08 17.40
CA ASN F 242 -2.96 0.85 16.02
C ASN F 242 -3.76 -0.42 15.88
N ILE F 243 -4.92 -0.31 15.23
CA ILE F 243 -5.89 -1.38 15.15
C ILE F 243 -6.18 -1.68 13.70
N VAL F 244 -5.92 -2.92 13.29
CA VAL F 244 -6.21 -3.39 11.97
C VAL F 244 -7.33 -4.45 12.04
N VAL F 245 -8.39 -4.28 11.26
CA VAL F 245 -9.45 -5.27 11.22
C VAL F 245 -9.76 -5.65 9.82
N GLU F 246 -9.74 -6.96 9.57
CA GLU F 246 -10.06 -7.48 8.27
C GLU F 246 -11.54 -7.79 8.33
N VAL F 247 -12.30 -7.21 7.39
CA VAL F 247 -13.69 -7.57 7.25
C VAL F 247 -13.94 -8.31 5.94
N PHE F 248 -14.46 -9.52 6.05
CA PHE F 248 -14.76 -10.31 4.89
C PHE F 248 -16.08 -11.02 5.10
N VAL F 249 -17.19 -10.44 4.60
CA VAL F 249 -18.53 -10.92 4.87
C VAL F 249 -19.03 -11.95 3.82
N ASN F 250 -18.16 -12.31 2.86
CA ASN F 250 -18.40 -13.41 1.96
C ASN F 250 -17.12 -14.25 1.87
N CYS F 251 -16.57 -14.62 3.03
CA CYS F 251 -15.40 -15.41 3.09
C CYS F 251 -15.62 -16.92 2.69
N GLN F 252 -16.87 -17.34 2.47
CA GLN F 252 -17.18 -18.72 2.01
C GLN F 252 -17.15 -19.75 3.12
N TYR F 253 -16.12 -19.75 3.97
CA TYR F 253 -15.84 -20.84 4.87
C TYR F 253 -16.63 -20.88 6.18
N GLY F 254 -17.04 -19.72 6.69
CA GLY F 254 -17.91 -19.70 7.84
C GLY F 254 -17.82 -18.37 8.56
N TYR F 255 -18.28 -18.37 9.80
CA TYR F 255 -18.35 -17.15 10.60
C TYR F 255 -17.21 -17.28 11.57
N ASP F 256 -16.31 -16.30 11.56
CA ASP F 256 -15.07 -16.43 12.23
C ASP F 256 -14.57 -15.08 12.79
N ILE F 257 -14.46 -14.98 14.13
CA ILE F 257 -14.03 -13.75 14.80
C ILE F 257 -12.62 -13.91 15.40
N HIS F 258 -11.69 -13.04 15.04
CA HIS F 258 -10.35 -13.06 15.58
C HIS F 258 -10.06 -11.71 16.25
N CYS F 259 -9.36 -11.76 17.39
CA CYS F 259 -8.94 -10.55 18.11
C CYS F 259 -7.64 -10.82 18.87
N ASP F 260 -6.47 -10.46 18.30
CA ASP F 260 -5.16 -10.52 18.96
C ASP F 260 -4.69 -9.14 19.41
N VAL F 261 -4.25 -9.04 20.68
CA VAL F 261 -3.76 -7.77 21.23
C VAL F 261 -2.29 -7.95 21.55
N THR F 262 -1.44 -7.19 20.86
CA THR F 262 -0.03 -7.14 21.16
C THR F 262 0.30 -6.00 22.16
N GLY F 263 0.82 -6.40 23.32
CA GLY F 263 1.22 -5.42 24.33
C GLY F 263 2.74 -5.21 24.27
N GLU F 264 3.23 -4.34 25.15
CA GLU F 264 4.68 -4.17 25.35
C GLU F 264 5.42 -5.46 25.68
N LYS F 265 4.78 -6.41 26.36
CA LYS F 265 5.58 -7.60 26.69
C LYS F 265 4.95 -8.95 26.39
N GLY F 266 3.84 -8.94 25.65
CA GLY F 266 3.22 -10.20 25.28
C GLY F 266 2.06 -10.00 24.33
N MSE F 267 1.42 -11.11 23.95
CA MSE F 267 0.23 -11.04 23.12
C MSE F 267 -0.92 -11.84 23.77
O MSE F 267 -0.67 -12.93 24.30
CB MSE F 267 0.52 -11.58 21.73
CG MSE F 267 -0.64 -11.32 20.71
SE MSE F 267 -0.42 -12.51 19.12
CE MSE F 267 1.38 -12.06 18.50
N ALA F 268 -2.14 -11.31 23.70
CA ALA F 268 -3.35 -12.01 24.14
C ALA F 268 -4.32 -12.32 22.96
N GLU F 269 -4.78 -13.57 22.83
CA GLU F 269 -5.61 -14.00 21.70
C GLU F 269 -7.00 -14.40 22.18
N LEU F 270 -8.05 -13.82 21.60
CA LEU F 270 -9.42 -14.20 21.89
C LEU F 270 -9.61 -15.67 21.49
N PRO F 271 -10.29 -16.50 22.33
CA PRO F 271 -10.53 -17.89 21.87
C PRO F 271 -11.65 -17.99 20.80
N THR F 272 -11.76 -19.15 20.14
CA THR F 272 -12.96 -19.42 19.39
C THR F 272 -13.92 -20.41 20.08
N VAL F 273 -15.00 -20.80 19.42
CA VAL F 273 -15.94 -21.77 19.96
C VAL F 273 -15.25 -23.17 19.90
N ALA F 274 -15.25 -23.83 21.06
CA ALA F 274 -14.64 -25.13 21.25
C ALA F 274 -15.36 -26.14 20.35
N SER F 275 -14.60 -27.02 19.71
CA SER F 275 -15.21 -28.06 18.92
C SER F 275 -14.46 -29.40 19.14
N ALA F 276 -15.17 -30.52 19.08
CA ALA F 276 -14.50 -31.84 19.03
C ALA F 276 -13.53 -31.84 17.83
N ALA F 277 -12.40 -32.55 17.93
CA ALA F 277 -11.47 -32.66 16.80
C ALA F 277 -11.53 -34.06 16.21
N VAL F 278 -11.42 -34.14 14.88
CA VAL F 278 -11.36 -35.43 14.22
C VAL F 278 -10.03 -35.70 13.49
N ARG F 279 -9.50 -36.90 13.69
CA ARG F 279 -8.38 -37.39 12.87
C ARG F 279 -8.96 -38.31 11.79
N LYS F 280 -8.88 -37.93 10.52
CA LYS F 280 -9.26 -38.88 9.47
C LYS F 280 -8.68 -38.57 8.10
N ALA F 281 -8.48 -39.60 7.28
CA ALA F 281 -7.96 -39.39 5.92
C ALA F 281 -6.86 -38.32 5.87
N ALA F 282 -5.82 -38.46 6.68
CA ALA F 282 -4.63 -37.60 6.60
C ALA F 282 -4.85 -36.18 7.06
N LYS F 283 -5.96 -35.91 7.77
CA LYS F 283 -6.28 -34.59 8.26
C LYS F 283 -6.73 -34.61 9.71
N TYR F 284 -6.34 -33.55 10.43
CA TYR F 284 -6.78 -33.24 11.79
C TYR F 284 -7.58 -31.98 11.71
N SER F 285 -8.85 -32.01 12.10
CA SER F 285 -9.69 -30.87 11.81
C SER F 285 -10.64 -30.56 12.97
N THR F 286 -11.05 -29.32 13.16
CA THR F 286 -12.21 -28.98 14.02
C THR F 286 -13.23 -28.16 13.18
N ASP F 287 -14.45 -27.98 13.72
CA ASP F 287 -15.52 -27.24 13.05
C ASP F 287 -15.33 -25.76 13.21
N ILE F 288 -15.71 -25.02 12.15
CA ILE F 288 -15.90 -23.57 12.19
C ILE F 288 -17.40 -23.30 12.05
N LEU F 289 -17.92 -22.44 12.92
CA LEU F 289 -19.36 -22.12 12.88
C LEU F 289 -19.72 -21.54 11.54
N VAL F 290 -20.98 -21.68 11.15
CA VAL F 290 -21.40 -21.15 9.85
C VAL F 290 -22.50 -20.13 10.10
N ASP F 291 -23.37 -20.44 11.03
CA ASP F 291 -24.48 -19.55 11.35
C ASP F 291 -23.99 -18.45 12.31
N TRP F 292 -23.86 -17.24 11.80
CA TRP F 292 -23.44 -16.11 12.64
C TRP F 292 -24.18 -15.97 13.96
N LYS F 293 -25.47 -16.28 14.00
CA LYS F 293 -26.23 -16.11 15.23
C LYS F 293 -25.77 -17.00 16.38
N GLN F 294 -25.16 -18.14 16.07
CA GLN F 294 -24.68 -19.03 17.15
C GLN F 294 -23.44 -18.51 17.94
N ARG F 295 -22.63 -17.66 17.34
CA ARG F 295 -21.36 -17.22 17.94
C ARG F 295 -21.49 -16.53 19.31
N PHE F 296 -22.45 -15.62 19.45
CA PHE F 296 -22.53 -14.81 20.65
C PHE F 296 -23.90 -14.99 21.24
N ILE F 297 -24.49 -16.12 20.90
CA ILE F 297 -25.81 -16.46 21.34
C ILE F 297 -25.94 -16.32 22.86
N ASP F 298 -24.96 -16.85 23.61
CA ASP F 298 -25.02 -16.88 25.09
C ASP F 298 -24.93 -15.48 25.70
N ALA F 299 -24.23 -14.58 25.01
CA ALA F 299 -24.05 -13.21 25.47
C ALA F 299 -25.35 -12.40 25.65
N TYR F 300 -26.42 -12.71 24.92
CA TYR F 300 -27.67 -11.95 25.08
C TYR F 300 -28.28 -12.18 26.43
N ASP F 301 -28.32 -13.44 26.85
CA ASP F 301 -28.82 -13.78 28.18
C ASP F 301 -27.99 -13.08 29.22
N ILE F 302 -26.65 -13.11 29.04
CA ILE F 302 -25.74 -12.56 30.04
C ILE F 302 -25.90 -11.04 30.20
N GLU F 303 -26.02 -10.34 29.07
CA GLU F 303 -26.16 -8.89 29.10
C GLU F 303 -27.47 -8.46 29.75
N PHE F 304 -28.55 -9.20 29.47
CA PHE F 304 -29.83 -8.91 30.11
C PHE F 304 -29.77 -9.25 31.59
N GLN F 305 -29.10 -10.35 31.94
CA GLN F 305 -29.07 -10.74 33.34
C GLN F 305 -28.28 -9.72 34.15
N ASP F 306 -27.24 -9.15 33.54
CA ASP F 306 -26.50 -8.09 34.23
C ASP F 306 -27.37 -6.85 34.42
N PHE F 307 -28.03 -6.46 33.33
CA PHE F 307 -28.91 -5.33 33.32
C PHE F 307 -29.97 -5.46 34.45
N PHE F 308 -30.74 -6.55 34.49
CA PHE F 308 -31.82 -6.64 35.48
C PHE F 308 -31.34 -6.81 36.92
N ASP F 309 -30.22 -7.51 37.08
CA ASP F 309 -29.64 -7.68 38.40
C ASP F 309 -29.24 -6.34 38.97
N ARG F 310 -28.65 -5.48 38.14
CA ARG F 310 -28.25 -4.15 38.58
C ARG F 310 -29.48 -3.37 38.97
N LEU F 311 -30.40 -3.26 38.04
CA LEU F 311 -31.59 -2.48 38.24
C LEU F 311 -32.33 -2.91 39.49
N ASN F 312 -32.44 -4.22 39.69
CA ASN F 312 -33.13 -4.77 40.85
C ASN F 312 -32.42 -4.49 42.17
N ALA F 313 -31.09 -4.43 42.14
CA ALA F 313 -30.29 -4.12 43.34
C ALA F 313 -30.49 -2.68 43.79
N GLY F 314 -30.87 -1.82 42.86
CA GLY F 314 -31.04 -0.39 43.12
C GLY F 314 -29.88 0.34 42.50
N LEU F 315 -29.21 -0.34 41.57
CA LEU F 315 -28.03 0.19 40.90
C LEU F 315 -28.28 0.52 39.43
N PRO F 316 -27.47 1.45 38.87
CA PRO F 316 -27.64 1.85 37.48
C PRO F 316 -26.98 0.84 36.53
N PRO F 317 -27.49 0.70 35.29
CA PRO F 317 -26.91 -0.22 34.31
C PRO F 317 -25.42 -0.01 34.18
N ALA F 318 -24.72 -1.09 33.88
CA ALA F 318 -23.28 -1.03 33.80
C ALA F 318 -22.77 -1.49 32.45
N GLY F 319 -23.65 -1.53 31.45
CA GLY F 319 -23.20 -1.85 30.10
C GLY F 319 -22.80 -0.62 29.29
N PRO F 320 -22.55 -0.82 27.97
CA PRO F 320 -22.43 0.22 26.95
C PRO F 320 -23.49 1.32 27.19
N THR F 321 -23.03 2.57 27.27
CA THR F 321 -23.91 3.72 27.63
C THR F 321 -24.39 4.45 26.37
N SER F 322 -25.27 5.43 26.56
CA SER F 322 -25.67 6.31 25.45
C SER F 322 -24.41 6.93 24.82
N TRP F 323 -23.43 7.28 25.65
CA TRP F 323 -22.17 7.83 25.15
C TRP F 323 -21.39 6.82 24.28
N ASP F 324 -21.39 5.54 24.67
CA ASP F 324 -20.74 4.51 23.84
C ASP F 324 -21.39 4.39 22.47
N GLY F 325 -22.72 4.45 22.43
CA GLY F 325 -23.44 4.38 21.16
C GLY F 325 -23.17 5.57 20.24
N TYR F 326 -23.07 6.76 20.86
CA TYR F 326 -22.64 7.96 20.19
C TYR F 326 -21.21 7.82 19.62
N LEU F 327 -20.25 7.35 20.43
CA LEU F 327 -18.87 7.16 19.93
C LEU F 327 -18.84 6.22 18.75
N ALA F 328 -19.69 5.19 18.82
CA ALA F 328 -19.78 4.18 17.77
C ALA F 328 -20.31 4.80 16.46
N ALA F 329 -21.40 5.57 16.59
CA ALA F 329 -21.98 6.37 15.49
C ALA F 329 -20.95 7.28 14.85
N VAL F 330 -20.36 8.17 15.66
CA VAL F 330 -19.36 9.09 15.16
C VAL F 330 -18.24 8.31 14.45
N THR F 331 -17.75 7.24 15.06
CA THR F 331 -16.64 6.47 14.44
C THR F 331 -17.06 5.71 13.18
N ALA F 332 -18.26 5.13 13.20
CA ALA F 332 -18.78 4.45 12.01
C ALA F 332 -18.94 5.44 10.84
N ASP F 333 -19.49 6.61 11.11
CA ASP F 333 -19.56 7.65 10.06
C ASP F 333 -18.24 7.98 9.42
N ALA F 334 -17.17 8.22 10.18
CA ALA F 334 -15.86 8.45 9.55
C ALA F 334 -15.37 7.25 8.70
N CYS F 335 -15.74 6.05 9.12
CA CYS F 335 -15.35 4.84 8.39
C CYS F 335 -15.97 4.88 7.01
N VAL F 336 -17.27 5.14 6.97
CA VAL F 336 -18.04 5.21 5.72
C VAL F 336 -17.57 6.36 4.80
N LYS F 337 -17.22 7.49 5.40
CA LYS F 337 -16.68 8.63 4.71
C LYS F 337 -15.34 8.27 4.07
N SER F 338 -14.51 7.52 4.79
CA SER F 338 -13.26 6.96 4.28
C SER F 338 -13.47 6.02 3.09
N GLN F 339 -14.47 5.14 3.14
CA GLN F 339 -14.87 4.32 1.99
C GLN F 339 -15.13 5.23 0.77
N GLU F 340 -15.87 6.32 0.97
CA GLU F 340 -16.26 7.24 -0.12
C GLU F 340 -15.09 8.08 -0.61
N THR F 341 -14.27 8.64 0.29
CA THR F 341 -13.20 9.55 -0.11
C THR F 341 -11.85 8.87 -0.48
N GLY F 342 -11.59 7.65 0.02
CA GLY F 342 -10.30 7.00 -0.19
C GLY F 342 -9.15 7.56 0.65
N ASN F 343 -9.48 8.43 1.62
CA ASN F 343 -8.47 9.00 2.54
C ASN F 343 -8.69 8.56 3.97
N THR F 344 -7.64 8.74 4.78
CA THR F 344 -7.76 8.69 6.25
C THR F 344 -8.73 9.78 6.68
N GLU F 345 -9.66 9.45 7.58
CA GLU F 345 -10.58 10.43 8.14
C GLU F 345 -10.35 10.62 9.63
N ILE F 346 -10.66 11.81 10.15
CA ILE F 346 -10.49 12.11 11.56
C ILE F 346 -11.80 11.83 12.33
N VAL F 347 -11.68 11.27 13.53
CA VAL F 347 -12.82 11.04 14.39
C VAL F 347 -12.90 12.26 15.31
N GLU F 348 -13.91 13.11 15.19
CA GLU F 348 -13.93 14.25 16.08
C GLU F 348 -15.03 14.16 17.10
N LEU F 349 -14.60 14.20 18.35
CA LEU F 349 -15.52 13.98 19.45
C LEU F 349 -15.57 15.18 20.39
N PRO F 350 -16.73 15.42 21.00
CA PRO F 350 -16.71 16.43 22.05
C PRO F 350 -16.11 15.77 23.29
N SER F 351 -15.79 16.55 24.34
CA SER F 351 -15.22 15.89 25.51
C SER F 351 -16.34 15.15 26.25
N LYS F 352 -16.00 13.96 26.76
N LYS F 352 -15.99 13.97 26.78
CA LYS F 352 -16.95 13.07 27.43
CA LYS F 352 -16.93 13.06 27.45
C LYS F 352 -17.58 13.71 28.66
C LYS F 352 -17.58 13.71 28.67
N PRO F 353 -18.93 13.72 28.74
CA PRO F 353 -19.60 14.31 29.91
C PRO F 353 -19.27 13.54 31.18
N ASP F 354 -19.11 14.29 32.28
CA ASP F 354 -18.93 13.72 33.60
C ASP F 354 -19.99 12.66 33.87
N PHE F 355 -21.20 12.95 33.40
CA PHE F 355 -22.34 12.07 33.50
C PHE F 355 -22.02 10.63 33.06
N TYR F 356 -21.19 10.47 32.02
CA TYR F 356 -20.89 9.14 31.52
C TYR F 356 -19.63 8.51 32.07
N LYS F 357 -19.09 9.15 33.09
CA LYS F 357 -17.87 8.70 33.73
C LYS F 357 -18.23 7.86 34.95
N THR G 23 -46.50 -25.13 32.36
CA THR G 23 -45.41 -25.08 33.38
C THR G 23 -45.77 -25.91 34.62
N LEU G 24 -44.80 -26.68 35.12
CA LEU G 24 -45.06 -27.67 36.17
C LEU G 24 -44.56 -27.27 37.56
N LYS G 25 -45.12 -27.92 38.58
CA LYS G 25 -44.85 -27.56 39.97
C LYS G 25 -43.97 -28.59 40.70
N ALA G 26 -42.90 -28.12 41.31
CA ALA G 26 -41.81 -28.99 41.73
C ALA G 26 -41.47 -28.91 43.22
N GLY G 27 -41.26 -30.07 43.82
CA GLY G 27 -40.70 -30.17 45.16
C GLY G 27 -39.27 -30.69 45.10
N ILE G 28 -38.36 -29.97 45.75
CA ILE G 28 -36.97 -30.40 45.92
C ILE G 28 -36.79 -31.02 47.30
N VAL G 29 -36.13 -32.19 47.30
CA VAL G 29 -35.91 -32.97 48.53
C VAL G 29 -34.41 -33.04 48.81
N GLY G 30 -33.99 -32.24 49.79
CA GLY G 30 -32.58 -32.20 50.18
C GLY G 30 -31.89 -30.94 49.71
N ILE G 31 -31.78 -29.97 50.61
CA ILE G 31 -31.27 -28.64 50.27
C ILE G 31 -29.82 -28.48 50.72
N GLY G 32 -28.96 -29.36 50.21
CA GLY G 32 -27.55 -29.35 50.54
C GLY G 32 -26.81 -28.45 49.56
N MSE G 33 -25.56 -28.79 49.25
N MSE G 33 -25.54 -28.77 49.28
CA MSE G 33 -24.71 -28.00 48.37
CA MSE G 33 -24.75 -28.00 48.34
C MSE G 33 -25.28 -27.90 46.95
C MSE G 33 -25.51 -27.90 47.02
O MSE G 33 -25.36 -26.81 46.38
O MSE G 33 -25.98 -26.83 46.64
CB MSE G 33 -23.29 -28.55 48.34
CB MSE G 33 -23.38 -28.64 48.09
CG MSE G 33 -22.21 -27.56 47.91
CG MSE G 33 -22.43 -27.79 47.24
SE MSE G 33 -21.82 -26.18 49.27
SE MSE G 33 -22.68 -27.82 45.29
CE MSE G 33 -19.93 -25.82 48.83
CE MSE G 33 -22.15 -25.97 44.89
N ILE G 34 -25.66 -29.05 46.38
CA ILE G 34 -26.22 -29.11 45.04
C ILE G 34 -27.72 -28.77 45.05
N GLY G 35 -28.42 -29.21 46.11
CA GLY G 35 -29.85 -28.96 46.26
C GLY G 35 -30.16 -27.48 46.19
N SER G 36 -29.32 -26.68 46.84
CA SER G 36 -29.47 -25.24 46.90
C SER G 36 -29.29 -24.59 45.52
N ASP G 37 -28.31 -25.08 44.75
CA ASP G 37 -28.12 -24.63 43.38
C ASP G 37 -29.26 -25.06 42.46
N HIS G 38 -29.69 -26.32 42.58
CA HIS G 38 -30.81 -26.78 41.78
C HIS G 38 -32.08 -25.94 42.06
N LEU G 39 -32.27 -25.57 43.32
CA LEU G 39 -33.34 -24.65 43.74
C LEU G 39 -33.28 -23.28 43.03
N ARG G 40 -32.07 -22.70 42.97
CA ARG G 40 -31.89 -21.42 42.29
C ARG G 40 -32.15 -21.57 40.80
N ARG G 41 -31.49 -22.55 40.16
CA ARG G 41 -31.77 -22.92 38.74
C ARG G 41 -33.24 -23.07 38.41
N LEU G 42 -33.92 -23.95 39.15
CA LEU G 42 -35.29 -24.31 38.82
C LEU G 42 -36.23 -23.11 38.93
N ALA G 43 -35.99 -22.27 39.93
CA ALA G 43 -36.79 -21.07 40.13
C ALA G 43 -36.46 -19.97 39.12
N ASN G 44 -35.17 -19.78 38.84
CA ASN G 44 -34.70 -18.65 38.03
C ASN G 44 -34.46 -18.92 36.57
N THR G 45 -33.64 -19.93 36.27
CA THR G 45 -33.16 -20.25 34.92
C THR G 45 -34.04 -21.22 34.09
N VAL G 46 -34.73 -22.15 34.74
CA VAL G 46 -35.49 -23.14 33.98
C VAL G 46 -36.92 -22.67 33.77
N SER G 47 -37.35 -22.67 32.51
CA SER G 47 -38.71 -22.27 32.15
C SER G 47 -39.63 -23.48 32.04
N GLY G 48 -40.88 -23.29 32.44
CA GLY G 48 -41.87 -24.37 32.46
C GLY G 48 -41.86 -25.14 33.77
N VAL G 49 -41.26 -24.54 34.79
CA VAL G 49 -41.21 -25.12 36.13
C VAL G 49 -41.20 -24.00 37.17
N GLU G 50 -41.78 -24.33 38.31
CA GLU G 50 -41.94 -23.43 39.42
C GLU G 50 -41.75 -24.27 40.68
N VAL G 51 -40.87 -23.83 41.57
CA VAL G 51 -40.62 -24.55 42.83
C VAL G 51 -41.70 -24.21 43.84
N VAL G 52 -42.46 -25.22 44.24
CA VAL G 52 -43.60 -25.00 45.16
C VAL G 52 -43.44 -25.61 46.56
N ALA G 53 -42.53 -26.57 46.69
CA ALA G 53 -42.24 -27.15 47.99
C ALA G 53 -40.78 -27.53 48.12
N VAL G 54 -40.28 -27.43 49.34
CA VAL G 54 -38.90 -27.78 49.63
C VAL G 54 -38.82 -28.55 50.97
N CYS G 55 -37.74 -29.31 51.17
CA CYS G 55 -37.62 -30.25 52.29
C CYS G 55 -36.18 -30.59 52.62
N ASP G 56 -35.81 -30.44 53.90
CA ASP G 56 -34.51 -30.93 54.39
C ASP G 56 -34.64 -31.46 55.82
N ILE G 57 -33.76 -32.40 56.18
CA ILE G 57 -33.79 -33.01 57.52
C ILE G 57 -33.21 -32.08 58.58
N VAL G 58 -32.17 -31.35 58.22
CA VAL G 58 -31.50 -30.44 59.12
C VAL G 58 -32.35 -29.18 59.29
N ALA G 59 -32.76 -28.93 60.54
CA ALA G 59 -33.63 -27.79 60.87
C ALA G 59 -33.09 -26.48 60.30
N GLY G 60 -33.97 -25.71 59.66
CA GLY G 60 -33.59 -24.43 59.05
C GLY G 60 -33.11 -24.47 57.60
N ARG G 61 -32.45 -25.56 57.22
CA ARG G 61 -31.79 -25.66 55.90
C ARG G 61 -32.57 -25.08 54.74
N ALA G 62 -33.71 -25.70 54.49
CA ALA G 62 -34.59 -25.38 53.40
C ALA G 62 -34.95 -23.89 53.41
N GLN G 63 -35.27 -23.35 54.58
CA GLN G 63 -35.67 -21.93 54.66
C GLN G 63 -34.46 -21.02 54.50
N ALA G 64 -33.37 -21.34 55.20
CA ALA G 64 -32.13 -20.59 55.05
C ALA G 64 -31.85 -20.31 53.57
N ALA G 65 -32.04 -21.33 52.72
CA ALA G 65 -31.85 -21.21 51.26
C ALA G 65 -32.99 -20.47 50.54
N LEU G 66 -34.24 -20.74 50.91
CA LEU G 66 -35.40 -19.95 50.44
C LEU G 66 -35.24 -18.46 50.75
N ASP G 67 -34.65 -18.17 51.91
CA ASP G 67 -34.39 -16.79 52.36
C ASP G 67 -33.31 -16.08 51.56
N LYS G 68 -32.26 -16.81 51.20
CA LYS G 68 -31.12 -16.26 50.47
C LYS G 68 -31.39 -16.06 48.98
N TYR G 69 -32.50 -16.62 48.50
CA TYR G 69 -32.90 -16.49 47.10
C TYR G 69 -34.33 -15.92 46.95
N ALA G 70 -34.90 -15.43 48.04
CA ALA G 70 -36.26 -14.88 48.09
C ALA G 70 -37.25 -15.73 47.28
N ILE G 71 -37.23 -17.04 47.49
CA ILE G 71 -38.21 -17.96 46.88
C ILE G 71 -39.23 -18.34 47.93
N GLU G 72 -40.49 -18.15 47.57
CA GLU G 72 -41.58 -18.52 48.43
C GLU G 72 -42.07 -19.91 48.01
N ALA G 73 -41.77 -20.90 48.86
CA ALA G 73 -42.24 -22.27 48.71
C ALA G 73 -42.54 -22.83 50.10
N LYS G 74 -43.40 -23.85 50.18
CA LYS G 74 -43.66 -24.47 51.48
C LYS G 74 -42.55 -25.45 51.89
N ASP G 75 -42.22 -25.39 53.16
CA ASP G 75 -41.11 -26.11 53.73
C ASP G 75 -41.65 -27.31 54.49
N TYR G 76 -41.11 -28.47 54.17
CA TYR G 76 -41.42 -29.70 54.89
C TYR G 76 -40.18 -30.25 55.57
N ASN G 77 -40.38 -30.98 56.66
CA ASN G 77 -39.31 -31.71 57.29
C ASN G 77 -39.32 -33.16 56.81
N ASP G 78 -40.52 -33.63 56.47
CA ASP G 78 -40.76 -34.97 55.99
C ASP G 78 -41.02 -34.95 54.50
N TYR G 79 -40.26 -35.75 53.76
CA TYR G 79 -40.43 -35.80 52.32
C TYR G 79 -41.71 -36.52 51.97
N HIS G 80 -42.19 -37.38 52.89
CA HIS G 80 -43.48 -38.04 52.69
C HIS G 80 -44.56 -36.97 52.60
N ASP G 81 -44.37 -35.90 53.36
CA ASP G 81 -45.27 -34.75 53.35
C ASP G 81 -45.11 -33.87 52.10
N LEU G 82 -43.87 -33.68 51.65
CA LEU G 82 -43.66 -32.95 50.42
C LEU G 82 -44.30 -33.71 49.25
N ILE G 83 -44.14 -35.02 49.22
CA ILE G 83 -44.68 -35.85 48.15
C ILE G 83 -46.22 -35.85 48.16
N ASN G 84 -46.81 -35.75 49.36
CA ASN G 84 -48.26 -35.69 49.52
C ASN G 84 -48.91 -34.40 49.03
N ASP G 85 -48.17 -33.30 49.12
CA ASP G 85 -48.65 -31.97 48.70
C ASP G 85 -49.17 -31.96 47.26
N LYS G 86 -50.49 -31.85 47.11
CA LYS G 86 -51.17 -31.97 45.82
C LYS G 86 -50.70 -30.97 44.75
N ASP G 87 -50.06 -29.87 45.19
CA ASP G 87 -49.45 -28.89 44.28
C ASP G 87 -48.29 -29.49 43.50
N VAL G 88 -47.56 -30.38 44.16
CA VAL G 88 -46.28 -30.90 43.65
C VAL G 88 -46.53 -32.00 42.62
N GLU G 89 -46.18 -31.72 41.37
CA GLU G 89 -46.36 -32.69 40.30
C GLU G 89 -45.05 -33.42 40.00
N VAL G 90 -43.94 -32.77 40.30
CA VAL G 90 -42.62 -33.33 40.03
C VAL G 90 -41.77 -33.27 41.28
N VAL G 91 -41.06 -34.36 41.57
CA VAL G 91 -40.17 -34.45 42.72
C VAL G 91 -38.71 -34.48 42.27
N ILE G 92 -37.96 -33.47 42.71
CA ILE G 92 -36.53 -33.40 42.43
C ILE G 92 -35.77 -33.84 43.68
N ILE G 93 -34.98 -34.90 43.51
CA ILE G 93 -34.20 -35.52 44.58
C ILE G 93 -32.72 -35.09 44.58
N THR G 94 -32.38 -34.24 45.54
CA THR G 94 -31.00 -33.86 45.74
C THR G 94 -30.61 -34.11 47.17
N ALA G 95 -31.13 -35.18 47.73
CA ALA G 95 -30.78 -35.54 49.09
C ALA G 95 -29.56 -36.44 49.06
N SER G 96 -29.03 -36.71 50.25
CA SER G 96 -27.94 -37.67 50.42
C SER G 96 -28.23 -38.99 49.70
N ASN G 97 -27.20 -39.58 49.11
CA ASN G 97 -27.34 -40.88 48.44
C ASN G 97 -28.29 -41.88 49.14
N GLU G 98 -28.22 -41.94 50.47
CA GLU G 98 -29.02 -42.87 51.29
C GLU G 98 -30.54 -42.67 51.23
N ALA G 99 -30.98 -41.45 50.97
CA ALA G 99 -32.40 -41.16 50.90
C ALA G 99 -33.02 -41.49 49.53
N HIS G 100 -32.16 -41.57 48.51
CA HIS G 100 -32.61 -41.57 47.10
C HIS G 100 -33.70 -42.56 46.81
N ALA G 101 -33.43 -43.84 47.04
CA ALA G 101 -34.35 -44.88 46.64
C ALA G 101 -35.67 -44.79 47.43
N ASP G 102 -35.56 -44.36 48.69
CA ASP G 102 -36.76 -44.17 49.52
C ASP G 102 -37.60 -43.05 48.95
N VAL G 103 -37.00 -41.87 48.76
CA VAL G 103 -37.74 -40.72 48.22
C VAL G 103 -38.33 -41.07 46.86
N ALA G 104 -37.50 -41.67 46.00
CA ALA G 104 -37.91 -42.10 44.65
C ALA G 104 -39.09 -43.06 44.63
N VAL G 105 -39.02 -44.11 45.44
CA VAL G 105 -40.11 -45.09 45.50
C VAL G 105 -41.40 -44.38 45.94
N ALA G 106 -41.28 -43.54 46.96
CA ALA G 106 -42.44 -42.84 47.53
C ALA G 106 -43.03 -41.92 46.47
N ALA G 107 -42.18 -41.17 45.77
CA ALA G 107 -42.65 -40.26 44.73
C ALA G 107 -43.46 -40.99 43.64
N LEU G 108 -42.88 -42.08 43.11
CA LEU G 108 -43.50 -42.94 42.11
C LEU G 108 -44.81 -43.57 42.61
N ASN G 109 -44.83 -43.98 43.88
CA ASN G 109 -46.04 -44.52 44.52
C ASN G 109 -47.15 -43.49 44.61
N ALA G 110 -46.74 -42.22 44.67
CA ALA G 110 -47.65 -41.10 44.75
C ALA G 110 -47.90 -40.58 43.33
N ASN G 111 -47.50 -41.38 42.35
CA ASN G 111 -47.61 -41.05 40.92
C ASN G 111 -47.06 -39.68 40.50
N LYS G 112 -45.86 -39.35 40.96
CA LYS G 112 -45.20 -38.10 40.55
C LYS G 112 -43.96 -38.44 39.77
N TYR G 113 -43.56 -37.57 38.85
CA TYR G 113 -42.29 -37.72 38.13
C TYR G 113 -41.09 -37.46 39.04
N VAL G 114 -39.96 -38.04 38.66
CA VAL G 114 -38.75 -37.99 39.47
C VAL G 114 -37.57 -37.60 38.62
N PHE G 115 -36.93 -36.51 39.02
CA PHE G 115 -35.58 -36.24 38.63
C PHE G 115 -34.72 -36.50 39.85
N CYS G 116 -33.80 -37.46 39.72
CA CYS G 116 -32.89 -37.84 40.81
C CYS G 116 -31.42 -37.54 40.47
N GLU G 117 -30.72 -36.87 41.39
CA GLU G 117 -29.30 -36.63 41.14
C GLU G 117 -28.56 -37.94 41.11
N LYS G 118 -27.43 -37.95 40.41
CA LYS G 118 -26.57 -39.12 40.39
C LYS G 118 -25.90 -39.26 41.76
N PRO G 119 -25.56 -40.50 42.17
CA PRO G 119 -25.95 -41.80 41.63
C PRO G 119 -27.40 -42.03 41.99
N LEU G 120 -28.05 -42.96 41.31
CA LEU G 120 -29.45 -43.24 41.60
C LEU G 120 -29.58 -43.77 43.04
N ALA G 121 -28.75 -44.74 43.39
CA ALA G 121 -28.55 -45.22 44.79
C ALA G 121 -27.18 -45.86 44.79
N VAL G 122 -26.67 -46.37 45.91
CA VAL G 122 -25.36 -47.05 45.79
C VAL G 122 -25.52 -48.52 45.46
N THR G 123 -26.51 -49.15 46.06
CA THR G 123 -26.69 -50.56 45.86
C THR G 123 -27.54 -50.79 44.62
N ALA G 124 -27.09 -51.72 43.79
CA ALA G 124 -27.92 -52.26 42.73
C ALA G 124 -29.33 -52.58 43.25
N ALA G 125 -29.40 -53.18 44.43
CA ALA G 125 -30.69 -53.55 45.00
C ALA G 125 -31.63 -52.35 45.15
N ASP G 126 -31.08 -51.22 45.57
CA ASP G 126 -31.92 -50.01 45.70
C ASP G 126 -32.41 -49.48 44.34
N CYS G 127 -31.55 -49.60 43.33
CA CYS G 127 -31.90 -49.26 41.96
C CYS G 127 -33.02 -50.14 41.46
N GLN G 128 -32.90 -51.44 41.74
CA GLN G 128 -33.94 -52.41 41.39
C GLN G 128 -35.27 -52.04 42.04
N ARG G 129 -35.21 -51.48 43.25
CA ARG G 129 -36.43 -51.04 43.96
C ARG G 129 -37.09 -49.88 43.21
N VAL G 130 -36.26 -48.93 42.81
CA VAL G 130 -36.75 -47.79 42.06
C VAL G 130 -37.38 -48.27 40.73
N ILE G 131 -36.68 -49.19 40.07
CA ILE G 131 -37.12 -49.75 38.80
C ILE G 131 -38.51 -50.39 38.86
N GLU G 132 -38.77 -51.17 39.91
CA GLU G 132 -40.05 -51.85 40.05
C GLU G 132 -41.17 -50.88 40.36
N ALA G 133 -40.89 -49.93 41.25
CA ALA G 133 -41.85 -48.89 41.58
C ALA G 133 -42.17 -48.08 40.33
N GLU G 134 -41.15 -47.85 39.49
CA GLU G 134 -41.37 -47.17 38.22
C GLU G 134 -42.20 -48.05 37.26
N GLN G 135 -41.81 -49.31 37.14
CA GLN G 135 -42.51 -50.24 36.28
C GLN G 135 -43.96 -50.45 36.72
N LYS G 136 -44.19 -50.43 38.04
CA LYS G 136 -45.55 -50.52 38.61
C LYS G 136 -46.44 -49.34 38.22
N ASN G 137 -45.81 -48.28 37.71
CA ASN G 137 -46.52 -47.17 37.08
C ASN G 137 -46.76 -47.40 35.60
N GLY G 138 -46.00 -48.29 34.99
CA GLY G 138 -46.15 -48.58 33.57
C GLY G 138 -45.94 -47.44 32.60
N LYS G 139 -45.32 -46.35 33.04
CA LYS G 139 -44.73 -45.35 32.12
C LYS G 139 -43.40 -44.79 32.66
N ARG G 140 -42.51 -44.43 31.74
CA ARG G 140 -41.17 -43.99 32.15
C ARG G 140 -41.25 -42.61 32.83
N MSE G 141 -40.78 -42.54 34.08
CA MSE G 141 -41.00 -41.35 34.91
C MSE G 141 -39.78 -40.80 35.64
O MSE G 141 -39.88 -39.76 36.30
CB MSE G 141 -42.12 -41.63 35.92
CG MSE G 141 -43.48 -41.69 35.28
SE MSE G 141 -44.82 -41.90 36.62
CE MSE G 141 -44.97 -40.08 37.24
N VAL G 142 -38.65 -41.51 35.56
CA VAL G 142 -37.43 -41.16 36.28
C VAL G 142 -36.31 -40.69 35.34
N GLN G 143 -35.69 -39.55 35.66
CA GLN G 143 -34.43 -39.17 34.98
C GLN G 143 -33.30 -39.08 36.00
N ILE G 144 -32.10 -39.53 35.60
CA ILE G 144 -30.92 -39.41 36.48
C ILE G 144 -29.99 -38.26 36.06
N GLY G 145 -29.37 -37.60 37.04
CA GLY G 145 -28.57 -36.40 36.84
C GLY G 145 -27.17 -36.65 36.28
N PHE G 146 -27.00 -37.65 35.43
CA PHE G 146 -25.68 -37.77 34.71
C PHE G 146 -25.61 -36.62 33.68
N MSE G 147 -25.26 -35.42 34.13
CA MSE G 147 -25.34 -34.21 33.29
C MSE G 147 -24.43 -34.18 32.07
O MSE G 147 -24.73 -33.43 31.11
CB MSE G 147 -25.09 -32.90 34.09
CG MSE G 147 -23.59 -32.61 34.36
SE MSE G 147 -22.95 -33.91 35.70
CE MSE G 147 -21.08 -33.40 35.94
N ARG G 148 -23.32 -34.94 32.11
CA ARG G 148 -22.39 -34.90 30.96
C ARG G 148 -23.07 -35.24 29.62
N ARG G 149 -24.19 -35.97 29.67
CA ARG G 149 -24.82 -36.29 28.39
C ARG G 149 -25.37 -35.01 27.74
N TYR G 150 -25.62 -33.97 28.54
CA TYR G 150 -26.09 -32.69 28.01
C TYR G 150 -25.00 -31.62 27.80
N ASP G 151 -23.76 -31.96 28.07
CA ASP G 151 -22.66 -31.06 27.75
C ASP G 151 -22.48 -30.98 26.23
N LYS G 152 -22.30 -29.77 25.72
CA LYS G 152 -22.27 -29.54 24.27
C LYS G 152 -21.16 -30.30 23.58
N GLY G 153 -20.03 -30.37 24.27
CA GLY G 153 -18.82 -31.04 23.70
C GLY G 153 -19.13 -32.53 23.56
N TYR G 154 -19.77 -33.13 24.58
CA TYR G 154 -20.12 -34.56 24.54
C TYR G 154 -21.16 -34.89 23.49
N VAL G 155 -22.18 -34.04 23.38
CA VAL G 155 -23.20 -34.15 22.34
C VAL G 155 -22.58 -34.12 20.95
N GLN G 156 -21.65 -33.21 20.73
CA GLN G 156 -21.00 -33.16 19.43
C GLN G 156 -20.18 -34.45 19.16
N LEU G 157 -19.45 -34.93 20.16
CA LEU G 157 -18.68 -36.18 20.10
C LEU G 157 -19.58 -37.38 19.78
N LYS G 158 -20.72 -37.46 20.47
CA LYS G 158 -21.69 -38.49 20.22
C LYS G 158 -22.18 -38.48 18.76
N ASN G 159 -22.53 -37.28 18.27
CA ASN G 159 -23.02 -37.14 16.91
C ASN G 159 -21.93 -37.59 15.91
N ILE G 160 -20.68 -37.24 16.20
CA ILE G 160 -19.56 -37.61 15.34
C ILE G 160 -19.48 -39.13 15.25
N ILE G 161 -19.50 -39.80 16.41
CA ILE G 161 -19.38 -41.26 16.44
C ILE G 161 -20.54 -41.96 15.75
N ASP G 162 -21.75 -41.52 16.09
CA ASP G 162 -22.97 -42.00 15.48
C ASP G 162 -23.05 -41.80 13.94
N SER G 163 -22.49 -40.71 13.43
CA SER G 163 -22.46 -40.48 11.97
C SER G 163 -21.69 -41.53 11.18
N GLY G 164 -20.81 -42.28 11.86
CA GLY G 164 -19.92 -43.24 11.18
C GLY G 164 -18.63 -42.63 10.62
N GLU G 165 -18.41 -41.35 10.92
CA GLU G 165 -17.21 -40.63 10.47
C GLU G 165 -15.88 -41.29 10.79
N ILE G 166 -15.80 -41.87 12.00
CA ILE G 166 -14.58 -42.57 12.42
C ILE G 166 -14.73 -44.10 12.32
N GLY G 167 -15.83 -44.57 11.76
CA GLY G 167 -16.14 -46.00 11.76
C GLY G 167 -16.56 -46.45 13.16
N GLN G 168 -16.60 -47.77 13.37
CA GLN G 168 -16.94 -48.43 14.64
C GLN G 168 -15.84 -48.15 15.69
N PRO G 169 -16.21 -47.59 16.85
CA PRO G 169 -15.24 -47.45 17.95
C PRO G 169 -14.62 -48.81 18.37
N LEU G 170 -13.30 -48.83 18.51
CA LEU G 170 -12.60 -50.01 18.98
C LEU G 170 -11.85 -49.71 20.27
N MSE G 171 -11.32 -48.48 20.40
CA MSE G 171 -10.61 -48.12 21.60
C MSE G 171 -10.97 -46.78 22.14
O MSE G 171 -11.22 -45.83 21.41
CB MSE G 171 -9.08 -48.14 21.37
CG MSE G 171 -8.56 -49.47 21.46
SE MSE G 171 -6.66 -49.51 21.02
CE MSE G 171 -6.50 -48.43 19.42
N VAL G 172 -10.90 -46.69 23.47
CA VAL G 172 -11.20 -45.42 24.10
C VAL G 172 -10.17 -45.08 25.15
N HIS G 173 -9.69 -43.85 25.11
CA HIS G 173 -8.85 -43.37 26.16
C HIS G 173 -9.46 -42.20 26.85
N GLY G 174 -9.68 -42.29 28.14
CA GLY G 174 -10.22 -41.17 28.89
C GLY G 174 -9.37 -40.74 30.05
N ARG G 175 -9.53 -39.48 30.52
CA ARG G 175 -8.91 -39.02 31.77
C ARG G 175 -9.93 -38.28 32.62
N HIS G 176 -9.90 -38.52 33.93
CA HIS G 176 -10.71 -37.76 34.88
C HIS G 176 -9.72 -37.26 35.98
N TYR G 177 -9.21 -36.03 35.84
CA TYR G 177 -8.24 -35.48 36.78
C TYR G 177 -8.81 -34.33 37.54
N ASN G 178 -8.39 -34.18 38.81
CA ASN G 178 -8.94 -33.16 39.74
C ASN G 178 -7.74 -32.67 40.56
N ALA G 179 -7.75 -31.43 41.03
CA ALA G 179 -6.55 -30.82 41.65
C ALA G 179 -6.06 -31.50 42.92
N SER G 180 -6.98 -31.62 43.86
CA SER G 180 -6.69 -32.26 45.11
C SER G 180 -7.98 -32.69 45.78
N THR G 181 -7.88 -33.65 46.71
CA THR G 181 -9.05 -34.05 47.49
C THR G 181 -8.87 -33.76 48.98
N VAL G 182 -9.95 -33.58 49.71
CA VAL G 182 -9.87 -33.44 51.16
C VAL G 182 -9.61 -34.81 51.76
N PRO G 183 -9.08 -34.86 53.00
CA PRO G 183 -8.72 -36.12 53.62
C PRO G 183 -9.89 -37.11 53.75
N GLU G 184 -11.13 -36.63 53.81
CA GLU G 184 -12.28 -37.53 53.95
C GLU G 184 -12.57 -38.38 52.71
N TYR G 185 -11.90 -38.06 51.59
CA TYR G 185 -12.21 -38.70 50.32
C TYR G 185 -11.38 -39.96 50.20
N LYS G 186 -12.06 -41.10 50.20
CA LYS G 186 -11.38 -42.38 50.30
C LYS G 186 -11.31 -43.07 48.96
N THR G 187 -10.44 -44.08 48.87
CA THR G 187 -10.24 -44.92 47.67
C THR G 187 -11.52 -45.34 46.94
N PRO G 188 -12.55 -45.86 47.66
CA PRO G 188 -13.74 -46.24 46.88
C PRO G 188 -14.43 -45.08 46.12
N GLN G 189 -14.28 -43.85 46.63
CA GLN G 189 -14.88 -42.65 46.03
C GLN G 189 -14.33 -42.31 44.64
N ALA G 190 -13.11 -42.77 44.35
CA ALA G 190 -12.54 -42.58 42.99
C ALA G 190 -13.43 -43.27 41.93
N ILE G 191 -14.14 -44.32 42.34
CA ILE G 191 -15.17 -44.93 41.49
C ILE G 191 -16.54 -44.29 41.75
N TYR G 192 -17.05 -44.42 42.96
CA TYR G 192 -18.42 -44.01 43.28
C TYR G 192 -18.78 -42.58 42.98
N GLU G 193 -17.82 -41.67 43.17
CA GLU G 193 -18.03 -40.25 43.03
C GLU G 193 -17.42 -39.75 41.69
N THR G 194 -16.28 -40.31 41.28
CA THR G 194 -15.57 -39.68 40.22
C THR G 194 -15.75 -40.49 38.91
N LEU G 195 -15.26 -41.73 38.89
CA LEU G 195 -15.34 -42.55 37.68
C LEU G 195 -16.76 -42.83 37.22
N ILE G 196 -17.71 -42.83 38.17
CA ILE G 196 -19.10 -43.03 37.87
C ILE G 196 -19.55 -42.26 36.59
N HIS G 197 -19.12 -40.99 36.46
CA HIS G 197 -19.45 -40.19 35.32
C HIS G 197 -19.00 -40.82 34.00
N GLU G 198 -17.75 -41.29 33.95
CA GLU G 198 -17.26 -42.04 32.78
C GLU G 198 -18.07 -43.35 32.62
N ILE G 199 -18.38 -44.01 33.72
CA ILE G 199 -19.16 -45.26 33.64
C ILE G 199 -20.44 -45.00 32.86
N ASP G 200 -21.12 -43.90 33.19
CA ASP G 200 -22.33 -43.61 32.46
C ASP G 200 -22.11 -43.10 31.02
N VAL G 201 -21.22 -42.13 30.85
CA VAL G 201 -21.07 -41.45 29.57
C VAL G 201 -20.43 -42.33 28.45
N MSE G 202 -19.43 -43.17 28.77
CA MSE G 202 -18.90 -44.06 27.73
C MSE G 202 -19.93 -45.06 27.23
O MSE G 202 -20.06 -45.31 26.05
CB MSE G 202 -17.65 -44.82 28.17
CG MSE G 202 -16.55 -43.97 28.84
SE MSE G 202 -15.81 -42.62 27.68
CE MSE G 202 -14.03 -42.47 28.58
N HIS G 203 -20.69 -45.61 28.17
CA HIS G 203 -21.81 -46.49 27.89
C HIS G 203 -22.82 -45.83 26.92
N TRP G 204 -23.14 -44.56 27.18
CA TRP G 204 -24.06 -43.79 26.34
C TRP G 204 -23.44 -43.51 24.96
N LEU G 205 -22.19 -43.06 24.95
CA LEU G 205 -21.48 -42.76 23.71
C LEU G 205 -21.39 -44.00 22.81
N LEU G 206 -21.12 -45.16 23.42
CA LEU G 206 -20.87 -46.38 22.70
C LEU G 206 -22.12 -47.19 22.50
N ASN G 207 -23.18 -46.81 23.22
CA ASN G 207 -24.40 -47.57 23.22
C ASN G 207 -24.14 -49.06 23.53
N GLU G 208 -23.30 -49.31 24.53
CA GLU G 208 -23.07 -50.68 24.99
C GLU G 208 -22.92 -50.70 26.52
N ASP G 209 -22.89 -51.93 27.05
CA ASP G 209 -22.65 -52.19 28.46
C ASP G 209 -21.27 -52.79 28.66
N TYR G 210 -20.84 -52.90 29.91
CA TYR G 210 -19.54 -53.48 30.19
C TYR G 210 -19.65 -54.97 30.47
N LYS G 211 -18.63 -55.73 30.07
CA LYS G 211 -18.49 -57.12 30.49
C LYS G 211 -17.42 -57.33 31.59
N THR G 212 -16.30 -56.61 31.51
CA THR G 212 -15.23 -56.70 32.53
C THR G 212 -14.70 -55.32 32.98
N VAL G 213 -14.12 -55.28 34.19
CA VAL G 213 -13.44 -54.09 34.71
C VAL G 213 -12.19 -54.55 35.47
N LYS G 214 -11.12 -53.75 35.39
CA LYS G 214 -9.85 -54.06 36.05
C LYS G 214 -9.22 -52.71 36.53
N VAL G 215 -8.87 -52.59 37.80
CA VAL G 215 -8.29 -51.34 38.32
C VAL G 215 -6.84 -51.59 38.55
N TYR G 216 -5.97 -50.95 37.77
CA TYR G 216 -4.56 -50.99 38.03
C TYR G 216 -4.21 -49.81 38.93
N PHE G 217 -3.29 -50.00 39.84
CA PHE G 217 -2.73 -48.95 40.64
C PHE G 217 -1.27 -48.70 40.26
N PRO G 218 -1.00 -47.62 39.53
CA PRO G 218 0.36 -47.15 39.26
C PRO G 218 1.01 -46.78 40.58
N ARG G 219 2.32 -46.58 40.61
CA ARG G 219 2.93 -46.15 41.86
C ARG G 219 2.19 -44.96 42.44
N GLN G 220 2.03 -45.01 43.74
CA GLN G 220 1.27 -44.03 44.51
C GLN G 220 1.94 -42.64 44.48
N SER G 221 1.17 -41.58 44.22
CA SER G 221 1.71 -40.22 44.35
C SER G 221 2.13 -39.93 45.79
N SER G 222 3.37 -39.47 45.95
CA SER G 222 3.88 -39.05 47.23
C SER G 222 3.17 -37.81 47.78
N LEU G 223 2.38 -37.16 46.94
CA LEU G 223 1.67 -36.00 47.43
C LEU G 223 0.34 -36.43 48.05
N VAL G 224 0.02 -37.71 47.99
CA VAL G 224 -1.27 -38.22 48.49
C VAL G 224 -1.09 -39.33 49.50
N THR G 225 -1.73 -39.16 50.67
CA THR G 225 -1.65 -40.11 51.76
C THR G 225 -3.03 -40.57 52.20
N THR G 226 -4.11 -39.95 51.71
CA THR G 226 -5.46 -40.28 52.23
C THR G 226 -6.25 -41.29 51.39
N LEU G 227 -5.65 -41.71 50.27
CA LEU G 227 -6.26 -42.70 49.37
C LEU G 227 -5.23 -43.23 48.37
N ARG G 228 -5.59 -44.32 47.69
CA ARG G 228 -4.87 -44.78 46.50
C ARG G 228 -5.20 -43.90 45.30
N ASP G 229 -4.14 -43.37 44.67
CA ASP G 229 -4.20 -42.27 43.70
C ASP G 229 -2.81 -42.13 43.07
N PRO G 230 -2.73 -42.18 41.74
CA PRO G 230 -3.78 -42.32 40.77
C PRO G 230 -4.33 -43.78 40.60
N GLN G 231 -5.35 -43.94 39.74
CA GLN G 231 -5.87 -45.26 39.39
C GLN G 231 -6.10 -45.33 37.88
N LEU G 232 -6.03 -46.54 37.37
CA LEU G 232 -6.05 -46.75 35.93
C LEU G 232 -7.01 -47.87 35.67
N VAL G 233 -8.11 -47.59 34.96
CA VAL G 233 -9.19 -48.54 34.84
C VAL G 233 -9.31 -48.99 33.41
N VAL G 234 -9.36 -50.29 33.22
CA VAL G 234 -9.48 -50.89 31.92
C VAL G 234 -10.83 -51.56 31.94
N MSE G 235 -11.70 -51.15 31.03
CA MSE G 235 -13.01 -51.75 30.96
C MSE G 235 -13.24 -52.33 29.56
O MSE G 235 -12.83 -51.72 28.55
CB MSE G 235 -14.07 -50.68 31.30
CG MSE G 235 -13.67 -49.74 32.49
SE MSE G 235 -15.32 -48.82 33.13
CE MSE G 235 -16.53 -50.30 33.02
N GLU G 236 -13.87 -53.51 29.48
CA GLU G 236 -14.30 -54.07 28.20
C GLU G 236 -15.82 -54.05 28.06
N THR G 237 -16.29 -53.57 26.91
CA THR G 237 -17.73 -53.54 26.60
C THR G 237 -18.13 -54.93 26.11
N THR G 238 -19.43 -55.15 26.01
CA THR G 238 -19.95 -56.44 25.60
C THR G 238 -19.40 -56.88 24.22
N SER G 239 -19.19 -55.93 23.30
CA SER G 239 -18.61 -56.26 22.00
C SER G 239 -17.09 -56.17 21.99
N GLY G 240 -16.45 -55.92 23.12
CA GLY G 240 -14.99 -55.94 23.17
C GLY G 240 -14.28 -54.62 22.95
N ILE G 241 -15.05 -53.54 22.97
CA ILE G 241 -14.46 -52.21 22.90
C ILE G 241 -13.60 -52.07 24.17
N ASN G 242 -12.34 -51.67 24.02
CA ASN G 242 -11.45 -51.51 25.14
C ASN G 242 -11.39 -50.07 25.67
N ILE G 243 -11.75 -49.83 26.93
CA ILE G 243 -11.78 -48.48 27.47
C ILE G 243 -10.76 -48.31 28.58
N VAL G 244 -9.88 -47.31 28.46
CA VAL G 244 -8.89 -47.05 29.49
C VAL G 244 -9.14 -45.67 30.05
N VAL G 245 -9.38 -45.56 31.35
CA VAL G 245 -9.51 -44.25 32.01
C VAL G 245 -8.47 -44.06 33.11
N GLU G 246 -7.73 -42.96 33.04
CA GLU G 246 -6.84 -42.56 34.11
C GLU G 246 -7.63 -41.68 35.03
N VAL G 247 -7.64 -41.99 36.31
CA VAL G 247 -8.25 -41.18 37.31
C VAL G 247 -7.15 -40.70 38.24
N PHE G 248 -7.06 -39.38 38.35
CA PHE G 248 -6.02 -38.80 39.16
C PHE G 248 -6.65 -37.63 39.84
N VAL G 249 -7.16 -37.84 41.06
CA VAL G 249 -7.87 -36.81 41.81
C VAL G 249 -6.99 -35.85 42.65
N ASN G 250 -5.68 -36.06 42.61
CA ASN G 250 -4.71 -35.11 43.18
C ASN G 250 -3.58 -34.86 42.18
N CYS G 251 -3.98 -34.54 40.95
CA CYS G 251 -3.03 -34.30 39.88
C CYS G 251 -2.30 -32.96 40.06
N GLN G 252 -2.75 -32.18 41.04
CA GLN G 252 -2.17 -30.85 41.36
C GLN G 252 -2.52 -29.73 40.36
N TYR G 253 -2.62 -30.01 39.04
CA TYR G 253 -2.59 -28.92 38.06
C TYR G 253 -3.95 -28.29 37.74
N GLY G 254 -5.02 -29.06 37.90
CA GLY G 254 -6.36 -28.52 37.73
C GLY G 254 -7.35 -29.62 37.47
N TYR G 255 -8.46 -29.26 36.85
CA TYR G 255 -9.56 -30.18 36.65
C TYR G 255 -9.56 -30.35 35.17
N ASP G 256 -9.44 -31.58 34.69
CA ASP G 256 -9.18 -31.76 33.28
C ASP G 256 -9.88 -33.06 32.86
N ILE G 257 -10.78 -32.98 31.89
CA ILE G 257 -11.44 -34.15 31.36
C ILE G 257 -10.98 -34.45 29.92
N HIS G 258 -10.52 -35.66 29.65
CA HIS G 258 -10.19 -36.08 28.29
C HIS G 258 -10.99 -37.30 27.94
N CYS G 259 -11.42 -37.36 26.67
CA CYS G 259 -12.12 -38.52 26.14
C CYS G 259 -11.83 -38.65 24.64
N ASP G 260 -10.94 -39.57 24.29
CA ASP G 260 -10.64 -39.81 22.89
C ASP G 260 -11.23 -41.15 22.47
N VAL G 261 -11.87 -41.19 21.32
CA VAL G 261 -12.46 -42.43 20.77
C VAL G 261 -11.75 -42.80 19.46
N THR G 262 -11.13 -43.95 19.45
CA THR G 262 -10.50 -44.50 18.28
C THR G 262 -11.41 -45.49 17.57
N GLY G 263 -11.75 -45.14 16.33
CA GLY G 263 -12.63 -46.00 15.49
C GLY G 263 -11.80 -46.70 14.44
N GLU G 264 -12.47 -47.52 13.61
CA GLU G 264 -11.78 -48.23 12.51
C GLU G 264 -11.09 -47.31 11.55
N LYS G 265 -11.54 -46.07 11.41
CA LYS G 265 -10.89 -45.21 10.43
C LYS G 265 -10.56 -43.81 10.88
N GLY G 266 -10.80 -43.48 12.14
CA GLY G 266 -10.42 -42.14 12.56
C GLY G 266 -10.45 -42.08 14.04
N MSE G 267 -10.09 -40.93 14.60
CA MSE G 267 -10.20 -40.76 16.03
C MSE G 267 -11.01 -39.51 16.29
O MSE G 267 -10.83 -38.54 15.61
CB MSE G 267 -8.83 -40.56 16.67
CG MSE G 267 -8.89 -40.40 18.23
SE MSE G 267 -7.17 -39.78 18.92
CE MSE G 267 -5.90 -41.06 18.07
N ALA G 268 -11.84 -39.50 17.32
CA ALA G 268 -12.55 -38.30 17.73
C ALA G 268 -12.21 -37.91 19.17
N GLU G 269 -11.99 -36.61 19.42
CA GLU G 269 -11.42 -36.11 20.67
C GLU G 269 -12.45 -35.16 21.23
N LEU G 270 -12.84 -35.33 22.49
CA LEU G 270 -13.71 -34.39 23.18
C LEU G 270 -13.00 -33.03 23.35
N PRO G 271 -13.70 -31.88 23.11
CA PRO G 271 -12.92 -30.66 23.32
C PRO G 271 -12.80 -30.34 24.82
N THR G 272 -11.98 -29.34 25.13
CA THR G 272 -12.03 -28.79 26.49
C THR G 272 -12.61 -27.37 26.56
N VAL G 273 -12.57 -26.73 27.73
CA VAL G 273 -13.11 -25.37 27.89
C VAL G 273 -12.19 -24.38 27.16
N ALA G 274 -12.80 -23.55 26.32
CA ALA G 274 -12.11 -22.53 25.56
C ALA G 274 -11.47 -21.52 26.51
N SER G 275 -10.23 -21.17 26.17
CA SER G 275 -9.48 -20.19 26.89
C SER G 275 -8.79 -19.22 25.95
N ALA G 276 -8.74 -17.95 26.34
CA ALA G 276 -7.79 -17.03 25.74
C ALA G 276 -6.35 -17.56 25.86
N ALA G 277 -5.51 -17.25 24.88
CA ALA G 277 -4.14 -17.73 24.80
C ALA G 277 -3.22 -16.54 24.98
N VAL G 278 -2.13 -16.73 25.73
CA VAL G 278 -1.22 -15.63 26.00
C VAL G 278 0.18 -15.99 25.50
N ARG G 279 0.83 -15.05 24.82
CA ARG G 279 2.26 -15.19 24.48
C ARG G 279 3.04 -14.35 25.45
N LYS G 280 3.85 -14.96 26.30
CA LYS G 280 4.75 -14.15 27.10
C LYS G 280 5.93 -14.91 27.71
N ALA G 281 7.01 -14.18 28.01
CA ALA G 281 8.21 -14.82 28.57
C ALA G 281 8.46 -16.23 27.94
N ALA G 282 8.51 -16.31 26.61
CA ALA G 282 8.91 -17.54 25.89
C ALA G 282 7.95 -18.69 26.07
N LYS G 283 6.71 -18.38 26.49
CA LYS G 283 5.66 -19.36 26.61
C LYS G 283 4.35 -18.91 25.97
N TYR G 284 3.64 -19.89 25.42
CA TYR G 284 2.36 -19.74 24.80
C TYR G 284 1.49 -20.64 25.63
N SER G 285 0.43 -20.07 26.22
CA SER G 285 -0.28 -20.89 27.15
C SER G 285 -1.73 -20.56 27.13
N THR G 286 -2.57 -21.51 27.52
CA THR G 286 -3.96 -21.24 27.89
C THR G 286 -4.26 -21.71 29.33
N ASP G 287 -5.44 -21.35 29.82
CA ASP G 287 -5.88 -21.75 31.18
C ASP G 287 -6.45 -23.14 31.24
N ILE G 288 -6.25 -23.78 32.39
CA ILE G 288 -6.90 -25.02 32.73
C ILE G 288 -7.76 -24.74 33.95
N LEU G 289 -9.01 -25.18 33.89
CA LEU G 289 -9.95 -25.01 35.01
C LEU G 289 -9.36 -25.59 36.30
N VAL G 290 -9.57 -24.91 37.43
CA VAL G 290 -9.18 -25.48 38.72
C VAL G 290 -10.45 -25.96 39.47
N ASP G 291 -11.52 -25.18 39.39
CA ASP G 291 -12.77 -25.47 40.13
C ASP G 291 -13.62 -26.53 39.40
N TRP G 292 -13.72 -27.75 39.93
CA TRP G 292 -14.43 -28.81 39.21
C TRP G 292 -15.89 -28.43 38.87
N LYS G 293 -16.50 -27.60 39.71
CA LYS G 293 -17.89 -27.20 39.51
C LYS G 293 -18.12 -26.36 38.23
N GLN G 294 -17.07 -25.73 37.70
CA GLN G 294 -17.23 -24.95 36.50
C GLN G 294 -17.28 -25.77 35.18
N ARG G 295 -16.77 -26.99 35.18
CA ARG G 295 -16.59 -27.76 33.94
C ARG G 295 -17.89 -28.08 33.20
N PHE G 296 -18.93 -28.52 33.92
CA PHE G 296 -20.20 -28.93 33.33
C PHE G 296 -21.37 -28.11 33.89
N ILE G 297 -21.05 -26.97 34.49
CA ILE G 297 -22.05 -26.09 35.08
C ILE G 297 -23.17 -25.81 34.06
N ASP G 298 -22.84 -25.62 32.79
CA ASP G 298 -23.94 -25.39 31.81
C ASP G 298 -24.94 -26.53 31.65
N ALA G 299 -24.41 -27.74 31.72
CA ALA G 299 -25.19 -28.96 31.54
C ALA G 299 -26.30 -29.16 32.61
N TYR G 300 -26.15 -28.61 33.81
CA TYR G 300 -27.26 -28.66 34.80
C TYR G 300 -28.50 -28.02 34.25
N ASP G 301 -28.31 -26.82 33.72
CA ASP G 301 -29.39 -26.05 33.09
C ASP G 301 -30.04 -26.81 31.93
N ILE G 302 -29.18 -27.31 31.04
CA ILE G 302 -29.62 -28.00 29.83
C ILE G 302 -30.40 -29.27 30.16
N GLU G 303 -29.89 -30.07 31.10
CA GLU G 303 -30.56 -31.31 31.46
C GLU G 303 -31.95 -31.03 32.03
N PHE G 304 -32.05 -30.06 32.92
CA PHE G 304 -33.33 -29.68 33.52
C PHE G 304 -34.33 -29.12 32.49
N GLN G 305 -33.83 -28.34 31.55
CA GLN G 305 -34.68 -27.74 30.51
C GLN G 305 -35.19 -28.80 29.55
N ASP G 306 -34.38 -29.80 29.24
CA ASP G 306 -34.82 -30.91 28.43
C ASP G 306 -35.92 -31.68 29.13
N PHE G 307 -35.61 -32.12 30.35
CA PHE G 307 -36.52 -32.84 31.17
C PHE G 307 -37.89 -32.15 31.26
N PHE G 308 -37.95 -30.90 31.74
CA PHE G 308 -39.25 -30.18 31.86
C PHE G 308 -39.91 -29.84 30.52
N ASP G 309 -39.09 -29.66 29.48
CA ASP G 309 -39.66 -29.39 28.17
C ASP G 309 -40.46 -30.57 27.70
N ARG G 310 -39.89 -31.78 27.85
CA ARG G 310 -40.57 -32.99 27.50
C ARG G 310 -41.83 -33.22 28.34
N LEU G 311 -41.74 -32.95 29.64
CA LEU G 311 -42.85 -33.13 30.54
C LEU G 311 -44.03 -32.24 30.19
N ASN G 312 -43.80 -30.93 30.15
CA ASN G 312 -44.82 -29.97 29.72
C ASN G 312 -45.44 -30.36 28.39
N ALA G 313 -44.63 -30.88 27.48
CA ALA G 313 -45.09 -31.41 26.20
C ALA G 313 -45.89 -32.71 26.31
N GLY G 314 -45.95 -33.31 27.50
CA GLY G 314 -46.70 -34.56 27.67
C GLY G 314 -45.91 -35.76 27.18
N LEU G 315 -44.61 -35.53 26.99
CA LEU G 315 -43.69 -36.57 26.61
C LEU G 315 -43.00 -37.15 27.85
N PRO G 316 -42.51 -38.40 27.73
CA PRO G 316 -41.77 -38.92 28.85
C PRO G 316 -40.38 -38.28 28.85
N PRO G 317 -39.65 -38.37 29.98
CA PRO G 317 -38.23 -37.95 30.04
C PRO G 317 -37.38 -38.71 29.04
N ALA G 318 -36.33 -38.11 28.53
CA ALA G 318 -35.45 -38.80 27.61
C ALA G 318 -34.01 -38.79 28.06
N GLY G 319 -33.78 -38.50 29.34
CA GLY G 319 -32.40 -38.50 29.84
C GLY G 319 -32.06 -39.87 30.42
N PRO G 320 -30.96 -39.95 31.21
CA PRO G 320 -30.56 -41.21 31.86
C PRO G 320 -31.74 -41.81 32.62
N THR G 321 -31.92 -43.12 32.48
CA THR G 321 -33.11 -43.80 33.02
C THR G 321 -32.79 -44.54 34.32
N SER G 322 -33.82 -44.99 35.04
CA SER G 322 -33.58 -45.82 36.21
C SER G 322 -32.66 -46.97 35.84
N TRP G 323 -32.81 -47.45 34.61
CA TRP G 323 -32.01 -48.57 34.16
C TRP G 323 -30.55 -48.16 34.01
N ASP G 324 -30.31 -46.94 33.56
CA ASP G 324 -28.94 -46.44 33.44
C ASP G 324 -28.21 -46.33 34.78
N GLY G 325 -28.96 -45.97 35.82
CA GLY G 325 -28.38 -45.81 37.16
C GLY G 325 -28.08 -47.16 37.78
N TYR G 326 -28.87 -48.16 37.40
CA TYR G 326 -28.64 -49.54 37.79
C TYR G 326 -27.40 -50.08 37.11
N LEU G 327 -27.31 -49.89 35.80
CA LEU G 327 -26.10 -50.28 35.11
C LEU G 327 -24.86 -49.62 35.74
N ALA G 328 -24.97 -48.33 36.08
CA ALA G 328 -23.87 -47.56 36.66
C ALA G 328 -23.46 -48.16 38.01
N ALA G 329 -24.47 -48.41 38.86
CA ALA G 329 -24.29 -49.07 40.15
C ALA G 329 -23.58 -50.42 40.04
N VAL G 330 -24.08 -51.31 39.19
CA VAL G 330 -23.51 -52.63 39.04
C VAL G 330 -22.04 -52.55 38.62
N THR G 331 -21.73 -51.66 37.66
CA THR G 331 -20.37 -51.46 37.13
C THR G 331 -19.44 -50.84 38.18
N ALA G 332 -19.91 -49.81 38.87
CA ALA G 332 -19.09 -49.21 39.95
C ALA G 332 -18.76 -50.23 41.04
N ASP G 333 -19.73 -51.08 41.35
CA ASP G 333 -19.50 -52.14 42.28
C ASP G 333 -18.39 -53.10 41.87
N ALA G 334 -18.42 -53.56 40.64
CA ALA G 334 -17.35 -54.42 40.12
C ALA G 334 -16.01 -53.71 40.15
N CYS G 335 -16.02 -52.39 39.91
CA CYS G 335 -14.78 -51.61 39.95
C CYS G 335 -14.18 -51.57 41.36
N VAL G 336 -15.05 -51.32 42.33
CA VAL G 336 -14.62 -51.24 43.72
C VAL G 336 -14.10 -52.60 44.19
N LYS G 337 -14.81 -53.66 43.79
CA LYS G 337 -14.38 -55.05 44.00
C LYS G 337 -13.01 -55.33 43.36
N SER G 338 -12.77 -54.84 42.17
CA SER G 338 -11.43 -54.99 41.56
C SER G 338 -10.33 -54.25 42.37
N GLN G 339 -10.63 -53.02 42.80
CA GLN G 339 -9.74 -52.29 43.70
C GLN G 339 -9.30 -53.20 44.85
N GLU G 340 -10.26 -53.96 45.42
CA GLU G 340 -10.05 -54.84 46.58
C GLU G 340 -9.34 -56.16 46.28
N THR G 341 -9.68 -56.82 45.17
CA THR G 341 -9.14 -58.17 44.87
C THR G 341 -7.80 -58.14 44.11
N GLY G 342 -7.54 -57.06 43.34
CA GLY G 342 -6.40 -57.04 42.46
C GLY G 342 -6.64 -57.82 41.17
N ASN G 343 -7.90 -58.16 40.89
CA ASN G 343 -8.25 -58.94 39.69
C ASN G 343 -9.21 -58.21 38.75
N THR G 344 -9.22 -58.64 37.50
CA THR G 344 -10.35 -58.35 36.62
C THR G 344 -11.65 -58.91 37.21
N GLU G 345 -12.70 -58.10 37.29
CA GLU G 345 -14.03 -58.54 37.72
C GLU G 345 -15.06 -58.51 36.58
N ILE G 346 -15.99 -59.46 36.60
CA ILE G 346 -17.03 -59.56 35.59
C ILE G 346 -18.21 -58.65 35.97
N VAL G 347 -18.81 -58.00 34.97
CA VAL G 347 -20.00 -57.20 35.19
C VAL G 347 -21.13 -58.11 34.75
N GLU G 348 -22.01 -58.46 35.68
CA GLU G 348 -23.08 -59.39 35.41
C GLU G 348 -24.40 -58.67 35.46
N LEU G 349 -25.11 -58.64 34.34
CA LEU G 349 -26.33 -57.86 34.21
C LEU G 349 -27.44 -58.76 33.77
N PRO G 350 -28.66 -58.50 34.25
CA PRO G 350 -29.78 -59.25 33.71
C PRO G 350 -30.21 -58.64 32.35
N SER G 351 -31.23 -59.25 31.73
CA SER G 351 -31.77 -58.71 30.48
C SER G 351 -32.38 -57.35 30.73
N LYS G 352 -32.18 -56.45 29.77
CA LYS G 352 -32.76 -55.13 29.85
C LYS G 352 -34.28 -55.22 29.61
N PRO G 353 -35.08 -54.72 30.56
CA PRO G 353 -36.52 -54.75 30.33
C PRO G 353 -36.91 -53.85 29.17
N ASP G 354 -37.88 -54.31 28.39
CA ASP G 354 -38.40 -53.56 27.26
C ASP G 354 -38.96 -52.21 27.71
N PHE G 355 -39.45 -52.15 28.94
CA PHE G 355 -39.74 -50.87 29.59
C PHE G 355 -38.67 -49.80 29.34
N TYR G 356 -37.39 -50.18 29.34
CA TYR G 356 -36.31 -49.19 29.27
C TYR G 356 -35.78 -48.99 27.88
N LYS G 357 -36.37 -49.69 26.93
CA LYS G 357 -36.09 -49.46 25.55
C LYS G 357 -37.01 -48.32 25.10
N MSE H 22 40.07 -35.46 10.91
CA MSE H 22 39.23 -36.26 11.86
C MSE H 22 38.14 -37.04 11.11
O MSE H 22 36.98 -36.60 11.06
CB MSE H 22 38.61 -35.34 12.93
N THR H 23 38.51 -38.20 10.57
CA THR H 23 37.62 -39.03 9.72
C THR H 23 37.75 -40.54 9.97
N LEU H 24 36.61 -41.22 10.05
CA LEU H 24 36.58 -42.69 10.13
C LEU H 24 36.07 -43.36 8.85
N LYS H 25 36.60 -44.56 8.57
CA LYS H 25 36.25 -45.32 7.36
C LYS H 25 35.25 -46.40 7.70
N ALA H 26 34.23 -46.58 6.85
CA ALA H 26 33.11 -47.49 7.14
C ALA H 26 32.82 -48.58 6.10
N GLY H 27 32.43 -49.77 6.57
CA GLY H 27 31.89 -50.83 5.73
C GLY H 27 30.42 -51.03 6.08
N ILE H 28 29.56 -51.16 5.06
CA ILE H 28 28.15 -51.42 5.31
C ILE H 28 27.75 -52.81 4.84
N VAL H 29 27.27 -53.62 5.79
CA VAL H 29 26.74 -54.95 5.49
C VAL H 29 25.22 -54.97 5.42
N GLY H 30 24.70 -55.29 4.22
CA GLY H 30 23.25 -55.34 4.00
C GLY H 30 22.68 -54.10 3.30
N ILE H 31 22.82 -54.08 1.98
CA ILE H 31 22.39 -52.90 1.20
C ILE H 31 20.99 -53.12 0.66
N GLY H 32 20.02 -53.09 1.56
CA GLY H 32 18.65 -53.27 1.17
C GLY H 32 17.95 -51.95 1.30
N MSE H 33 16.72 -51.99 1.80
CA MSE H 33 15.92 -50.82 1.86
C MSE H 33 16.62 -49.69 2.62
O MSE H 33 16.92 -48.63 2.06
CB MSE H 33 14.58 -51.17 2.47
CG MSE H 33 13.44 -50.51 1.78
SE MSE H 33 12.38 -49.52 3.05
CE MSE H 33 13.74 -48.19 3.63
N ILE H 34 16.89 -49.91 3.91
CA ILE H 34 17.51 -48.91 4.76
C ILE H 34 19.05 -48.87 4.55
N GLY H 35 19.62 -49.98 4.13
CA GLY H 35 21.05 -50.04 3.80
C GLY H 35 21.47 -49.01 2.78
N SER H 36 20.72 -48.91 1.69
CA SER H 36 20.95 -47.90 0.64
C SER H 36 20.81 -46.50 1.19
N ASP H 37 19.74 -46.26 1.95
CA ASP H 37 19.47 -44.97 2.56
C ASP H 37 20.69 -44.54 3.38
N HIS H 38 21.10 -45.40 4.30
CA HIS H 38 22.21 -45.09 5.20
C HIS H 38 23.52 -44.99 4.42
N LEU H 39 23.67 -45.79 3.38
CA LEU H 39 24.82 -45.61 2.48
C LEU H 39 24.88 -44.17 1.94
N ARG H 40 23.73 -43.67 1.49
CA ARG H 40 23.64 -42.31 1.00
C ARG H 40 23.90 -41.30 2.11
N ARG H 41 23.33 -41.57 3.30
CA ARG H 41 23.53 -40.71 4.47
C ARG H 41 24.96 -40.58 4.85
N LEU H 42 25.60 -41.72 5.02
CA LEU H 42 27.00 -41.74 5.44
C LEU H 42 27.89 -41.09 4.39
N ALA H 43 27.56 -41.28 3.13
CA ALA H 43 28.40 -40.74 2.07
C ALA H 43 28.21 -39.23 1.93
N ASN H 44 26.95 -38.81 1.89
CA ASN H 44 26.62 -37.42 1.53
C ASN H 44 26.36 -36.48 2.68
N THR H 45 25.74 -36.97 3.74
CA THR H 45 25.26 -36.10 4.79
C THR H 45 26.18 -36.07 5.98
N VAL H 46 26.60 -37.23 6.46
CA VAL H 46 27.34 -37.31 7.72
C VAL H 46 28.81 -37.01 7.50
N SER H 47 29.34 -36.08 8.29
CA SER H 47 30.75 -35.73 8.18
C SER H 47 31.50 -36.53 9.20
N GLY H 48 32.76 -36.81 8.87
CA GLY H 48 33.66 -37.56 9.74
C GLY H 48 33.60 -39.04 9.40
N VAL H 49 32.90 -39.38 8.31
CA VAL H 49 32.74 -40.78 7.86
C VAL H 49 32.84 -40.93 6.36
N GLU H 50 33.68 -41.88 5.92
CA GLU H 50 33.78 -42.21 4.52
C GLU H 50 33.34 -43.67 4.33
N VAL H 51 32.45 -43.94 3.39
CA VAL H 51 32.07 -45.33 3.11
C VAL H 51 33.13 -46.00 2.22
N VAL H 52 33.80 -47.04 2.68
CA VAL H 52 34.87 -47.66 1.86
C VAL H 52 34.58 -49.07 1.38
N ALA H 53 33.53 -49.67 1.94
CA ALA H 53 33.26 -51.06 1.67
C ALA H 53 31.80 -51.35 1.88
N VAL H 54 31.33 -52.30 1.09
CA VAL H 54 29.92 -52.47 0.96
C VAL H 54 29.69 -53.97 0.78
N CYS H 55 28.49 -54.44 1.12
CA CYS H 55 28.26 -55.89 1.13
C CYS H 55 26.79 -56.30 1.17
N ASP H 56 26.42 -57.22 0.28
CA ASP H 56 25.11 -57.86 0.28
C ASP H 56 25.23 -59.28 -0.26
N ILE H 57 24.38 -60.18 0.25
CA ILE H 57 24.45 -61.60 -0.12
C ILE H 57 23.77 -61.81 -1.47
N VAL H 58 23.12 -60.76 -1.95
CA VAL H 58 22.41 -60.76 -3.23
C VAL H 58 23.27 -60.08 -4.30
N ALA H 59 23.67 -60.87 -5.28
CA ALA H 59 24.58 -60.44 -6.33
C ALA H 59 24.05 -59.22 -7.07
N GLY H 60 24.94 -58.29 -7.38
CA GLY H 60 24.57 -57.04 -8.01
C GLY H 60 23.90 -55.99 -7.13
N ARG H 61 23.34 -56.40 -5.99
CA ARG H 61 22.53 -55.45 -5.22
C ARG H 61 23.34 -54.29 -4.63
N ALA H 62 24.48 -54.61 -4.01
CA ALA H 62 25.33 -53.60 -3.41
C ALA H 62 25.86 -52.63 -4.47
N GLN H 63 26.43 -53.17 -5.54
CA GLN H 63 27.01 -52.37 -6.62
C GLN H 63 25.95 -51.50 -7.31
N ALA H 64 24.76 -52.06 -7.48
CA ALA H 64 23.61 -51.29 -7.96
C ALA H 64 23.47 -49.97 -7.21
N ALA H 65 23.62 -50.05 -5.89
CA ALA H 65 23.42 -48.89 -5.02
C ALA H 65 24.60 -47.93 -5.02
N LEU H 66 25.79 -48.49 -5.23
CA LEU H 66 27.03 -47.73 -5.35
C LEU H 66 26.92 -46.86 -6.57
N ASP H 67 26.46 -47.49 -7.66
CA ASP H 67 26.23 -46.79 -8.92
C ASP H 67 25.17 -45.74 -8.75
N LYS H 68 24.05 -46.12 -8.13
CA LYS H 68 22.94 -45.20 -7.98
C LYS H 68 23.37 -43.86 -7.38
N TYR H 69 24.29 -43.88 -6.43
CA TYR H 69 24.78 -42.66 -5.81
C TYR H 69 26.19 -42.24 -6.20
N ALA H 70 26.75 -42.88 -7.22
CA ALA H 70 28.15 -42.63 -7.62
C ALA H 70 29.08 -42.60 -6.41
N ILE H 71 29.24 -43.76 -5.77
CA ILE H 71 30.08 -43.90 -4.59
C ILE H 71 31.23 -44.87 -4.82
N GLU H 72 32.42 -44.44 -4.42
CA GLU H 72 33.65 -45.21 -4.59
C GLU H 72 33.91 -46.18 -3.42
N ALA H 73 33.47 -47.44 -3.57
CA ALA H 73 33.65 -48.44 -2.52
C ALA H 73 33.95 -49.86 -3.03
N LYS H 74 34.64 -50.62 -2.19
CA LYS H 74 34.90 -52.03 -2.43
C LYS H 74 33.63 -52.84 -2.18
N ASP H 75 33.42 -53.87 -3.01
CA ASP H 75 32.24 -54.72 -2.88
C ASP H 75 32.57 -56.15 -2.45
N TYR H 76 31.87 -56.62 -1.42
CA TYR H 76 32.13 -57.94 -0.84
C TYR H 76 30.90 -58.84 -0.74
N ASN H 77 31.01 -60.05 -1.28
CA ASN H 77 29.98 -61.08 -1.18
C ASN H 77 29.79 -61.63 0.22
N ASP H 78 30.92 -61.87 0.89
CA ASP H 78 30.98 -62.48 2.21
C ASP H 78 31.42 -61.40 3.20
N TYR H 79 30.56 -61.09 4.17
CA TYR H 79 30.84 -60.00 5.08
C TYR H 79 32.13 -60.18 5.87
N HIS H 80 32.51 -61.44 6.10
CA HIS H 80 33.79 -61.72 6.74
C HIS H 80 34.95 -60.95 6.10
N ASP H 81 35.00 -60.89 4.77
CA ASP H 81 36.07 -60.18 4.10
C ASP H 81 35.99 -58.66 4.26
N LEU H 82 34.76 -58.13 4.31
CA LEU H 82 34.55 -56.70 4.58
C LEU H 82 35.17 -56.34 5.92
N ILE H 83 34.76 -57.09 6.94
CA ILE H 83 35.22 -56.87 8.30
C ILE H 83 36.73 -57.01 8.36
N ASN H 84 37.24 -58.04 7.67
CA ASN H 84 38.66 -58.31 7.60
C ASN H 84 39.48 -57.27 6.85
N ASP H 85 38.85 -56.51 5.96
CA ASP H 85 39.55 -55.44 5.22
C ASP H 85 40.09 -54.39 6.19
N LYS H 86 41.39 -54.12 6.08
CA LYS H 86 42.13 -53.27 7.03
C LYS H 86 41.71 -51.81 6.95
N ASP H 87 41.18 -51.42 5.80
CA ASP H 87 40.60 -50.10 5.63
C ASP H 87 39.32 -49.97 6.47
N VAL H 88 38.59 -51.07 6.66
CA VAL H 88 37.30 -50.98 7.38
C VAL H 88 37.53 -50.76 8.87
N GLU H 89 37.19 -49.57 9.34
CA GLU H 89 37.29 -49.24 10.76
C GLU H 89 35.97 -49.36 11.54
N VAL H 90 34.85 -49.18 10.85
CA VAL H 90 33.54 -49.20 11.49
C VAL H 90 32.59 -50.08 10.65
N VAL H 91 31.82 -50.92 11.32
CA VAL H 91 30.87 -51.77 10.63
C VAL H 91 29.43 -51.30 10.92
N ILE H 92 28.75 -50.97 9.85
CA ILE H 92 27.35 -50.60 9.95
C ILE H 92 26.52 -51.78 9.45
N ILE H 93 25.65 -52.26 10.34
CA ILE H 93 24.83 -53.44 10.11
C ILE H 93 23.38 -53.02 9.83
N THR H 94 23.01 -53.14 8.56
CA THR H 94 21.69 -52.81 8.04
C THR H 94 21.14 -54.04 7.27
N ALA H 95 21.70 -55.21 7.58
CA ALA H 95 21.28 -56.46 6.98
C ALA H 95 20.07 -56.99 7.71
N SER H 96 19.51 -58.09 7.24
CA SER H 96 18.35 -58.73 7.89
C SER H 96 18.69 -59.11 9.33
N ASN H 97 17.68 -59.04 10.20
CA ASN H 97 17.78 -59.43 11.61
C ASN H 97 18.56 -60.72 11.90
N GLU H 98 18.34 -61.75 11.07
CA GLU H 98 18.91 -63.07 11.27
C GLU H 98 20.44 -63.04 11.22
N ALA H 99 20.97 -62.12 10.41
CA ALA H 99 22.40 -61.96 10.26
C ALA H 99 23.06 -61.12 11.36
N HIS H 100 22.27 -60.32 12.10
CA HIS H 100 22.83 -59.27 13.00
C HIS H 100 23.93 -59.77 13.93
N ALA H 101 23.60 -60.77 14.75
CA ALA H 101 24.53 -61.29 15.75
C ALA H 101 25.83 -61.82 15.13
N ASP H 102 25.73 -62.64 14.09
CA ASP H 102 26.92 -63.17 13.44
C ASP H 102 27.81 -62.04 12.96
N VAL H 103 27.23 -61.03 12.29
CA VAL H 103 27.99 -59.92 11.74
C VAL H 103 28.63 -59.07 12.87
N ALA H 104 27.81 -58.71 13.85
CA ALA H 104 28.28 -57.96 15.02
C ALA H 104 29.40 -58.66 15.78
N VAL H 105 29.15 -59.91 16.19
CA VAL H 105 30.16 -60.74 16.86
C VAL H 105 31.46 -60.74 16.06
N ALA H 106 31.34 -61.01 14.76
CA ALA H 106 32.52 -61.05 13.89
C ALA H 106 33.26 -59.71 13.88
N ALA H 107 32.51 -58.62 13.97
CA ALA H 107 33.08 -57.27 13.87
C ALA H 107 33.82 -56.93 15.16
N LEU H 108 33.12 -57.14 16.27
CA LEU H 108 33.71 -56.99 17.60
C LEU H 108 34.99 -57.83 17.78
N ASN H 109 34.95 -59.10 17.35
CA ASN H 109 36.13 -59.94 17.49
C ASN H 109 37.31 -59.38 16.73
N ALA H 110 37.01 -58.57 15.72
CA ALA H 110 38.02 -57.92 14.92
C ALA H 110 38.43 -56.54 15.47
N ASN H 111 37.89 -56.15 16.63
CA ASN H 111 38.11 -54.80 17.20
C ASN H 111 37.59 -53.64 16.31
N LYS H 112 36.48 -53.87 15.62
CA LYS H 112 35.79 -52.80 14.91
C LYS H 112 34.59 -52.28 15.69
N TYR H 113 34.32 -50.99 15.52
CA TYR H 113 33.08 -50.38 15.98
C TYR H 113 31.90 -50.90 15.18
N VAL H 114 30.77 -51.01 15.84
CA VAL H 114 29.52 -51.43 15.21
C VAL H 114 28.40 -50.41 15.43
N PHE H 115 27.76 -49.99 14.33
CA PHE H 115 26.43 -49.43 14.41
C PHE H 115 25.50 -50.51 13.87
N CYS H 116 24.50 -50.89 14.67
CA CYS H 116 23.61 -51.96 14.25
C CYS H 116 22.17 -51.48 14.30
N GLU H 117 21.48 -51.57 13.17
CA GLU H 117 20.10 -51.23 13.13
C GLU H 117 19.33 -52.01 14.12
N LYS H 118 18.21 -51.44 14.54
CA LYS H 118 17.31 -52.12 15.45
C LYS H 118 16.52 -53.18 14.66
N PRO H 119 16.12 -54.27 15.33
CA PRO H 119 16.48 -54.64 16.71
C PRO H 119 17.92 -55.21 16.74
N LEU H 120 18.58 -55.19 17.90
CA LEU H 120 19.92 -55.80 17.98
C LEU H 120 19.86 -57.24 17.44
N ALA H 121 18.97 -58.02 18.01
CA ALA H 121 18.66 -59.31 17.49
C ALA H 121 17.34 -59.73 18.11
N VAL H 122 16.72 -60.76 17.54
CA VAL H 122 15.41 -61.21 18.02
C VAL H 122 15.47 -61.91 19.40
N THR H 123 16.42 -62.84 19.56
CA THR H 123 16.54 -63.64 20.78
C THR H 123 17.52 -63.01 21.76
N ALA H 124 17.16 -63.08 23.03
CA ALA H 124 18.03 -62.72 24.14
C ALA H 124 19.42 -63.36 24.02
N ALA H 125 19.43 -64.64 23.63
CA ALA H 125 20.67 -65.38 23.45
C ALA H 125 21.57 -64.72 22.41
N ASP H 126 20.97 -64.32 21.28
CA ASP H 126 21.73 -63.60 20.25
C ASP H 126 22.25 -62.26 20.75
N CYS H 127 21.40 -61.56 21.51
CA CYS H 127 21.83 -60.32 22.14
C CYS H 127 22.98 -60.55 23.05
N GLN H 128 22.89 -61.62 23.81
CA GLN H 128 23.94 -61.97 24.78
C GLN H 128 25.26 -62.35 24.10
N ARG H 129 25.22 -63.00 22.94
CA ARG H 129 26.46 -63.32 22.22
C ARG H 129 27.18 -62.02 21.82
N VAL H 130 26.40 -61.01 21.45
CA VAL H 130 26.95 -59.70 21.06
C VAL H 130 27.50 -59.02 22.31
N ILE H 131 26.75 -59.07 23.40
CA ILE H 131 27.26 -58.49 24.64
C ILE H 131 28.65 -59.08 25.02
N GLU H 132 28.74 -60.41 24.97
N GLU H 132 28.72 -60.43 24.98
CA GLU H 132 29.98 -61.10 25.32
CA GLU H 132 29.94 -61.18 25.25
C GLU H 132 31.14 -60.72 24.40
C GLU H 132 31.10 -60.66 24.41
N ALA H 133 30.87 -60.59 23.10
CA ALA H 133 31.89 -60.18 22.13
C ALA H 133 32.35 -58.76 22.40
N GLU H 134 31.45 -57.93 22.90
CA GLU H 134 31.76 -56.52 23.13
C GLU H 134 32.60 -56.39 24.39
N GLN H 135 32.25 -57.14 25.42
CA GLN H 135 32.95 -57.06 26.69
C GLN H 135 34.39 -57.58 26.62
N LYS H 136 34.62 -58.56 25.74
CA LYS H 136 35.98 -59.05 25.47
C LYS H 136 36.87 -58.00 24.84
N ASN H 137 36.27 -56.90 24.36
CA ASN H 137 37.05 -55.77 23.90
C ASN H 137 37.37 -54.78 25.02
N GLY H 138 36.72 -54.96 26.16
CA GLY H 138 36.91 -54.09 27.32
C GLY H 138 36.57 -52.64 27.06
N LYS H 139 35.70 -52.42 26.08
CA LYS H 139 35.45 -51.09 25.53
C LYS H 139 34.07 -51.05 24.87
N ARG H 140 33.27 -50.05 25.21
CA ARG H 140 31.96 -49.90 24.62
C ARG H 140 32.07 -49.52 23.16
N MSE H 141 31.52 -50.35 22.29
CA MSE H 141 31.81 -50.25 20.87
C MSE H 141 30.60 -50.38 19.97
O MSE H 141 30.70 -50.17 18.75
CB MSE H 141 32.85 -51.31 20.49
CG MSE H 141 34.21 -51.10 21.17
SE MSE H 141 35.50 -52.28 20.39
CE MSE H 141 35.93 -51.27 18.76
N VAL H 142 29.45 -50.70 20.57
CA VAL H 142 28.21 -50.87 19.82
C VAL H 142 27.20 -49.75 20.11
N GLN H 143 26.56 -49.23 19.05
CA GLN H 143 25.31 -48.45 19.17
C GLN H 143 24.26 -49.11 18.27
N ILE H 144 23.01 -49.14 18.78
CA ILE H 144 21.86 -49.73 18.10
C ILE H 144 20.92 -48.60 17.61
N GLY H 145 20.36 -48.76 16.41
CA GLY H 145 19.62 -47.70 15.74
C GLY H 145 18.21 -47.38 16.21
N PHE H 146 17.98 -47.32 17.53
CA PHE H 146 16.73 -46.76 18.05
C PHE H 146 16.75 -45.24 17.93
N MSE H 147 16.42 -44.75 16.76
CA MSE H 147 16.65 -43.35 16.41
C MSE H 147 15.72 -42.39 17.13
O MSE H 147 16.04 -41.18 17.22
CB MSE H 147 16.58 -43.14 14.87
CG MSE H 147 15.12 -43.09 14.28
SE MSE H 147 14.16 -44.85 14.49
CE MSE H 147 12.31 -44.33 14.05
N ARG H 148 14.59 -42.87 17.65
CA ARG H 148 13.69 -41.92 18.37
C ARG H 148 14.38 -41.15 19.51
N ARG H 149 15.47 -41.69 20.07
CA ARG H 149 16.25 -41.00 21.12
C ARG H 149 16.85 -39.66 20.65
N TYR H 150 17.04 -39.55 19.33
CA TYR H 150 17.61 -38.34 18.74
C TYR H 150 16.59 -37.37 18.08
N ASP H 151 15.32 -37.76 18.03
CA ASP H 151 14.21 -36.88 17.62
C ASP H 151 14.11 -35.74 18.63
N LYS H 152 14.03 -34.50 18.12
CA LYS H 152 14.09 -33.30 18.95
C LYS H 152 12.90 -33.17 19.90
N GLY H 153 11.74 -33.73 19.55
CA GLY H 153 10.54 -33.70 20.40
C GLY H 153 10.76 -34.60 21.60
N TYR H 154 11.29 -35.82 21.36
CA TYR H 154 11.70 -36.76 22.41
C TYR H 154 12.76 -36.23 23.39
N VAL H 155 13.77 -35.57 22.83
CA VAL H 155 14.82 -34.92 23.60
C VAL H 155 14.19 -33.80 24.48
N GLN H 156 13.36 -32.96 23.88
CA GLN H 156 12.63 -32.01 24.70
C GLN H 156 11.81 -32.68 25.82
N LEU H 157 11.09 -33.74 25.47
CA LEU H 157 10.27 -34.47 26.46
C LEU H 157 11.16 -34.96 27.59
N LYS H 158 12.26 -35.61 27.20
CA LYS H 158 13.23 -36.12 28.17
C LYS H 158 13.70 -35.03 29.14
N ASN H 159 13.97 -33.87 28.60
CA ASN H 159 14.51 -32.76 29.42
C ASN H 159 13.46 -32.22 30.38
N ILE H 160 12.21 -32.22 29.95
CA ILE H 160 11.14 -31.83 30.84
C ILE H 160 11.08 -32.85 32.00
N ILE H 161 11.08 -34.15 31.68
CA ILE H 161 11.04 -35.17 32.72
C ILE H 161 12.24 -35.02 33.70
N ASP H 162 13.46 -35.05 33.13
CA ASP H 162 14.68 -34.91 33.89
C ASP H 162 14.75 -33.63 34.73
N SER H 163 14.14 -32.54 34.30
CA SER H 163 14.16 -31.27 35.07
C SER H 163 13.38 -31.36 36.41
N GLY H 164 12.51 -32.37 36.53
CA GLY H 164 11.65 -32.53 37.69
C GLY H 164 10.41 -31.69 37.65
N GLU H 165 10.27 -30.95 36.57
CA GLU H 165 9.13 -30.06 36.34
C GLU H 165 7.69 -30.60 36.55
N ILE H 166 7.42 -31.86 36.14
CA ILE H 166 6.09 -32.45 36.34
C ILE H 166 6.15 -33.45 37.53
N GLY H 167 7.33 -33.52 38.16
CA GLY H 167 7.51 -34.36 39.37
C GLY H 167 7.65 -35.80 38.95
N GLN H 168 7.63 -36.73 39.89
CA GLN H 168 7.87 -38.15 39.63
C GLN H 168 6.87 -38.73 38.58
N PRO H 169 7.36 -39.35 37.52
CA PRO H 169 6.30 -39.91 36.63
C PRO H 169 5.47 -41.00 37.27
N LEU H 170 4.19 -41.06 36.93
CA LEU H 170 3.28 -42.10 37.45
C LEU H 170 2.58 -42.94 36.40
N MSE H 171 2.17 -42.31 35.29
CA MSE H 171 1.46 -43.00 34.17
C MSE H 171 1.94 -42.43 32.86
O MSE H 171 2.26 -41.22 32.77
CB MSE H 171 -0.05 -42.81 34.24
CG MSE H 171 -0.65 -43.42 35.43
SE MSE H 171 -2.55 -43.04 35.70
CE MSE H 171 -2.49 -41.11 36.05
N VAL H 172 1.95 -43.28 31.83
CA VAL H 172 2.38 -42.87 30.50
C VAL H 172 1.26 -43.38 29.60
N HIS H 173 0.82 -42.53 28.68
CA HIS H 173 -0.09 -42.97 27.60
C HIS H 173 0.52 -42.75 26.25
N GLY H 174 0.61 -43.82 25.48
CA GLY H 174 1.24 -43.76 24.16
C GLY H 174 0.35 -44.26 23.05
N ARG H 175 0.59 -43.75 21.84
CA ARG H 175 -0.03 -44.32 20.66
C ARG H 175 1.03 -44.56 19.59
N HIS H 176 0.96 -45.72 18.94
CA HIS H 176 1.75 -45.91 17.73
C HIS H 176 0.80 -46.33 16.63
N TYR H 177 0.42 -45.36 15.79
CA TYR H 177 -0.57 -45.59 14.70
C TYR H 177 0.05 -45.53 13.36
N ASN H 178 -0.45 -46.39 12.47
CA ASN H 178 0.08 -46.45 11.11
C ASN H 178 -1.10 -46.80 10.21
N ALA H 179 -1.07 -46.31 8.96
CA ALA H 179 -2.28 -46.29 8.17
C ALA H 179 -2.77 -47.70 7.72
N SER H 180 -1.86 -48.52 7.19
CA SER H 180 -2.17 -49.89 6.82
C SER H 180 -0.92 -50.76 6.72
N THR H 181 -1.10 -52.07 6.82
CA THR H 181 0.02 -53.00 6.68
C THR H 181 -0.17 -53.93 5.48
N VAL H 182 0.93 -54.51 5.00
CA VAL H 182 0.90 -55.52 3.98
C VAL H 182 0.55 -56.86 4.67
N PRO H 183 0.01 -57.82 3.89
CA PRO H 183 -0.48 -59.09 4.43
C PRO H 183 0.55 -59.88 5.23
N GLU H 184 1.83 -59.76 4.87
CA GLU H 184 2.81 -60.58 5.51
C GLU H 184 3.16 -60.08 6.90
N TYR H 185 2.68 -58.90 7.28
CA TYR H 185 2.87 -58.39 8.64
C TYR H 185 1.81 -59.01 9.56
N LYS H 186 2.27 -59.89 10.45
CA LYS H 186 1.37 -60.68 11.29
C LYS H 186 1.30 -60.12 12.70
N THR H 187 0.38 -60.67 13.49
CA THR H 187 0.13 -60.25 14.88
C THR H 187 1.41 -60.04 15.72
N PRO H 188 2.38 -60.99 15.66
CA PRO H 188 3.56 -60.71 16.48
C PRO H 188 4.32 -59.43 16.03
N GLN H 189 4.22 -59.04 14.76
CA GLN H 189 4.98 -57.89 14.28
C GLN H 189 4.54 -56.58 14.92
N ALA H 190 3.30 -56.54 15.41
CA ALA H 190 2.87 -55.34 16.14
C ALA H 190 3.83 -55.05 17.30
N ILE H 191 4.39 -56.11 17.88
CA ILE H 191 5.35 -55.98 18.93
C ILE H 191 6.76 -55.79 18.36
N TYR H 192 7.19 -56.74 17.56
CA TYR H 192 8.56 -56.84 17.07
C TYR H 192 9.05 -55.72 16.13
N GLU H 193 8.17 -55.23 15.27
CA GLU H 193 8.55 -54.22 14.31
C GLU H 193 8.19 -52.83 14.80
N THR H 194 7.02 -52.74 15.47
CA THR H 194 6.35 -51.50 15.79
C THR H 194 6.53 -51.08 17.27
N LEU H 195 5.84 -51.74 18.22
CA LEU H 195 5.98 -51.49 19.68
C LEU H 195 7.41 -51.43 20.21
N ILE H 196 8.28 -52.16 19.52
CA ILE H 196 9.66 -52.16 19.92
C ILE H 196 10.24 -50.75 20.10
N HIS H 197 9.91 -49.83 19.20
CA HIS H 197 10.25 -48.43 19.40
C HIS H 197 9.81 -47.87 20.76
N GLU H 198 8.57 -48.12 21.16
CA GLU H 198 8.09 -47.65 22.47
C GLU H 198 8.84 -48.36 23.61
N ILE H 199 8.98 -49.69 23.51
CA ILE H 199 9.81 -50.47 24.48
C ILE H 199 11.12 -49.75 24.81
N ASP H 200 11.88 -49.37 23.76
CA ASP H 200 13.12 -48.66 24.00
C ASP H 200 12.91 -47.23 24.48
N VAL H 201 12.10 -46.43 23.78
CA VAL H 201 12.03 -45.01 24.14
C VAL H 201 11.46 -44.76 25.51
N MSE H 202 10.40 -45.50 25.92
CA MSE H 202 9.80 -45.25 27.24
C MSE H 202 10.82 -45.61 28.36
O MSE H 202 10.98 -44.88 29.35
CB MSE H 202 8.49 -46.05 27.47
CG MSE H 202 7.46 -45.91 26.33
SE MSE H 202 6.84 -44.07 26.16
CE MSE H 202 5.04 -44.62 25.55
N HIS H 203 11.51 -46.72 28.12
CA HIS H 203 12.58 -47.16 29.01
C HIS H 203 13.63 -46.03 29.14
N TRP H 204 13.96 -45.37 28.04
CA TRP H 204 14.97 -44.31 28.08
C TRP H 204 14.39 -43.03 28.73
N LEU H 205 13.16 -42.68 28.37
CA LEU H 205 12.50 -41.51 28.94
C LEU H 205 12.43 -41.55 30.44
N LEU H 206 12.13 -42.73 30.97
CA LEU H 206 11.84 -42.87 32.40
C LEU H 206 13.02 -43.39 33.24
N ASN H 207 14.10 -43.74 32.55
CA ASN H 207 15.25 -44.37 33.17
C ASN H 207 14.86 -45.59 34.03
N GLU H 208 14.06 -46.51 33.45
CA GLU H 208 13.52 -47.65 34.18
C GLU H 208 13.36 -48.85 33.25
N ASP H 209 13.38 -50.04 33.81
CA ASP H 209 13.08 -51.28 33.03
C ASP H 209 11.66 -51.69 33.34
N TYR H 210 11.21 -52.74 32.68
CA TYR H 210 9.86 -53.24 32.85
C TYR H 210 9.89 -54.46 33.74
N LYS H 211 8.89 -54.55 34.61
CA LYS H 211 8.58 -55.74 35.36
C LYS H 211 7.46 -56.65 34.79
N THR H 212 6.45 -56.07 34.15
CA THR H 212 5.42 -56.90 33.55
C THR H 212 4.95 -56.26 32.27
N VAL H 213 4.30 -57.06 31.44
CA VAL H 213 3.66 -56.59 30.23
C VAL H 213 2.38 -57.41 30.02
N LYS H 214 1.41 -56.78 29.37
CA LYS H 214 0.08 -57.37 29.17
C LYS H 214 -0.53 -56.82 27.87
N VAL H 215 -0.87 -57.74 26.95
CA VAL H 215 -1.49 -57.35 25.70
C VAL H 215 -2.98 -57.66 25.72
N TYR H 216 -3.77 -56.61 25.62
CA TYR H 216 -5.19 -56.68 25.42
C TYR H 216 -5.50 -56.64 23.92
N PHE H 217 -6.51 -57.41 23.50
CA PHE H 217 -7.02 -57.34 22.11
C PHE H 217 -8.41 -56.72 22.11
N PRO H 218 -8.50 -55.40 21.86
CA PRO H 218 -9.79 -54.70 21.71
C PRO H 218 -10.56 -55.29 20.51
N ARG H 219 -11.87 -55.03 20.44
CA ARG H 219 -12.66 -55.36 19.24
C ARG H 219 -11.82 -55.23 17.95
N GLN H 220 -11.73 -56.33 17.21
CA GLN H 220 -11.06 -56.43 15.93
C GLN H 220 -11.65 -55.38 14.95
N SER H 221 -10.77 -54.64 14.25
CA SER H 221 -11.21 -53.81 13.15
C SER H 221 -11.77 -54.68 11.97
N SER H 222 -12.99 -54.40 11.53
CA SER H 222 -13.58 -55.15 10.41
C SER H 222 -12.94 -54.81 9.05
N LEU H 223 -12.12 -53.76 9.02
CA LEU H 223 -11.32 -53.45 7.84
C LEU H 223 -10.10 -54.33 7.72
N VAL H 224 -9.75 -55.06 8.76
CA VAL H 224 -8.48 -55.78 8.75
C VAL H 224 -8.72 -57.27 8.84
N THR H 225 -8.11 -58.01 7.94
CA THR H 225 -8.26 -59.46 7.86
C THR H 225 -6.93 -60.17 8.07
N THR H 226 -5.81 -59.45 8.18
CA THR H 226 -4.53 -60.15 8.17
C THR H 226 -3.82 -60.33 9.55
N LEU H 227 -4.25 -59.62 10.59
CA LEU H 227 -3.68 -59.75 11.92
C LEU H 227 -4.72 -59.26 12.88
N ARG H 228 -4.49 -59.49 14.17
CA ARG H 228 -5.33 -58.93 15.23
C ARG H 228 -4.90 -57.47 15.44
N ASP H 229 -5.82 -56.54 15.25
CA ASP H 229 -5.52 -55.11 15.14
C ASP H 229 -6.83 -54.43 15.46
N PRO H 230 -6.82 -53.44 16.37
CA PRO H 230 -5.65 -52.90 17.04
C PRO H 230 -5.22 -53.78 18.24
N GLN H 231 -4.24 -53.28 19.00
CA GLN H 231 -3.72 -53.92 20.20
C GLN H 231 -3.45 -52.84 21.25
N LEU H 232 -3.58 -53.25 22.50
CA LEU H 232 -3.52 -52.34 23.63
C LEU H 232 -2.59 -53.01 24.66
N VAL H 233 -1.46 -52.39 24.92
CA VAL H 233 -0.46 -52.98 25.78
C VAL H 233 -0.37 -52.20 27.05
N VAL H 234 -0.44 -52.91 28.17
CA VAL H 234 -0.18 -52.36 29.49
C VAL H 234 1.19 -52.88 30.01
N MSE H 235 2.11 -51.96 30.27
CA MSE H 235 3.40 -52.32 30.82
C MSE H 235 3.62 -51.67 32.17
O MSE H 235 3.23 -50.53 32.37
CB MSE H 235 4.52 -51.98 29.85
CG MSE H 235 4.31 -52.57 28.47
SE MSE H 235 5.84 -52.26 27.28
CE MSE H 235 5.61 -50.30 27.07
N GLU H 236 4.23 -52.39 33.11
CA GLU H 236 4.62 -51.82 34.41
C GLU H 236 6.13 -51.69 34.58
N THR H 237 6.61 -50.51 35.00
CA THR H 237 8.08 -50.39 35.18
C THR H 237 8.40 -50.99 36.54
N THR H 238 9.67 -51.19 36.83
CA THR H 238 10.07 -51.79 38.12
C THR H 238 9.57 -50.98 39.34
N SER H 239 9.63 -49.64 39.26
CA SER H 239 9.09 -48.79 40.34
C SER H 239 7.56 -48.64 40.28
N GLY H 240 6.92 -49.22 39.29
CA GLY H 240 5.44 -49.11 39.25
C GLY H 240 4.86 -48.06 38.34
N ILE H 241 5.65 -47.49 37.43
CA ILE H 241 5.07 -46.57 36.45
C ILE H 241 4.18 -47.36 35.53
N ASN H 242 2.93 -46.92 35.38
CA ASN H 242 2.03 -47.64 34.53
C ASN H 242 2.08 -47.08 33.12
N ILE H 243 2.28 -47.93 32.13
CA ILE H 243 2.44 -47.47 30.73
C ILE H 243 1.42 -48.21 29.89
N VAL H 244 0.58 -47.41 29.21
CA VAL H 244 -0.41 -47.90 28.30
C VAL H 244 -0.07 -47.41 26.89
N VAL H 245 -0.05 -48.36 25.95
CA VAL H 245 0.21 -48.03 24.58
C VAL H 245 -0.79 -48.67 23.65
N GLU H 246 -1.47 -47.79 22.90
CA GLU H 246 -2.40 -48.21 21.87
C GLU H 246 -1.63 -48.37 20.56
N VAL H 247 -1.73 -49.55 19.98
CA VAL H 247 -1.04 -49.86 18.74
C VAL H 247 -2.12 -50.20 17.70
N PHE H 248 -2.13 -49.44 16.61
CA PHE H 248 -3.16 -49.57 15.59
C PHE H 248 -2.44 -49.36 14.29
N VAL H 249 -2.09 -50.47 13.62
CA VAL H 249 -1.21 -50.38 12.46
C VAL H 249 -1.96 -50.34 11.11
N ASN H 250 -3.29 -50.40 11.17
CA ASN H 250 -4.14 -50.15 10.07
C ASN H 250 -5.23 -49.14 10.54
N CYS H 251 -4.85 -48.01 11.15
CA CYS H 251 -5.82 -47.03 11.60
C CYS H 251 -6.41 -46.21 10.41
N GLN H 252 -5.88 -46.39 9.20
CA GLN H 252 -6.41 -45.72 7.98
C GLN H 252 -6.04 -44.28 7.81
N TYR H 253 -6.09 -43.46 8.85
CA TYR H 253 -5.92 -42.00 8.66
C TYR H 253 -4.49 -41.51 8.48
N GLY H 254 -3.53 -42.29 8.94
CA GLY H 254 -2.14 -41.92 8.78
C GLY H 254 -1.21 -42.53 9.84
N TYR H 255 -0.05 -41.87 9.97
CA TYR H 255 1.01 -42.31 10.84
C TYR H 255 1.07 -41.29 11.97
N ASP H 256 0.96 -41.78 13.20
CA ASP H 256 0.66 -40.89 14.30
C ASP H 256 1.23 -41.42 15.58
N ILE H 257 2.13 -40.64 16.21
CA ILE H 257 2.78 -41.05 17.45
C ILE H 257 2.38 -40.11 18.55
N HIS H 258 1.89 -40.70 19.64
CA HIS H 258 1.50 -39.92 20.79
C HIS H 258 2.28 -40.45 21.99
N CYS H 259 2.64 -39.56 22.91
CA CYS H 259 3.32 -39.89 24.13
C CYS H 259 3.16 -38.80 25.18
N ASP H 260 2.33 -39.12 26.16
CA ASP H 260 1.94 -38.24 27.25
C ASP H 260 2.46 -38.86 28.53
N VAL H 261 3.11 -38.07 29.36
CA VAL H 261 3.66 -38.59 30.61
C VAL H 261 3.02 -37.79 31.75
N THR H 262 2.35 -38.51 32.64
CA THR H 262 1.69 -37.88 33.79
C THR H 262 2.57 -38.03 35.03
N GLY H 263 2.98 -36.91 35.64
CA GLY H 263 3.82 -36.93 36.83
C GLY H 263 2.99 -36.48 38.03
N GLU H 264 3.62 -36.46 39.20
CA GLU H 264 2.94 -36.05 40.43
C GLU H 264 2.33 -34.65 40.39
N LYS H 265 2.89 -33.76 39.59
CA LYS H 265 2.33 -32.40 39.61
C LYS H 265 2.10 -31.76 38.24
N GLY H 266 2.21 -32.58 37.20
CA GLY H 266 2.02 -32.10 35.85
C GLY H 266 1.94 -33.22 34.83
N MSE H 267 1.65 -32.82 33.59
CA MSE H 267 1.67 -33.70 32.45
C MSE H 267 2.57 -33.11 31.38
O MSE H 267 2.59 -31.94 31.23
CB MSE H 267 0.28 -33.83 31.87
CG MSE H 267 0.19 -35.10 31.01
SE MSE H 267 -1.33 -35.05 29.81
CE MSE H 267 -2.80 -35.34 31.07
N ALA H 268 3.31 -33.93 30.64
CA ALA H 268 4.07 -33.43 29.53
C ALA H 268 3.68 -34.27 28.28
N GLU H 269 3.56 -33.63 27.12
CA GLU H 269 2.99 -34.24 25.90
C GLU H 269 4.04 -34.06 24.78
N LEU H 270 4.36 -35.16 24.10
CA LEU H 270 5.24 -35.16 22.95
C LEU H 270 4.57 -34.28 21.85
N PRO H 271 5.34 -33.42 21.16
CA PRO H 271 4.71 -32.67 20.06
C PRO H 271 4.48 -33.57 18.86
N THR H 272 3.79 -33.08 17.85
CA THR H 272 3.72 -33.80 16.58
C THR H 272 4.36 -32.92 15.50
N VAL H 273 4.29 -33.39 14.26
CA VAL H 273 4.88 -32.68 13.13
C VAL H 273 4.04 -31.46 12.76
N ALA H 274 4.68 -30.29 12.66
CA ALA H 274 3.93 -29.05 12.35
C ALA H 274 3.40 -29.04 10.92
N SER H 275 2.22 -28.49 10.77
CA SER H 275 1.62 -28.36 9.47
C SER H 275 0.96 -27.01 9.26
N ALA H 276 1.10 -26.41 8.06
CA ALA H 276 0.27 -25.30 7.72
C ALA H 276 -1.20 -25.67 8.05
N ALA H 277 -1.97 -24.67 8.46
CA ALA H 277 -3.40 -24.87 8.72
C ALA H 277 -4.26 -24.13 7.64
N VAL H 278 -5.48 -24.65 7.39
CA VAL H 278 -6.44 -24.11 6.41
C VAL H 278 -7.83 -24.00 7.04
N ARG H 279 -8.47 -22.87 6.85
CA ARG H 279 -9.90 -22.71 7.18
C ARG H 279 -10.53 -22.80 5.82
N LYS H 280 -11.40 -23.78 5.62
CA LYS H 280 -12.15 -23.96 4.37
C LYS H 280 -13.44 -24.79 4.62
N ALA H 281 -14.54 -24.35 4.03
CA ALA H 281 -15.78 -25.16 4.04
C ALA H 281 -16.10 -25.66 5.45
N ALA H 282 -16.13 -24.72 6.39
CA ALA H 282 -16.62 -24.98 7.76
C ALA H 282 -15.69 -25.88 8.57
N LYS H 283 -14.46 -26.04 8.11
CA LYS H 283 -13.51 -26.83 8.84
C LYS H 283 -12.14 -26.15 8.95
N TYR H 284 -11.50 -26.37 10.09
CA TYR H 284 -10.19 -25.85 10.37
C TYR H 284 -9.27 -27.05 10.54
N SER H 285 -8.19 -27.12 9.77
CA SER H 285 -7.48 -28.38 9.66
C SER H 285 -5.98 -28.31 9.40
N THR H 286 -5.28 -29.35 9.86
CA THR H 286 -3.84 -29.50 9.53
C THR H 286 -3.65 -30.87 8.95
N ASP H 287 -2.49 -31.11 8.32
CA ASP H 287 -2.19 -32.43 7.82
C ASP H 287 -1.68 -33.37 8.93
N ILE H 288 -1.98 -34.66 8.76
CA ILE H 288 -1.36 -35.71 9.51
C ILE H 288 -0.46 -36.43 8.50
N LEU H 289 0.75 -36.79 8.89
CA LEU H 289 1.65 -37.55 7.98
C LEU H 289 1.03 -38.91 7.60
N VAL H 290 1.40 -39.42 6.43
CA VAL H 290 0.92 -40.75 5.98
C VAL H 290 2.12 -41.72 5.90
N ASP H 291 3.22 -41.24 5.31
CA ASP H 291 4.45 -42.06 5.12
C ASP H 291 5.19 -42.11 6.44
N TRP H 292 5.26 -43.31 7.04
CA TRP H 292 5.97 -43.57 8.30
C TRP H 292 7.42 -43.13 8.30
N LYS H 293 8.09 -43.31 7.18
CA LYS H 293 9.48 -42.95 7.05
C LYS H 293 9.75 -41.46 7.23
N GLN H 294 8.72 -40.64 7.04
CA GLN H 294 8.87 -39.19 7.16
C GLN H 294 8.99 -38.75 8.61
N ARG H 295 8.45 -39.54 9.52
CA ARG H 295 8.23 -39.10 10.88
C ARG H 295 9.51 -38.77 11.63
N PHE H 296 10.49 -39.67 11.52
CA PHE H 296 11.73 -39.55 12.27
C PHE H 296 12.91 -39.47 11.32
N ILE H 297 12.63 -39.07 10.10
CA ILE H 297 13.65 -39.10 9.08
C ILE H 297 14.91 -38.30 9.49
N ASP H 298 14.73 -37.18 10.19
CA ASP H 298 15.91 -36.41 10.59
C ASP H 298 16.78 -37.10 11.63
N ALA H 299 16.12 -37.89 12.48
CA ALA H 299 16.80 -38.58 13.58
C ALA H 299 17.88 -39.51 13.07
N TYR H 300 17.73 -40.05 11.86
CA TYR H 300 18.76 -40.96 11.34
C TYR H 300 20.10 -40.32 11.18
N ASP H 301 20.10 -39.07 10.69
CA ASP H 301 21.34 -38.31 10.43
C ASP H 301 21.89 -37.84 11.76
N ILE H 302 20.98 -37.46 12.66
CA ILE H 302 21.39 -37.01 14.00
C ILE H 302 22.06 -38.14 14.80
N GLU H 303 21.49 -39.36 14.77
CA GLU H 303 22.10 -40.49 15.51
C GLU H 303 23.49 -40.85 14.97
N PHE H 304 23.64 -40.91 13.65
CA PHE H 304 24.96 -41.18 13.05
C PHE H 304 25.95 -40.08 13.36
N GLN H 305 25.54 -38.83 13.16
CA GLN H 305 26.47 -37.73 13.38
C GLN H 305 26.93 -37.78 14.85
N ASP H 306 26.02 -38.07 15.78
CA ASP H 306 26.44 -38.23 17.18
C ASP H 306 27.47 -39.35 17.32
N PHE H 307 27.21 -40.49 16.69
CA PHE H 307 28.06 -41.67 16.73
C PHE H 307 29.43 -41.40 16.09
N PHE H 308 29.46 -40.76 14.93
CA PHE H 308 30.76 -40.47 14.34
C PHE H 308 31.52 -39.35 15.00
N ASP H 309 30.80 -38.39 15.57
CA ASP H 309 31.46 -37.30 16.32
C ASP H 309 32.18 -37.86 17.53
N ARG H 310 31.47 -38.68 18.31
CA ARG H 310 32.07 -39.27 19.51
C ARG H 310 33.30 -40.12 19.16
N LEU H 311 33.14 -41.07 18.24
CA LEU H 311 34.23 -41.95 17.82
C LEU H 311 35.46 -41.16 17.36
N ASN H 312 35.22 -40.15 16.52
CA ASN H 312 36.28 -39.28 16.09
C ASN H 312 36.91 -38.49 17.24
N ALA H 313 36.14 -38.12 18.25
CA ALA H 313 36.74 -37.43 19.40
C ALA H 313 37.46 -38.39 20.35
N GLY H 314 37.57 -39.67 19.97
CA GLY H 314 38.15 -40.68 20.86
C GLY H 314 37.24 -41.08 22.03
N LEU H 315 35.94 -40.84 21.90
CA LEU H 315 34.97 -41.18 22.97
C LEU H 315 34.08 -42.38 22.64
N PRO H 316 33.64 -43.12 23.67
CA PRO H 316 32.71 -44.23 23.42
C PRO H 316 31.40 -43.70 22.77
N PRO H 317 30.65 -44.56 22.04
CA PRO H 317 29.30 -44.18 21.60
C PRO H 317 28.38 -43.81 22.79
N ALA H 318 27.39 -42.97 22.55
CA ALA H 318 26.52 -42.53 23.63
C ALA H 318 25.06 -42.79 23.33
N GLY H 319 24.79 -43.53 22.26
CA GLY H 319 23.42 -43.87 21.91
C GLY H 319 23.00 -45.17 22.56
N PRO H 320 21.88 -45.77 22.10
CA PRO H 320 21.41 -47.05 22.65
C PRO H 320 22.51 -48.11 22.59
N THR H 321 22.72 -48.85 23.68
CA THR H 321 23.84 -49.84 23.75
C THR H 321 23.37 -51.27 23.44
N SER H 322 24.31 -52.20 23.35
CA SER H 322 23.96 -53.65 23.24
C SER H 322 23.03 -54.10 24.37
N TRP H 323 23.26 -53.56 25.55
CA TRP H 323 22.38 -53.82 26.69
C TRP H 323 20.97 -53.33 26.38
N ASP H 324 20.87 -52.16 25.75
CA ASP H 324 19.55 -51.63 25.38
C ASP H 324 18.85 -52.54 24.40
N GLY H 325 19.64 -53.13 23.49
CA GLY H 325 19.13 -54.09 22.51
C GLY H 325 18.58 -55.33 23.17
N TYR H 326 19.29 -55.79 24.20
CA TYR H 326 18.89 -56.95 24.92
C TYR H 326 17.61 -56.68 25.72
N LEU H 327 17.53 -55.55 26.42
CA LEU H 327 16.32 -55.18 27.16
C LEU H 327 15.09 -55.17 26.26
N ALA H 328 15.24 -54.59 25.07
CA ALA H 328 14.15 -54.54 24.09
C ALA H 328 13.72 -55.93 23.64
N ALA H 329 14.70 -56.78 23.29
CA ALA H 329 14.38 -58.15 22.90
C ALA H 329 13.59 -58.89 23.97
N VAL H 330 14.02 -58.77 25.23
CA VAL H 330 13.42 -59.56 26.28
C VAL H 330 11.99 -59.06 26.53
N THR H 331 11.82 -57.75 26.47
CA THR H 331 10.50 -57.17 26.67
C THR H 331 9.57 -57.48 25.48
N ALA H 332 10.10 -57.43 24.26
CA ALA H 332 9.25 -57.74 23.11
C ALA H 332 8.79 -59.21 23.20
N ASP H 333 9.72 -60.08 23.59
CA ASP H 333 9.47 -61.53 23.72
C ASP H 333 8.37 -61.86 24.72
N ALA H 334 8.43 -61.21 25.88
CA ALA H 334 7.34 -61.27 26.86
C ALA H 334 6.02 -60.69 26.36
N CYS H 335 6.06 -59.67 25.49
CA CYS H 335 4.83 -59.16 24.90
C CYS H 335 4.21 -60.19 23.96
N VAL H 336 5.02 -60.79 23.09
CA VAL H 336 4.52 -61.85 22.22
C VAL H 336 3.94 -62.99 23.03
N LYS H 337 4.62 -63.37 24.11
CA LYS H 337 4.15 -64.44 24.93
C LYS H 337 2.79 -64.10 25.51
N SER H 338 2.63 -62.86 25.92
CA SER H 338 1.34 -62.37 26.43
C SER H 338 0.22 -62.45 25.38
N GLN H 339 0.58 -62.20 24.10
CA GLN H 339 -0.38 -62.31 23.00
C GLN H 339 -0.95 -63.72 22.92
N GLU H 340 -0.03 -64.70 22.96
CA GLU H 340 -0.31 -66.11 22.93
C GLU H 340 -1.06 -66.63 24.15
N THR H 341 -0.66 -66.25 25.36
CA THR H 341 -1.20 -66.94 26.54
C THR H 341 -2.48 -66.28 27.01
N GLY H 342 -2.68 -65.02 26.62
CA GLY H 342 -3.73 -64.24 27.22
C GLY H 342 -3.43 -63.79 28.65
N ASN H 343 -2.19 -63.93 29.12
CA ASN H 343 -1.92 -63.55 30.50
C ASN H 343 -0.93 -62.41 30.57
N THR H 344 -0.92 -61.69 31.70
CA THR H 344 0.21 -60.82 32.03
C THR H 344 1.48 -61.65 32.10
N GLU H 345 2.55 -61.18 31.47
CA GLU H 345 3.80 -61.93 31.50
C GLU H 345 4.89 -61.11 32.23
N ILE H 346 5.86 -61.81 32.82
CA ILE H 346 6.91 -61.18 33.64
C ILE H 346 8.14 -60.96 32.77
N VAL H 347 8.75 -59.80 32.88
CA VAL H 347 10.01 -59.52 32.20
C VAL H 347 11.20 -59.96 33.08
N GLU H 348 11.97 -60.92 32.59
N GLU H 348 11.99 -60.93 32.61
CA GLU H 348 13.09 -61.43 33.37
CA GLU H 348 13.09 -61.46 33.45
C GLU H 348 14.38 -60.85 32.82
C GLU H 348 14.48 -61.09 32.91
N LEU H 349 15.20 -60.30 33.71
CA LEU H 349 16.40 -59.58 33.29
C LEU H 349 17.54 -59.71 34.25
N PRO H 350 18.76 -59.98 33.73
CA PRO H 350 19.92 -59.92 34.59
C PRO H 350 20.22 -58.48 35.02
N SER H 351 21.03 -58.38 36.06
CA SER H 351 21.65 -57.13 36.48
C SER H 351 22.34 -56.42 35.33
N LYS H 352 22.11 -55.10 35.21
CA LYS H 352 22.82 -54.34 34.19
C LYS H 352 24.32 -54.40 34.51
N PRO H 353 25.14 -54.97 33.60
CA PRO H 353 26.57 -54.98 33.84
C PRO H 353 27.15 -53.57 33.97
N ASP H 354 28.15 -53.39 34.84
CA ASP H 354 28.78 -52.06 35.07
C ASP H 354 29.38 -51.53 33.79
N PHE H 355 29.87 -52.45 32.96
CA PHE H 355 30.31 -52.18 31.59
C PHE H 355 29.38 -51.26 30.81
N TYR H 356 28.08 -51.35 31.10
CA TYR H 356 27.04 -50.63 30.37
C TYR H 356 26.54 -49.39 31.13
N LYS H 357 27.11 -49.17 32.31
CA LYS H 357 26.84 -47.95 33.09
C LYS H 357 27.93 -46.92 32.79
PA NAD I . -17.91 55.30 -7.34
O1A NAD I . -18.19 54.64 -8.64
O2A NAD I . -17.44 56.70 -7.47
O5B NAD I . -19.10 55.10 -6.30
C5B NAD I . -18.97 55.64 -5.00
C4B NAD I . -20.39 56.06 -4.70
O4B NAD I . -20.61 56.33 -3.34
C3B NAD I . -20.82 57.27 -5.54
O3B NAD I . -21.91 56.87 -6.34
C2B NAD I . -21.23 58.31 -4.48
O2B NAD I . -22.40 59.02 -4.82
C1B NAD I . -21.47 57.45 -3.24
N9A NAD I . -21.32 58.24 -2.02
C8A NAD I . -20.33 59.12 -1.63
N7A NAD I . -20.67 59.63 -0.40
C5A NAD I . -21.87 59.09 -0.02
C6A NAD I . -22.69 59.23 1.09
N6A NAD I . -22.46 60.12 2.03
N1A NAD I . -23.88 58.51 1.17
C2A NAD I . -24.27 57.66 0.15
N3A NAD I . -23.43 57.55 -0.94
C4A NAD I . -22.28 58.23 -1.03
O3 NAD I . -16.75 54.49 -6.55
PN NAD I . -16.53 52.91 -6.75
O1N NAD I . -15.57 52.82 -7.86
O2N NAD I . -17.84 52.21 -6.83
O5D NAD I . -15.83 52.67 -5.31
C5D NAD I . -16.52 52.60 -4.07
C4D NAD I . -15.60 51.97 -3.00
O4D NAD I . -15.28 50.61 -3.32
C3D NAD I . -14.29 52.73 -2.86
O3D NAD I . -14.01 52.61 -1.48
C2D NAD I . -13.30 51.93 -3.72
O2D NAD I . -11.97 51.93 -3.20
C1D NAD I . -13.85 50.51 -3.56
N1N NAD I . -13.49 49.56 -4.63
C2N NAD I . -12.97 48.34 -4.31
C3N NAD I . -12.62 47.46 -5.33
C7N NAD I . -12.09 46.09 -4.99
O7N NAD I . -12.30 45.63 -3.70
N7N NAD I . -11.44 45.35 -5.91
C4N NAD I . -12.82 47.81 -6.67
C5N NAD I . -13.36 49.05 -7.00
C6N NAD I . -13.68 49.92 -5.96
N1 EPE J . -6.81 50.82 -12.53
C2 EPE J . -7.88 50.41 -11.59
C3 EPE J . -7.67 48.95 -11.15
N4 EPE J . -6.29 48.66 -10.76
C5 EPE J . -5.21 49.19 -11.61
C6 EPE J . -5.45 50.67 -11.97
C7 EPE J . -6.03 47.38 -10.13
C8 EPE J . -6.89 47.04 -8.91
O8 EPE J . -6.28 47.70 -7.83
C9 EPE J . -6.89 52.23 -12.88
C10 EPE J . -8.24 52.50 -13.49
S EPE J . -8.38 54.19 -14.14
O1S EPE J . -7.31 54.54 -15.09
O2S EPE J . -9.65 54.19 -14.83
O3S EPE J . -8.37 55.08 -12.93
C ACY K . 2.53 61.32 2.61
O ACY K . 1.62 61.80 1.87
OXT ACY K . 3.69 61.78 2.72
CH3 ACY K . 2.22 60.13 3.42
C ACY L . -3.77 45.10 -25.20
O ACY L . -2.55 45.38 -25.43
OXT ACY L . -4.35 45.28 -24.10
CH3 ACY L . -4.58 44.53 -26.33
PA NAD M . 41.66 26.11 -10.21
O1A NAD M . 42.12 26.56 -8.90
O2A NAD M . 41.22 24.71 -10.30
O5B NAD M . 42.73 26.38 -11.39
C5B NAD M . 43.69 27.41 -11.29
C4B NAD M . 44.98 26.76 -11.78
O4B NAD M . 45.95 27.71 -12.19
C3B NAD M . 45.60 25.92 -10.66
O3B NAD M . 46.02 24.69 -11.23
C2B NAD M . 46.78 26.74 -10.19
O2B NAD M . 47.84 25.92 -9.74
C1B NAD M . 47.17 27.45 -11.48
N9A NAD M . 47.97 28.68 -11.27
C8A NAD M . 47.83 29.63 -10.29
N7A NAD M . 48.76 30.59 -10.50
C5A NAD M . 49.48 30.25 -11.59
C6A NAD M . 50.55 30.86 -12.23
N6A NAD M . 51.16 31.89 -11.66
N1A NAD M . 51.10 30.27 -13.36
C2A NAD M . 50.60 29.08 -13.84
N3A NAD M . 49.54 28.48 -13.18
C4A NAD M . 49.00 29.05 -12.09
O3 NAD M . 40.46 27.15 -10.53
PN NAD M . 39.36 26.96 -11.68
O1N NAD M . 38.10 26.83 -10.90
O2N NAD M . 39.79 26.01 -12.75
O5D NAD M . 39.33 28.46 -12.31
C5D NAD M . 40.33 29.09 -13.10
C4D NAD M . 39.70 30.36 -13.66
O4D NAD M . 38.50 30.06 -14.39
C3D NAD M . 39.28 31.32 -12.57
O3D NAD M . 39.66 32.63 -12.94
C2D NAD M . 37.75 31.22 -12.50
O2D NAD M . 37.12 32.39 -12.06
C1D NAD M . 37.41 30.84 -13.91
N1N NAD M . 36.20 30.02 -14.03
C2N NAD M . 35.22 30.48 -14.88
C3N NAD M . 34.06 29.74 -15.06
C7N NAD M . 33.01 30.19 -16.03
O7N NAD M . 33.33 31.12 -17.05
N7N NAD M . 31.79 29.70 -15.88
C4N NAD M . 33.90 28.53 -14.36
C5N NAD M . 34.92 28.06 -13.52
C6N NAD M . 36.07 28.82 -13.36
N1 EPE N . 29.27 28.20 -6.70
C2 EPE N . 27.88 28.72 -6.67
C3 EPE N . 27.64 29.63 -7.86
N4 EPE N . 28.01 29.01 -9.11
C5 EPE N . 29.22 28.22 -9.21
C6 EPE N . 29.61 27.47 -7.95
C7 EPE N . 27.43 29.57 -10.33
C8 EPE N . 28.13 30.86 -10.72
O8 EPE N . 28.81 30.57 -11.90
C9 EPE N . 29.44 27.34 -5.52
C10 EPE N . 30.56 26.31 -5.66
S EPE N . 31.35 25.82 -4.07
O1S EPE N . 32.50 26.69 -3.85
O2S EPE N . 30.38 25.92 -2.98
O3S EPE N . 31.82 24.45 -4.19
PA NAD O . 21.05 14.29 -51.99
O1A NAD O . 20.24 13.91 -53.17
O2A NAD O . 21.21 15.72 -51.73
O5B NAD O . 22.51 13.60 -51.96
C5B NAD O . 22.72 12.30 -52.50
C4B NAD O . 24.05 12.36 -53.24
O4B NAD O . 24.59 11.07 -53.48
C3B NAD O . 23.85 13.02 -54.59
O3B NAD O . 24.82 14.04 -54.69
C2B NAD O . 24.08 11.91 -55.62
O2B NAD O . 24.71 12.34 -56.80
C1B NAD O . 24.98 10.96 -54.84
N9A NAD O . 24.89 9.56 -55.32
C8A NAD O . 23.78 8.85 -55.72
N7A NAD O . 24.18 7.59 -56.04
C5A NAD O . 25.52 7.48 -55.85
C6A NAD O . 26.44 6.45 -56.04
N6A NAD O . 26.10 5.37 -56.74
N1A NAD O . 27.77 6.66 -55.75
C2A NAD O . 28.20 7.90 -55.29
N3A NAD O . 27.29 8.92 -55.12
C4A NAD O . 25.98 8.72 -55.40
O3 NAD O . 20.17 13.56 -50.84
PN NAD O . 20.27 13.91 -49.27
O1N NAD O . 19.09 14.71 -48.95
O2N NAD O . 21.65 14.36 -49.00
O5D NAD O . 20.05 12.41 -48.72
C5D NAD O . 21.08 11.45 -48.65
C4D NAD O . 20.69 10.37 -47.66
O4D NAD O . 20.57 10.93 -46.36
C3D NAD O . 19.31 9.81 -47.95
O3D NAD O . 19.36 8.43 -47.70
C2D NAD O . 18.36 10.49 -46.97
O2D NAD O . 17.27 9.66 -46.65
C1D NAD O . 19.28 10.69 -45.80
N1N NAD O . 18.91 11.85 -44.97
C2N NAD O . 18.71 11.64 -43.64
C3N NAD O . 18.36 12.70 -42.80
C7N NAD O . 18.21 12.44 -41.34
O7N NAD O . 18.73 11.26 -40.80
N7N NAD O . 17.59 13.31 -40.60
C4N NAD O . 18.24 13.99 -43.33
C5N NAD O . 18.47 14.20 -44.69
C6N NAD O . 18.80 13.12 -45.50
N1 EPE P . 9.89 17.11 -45.42
C2 EPE P . 8.88 17.19 -44.34
C3 EPE P . 9.09 16.13 -43.29
N4 EPE P . 10.46 16.01 -42.84
C5 EPE P . 11.55 16.70 -43.56
C6 EPE P . 11.31 17.17 -45.00
C7 EPE P . 10.63 15.82 -41.41
C8 EPE P . 11.23 14.46 -41.09
O8 EPE P . 12.60 14.55 -41.37
C9 EPE P . 9.53 18.18 -46.37
C10 EPE P . 10.64 18.52 -47.36
S EPE P . 10.05 18.87 -49.05
O1S EPE P . 10.14 17.62 -49.83
O2S EPE P . 8.66 19.34 -49.09
O3S EPE P . 10.95 19.89 -49.58
PA NAD Q . -28.16 8.20 -7.10
O1A NAD Q . -28.36 6.74 -7.13
O2A NAD Q . -27.29 8.67 -6.00
O5B NAD Q . -29.52 9.01 -7.10
C5B NAD Q . -30.65 8.51 -7.78
C4B NAD Q . -31.84 8.82 -6.92
O4B NAD Q . -33.02 8.72 -7.68
C3B NAD Q . -31.99 7.82 -5.78
O3B NAD Q . -32.16 8.59 -4.62
C2B NAD Q . -33.23 7.01 -6.15
O2B NAD Q . -34.01 6.53 -5.06
C1B NAD Q . -34.02 8.03 -6.94
N9A NAD Q . -35.10 7.48 -7.80
C8A NAD Q . -35.06 6.43 -8.67
N7A NAD Q . -36.28 6.31 -9.24
C5A NAD Q . -37.10 7.27 -8.74
C6A NAD Q . -38.44 7.60 -8.98
N6A NAD Q . -39.24 6.73 -9.58
N1A NAD Q . -39.00 8.66 -8.31
C2A NAD Q . -38.24 9.40 -7.40
N3A NAD Q . -36.91 9.06 -7.19
C4A NAD Q . -36.35 8.01 -7.84
O3 NAD Q . -27.49 8.53 -8.54
PN NAD Q . -26.74 9.89 -8.93
O1N NAD Q . -25.28 9.56 -9.04
O2N NAD Q . -27.23 11.05 -8.12
O5D NAD Q . -27.26 10.12 -10.44
C5D NAD Q . -28.46 10.81 -10.77
C4D NAD Q . -28.43 11.17 -12.25
O4D NAD Q . -27.46 12.20 -12.47
C3D NAD Q . -28.00 9.99 -13.11
O3D NAD Q . -28.91 9.93 -14.16
C2D NAD Q . -26.58 10.32 -13.56
O2D NAD Q . -26.22 9.91 -14.88
C1D NAD Q . -26.55 11.84 -13.48
N1N NAD Q . -25.26 12.37 -13.08
C2N NAD Q . -24.82 13.48 -13.74
C3N NAD Q . -23.61 14.02 -13.38
C7N NAD Q . -23.00 15.02 -14.31
O7N NAD Q . -23.84 15.65 -15.24
N7N NAD Q . -21.68 15.25 -14.22
C4N NAD Q . -22.83 13.42 -12.38
C5N NAD Q . -23.29 12.28 -11.71
C6N NAD Q . -24.53 11.77 -12.08
N1 EPE R . -15.93 7.67 -12.27
C2 EPE R . -17.13 8.54 -12.15
C3 EPE R . -16.92 9.88 -12.86
N4 EPE R . -16.24 9.80 -14.14
C5 EPE R . -15.16 8.83 -14.29
C6 EPE R . -15.49 7.49 -13.66
C7 EPE R . -16.08 11.06 -14.87
C8 EPE R . -17.37 11.70 -15.35
O8 EPE R . -17.63 11.09 -16.60
C9 EPE R . -16.30 6.34 -11.83
C10 EPE R . -16.83 6.48 -10.42
S EPE R . -16.87 4.87 -9.56
O1S EPE R . -16.88 5.25 -8.14
O2S EPE R . -18.11 4.16 -10.00
O3S EPE R . -15.73 4.03 -9.87
C1 EDO S . 3.29 21.74 -5.94
O1 EDO S . 3.32 20.50 -6.61
C2 EDO S . 2.40 22.63 -6.75
O2 EDO S . 1.16 22.72 -6.05
K K T . -24.99 -2.98 -27.91
PA NAD U . 29.93 -9.79 10.06
O1A NAD U . 30.33 -8.39 10.33
O2A NAD U . 29.90 -10.58 11.31
O5B NAD U . 30.73 -10.49 8.89
C5B NAD U . 31.13 -9.75 7.78
C4B NAD U . 32.57 -10.19 7.54
O4B NAD U . 33.00 -9.85 6.24
C3B NAD U . 33.52 -9.54 8.54
O3B NAD U . 34.32 -10.59 9.07
C2B NAD U . 34.32 -8.55 7.70
O2B NAD U . 35.67 -8.39 8.08
C1B NAD U . 34.26 -9.24 6.36
N9A NAD U . 34.53 -8.32 5.26
C8A NAD U . 34.11 -7.02 5.10
N7A NAD U . 34.60 -6.60 3.90
C5A NAD U . 35.32 -7.60 3.35
C6A NAD U . 36.03 -7.72 2.17
N6A NAD U . 36.30 -6.60 1.49
N1A NAD U . 36.66 -8.92 1.86
C2A NAD U . 36.62 -10.00 2.74
N3A NAD U . 35.90 -9.88 3.90
C4A NAD U . 35.28 -8.70 4.19
O3 NAD U . 28.47 -9.79 9.40
PN NAD U . 27.48 -11.06 9.33
O1N NAD U . 26.51 -10.87 10.43
O2N NAD U . 28.24 -12.32 9.14
O5D NAD U . 26.82 -10.69 7.89
C5D NAD U . 27.41 -11.04 6.67
C4D NAD U . 26.30 -11.06 5.63
O4D NAD U . 25.37 -12.11 5.85
C3D NAD U . 25.54 -9.74 5.61
O3D NAD U . 25.35 -9.42 4.25
C2D NAD U . 24.23 -10.04 6.33
O2D NAD U . 23.16 -9.19 5.88
C1D NAD U . 24.07 -11.53 5.98
N1N NAD U . 23.29 -12.31 6.95
C2N NAD U . 22.20 -13.01 6.50
C3N NAD U . 21.43 -13.76 7.39
C7N NAD U . 20.35 -14.64 6.88
O7N NAD U . 20.46 -15.12 5.55
N7N NAD U . 19.34 -14.97 7.71
C4N NAD U . 21.78 -13.82 8.75
C5N NAD U . 22.90 -13.11 9.21
C6N NAD U . 23.65 -12.37 8.29
N1 EPE V . 18.27 -8.84 14.83
C2 EPE V . 16.86 -8.43 14.91
C3 EPE V . 15.85 -9.33 14.18
N4 EPE V . 16.41 -10.21 13.14
C5 EPE V . 17.66 -10.86 13.48
C6 EPE V . 18.76 -9.94 13.97
C7 EPE V . 15.49 -11.09 12.45
C8 EPE V . 15.65 -11.11 10.93
O8 EPE V . 16.45 -12.24 10.70
C9 EPE V . 19.04 -8.78 16.04
C10 EPE V . 19.29 -7.33 16.22
S EPE V . 20.66 -6.87 17.33
O1S EPE V . 21.46 -6.10 16.35
O2S EPE V . 20.03 -6.06 18.36
O3S EPE V . 21.39 -7.90 18.04
C1 EDO W . 5.96 -26.94 27.57
O1 EDO W . 7.33 -26.77 27.17
C2 EDO W . 5.71 -26.03 28.74
O2 EDO W . 5.95 -24.75 28.26
C1 EDO X . 15.77 6.48 2.79
O1 EDO X . 16.93 5.69 2.48
C2 EDO X . 14.81 6.26 1.65
O2 EDO X . 14.62 7.56 1.12
PA NAD Y . -36.71 -6.34 12.21
O1A NAD Y . -37.00 -5.55 10.98
O2A NAD Y . -37.08 -7.77 12.11
O5B NAD Y . -37.41 -5.70 13.49
C5B NAD Y . -37.86 -4.36 13.47
C4B NAD Y . -39.28 -4.42 14.00
O4B NAD Y . -39.62 -3.19 14.65
C3B NAD Y . -40.27 -4.65 12.88
O3B NAD Y . -41.23 -5.59 13.32
C2B NAD Y . -40.91 -3.28 12.69
O2B NAD Y . -42.23 -3.39 12.22
C1B NAD Y . -40.84 -2.71 14.11
N9A NAD Y . -40.88 -1.24 14.18
C8A NAD Y . -40.25 -0.31 13.38
N7A NAD Y . -40.58 0.94 13.84
C5A NAD Y . -41.40 0.80 14.91
C6A NAD Y . -42.04 1.72 15.74
N6A NAD Y . -42.30 2.93 15.27
N1A NAD Y . -42.84 1.26 16.78
C2A NAD Y . -43.02 -0.11 16.98
N3A NAD Y . -42.39 -1.00 16.14
C4A NAD Y . -41.60 -0.56 15.13
O3 NAD Y . -35.13 -6.10 12.53
PN NAD Y . -34.15 -6.98 13.48
O1N NAD Y . -33.15 -7.61 12.57
O2N NAD Y . -34.96 -7.74 14.46
O5D NAD Y . -33.37 -5.79 14.26
C5D NAD Y . -34.02 -4.91 15.19
C4D NAD Y . -32.95 -4.13 15.93
O4D NAD Y . -32.08 -5.03 16.59
C3D NAD Y . -32.08 -3.28 15.00
O3D NAD Y . -31.76 -2.07 15.65
C2D NAD Y . -30.82 -4.10 14.82
O2D NAD Y . -29.66 -3.30 14.65
C1D NAD Y . -30.73 -4.87 16.14
N1N NAD Y . -30.07 -6.17 16.01
C2N NAD Y . -28.94 -6.34 16.78
C3N NAD Y . -28.24 -7.54 16.73
C7N NAD Y . -27.20 -7.82 17.78
O7N NAD Y . -27.06 -7.02 18.91
N7N NAD Y . -26.41 -8.86 17.61
C4N NAD Y . -28.70 -8.57 15.88
C5N NAD Y . -29.86 -8.39 15.11
C6N NAD Y . -30.54 -7.17 15.17
N1 EPE Z . -24.85 -10.61 8.21
C2 EPE Z . -25.47 -10.28 9.51
C3 EPE Z . -24.51 -10.76 10.58
N4 EPE Z . -23.22 -10.11 10.49
C5 EPE Z . -22.56 -10.18 9.18
C6 EPE Z . -23.51 -10.00 7.97
C7 EPE Z . -22.41 -10.17 11.70
C8 EPE Z . -22.45 -8.89 12.54
O8 EPE Z . -23.29 -9.20 13.60
C9 EPE Z . -25.79 -10.18 7.17
C10 EPE Z . -26.68 -11.31 6.70
S EPE Z . -27.59 -10.73 5.23
O1S EPE Z . -26.72 -10.83 4.06
O2S EPE Z . -28.79 -11.56 5.12
O3S EPE Z . -28.04 -9.33 5.40
PA NAD AA . -25.30 -32.58 50.67
O1A NAD AA . -24.83 -33.48 51.75
O2A NAD AA . -24.73 -31.22 50.76
O5B NAD AA . -26.91 -32.49 50.60
C5B NAD AA . -27.72 -33.57 51.00
C4B NAD AA . -28.88 -32.98 51.77
O4B NAD AA . -29.95 -33.93 51.87
C3B NAD AA . -28.51 -32.58 53.20
O3B NAD AA . -28.83 -31.22 53.38
C2B NAD AA . -29.34 -33.48 54.09
O2B NAD AA . -29.81 -32.79 55.23
C1B NAD AA . -30.50 -33.87 53.18
N9A NAD AA . -31.15 -35.15 53.50
C8A NAD AA . -30.54 -36.35 53.81
N7A NAD AA . -31.51 -37.27 53.99
C5A NAD AA . -32.71 -36.69 53.81
C6A NAD AA . -34.02 -37.18 53.90
N6A NAD AA . -34.27 -38.22 54.68
N1A NAD AA . -35.07 -36.32 53.64
C2A NAD AA . -34.84 -35.00 53.33
N3A NAD AA . -33.54 -34.53 53.27
C4A NAD AA . -32.49 -35.36 53.50
O3 NAD AA . -24.88 -33.38 49.33
PN NAD AA . -24.63 -32.66 47.91
O1N NAD AA . -23.16 -32.58 47.75
O2N NAD AA . -25.41 -31.42 47.77
O5D NAD AA . -25.21 -33.84 46.99
C5D NAD AA . -26.52 -34.33 47.07
C4D NAD AA . -26.74 -35.33 45.93
O4D NAD AA . -26.41 -34.79 44.67
C3D NAD AA . -25.84 -36.54 46.08
O3D NAD AA . -26.67 -37.61 45.72
C2D NAD AA . -24.71 -36.31 45.09
O2D NAD AA . -24.16 -37.49 44.57
C1D NAD AA . -25.37 -35.52 44.00
N1N NAD AA . -24.43 -34.60 43.35
C2N NAD AA . -24.31 -34.66 41.99
C3N NAD AA . -23.43 -33.81 41.32
C7N NAD AA . -23.36 -33.85 39.83
O7N NAD AA . -24.43 -34.38 39.11
N7N NAD AA . -22.28 -33.41 39.20
C4N NAD AA . -22.66 -32.90 42.05
C5N NAD AA . -22.78 -32.84 43.43
C6N NAD AA . -23.67 -33.70 44.08
N1 EPE BA . -14.19 -33.74 44.15
C2 EPE BA . -15.61 -33.68 43.74
C3 EPE BA . -15.68 -33.62 42.22
N4 EPE BA . -14.96 -34.71 41.57
C5 EPE BA . -13.65 -35.09 42.08
C6 EPE BA . -13.43 -34.88 43.58
C7 EPE BA . -15.20 -34.91 40.13
C8 EPE BA . -16.62 -34.74 39.63
O8 EPE BA . -17.33 -35.91 39.97
C9 EPE BA . -14.27 -33.96 45.58
C10 EPE BA . -13.91 -32.73 46.37
S EPE BA . -13.35 -33.21 48.04
O1S EPE BA . -11.95 -33.57 48.01
O2S EPE BA . -13.56 -31.99 48.84
O3S EPE BA . -14.13 -34.36 48.54
C1 EDO CA . -16.81 -28.26 25.33
O1 EDO CA . -15.91 -27.26 25.78
C2 EDO CA . -17.33 -29.03 26.53
O2 EDO CA . -17.03 -30.44 26.51
PA NAD DA . 15.87 -55.45 3.53
O1A NAD DA . 15.43 -56.84 3.35
O2A NAD DA . 15.37 -54.48 2.53
O5B NAD DA . 17.45 -55.36 3.62
C5B NAD DA . 18.20 -56.39 4.21
C4B NAD DA . 19.37 -56.59 3.28
O4B NAD DA . 20.38 -57.32 3.94
C3B NAD DA . 18.96 -57.39 2.03
O3B NAD DA . 19.39 -56.62 0.93
C2B NAD DA . 19.73 -58.70 2.16
O2B NAD DA . 20.16 -59.29 0.95
C1B NAD DA . 20.91 -58.29 3.05
N9A NAD DA . 21.51 -59.41 3.78
C8A NAD DA . 20.86 -60.38 4.50
N7A NAD DA . 21.83 -61.21 5.00
C5A NAD DA . 23.06 -60.77 4.62
C6A NAD DA . 24.36 -61.23 4.83
N6A NAD DA . 24.59 -62.38 5.45
N1A NAD DA . 25.42 -60.54 4.29
C2A NAD DA . 25.21 -59.41 3.53
N3A NAD DA . 23.91 -58.96 3.32
C4A NAD DA . 22.86 -59.63 3.85
O3 NAD DA . 15.42 -55.00 5.01
PN NAD DA . 15.57 -53.48 5.58
O1N NAD DA . 14.15 -53.05 5.71
O2N NAD DA . 16.63 -52.70 4.91
O5D NAD DA . 16.02 -53.69 7.13
C5D NAD DA . 17.35 -53.95 7.53
C4D NAD DA . 17.47 -53.72 9.05
O4D NAD DA . 17.15 -52.37 9.35
C3D NAD DA . 16.51 -54.61 9.81
O3D NAD DA . 17.17 -55.21 10.93
C2D NAD DA . 15.38 -53.67 10.21
O2D NAD DA . 14.73 -54.02 11.42
C1D NAD DA . 16.09 -52.33 10.30
N1N NAD DA . 15.23 -51.17 10.04
C2N NAD DA . 15.37 -50.11 10.87
C3N NAD DA . 14.58 -48.98 10.67
C7N NAD DA . 14.57 -47.92 11.72
O7N NAD DA . 15.59 -47.87 12.68
N7N NAD DA . 13.57 -47.05 11.72
C4N NAD DA . 13.68 -48.91 9.59
C5N NAD DA . 13.56 -50.00 8.73
C6N NAD DA . 14.37 -51.14 8.97
N1 EPE EA . 5.02 -50.54 8.98
C2 EPE EA . 6.48 -50.38 9.11
C3 EPE EA . 6.81 -49.13 9.91
N4 EPE EA . 6.06 -48.98 11.15
C5 EPE EA . 4.66 -49.41 11.19
C6 EPE EA . 4.33 -50.61 10.29
C7 EPE EA . 6.51 -47.99 12.12
C8 EPE EA . 8.00 -48.10 12.48
O8 EPE EA . 8.13 -49.21 13.38
C9 EPE EA . 4.74 -51.82 8.33
C10 EPE EA . 5.09 -51.72 6.88
S EPE EA . 4.36 -53.08 5.90
O1S EPE EA . 2.91 -53.19 6.14
O2S EPE EA . 4.62 -52.70 4.54
O3S EPE EA . 5.07 -54.31 6.33
C1 EDO FA . -3.23 -28.27 5.82
O1 EDO FA . -2.90 -28.56 4.45
C2 EDO FA . -4.73 -27.99 5.79
O2 EDO FA . -5.39 -29.23 5.89
K K GA . 7.37 -66.09 22.81
#